data_7UFU
#
_entry.id   7UFU
#
_cell.length_a   1.00
_cell.length_b   1.00
_cell.length_c   1.00
_cell.angle_alpha   90.00
_cell.angle_beta   90.00
_cell.angle_gamma   90.00
#
_symmetry.space_group_name_H-M   'P 1'
#
loop_
_entity.id
_entity.type
_entity.pdbx_description
1 polymer Alpha-mannosidase
2 non-polymer 'ZINC ION'
3 non-polymer alpha-D-mannopyranose
#
_entity_poly.entity_id   1
_entity_poly.type   'polypeptide(L)'
_entity_poly.pdbx_seq_one_letter_code
;MGSSHHHHHHSSGLVPRGSHMASMFLKPEQQLERCRRIVRQRVDPHIHPSIAQLTVESYDIPGEPMPSDEFFAKLDRGDI
DFKPFMLGSEWGTTWGTVWFRLTGTVPAGYPKGKPLELILDLGWYPHSCGGHIEGLVYRADGTAIKAVHPLNYWVPFMDA
EGNAQVPVAEDGSFTLYLEAASNPLLLGVPPFIETELGDHATGKPDEPYVFKSADLAEFDERYENYSVDLDVVSSLMEFA
DKQSPRYWQLAKALQRSLNAYDERNPESVEAARAVLAGVLAKPANASAMNVSAIGHAHIDSAWLWPVRETRRKVARTVSN
ALALMDADPDFKYAMSSAQQYAWLEEDHPDIFKRMKRRIEEGRFIPVGGMWVEADGMLPAGESLIRQIAYGRKYFKEHLG
VEPKGVWLPASFGYTGAWPQIARRAGYEWFLTQKISWNDTTKFPHHSFMWEGIDGSRIFTHFPPADTYAAWCKVQELDYA
EKNFQDKDLSDRSLLLFGFGDGGGGPTRNMMEHLHRYENLEGVSKVSIEEPNDFFDKAHQQLAENAGPEMPVWKGELYLE
LHRGTLTSQQDMKRGCRQEESLLRTVEYLGAAAVLSDPEYVYPREELDRIWKTLLLNQFHDILPGSAIAWVHREAREDYR
RDLKRLAEIAQDMCAVLRKANPQADLLAEARISQFRNDGASWHANRINEPTDALSVLTQTLDNGRVLLANGVLSVTIEAD
GTISSLLDEEHGRELVPAGTRLGQYELLRDEPAVWDAWEIERESLLMANAVTGSIESVNTENGAAQVHVHTADGDTVITT
TITLRPGSHTLDFHADIDWHERERFLKVDLPLGIVADQATYDCQYGLIRRPIVKNTASDEAKYESSTNRFAIIGDAGYAA
AVINGSVYGSDASPIAGNAAEGRDSGTMFRLSLLSAPTFPDPRTDIGSHEFDWSVVADATVDRALDAAGVLNAPVLHDVP
DITPLASIESVNGTVVLDWMKLADDGSGDLIVRAYEAAGGQADAMLHVCPALAGASVHETNVLEGDDLAADLPVALQDGR
QNAEGATLHFGPFQLATLRITR
;
_entity_poly.pdbx_strand_id   A,B,C,D
#
# COMPACT_ATOMS: atom_id res chain seq x y z
N PHE A 25 -19.86 10.11 9.75
CA PHE A 25 -21.09 9.99 10.53
C PHE A 25 -21.65 8.57 10.45
N LEU A 26 -21.32 7.87 9.37
CA LEU A 26 -21.73 6.49 9.17
C LEU A 26 -20.48 5.61 9.19
N LYS A 27 -20.49 4.58 10.04
CA LYS A 27 -19.35 3.68 10.16
C LYS A 27 -19.70 2.33 9.57
N PRO A 28 -19.18 1.99 8.38
CA PRO A 28 -19.52 0.69 7.77
C PRO A 28 -19.08 -0.51 8.59
N GLU A 29 -17.98 -0.41 9.34
CA GLU A 29 -17.52 -1.55 10.12
C GLU A 29 -18.51 -1.91 11.23
N GLN A 30 -19.08 -0.91 11.89
CA GLN A 30 -20.12 -1.18 12.88
C GLN A 30 -21.32 -1.83 12.23
N GLN A 31 -21.67 -1.39 11.02
CA GLN A 31 -22.78 -2.03 10.30
C GLN A 31 -22.48 -3.49 10.00
N LEU A 32 -21.24 -3.78 9.59
CA LEU A 32 -20.86 -5.17 9.33
C LEU A 32 -20.94 -6.02 10.58
N GLU A 33 -20.43 -5.51 11.69
CA GLU A 33 -20.51 -6.26 12.95
C GLU A 33 -21.95 -6.50 13.38
N ARG A 34 -22.79 -5.46 13.26
CA ARG A 34 -24.20 -5.61 13.61
C ARG A 34 -24.89 -6.62 12.70
N CYS A 35 -24.57 -6.60 11.41
CA CYS A 35 -25.16 -7.55 10.48
C CYS A 35 -24.76 -8.97 10.83
N ARG A 36 -23.49 -9.19 11.15
CA ARG A 36 -23.05 -10.53 11.50
C ARG A 36 -23.74 -11.02 12.78
N ARG A 37 -23.84 -10.16 13.78
CA ARG A 37 -24.52 -10.54 15.01
C ARG A 37 -25.99 -10.86 14.76
N ILE A 38 -26.66 -10.03 13.95
CA ILE A 38 -28.08 -10.24 13.68
C ILE A 38 -28.29 -11.54 12.92
N VAL A 39 -27.44 -11.83 11.93
CA VAL A 39 -27.56 -13.08 11.19
C VAL A 39 -27.33 -14.26 12.12
N ARG A 40 -26.33 -14.17 13.00
CA ARG A 40 -26.03 -15.28 13.90
C ARG A 40 -27.17 -15.54 14.86
N GLN A 41 -27.79 -14.49 15.40
CA GLN A 41 -28.70 -14.65 16.54
C GLN A 41 -30.18 -14.64 16.17
N ARG A 42 -30.61 -13.76 15.27
CA ARG A 42 -32.03 -13.51 15.07
C ARG A 42 -32.57 -13.98 13.72
N VAL A 43 -31.73 -14.36 12.77
CA VAL A 43 -32.15 -14.75 11.43
C VAL A 43 -31.97 -16.24 11.18
N ASP A 44 -30.76 -16.75 11.39
CA ASP A 44 -30.50 -18.17 11.16
C ASP A 44 -31.38 -19.10 12.00
N PRO A 45 -31.60 -18.87 13.29
CA PRO A 45 -32.46 -19.80 14.05
C PRO A 45 -33.86 -19.92 13.49
N HIS A 46 -34.41 -18.87 12.89
CA HIS A 46 -35.74 -18.92 12.33
C HIS A 46 -35.81 -19.79 11.07
N ILE A 47 -34.68 -20.12 10.47
CA ILE A 47 -34.65 -21.10 9.38
C ILE A 47 -34.67 -22.49 9.98
N HIS A 48 -35.55 -23.34 9.46
CA HIS A 48 -35.78 -24.69 9.96
C HIS A 48 -36.17 -24.68 11.44
N PRO A 49 -37.32 -24.11 11.81
CA PRO A 49 -37.76 -24.21 13.21
C PRO A 49 -38.35 -25.59 13.49
N SER A 50 -37.83 -26.24 14.52
CA SER A 50 -38.27 -27.59 14.85
C SER A 50 -39.73 -27.59 15.30
N ILE A 51 -40.48 -28.59 14.82
CA ILE A 51 -41.87 -28.74 15.21
C ILE A 51 -42.17 -30.08 15.86
N ALA A 52 -41.31 -31.09 15.70
CA ALA A 52 -41.57 -32.39 16.30
C ALA A 52 -40.26 -33.08 16.63
N GLN A 53 -40.30 -33.92 17.68
CA GLN A 53 -39.15 -34.69 18.12
C GLN A 53 -39.27 -36.12 17.61
N LEU A 54 -38.13 -36.74 17.30
CA LEU A 54 -38.08 -38.09 16.77
C LEU A 54 -37.56 -39.07 17.80
N THR A 55 -38.00 -40.32 17.67
CA THR A 55 -37.52 -41.41 18.51
C THR A 55 -36.54 -42.26 17.73
N VAL A 56 -35.45 -42.67 18.39
CA VAL A 56 -34.31 -43.27 17.72
C VAL A 56 -34.03 -44.64 18.31
N GLU A 57 -33.83 -45.63 17.44
CA GLU A 57 -33.33 -46.94 17.82
C GLU A 57 -32.08 -47.24 17.00
N SER A 58 -31.15 -48.00 17.57
CA SER A 58 -29.84 -48.18 16.98
C SER A 58 -29.52 -49.67 16.86
N TYR A 59 -28.69 -49.98 15.85
CA TYR A 59 -28.11 -51.30 15.66
C TYR A 59 -26.69 -51.10 15.16
N ASP A 60 -25.71 -51.66 15.89
CA ASP A 60 -24.30 -51.37 15.65
C ASP A 60 -23.62 -52.52 14.93
N ILE A 61 -22.69 -52.18 14.04
CA ILE A 61 -21.86 -53.13 13.31
C ILE A 61 -20.42 -52.71 13.48
N PRO A 62 -19.69 -53.26 14.47
CA PRO A 62 -18.29 -52.85 14.66
C PRO A 62 -17.37 -53.26 13.52
N GLY A 63 -17.74 -54.23 12.71
CA GLY A 63 -16.86 -54.81 11.71
C GLY A 63 -17.05 -54.17 10.34
N GLU A 64 -17.01 -55.02 9.31
CA GLU A 64 -17.10 -54.56 7.93
C GLU A 64 -18.49 -54.01 7.62
N PRO A 65 -18.61 -53.13 6.64
CA PRO A 65 -19.93 -52.57 6.31
C PRO A 65 -20.86 -53.65 5.79
N MET A 66 -22.15 -53.43 6.03
CA MET A 66 -23.18 -54.43 5.78
C MET A 66 -23.97 -54.04 4.54
N PRO A 67 -23.98 -54.86 3.48
CA PRO A 67 -24.67 -54.49 2.25
C PRO A 67 -26.15 -54.23 2.48
N SER A 68 -26.69 -53.23 1.76
CA SER A 68 -28.04 -52.76 2.03
C SER A 68 -29.09 -53.79 1.65
N ASP A 69 -28.87 -54.53 0.55
CA ASP A 69 -29.90 -55.45 0.07
C ASP A 69 -30.19 -56.55 1.09
N GLU A 70 -29.14 -57.23 1.54
CA GLU A 70 -29.35 -58.32 2.50
C GLU A 70 -29.68 -57.80 3.88
N PHE A 71 -29.21 -56.60 4.22
CA PHE A 71 -29.65 -55.96 5.45
C PHE A 71 -31.16 -55.77 5.46
N PHE A 72 -31.71 -55.20 4.39
CA PHE A 72 -33.15 -55.01 4.31
C PHE A 72 -33.89 -56.34 4.22
N ALA A 73 -33.28 -57.34 3.58
CA ALA A 73 -33.90 -58.65 3.52
C ALA A 73 -34.11 -59.23 4.91
N LYS A 74 -33.05 -59.27 5.72
CA LYS A 74 -33.23 -59.78 7.08
C LYS A 74 -34.10 -58.83 7.91
N LEU A 75 -34.03 -57.53 7.64
CA LEU A 75 -34.83 -56.58 8.39
C LEU A 75 -36.33 -56.85 8.21
N ASP A 76 -36.76 -57.09 6.98
CA ASP A 76 -38.15 -57.49 6.78
C ASP A 76 -38.39 -58.94 7.17
N ARG A 77 -37.32 -59.73 7.37
CA ARG A 77 -37.44 -61.03 8.01
C ARG A 77 -37.17 -60.99 9.51
N GLY A 78 -36.78 -59.84 10.05
CA GLY A 78 -36.52 -59.71 11.47
C GLY A 78 -35.06 -59.62 11.84
N ASP A 79 -34.62 -60.43 12.79
CA ASP A 79 -33.21 -60.68 13.10
C ASP A 79 -32.45 -59.44 13.57
N ILE A 80 -33.12 -58.30 13.73
CA ILE A 80 -32.47 -57.07 14.15
C ILE A 80 -33.18 -56.54 15.40
N ASP A 81 -32.42 -56.09 16.38
CA ASP A 81 -32.96 -55.69 17.67
C ASP A 81 -33.42 -54.23 17.70
N PHE A 82 -32.57 -53.32 17.22
CA PHE A 82 -32.83 -51.88 17.29
C PHE A 82 -33.05 -51.43 18.74
N LYS A 83 -31.98 -51.54 19.52
CA LYS A 83 -32.05 -51.14 20.92
C LYS A 83 -32.29 -49.63 21.02
N PRO A 84 -33.09 -49.17 21.98
CA PRO A 84 -33.43 -47.75 22.05
C PRO A 84 -32.19 -46.89 22.28
N PHE A 85 -32.23 -45.67 21.73
CA PHE A 85 -31.12 -44.75 21.80
C PHE A 85 -31.60 -43.40 22.28
N MET A 86 -30.83 -42.79 23.19
CA MET A 86 -31.19 -41.50 23.76
C MET A 86 -30.34 -40.40 23.12
N LEU A 87 -30.94 -39.23 22.95
CA LEU A 87 -30.24 -38.10 22.33
C LEU A 87 -29.06 -37.68 23.20
N GLY A 88 -27.96 -37.35 22.54
CA GLY A 88 -26.76 -36.92 23.24
C GLY A 88 -25.81 -38.02 23.65
N SER A 89 -26.05 -39.26 23.22
CA SER A 89 -25.18 -40.37 23.57
C SER A 89 -24.14 -40.62 22.48
N GLU A 90 -23.17 -41.47 22.80
CA GLU A 90 -22.10 -41.83 21.87
C GLU A 90 -22.45 -43.15 21.19
N TRP A 91 -22.20 -43.21 19.89
CA TRP A 91 -22.69 -44.34 19.10
C TRP A 91 -21.62 -45.06 18.30
N GLY A 92 -20.67 -44.35 17.71
CA GLY A 92 -19.79 -44.91 16.71
C GLY A 92 -18.46 -45.43 17.22
N THR A 93 -17.93 -46.43 16.53
CA THR A 93 -16.58 -46.93 16.73
C THR A 93 -15.65 -46.31 15.69
N THR A 94 -14.42 -46.82 15.61
CA THR A 94 -13.42 -46.21 14.74
C THR A 94 -13.79 -46.36 13.26
N TRP A 95 -14.32 -47.52 12.87
CA TRP A 95 -14.69 -47.74 11.47
C TRP A 95 -16.03 -48.45 11.33
N GLY A 96 -16.79 -48.60 12.41
CA GLY A 96 -18.04 -49.32 12.34
C GLY A 96 -19.16 -48.52 11.71
N THR A 97 -20.30 -49.18 11.55
CA THR A 97 -21.49 -48.58 10.97
C THR A 97 -22.63 -48.67 11.98
N VAL A 98 -23.52 -47.70 11.96
CA VAL A 98 -24.69 -47.72 12.83
C VAL A 98 -25.94 -47.52 11.97
N TRP A 99 -26.92 -48.40 12.14
CA TRP A 99 -28.21 -48.27 11.50
C TRP A 99 -29.20 -47.72 12.52
N PHE A 100 -29.76 -46.54 12.23
CA PHE A 100 -30.71 -45.87 13.10
C PHE A 100 -32.09 -45.96 12.49
N ARG A 101 -33.05 -46.46 13.26
CA ARG A 101 -34.46 -46.39 12.91
C ARG A 101 -35.05 -45.17 13.59
N LEU A 102 -35.55 -44.24 12.79
CA LEU A 102 -36.13 -42.99 13.28
C LEU A 102 -37.64 -43.05 13.07
N THR A 103 -38.38 -43.00 14.18
CA THR A 103 -39.83 -43.04 14.16
C THR A 103 -40.38 -41.72 14.66
N GLY A 104 -41.34 -41.15 13.94
CA GLY A 104 -41.90 -39.87 14.31
C GLY A 104 -43.35 -39.77 13.89
N THR A 105 -43.95 -38.64 14.24
CA THR A 105 -45.33 -38.36 13.84
C THR A 105 -45.45 -36.87 13.54
N VAL A 106 -46.36 -36.53 12.64
CA VAL A 106 -46.59 -35.14 12.26
C VAL A 106 -47.75 -34.59 13.08
N PRO A 107 -47.80 -33.28 13.33
CA PRO A 107 -48.94 -32.72 14.05
C PRO A 107 -50.19 -32.72 13.18
N ALA A 108 -51.31 -32.36 13.80
CA ALA A 108 -52.61 -32.40 13.14
C ALA A 108 -52.75 -31.21 12.21
N GLY A 109 -52.70 -31.47 10.90
CA GLY A 109 -52.89 -30.43 9.90
C GLY A 109 -51.88 -29.31 9.96
N TYR A 110 -50.62 -29.64 10.23
CA TYR A 110 -49.58 -28.63 10.36
C TYR A 110 -49.04 -28.12 9.02
N PRO A 111 -48.80 -28.98 7.99
CA PRO A 111 -48.14 -28.46 6.78
C PRO A 111 -48.99 -27.45 6.02
N LYS A 112 -49.02 -26.22 6.54
CA LYS A 112 -49.79 -25.13 5.94
C LYS A 112 -48.93 -24.37 4.94
N GLY A 113 -48.74 -24.98 3.78
CA GLY A 113 -48.04 -24.32 2.70
C GLY A 113 -46.54 -24.17 2.90
N LYS A 114 -45.91 -25.04 3.67
CA LYS A 114 -44.48 -25.01 3.85
C LYS A 114 -43.89 -26.40 3.67
N PRO A 115 -42.64 -26.48 3.19
CA PRO A 115 -42.08 -27.79 2.84
C PRO A 115 -42.02 -28.78 4.00
N LEU A 116 -41.75 -28.34 5.22
CA LEU A 116 -41.71 -29.21 6.39
C LEU A 116 -40.63 -30.28 6.21
N GLU A 117 -39.38 -29.80 6.23
CA GLU A 117 -38.22 -30.65 6.02
C GLU A 117 -37.91 -31.46 7.29
N LEU A 118 -36.73 -32.08 7.34
CA LEU A 118 -36.32 -32.89 8.47
C LEU A 118 -34.83 -32.67 8.72
N ILE A 119 -34.46 -32.47 9.98
CA ILE A 119 -33.09 -32.11 10.36
C ILE A 119 -32.50 -33.23 11.20
N LEU A 120 -31.29 -33.65 10.84
CA LEU A 120 -30.55 -34.65 11.58
C LEU A 120 -29.16 -34.12 11.88
N ASP A 121 -28.67 -34.35 13.09
CA ASP A 121 -27.32 -33.99 13.47
C ASP A 121 -26.61 -35.22 14.01
N LEU A 122 -25.34 -35.38 13.63
CA LEU A 122 -24.55 -36.52 14.07
C LEU A 122 -23.32 -36.09 14.87
N GLY A 123 -23.23 -34.81 15.24
CA GLY A 123 -22.07 -34.32 15.94
C GLY A 123 -21.03 -33.74 15.00
N TRP A 124 -21.48 -32.91 14.06
CA TRP A 124 -20.58 -32.34 13.08
C TRP A 124 -19.61 -31.37 13.73
N TYR A 125 -18.35 -31.45 13.32
CA TYR A 125 -17.36 -30.46 13.73
C TYR A 125 -17.49 -29.24 12.83
N PRO A 126 -17.72 -28.04 13.39
CA PRO A 126 -17.95 -26.87 12.52
C PRO A 126 -16.80 -26.56 11.58
N HIS A 127 -15.55 -26.71 12.03
CA HIS A 127 -14.39 -26.45 11.18
C HIS A 127 -13.87 -27.74 10.53
N SER A 128 -14.75 -28.47 9.86
CA SER A 128 -14.37 -29.69 9.18
C SER A 128 -15.51 -30.12 8.26
N CYS A 129 -15.15 -30.80 7.18
CA CYS A 129 -16.13 -31.30 6.23
C CYS A 129 -15.45 -32.32 5.31
N GLY A 130 -16.15 -33.42 5.03
CA GLY A 130 -15.66 -34.40 4.09
C GLY A 130 -14.51 -35.25 4.57
N GLY A 131 -14.21 -35.23 5.87
CA GLY A 131 -13.10 -36.01 6.38
C GLY A 131 -13.44 -36.82 7.60
N HIS A 132 -14.72 -36.81 7.99
CA HIS A 132 -15.16 -37.51 9.19
C HIS A 132 -16.52 -38.14 8.89
N ILE A 133 -17.24 -38.50 9.95
CA ILE A 133 -18.49 -39.25 9.90
C ILE A 133 -19.48 -38.68 8.90
N GLU A 134 -20.29 -39.55 8.30
CA GLU A 134 -21.35 -39.13 7.39
C GLU A 134 -22.46 -40.17 7.45
N GLY A 135 -23.45 -40.03 6.59
CA GLY A 135 -24.56 -40.97 6.61
C GLY A 135 -25.47 -40.81 5.41
N LEU A 136 -26.34 -41.79 5.24
CA LEU A 136 -27.31 -41.83 4.17
C LEU A 136 -28.67 -42.23 4.73
N VAL A 137 -29.74 -41.78 4.09
CA VAL A 137 -31.10 -41.97 4.56
C VAL A 137 -31.83 -42.89 3.59
N TYR A 138 -32.54 -43.88 4.14
CA TYR A 138 -33.28 -44.86 3.37
C TYR A 138 -34.74 -44.90 3.80
N ARG A 139 -35.60 -45.24 2.85
CA ARG A 139 -37.01 -45.49 3.11
C ARG A 139 -37.18 -46.92 3.65
N ALA A 140 -38.42 -47.27 3.99
CA ALA A 140 -38.71 -48.64 4.39
C ALA A 140 -38.56 -49.59 3.22
N ASP A 141 -38.83 -49.13 1.99
CA ASP A 141 -38.66 -49.97 0.81
C ASP A 141 -37.20 -50.36 0.62
N GLY A 142 -36.28 -49.41 0.78
CA GLY A 142 -34.87 -49.68 0.60
C GLY A 142 -34.21 -48.77 -0.42
N THR A 143 -34.84 -47.64 -0.71
CA THR A 143 -34.34 -46.67 -1.68
C THR A 143 -33.81 -45.45 -0.94
N ALA A 144 -32.60 -45.03 -1.28
CA ALA A 144 -31.97 -43.89 -0.63
C ALA A 144 -32.69 -42.60 -1.01
N ILE A 145 -32.62 -41.62 -0.10
CA ILE A 145 -33.24 -40.31 -0.29
C ILE A 145 -32.19 -39.22 -0.47
N LYS A 146 -31.35 -39.02 0.56
CA LYS A 146 -30.34 -37.97 0.52
C LYS A 146 -29.36 -38.21 1.65
N ALA A 147 -28.09 -37.93 1.41
CA ALA A 147 -27.06 -38.07 2.44
C ALA A 147 -27.05 -36.86 3.36
N VAL A 148 -26.39 -37.02 4.50
CA VAL A 148 -26.24 -35.96 5.49
C VAL A 148 -24.77 -35.61 5.60
N HIS A 149 -24.48 -34.31 5.68
CA HIS A 149 -23.13 -33.79 5.72
C HIS A 149 -23.08 -32.65 6.74
N PRO A 150 -21.89 -32.31 7.24
CA PRO A 150 -21.82 -31.24 8.25
C PRO A 150 -22.41 -29.92 7.81
N LEU A 151 -22.25 -29.55 6.55
CA LEU A 151 -22.84 -28.32 6.03
C LEU A 151 -24.16 -28.56 5.30
N ASN A 152 -24.55 -29.82 5.10
CA ASN A 152 -25.79 -30.16 4.40
C ASN A 152 -26.41 -31.35 5.14
N TYR A 153 -27.25 -31.06 6.13
CA TYR A 153 -27.84 -32.10 6.97
C TYR A 153 -29.35 -31.93 7.05
N TRP A 154 -29.99 -31.57 5.94
CA TRP A 154 -31.43 -31.52 5.83
C TRP A 154 -31.89 -32.56 4.81
N VAL A 155 -32.99 -33.24 5.12
CA VAL A 155 -33.53 -34.29 4.28
C VAL A 155 -34.95 -33.90 3.90
N PRO A 156 -35.30 -33.90 2.61
CA PRO A 156 -36.68 -33.57 2.22
C PRO A 156 -37.65 -34.62 2.72
N PHE A 157 -38.74 -34.17 3.34
CA PHE A 157 -39.74 -35.06 3.91
C PHE A 157 -41.09 -34.93 3.25
N MET A 158 -41.62 -33.72 3.13
CA MET A 158 -42.95 -33.49 2.59
C MET A 158 -42.89 -32.31 1.64
N ASP A 159 -43.94 -32.15 0.84
CA ASP A 159 -44.08 -31.05 -0.10
C ASP A 159 -45.20 -30.14 0.41
N ALA A 160 -45.32 -28.95 -0.20
CA ALA A 160 -46.22 -27.94 0.32
C ALA A 160 -47.67 -28.42 0.33
N GLU A 161 -48.10 -29.08 -0.75
CA GLU A 161 -49.47 -29.58 -0.82
C GLU A 161 -49.68 -30.88 -0.07
N GLY A 162 -48.63 -31.51 0.45
CA GLY A 162 -48.77 -32.70 1.26
C GLY A 162 -48.11 -33.95 0.68
N ASN A 163 -47.45 -33.85 -0.46
CA ASN A 163 -46.77 -35.01 -1.03
C ASN A 163 -45.51 -35.32 -0.21
N ALA A 164 -45.38 -36.57 0.22
CA ALA A 164 -44.30 -36.98 1.10
C ALA A 164 -43.42 -38.01 0.43
N GLN A 165 -42.14 -37.99 0.78
CA GLN A 165 -41.18 -38.93 0.21
C GLN A 165 -41.32 -40.33 0.80
N VAL A 166 -41.97 -40.45 1.96
CA VAL A 166 -42.15 -41.74 2.62
C VAL A 166 -43.63 -41.94 2.88
N PRO A 167 -44.11 -43.19 2.96
CA PRO A 167 -45.52 -43.41 3.30
C PRO A 167 -45.83 -42.90 4.70
N VAL A 168 -46.99 -42.28 4.85
CA VAL A 168 -47.46 -41.72 6.11
C VAL A 168 -48.88 -42.21 6.37
N ALA A 169 -49.15 -42.61 7.60
CA ALA A 169 -50.45 -43.17 7.95
C ALA A 169 -51.44 -42.05 8.28
N GLU A 170 -52.68 -42.47 8.60
CA GLU A 170 -53.69 -41.50 9.00
C GLU A 170 -53.31 -40.81 10.30
N ASP A 171 -52.73 -41.55 11.25
CA ASP A 171 -52.25 -40.98 12.49
C ASP A 171 -51.03 -40.10 12.30
N GLY A 172 -50.41 -40.12 11.12
CA GLY A 172 -49.21 -39.35 10.87
C GLY A 172 -47.91 -40.04 11.21
N SER A 173 -47.96 -41.28 11.70
CA SER A 173 -46.74 -41.99 12.07
C SER A 173 -45.92 -42.34 10.83
N PHE A 174 -44.61 -42.22 10.95
CA PHE A 174 -43.70 -42.53 9.85
C PHE A 174 -42.39 -43.06 10.43
N THR A 175 -41.68 -43.83 9.61
CA THR A 175 -40.40 -44.42 9.99
C THR A 175 -39.42 -44.30 8.84
N LEU A 176 -38.16 -44.03 9.19
CA LEU A 176 -37.08 -43.91 8.22
C LEU A 176 -35.85 -44.62 8.78
N TYR A 177 -34.88 -44.89 7.90
CA TYR A 177 -33.64 -45.51 8.32
C TYR A 177 -32.47 -44.61 7.96
N LEU A 178 -31.40 -44.70 8.75
CA LEU A 178 -30.22 -43.88 8.56
C LEU A 178 -28.99 -44.75 8.77
N GLU A 179 -28.23 -44.98 7.70
CA GLU A 179 -26.97 -45.70 7.80
C GLU A 179 -25.85 -44.68 7.98
N ALA A 180 -25.25 -44.67 9.17
CA ALA A 180 -24.22 -43.71 9.52
C ALA A 180 -22.88 -44.41 9.59
N ALA A 181 -21.89 -43.85 8.87
CA ALA A 181 -20.53 -44.35 8.88
C ALA A 181 -19.66 -43.42 9.71
N SER A 182 -18.94 -43.99 10.67
CA SER A 182 -18.05 -43.25 11.55
C SER A 182 -16.61 -43.49 11.11
N ASN A 183 -15.97 -42.46 10.57
CA ASN A 183 -14.60 -42.55 10.11
C ASN A 183 -13.72 -41.59 10.90
N PRO A 184 -12.50 -42.00 11.25
CA PRO A 184 -11.63 -41.09 12.01
C PRO A 184 -11.21 -39.89 11.19
N LEU A 185 -11.00 -38.78 11.89
CA LEU A 185 -10.54 -37.53 11.27
C LEU A 185 -9.03 -37.54 11.27
N LEU A 186 -8.44 -37.94 10.14
CA LEU A 186 -6.99 -38.05 10.02
C LEU A 186 -6.32 -36.73 9.65
N LEU A 187 -7.10 -35.68 9.40
CA LEU A 187 -6.57 -34.34 9.11
C LEU A 187 -7.29 -33.34 10.02
N GLY A 188 -6.77 -33.16 11.24
CA GLY A 188 -7.31 -32.20 12.17
C GLY A 188 -6.74 -30.82 11.95
N VAL A 189 -7.09 -29.91 12.87
CA VAL A 189 -6.58 -28.55 12.81
C VAL A 189 -5.07 -28.51 13.09
N PRO A 190 -4.47 -29.45 13.83
CA PRO A 190 -3.03 -29.63 13.70
C PRO A 190 -2.72 -30.56 12.53
N PRO A 191 -2.19 -30.05 11.43
CA PRO A 191 -2.04 -30.88 10.24
C PRO A 191 -0.87 -31.84 10.35
N PHE A 192 -1.04 -33.01 9.73
CA PHE A 192 0.01 -34.01 9.58
C PHE A 192 0.53 -34.49 10.94
N ILE A 193 -0.37 -35.14 11.68
CA ILE A 193 -0.06 -35.75 12.97
C ILE A 193 -0.08 -37.26 12.80
N GLU A 194 0.96 -37.94 13.29
CA GLU A 194 1.03 -39.38 13.18
C GLU A 194 -0.11 -40.04 13.93
N THR A 195 -0.68 -41.09 13.33
CA THR A 195 -1.81 -41.80 13.91
C THR A 195 -1.70 -43.28 13.60
N GLU A 196 -2.39 -44.09 14.40
CA GLU A 196 -2.47 -45.52 14.20
C GLU A 196 -3.88 -45.99 13.85
N LEU A 197 -4.78 -45.06 13.52
CA LEU A 197 -6.17 -45.38 13.22
C LEU A 197 -6.44 -45.44 11.72
N GLY A 198 -5.47 -45.91 10.94
CA GLY A 198 -5.66 -46.06 9.51
C GLY A 198 -5.27 -47.43 9.01
N ASP A 199 -5.22 -48.40 9.92
CA ASP A 199 -4.79 -49.75 9.57
C ASP A 199 -5.98 -50.65 9.23
N HIS A 200 -6.92 -50.78 10.17
CA HIS A 200 -8.08 -51.64 9.99
C HIS A 200 -9.17 -51.18 10.96
N ALA A 201 -10.25 -51.94 11.04
CA ALA A 201 -11.34 -51.65 11.95
C ALA A 201 -11.10 -52.36 13.28
N THR A 202 -10.98 -51.58 14.35
CA THR A 202 -10.67 -52.14 15.66
C THR A 202 -11.90 -52.48 16.48
N GLY A 203 -13.06 -51.90 16.16
CA GLY A 203 -14.25 -52.16 16.92
C GLY A 203 -14.27 -51.55 18.30
N LYS A 204 -13.52 -50.47 18.52
CA LYS A 204 -13.45 -49.82 19.81
C LYS A 204 -13.76 -48.33 19.69
N PRO A 205 -14.35 -47.72 20.71
CA PRO A 205 -14.68 -46.29 20.64
C PRO A 205 -13.45 -45.41 20.79
N ASP A 206 -12.67 -45.26 19.72
CA ASP A 206 -11.47 -44.43 19.78
C ASP A 206 -11.82 -42.95 19.98
N GLU A 207 -12.86 -42.47 19.29
CA GLU A 207 -13.29 -41.08 19.40
C GLU A 207 -14.76 -40.97 19.05
N PRO A 208 -15.64 -41.37 19.97
CA PRO A 208 -17.08 -41.36 19.67
C PRO A 208 -17.63 -39.95 19.63
N TYR A 209 -18.73 -39.81 18.88
CA TYR A 209 -19.41 -38.54 18.70
C TYR A 209 -20.84 -38.63 19.24
N VAL A 210 -21.42 -37.47 19.53
CA VAL A 210 -22.77 -37.39 20.07
C VAL A 210 -23.75 -37.15 18.93
N PHE A 211 -25.00 -37.55 19.15
CA PHE A 211 -26.04 -37.46 18.12
C PHE A 211 -26.88 -36.19 18.31
N LYS A 212 -27.52 -36.05 19.47
CA LYS A 212 -28.03 -34.82 20.07
C LYS A 212 -29.11 -34.07 19.27
N SER A 213 -29.49 -34.54 18.09
CA SER A 213 -30.53 -33.83 17.34
C SER A 213 -31.11 -34.70 16.24
N ALA A 214 -32.42 -34.96 16.31
CA ALA A 214 -33.15 -35.58 15.21
C ALA A 214 -34.58 -35.01 15.27
N ASP A 215 -34.82 -33.95 14.51
CA ASP A 215 -36.07 -33.20 14.60
C ASP A 215 -36.77 -33.16 13.25
N LEU A 216 -38.09 -33.00 13.30
CA LEU A 216 -38.89 -32.66 12.14
C LEU A 216 -39.23 -31.18 12.24
N ALA A 217 -38.92 -30.43 11.18
CA ALA A 217 -38.98 -28.98 11.20
C ALA A 217 -39.67 -28.47 9.95
N GLU A 218 -40.09 -27.21 10.01
CA GLU A 218 -40.69 -26.53 8.87
C GLU A 218 -39.62 -25.71 8.15
N PHE A 219 -39.89 -25.39 6.88
CA PHE A 219 -38.95 -24.64 6.07
C PHE A 219 -39.54 -23.30 5.69
N ASP A 220 -38.78 -22.23 5.93
CA ASP A 220 -39.18 -20.87 5.59
C ASP A 220 -38.15 -20.29 4.63
N GLU A 221 -38.55 -20.07 3.39
CA GLU A 221 -37.62 -19.60 2.37
C GLU A 221 -37.29 -18.12 2.52
N ARG A 222 -38.19 -17.33 3.14
CA ARG A 222 -37.95 -15.90 3.26
C ARG A 222 -36.72 -15.61 4.12
N TYR A 223 -36.59 -16.31 5.25
CA TYR A 223 -35.45 -16.09 6.13
C TYR A 223 -34.15 -16.52 5.47
N GLU A 224 -34.18 -17.64 4.73
CA GLU A 224 -32.98 -18.08 4.03
C GLU A 224 -32.58 -17.08 2.95
N ASN A 225 -33.55 -16.55 2.22
CA ASN A 225 -33.25 -15.53 1.21
C ASN A 225 -32.66 -14.29 1.85
N TYR A 226 -33.21 -13.87 2.98
CA TYR A 226 -32.68 -12.70 3.67
C TYR A 226 -31.25 -12.94 4.14
N SER A 227 -30.97 -14.15 4.67
CA SER A 227 -29.62 -14.46 5.10
C SER A 227 -28.65 -14.44 3.93
N VAL A 228 -29.05 -15.01 2.79
CA VAL A 228 -28.18 -15.03 1.62
C VAL A 228 -27.93 -13.61 1.14
N ASP A 229 -28.97 -12.77 1.12
CA ASP A 229 -28.79 -11.39 0.68
C ASP A 229 -27.84 -10.63 1.60
N LEU A 230 -28.00 -10.80 2.92
CA LEU A 230 -27.12 -10.13 3.86
C LEU A 230 -25.67 -10.59 3.70
N ASP A 231 -25.47 -11.90 3.53
CA ASP A 231 -24.13 -12.43 3.35
C ASP A 231 -23.50 -11.88 2.07
N VAL A 232 -24.27 -11.83 0.99
CA VAL A 232 -23.74 -11.33 -0.27
C VAL A 232 -23.38 -9.85 -0.16
N VAL A 233 -24.23 -9.06 0.49
CA VAL A 233 -23.94 -7.63 0.66
C VAL A 233 -22.68 -7.44 1.49
N SER A 234 -22.56 -8.18 2.59
CA SER A 234 -21.37 -8.05 3.43
C SER A 234 -20.10 -8.46 2.68
N SER A 235 -20.15 -9.57 1.95
CA SER A 235 -18.97 -10.01 1.21
C SER A 235 -18.61 -9.04 0.11
N LEU A 236 -19.62 -8.43 -0.54
CA LEU A 236 -19.35 -7.40 -1.53
C LEU A 236 -18.68 -6.19 -0.89
N MET A 237 -19.15 -5.79 0.29
CA MET A 237 -18.52 -4.68 1.00
C MET A 237 -17.08 -5.00 1.38
N GLU A 238 -16.78 -6.26 1.66
CA GLU A 238 -15.42 -6.64 2.05
C GLU A 238 -14.40 -6.32 0.96
N PHE A 239 -14.83 -6.28 -0.31
CA PHE A 239 -13.95 -5.97 -1.43
C PHE A 239 -14.58 -4.94 -2.34
N ALA A 240 -15.15 -3.89 -1.76
CA ALA A 240 -15.92 -2.90 -2.50
C ALA A 240 -15.10 -1.68 -2.89
N ASP A 241 -13.78 -1.72 -2.71
CA ASP A 241 -12.90 -0.63 -3.10
C ASP A 241 -13.30 0.67 -2.40
N LYS A 242 -13.07 0.68 -1.09
CA LYS A 242 -13.42 1.79 -0.21
C LYS A 242 -13.03 3.14 -0.80
N GLN A 243 -13.78 4.19 -0.45
CA GLN A 243 -13.72 5.51 -1.06
C GLN A 243 -14.31 5.52 -2.47
N SER A 244 -15.32 4.68 -2.69
CA SER A 244 -16.07 4.64 -3.94
C SER A 244 -17.55 4.69 -3.63
N PRO A 245 -18.37 5.21 -4.55
CA PRO A 245 -19.81 5.30 -4.28
C PRO A 245 -20.47 3.95 -3.99
N ARG A 246 -20.00 2.88 -4.62
CA ARG A 246 -20.60 1.56 -4.41
C ARG A 246 -20.47 1.11 -2.96
N TYR A 247 -19.30 1.32 -2.36
CA TYR A 247 -19.08 0.89 -0.98
C TYR A 247 -20.03 1.59 -0.02
N TRP A 248 -20.17 2.91 -0.18
CA TRP A 248 -21.02 3.68 0.73
C TRP A 248 -22.49 3.39 0.48
N GLN A 249 -22.89 3.19 -0.77
CA GLN A 249 -24.27 2.82 -1.04
C GLN A 249 -24.60 1.45 -0.45
N LEU A 250 -23.69 0.49 -0.56
CA LEU A 250 -23.91 -0.80 0.07
C LEU A 250 -24.01 -0.69 1.59
N ALA A 251 -23.15 0.14 2.18
CA ALA A 251 -23.20 0.34 3.63
C ALA A 251 -24.53 0.94 4.06
N LYS A 252 -25.00 1.96 3.33
CA LYS A 252 -26.28 2.59 3.67
C LYS A 252 -27.43 1.61 3.51
N ALA A 253 -27.41 0.81 2.44
CA ALA A 253 -28.46 -0.18 2.25
C ALA A 253 -28.47 -1.21 3.36
N LEU A 254 -27.28 -1.67 3.77
CA LEU A 254 -27.20 -2.63 4.86
C LEU A 254 -27.74 -2.04 6.16
N GLN A 255 -27.37 -0.79 6.46
CA GLN A 255 -27.86 -0.15 7.68
C GLN A 255 -29.37 -0.01 7.67
N ARG A 256 -29.93 0.43 6.53
CA ARG A 256 -31.38 0.59 6.46
C ARG A 256 -32.10 -0.75 6.57
N SER A 257 -31.56 -1.80 5.93
CA SER A 257 -32.18 -3.11 6.03
C SER A 257 -32.13 -3.64 7.45
N LEU A 258 -31.02 -3.45 8.15
CA LEU A 258 -30.93 -3.90 9.53
C LEU A 258 -31.88 -3.10 10.43
N ASN A 259 -32.04 -1.80 10.16
CA ASN A 259 -32.95 -0.99 10.95
C ASN A 259 -34.41 -1.37 10.71
N ALA A 260 -34.75 -1.76 9.49
CA ALA A 260 -36.14 -2.05 9.15
C ALA A 260 -36.59 -3.44 9.58
N TYR A 261 -35.69 -4.28 10.08
CA TYR A 261 -36.02 -5.65 10.43
C TYR A 261 -36.36 -5.75 11.91
N ASP A 262 -37.53 -6.30 12.22
CA ASP A 262 -37.99 -6.51 13.58
C ASP A 262 -38.20 -8.00 13.79
N GLU A 263 -37.57 -8.54 14.84
CA GLU A 263 -37.69 -9.97 15.12
C GLU A 263 -39.07 -10.33 15.65
N ARG A 264 -39.71 -9.40 16.39
CA ARG A 264 -41.01 -9.70 16.97
C ARG A 264 -42.10 -9.80 15.90
N ASN A 265 -41.96 -9.05 14.79
CA ASN A 265 -42.94 -9.10 13.73
C ASN A 265 -42.41 -9.95 12.59
N PRO A 266 -42.96 -11.15 12.37
CA PRO A 266 -42.41 -12.02 11.31
C PRO A 266 -42.48 -11.42 9.91
N GLU A 267 -43.50 -10.60 9.63
CA GLU A 267 -43.68 -10.06 8.29
C GLU A 267 -42.61 -9.02 7.94
N SER A 268 -41.99 -8.40 8.95
CA SER A 268 -41.02 -7.34 8.67
C SER A 268 -39.84 -7.85 7.85
N VAL A 269 -39.54 -9.15 7.94
CA VAL A 269 -38.42 -9.71 7.19
C VAL A 269 -38.65 -9.53 5.70
N GLU A 270 -39.91 -9.41 5.27
CA GLU A 270 -40.18 -9.10 3.87
C GLU A 270 -39.75 -7.68 3.54
N ALA A 271 -40.14 -6.71 4.38
CA ALA A 271 -39.84 -5.31 4.11
C ALA A 271 -38.35 -5.06 4.09
N ALA A 272 -37.61 -5.68 5.02
CA ALA A 272 -36.16 -5.56 5.01
C ALA A 272 -35.58 -6.07 3.70
N ARG A 273 -36.14 -7.17 3.17
CA ARG A 273 -35.66 -7.69 1.89
C ARG A 273 -35.89 -6.68 0.77
N ALA A 274 -36.90 -5.80 0.91
CA ALA A 274 -37.15 -4.79 -0.10
C ALA A 274 -36.11 -3.67 -0.06
N VAL A 275 -35.34 -3.56 1.02
CA VAL A 275 -34.35 -2.50 1.10
C VAL A 275 -33.10 -2.86 0.32
N LEU A 276 -32.68 -4.12 0.39
CA LEU A 276 -31.48 -4.57 -0.31
C LEU A 276 -31.72 -4.82 -1.79
N ALA A 277 -32.98 -4.76 -2.25
CA ALA A 277 -33.26 -5.04 -3.65
C ALA A 277 -32.67 -3.99 -4.58
N GLY A 278 -32.57 -2.74 -4.11
CA GLY A 278 -32.05 -1.69 -4.98
C GLY A 278 -30.60 -1.87 -5.35
N VAL A 279 -29.76 -2.25 -4.37
CA VAL A 279 -28.34 -2.41 -4.63
C VAL A 279 -28.00 -3.76 -5.24
N LEU A 280 -28.89 -4.75 -5.12
CA LEU A 280 -28.64 -6.07 -5.67
C LEU A 280 -29.10 -6.21 -7.11
N ALA A 281 -29.78 -5.20 -7.66
CA ALA A 281 -30.24 -5.23 -9.05
C ALA A 281 -29.33 -4.45 -9.99
N LYS A 282 -28.21 -3.93 -9.51
CA LYS A 282 -27.30 -3.19 -10.36
C LYS A 282 -26.66 -4.12 -11.39
N PRO A 283 -26.60 -3.73 -12.66
CA PRO A 283 -25.98 -4.58 -13.67
C PRO A 283 -24.47 -4.64 -13.49
N ALA A 284 -23.88 -5.71 -14.02
CA ALA A 284 -22.45 -5.92 -13.91
C ALA A 284 -21.68 -4.95 -14.79
N ASN A 285 -20.38 -4.83 -14.52
CA ASN A 285 -19.53 -3.97 -15.32
C ASN A 285 -19.38 -4.50 -16.73
N ALA A 286 -19.12 -3.59 -17.67
CA ALA A 286 -19.01 -3.98 -19.07
C ALA A 286 -17.80 -4.88 -19.33
N SER A 287 -16.71 -4.65 -18.62
CA SER A 287 -15.47 -5.40 -18.84
C SER A 287 -15.35 -6.63 -17.94
N ALA A 288 -16.36 -6.93 -17.13
CA ALA A 288 -16.29 -8.09 -16.26
C ALA A 288 -16.25 -9.38 -17.08
N MET A 289 -15.48 -10.34 -16.58
CA MET A 289 -15.34 -11.62 -17.29
C MET A 289 -16.63 -12.44 -17.17
N ASN A 290 -16.78 -13.36 -18.11
CA ASN A 290 -17.91 -14.27 -18.15
C ASN A 290 -17.48 -15.61 -17.58
N VAL A 291 -18.14 -16.05 -16.52
CA VAL A 291 -17.77 -17.26 -15.79
C VAL A 291 -18.87 -18.30 -15.97
N SER A 292 -18.47 -19.50 -16.37
CA SER A 292 -19.38 -20.63 -16.47
C SER A 292 -19.11 -21.60 -15.32
N ALA A 293 -20.16 -21.97 -14.60
CA ALA A 293 -20.05 -22.80 -13.42
C ALA A 293 -20.71 -24.16 -13.68
N ILE A 294 -20.03 -25.22 -13.25
CA ILE A 294 -20.53 -26.58 -13.36
C ILE A 294 -20.35 -27.28 -12.02
N GLY A 295 -21.39 -27.99 -11.59
CA GLY A 295 -21.32 -28.74 -10.35
C GLY A 295 -20.27 -29.83 -10.39
N HIS A 296 -19.41 -29.87 -9.36
CA HIS A 296 -18.33 -30.84 -9.31
C HIS A 296 -18.14 -31.31 -7.87
N ALA A 297 -17.67 -32.54 -7.71
CA ALA A 297 -17.37 -33.09 -6.40
C ALA A 297 -16.25 -34.12 -6.58
N HIS A 298 -15.02 -33.72 -6.29
CA HIS A 298 -13.88 -34.61 -6.44
C HIS A 298 -13.95 -35.71 -5.39
N ILE A 299 -13.79 -36.96 -5.84
CA ILE A 299 -13.78 -38.12 -4.95
C ILE A 299 -12.54 -38.93 -5.28
N ASP A 300 -11.67 -39.11 -4.29
CA ASP A 300 -10.47 -39.91 -4.45
C ASP A 300 -10.83 -41.39 -4.27
N SER A 301 -10.32 -42.23 -5.17
CA SER A 301 -10.62 -43.65 -5.11
C SER A 301 -10.09 -44.28 -3.82
N ALA A 302 -8.92 -43.86 -3.38
CA ALA A 302 -8.35 -44.37 -2.13
C ALA A 302 -7.40 -43.33 -1.56
N TRP A 303 -7.86 -42.59 -0.56
CA TRP A 303 -7.03 -41.61 0.14
C TRP A 303 -7.64 -41.38 1.51
N LEU A 304 -6.98 -41.89 2.55
CA LEU A 304 -7.42 -41.84 3.95
C LEU A 304 -8.64 -42.71 4.21
N TRP A 305 -9.01 -43.59 3.28
CA TRP A 305 -10.11 -44.53 3.48
C TRP A 305 -9.98 -45.64 2.45
N PRO A 306 -10.42 -46.85 2.78
CA PRO A 306 -10.34 -47.95 1.79
C PRO A 306 -11.35 -47.80 0.66
N VAL A 307 -11.34 -48.74 -0.27
CA VAL A 307 -12.25 -48.67 -1.43
C VAL A 307 -13.70 -48.88 -0.99
N ARG A 308 -13.92 -49.67 0.07
CA ARG A 308 -15.29 -49.93 0.52
C ARG A 308 -15.97 -48.63 0.94
N GLU A 309 -15.23 -47.72 1.58
CA GLU A 309 -15.78 -46.42 1.91
C GLU A 309 -15.85 -45.52 0.69
N THR A 310 -14.98 -45.73 -0.30
CA THR A 310 -15.05 -44.94 -1.52
C THR A 310 -16.36 -45.19 -2.25
N ARG A 311 -16.80 -46.46 -2.31
CA ARG A 311 -18.06 -46.76 -2.97
C ARG A 311 -19.24 -46.09 -2.27
N ARG A 312 -19.24 -46.12 -0.93
CA ARG A 312 -20.31 -45.47 -0.18
C ARG A 312 -20.27 -43.96 -0.38
N LYS A 313 -19.08 -43.37 -0.42
CA LYS A 313 -18.96 -41.93 -0.68
C LYS A 313 -19.50 -41.58 -2.05
N VAL A 314 -19.21 -42.41 -3.06
CA VAL A 314 -19.75 -42.17 -4.40
C VAL A 314 -21.27 -42.23 -4.38
N ALA A 315 -21.82 -43.23 -3.70
CA ALA A 315 -23.28 -43.35 -3.63
C ALA A 315 -23.90 -42.13 -2.97
N ARG A 316 -23.32 -41.69 -1.84
CA ARG A 316 -23.85 -40.53 -1.14
C ARG A 316 -23.76 -39.27 -2.00
N THR A 317 -22.65 -39.09 -2.70
CA THR A 317 -22.50 -37.91 -3.55
C THR A 317 -23.52 -37.90 -4.68
N VAL A 318 -23.74 -39.05 -5.32
CA VAL A 318 -24.71 -39.11 -6.40
C VAL A 318 -26.12 -38.87 -5.86
N SER A 319 -26.42 -39.40 -4.68
CA SER A 319 -27.74 -39.16 -4.09
C SER A 319 -27.94 -37.68 -3.79
N ASN A 320 -26.91 -37.00 -3.25
CA ASN A 320 -27.01 -35.58 -2.99
C ASN A 320 -27.22 -34.79 -4.29
N ALA A 321 -26.49 -35.16 -5.34
CA ALA A 321 -26.65 -34.46 -6.62
C ALA A 321 -28.05 -34.64 -7.17
N LEU A 322 -28.59 -35.86 -7.09
CA LEU A 322 -29.94 -36.10 -7.58
C LEU A 322 -30.97 -35.33 -6.78
N ALA A 323 -30.80 -35.26 -5.46
CA ALA A 323 -31.72 -34.48 -4.64
C ALA A 323 -31.66 -33.00 -5.00
N LEU A 324 -30.46 -32.49 -5.25
CA LEU A 324 -30.33 -31.09 -5.64
C LEU A 324 -30.99 -30.83 -6.99
N MET A 325 -30.83 -31.75 -7.94
CA MET A 325 -31.51 -31.60 -9.23
C MET A 325 -33.02 -31.60 -9.07
N ASP A 326 -33.54 -32.50 -8.23
CA ASP A 326 -34.99 -32.53 -8.00
C ASP A 326 -35.47 -31.23 -7.35
N ALA A 327 -34.74 -30.71 -6.38
CA ALA A 327 -35.18 -29.54 -5.64
C ALA A 327 -34.86 -28.22 -6.34
N ASP A 328 -34.11 -28.24 -7.44
CA ASP A 328 -33.71 -27.00 -8.08
C ASP A 328 -33.49 -27.20 -9.58
N PRO A 329 -34.25 -26.51 -10.43
CA PRO A 329 -33.95 -26.52 -11.87
C PRO A 329 -32.73 -25.69 -12.18
N ASP A 330 -32.26 -25.72 -13.43
CA ASP A 330 -31.11 -24.94 -13.88
C ASP A 330 -29.86 -25.28 -13.08
N PHE A 331 -29.70 -26.57 -12.74
CA PHE A 331 -28.52 -27.05 -12.02
C PHE A 331 -27.94 -28.23 -12.78
N LYS A 332 -26.63 -28.19 -13.01
CA LYS A 332 -25.93 -29.23 -13.75
C LYS A 332 -24.76 -29.74 -12.92
N TYR A 333 -24.50 -31.04 -13.02
CA TYR A 333 -23.45 -31.71 -12.24
C TYR A 333 -22.62 -32.57 -13.17
N ALA A 334 -21.31 -32.60 -12.93
CA ALA A 334 -20.37 -33.34 -13.76
C ALA A 334 -19.65 -34.39 -12.93
N MET A 335 -19.53 -35.59 -13.48
CA MET A 335 -18.86 -36.70 -12.81
C MET A 335 -17.87 -37.35 -13.77
N SER A 336 -16.76 -37.84 -13.22
CA SER A 336 -15.58 -38.13 -14.02
C SER A 336 -15.24 -39.62 -14.11
N SER A 337 -15.01 -40.29 -12.98
CA SER A 337 -14.40 -41.62 -13.00
C SER A 337 -15.39 -42.69 -13.43
N ALA A 338 -14.97 -43.55 -14.35
CA ALA A 338 -15.81 -44.65 -14.81
C ALA A 338 -15.87 -45.79 -13.81
N GLN A 339 -14.79 -46.01 -13.04
CA GLN A 339 -14.82 -47.06 -12.03
C GLN A 339 -15.88 -46.78 -10.96
N GLN A 340 -16.01 -45.51 -10.57
CA GLN A 340 -17.07 -45.14 -9.64
C GLN A 340 -18.45 -45.36 -10.25
N TYR A 341 -18.57 -45.12 -11.56
CA TYR A 341 -19.83 -45.41 -12.25
C TYR A 341 -20.17 -46.89 -12.16
N ALA A 342 -19.18 -47.74 -12.42
CA ALA A 342 -19.41 -49.18 -12.35
C ALA A 342 -19.76 -49.61 -10.92
N TRP A 343 -19.07 -49.05 -9.92
CA TRP A 343 -19.37 -49.38 -8.54
C TRP A 343 -20.79 -48.98 -8.17
N LEU A 344 -21.22 -47.79 -8.58
CA LEU A 344 -22.58 -47.36 -8.29
C LEU A 344 -23.60 -48.24 -9.00
N GLU A 345 -23.32 -48.61 -10.25
CA GLU A 345 -24.25 -49.47 -10.99
C GLU A 345 -24.38 -50.84 -10.32
N GLU A 346 -23.27 -51.38 -9.83
CA GLU A 346 -23.30 -52.69 -9.19
C GLU A 346 -23.91 -52.64 -7.79
N ASP A 347 -23.79 -51.51 -7.09
CA ASP A 347 -24.24 -51.43 -5.70
C ASP A 347 -25.67 -50.94 -5.57
N HIS A 348 -26.02 -49.85 -6.26
CA HIS A 348 -27.32 -49.21 -6.12
C HIS A 348 -27.98 -49.10 -7.48
N PRO A 349 -28.71 -50.14 -7.92
CA PRO A 349 -29.36 -50.07 -9.24
C PRO A 349 -30.39 -48.95 -9.36
N ASP A 350 -31.11 -48.62 -8.28
CA ASP A 350 -32.12 -47.57 -8.37
C ASP A 350 -31.48 -46.20 -8.55
N ILE A 351 -30.43 -45.91 -7.79
CA ILE A 351 -29.72 -44.64 -7.97
C ILE A 351 -29.11 -44.57 -9.36
N PHE A 352 -28.60 -45.70 -9.86
CA PHE A 352 -28.05 -45.72 -11.21
C PHE A 352 -29.14 -45.42 -12.25
N LYS A 353 -30.34 -45.97 -12.07
CA LYS A 353 -31.43 -45.71 -13.00
C LYS A 353 -31.85 -44.24 -12.97
N ARG A 354 -31.95 -43.66 -11.77
CA ARG A 354 -32.28 -42.23 -11.67
C ARG A 354 -31.20 -41.39 -12.34
N MET A 355 -29.93 -41.73 -12.11
CA MET A 355 -28.84 -41.00 -12.74
C MET A 355 -28.89 -41.15 -14.25
N LYS A 356 -29.25 -42.33 -14.75
CA LYS A 356 -29.36 -42.54 -16.18
C LYS A 356 -30.46 -41.68 -16.79
N ARG A 357 -31.61 -41.59 -16.12
CA ARG A 357 -32.67 -40.71 -16.63
C ARG A 357 -32.23 -39.26 -16.60
N ARG A 358 -31.48 -38.87 -15.56
CA ARG A 358 -30.95 -37.50 -15.52
C ARG A 358 -29.95 -37.26 -16.66
N ILE A 359 -29.15 -38.27 -16.99
CA ILE A 359 -28.19 -38.16 -18.08
C ILE A 359 -28.91 -37.97 -19.41
N GLU A 360 -29.97 -38.75 -19.64
CA GLU A 360 -30.71 -38.63 -20.89
C GLU A 360 -31.25 -37.23 -21.11
N GLU A 361 -31.56 -36.52 -20.02
CA GLU A 361 -32.04 -35.14 -20.11
C GLU A 361 -30.92 -34.13 -20.36
N GLY A 362 -29.67 -34.51 -20.10
CA GLY A 362 -28.56 -33.60 -20.31
C GLY A 362 -28.16 -32.78 -19.11
N ARG A 363 -28.63 -33.14 -17.92
CA ARG A 363 -28.29 -32.42 -16.70
C ARG A 363 -27.18 -33.08 -15.90
N PHE A 364 -26.87 -34.34 -16.19
CA PHE A 364 -25.79 -35.09 -15.54
C PHE A 364 -24.74 -35.38 -16.61
N ILE A 365 -23.58 -34.73 -16.51
CA ILE A 365 -22.58 -34.78 -17.57
C ILE A 365 -21.46 -35.71 -17.13
N PRO A 366 -21.26 -36.86 -17.78
CA PRO A 366 -20.04 -37.64 -17.57
C PRO A 366 -18.88 -37.02 -18.34
N VAL A 367 -17.74 -36.89 -17.68
CA VAL A 367 -16.57 -36.23 -18.25
C VAL A 367 -15.36 -37.13 -18.11
N GLY A 368 -14.33 -36.84 -18.91
CA GLY A 368 -13.08 -37.55 -18.80
C GLY A 368 -12.96 -38.75 -19.73
N GLY A 369 -13.88 -39.71 -19.58
CA GLY A 369 -13.80 -40.93 -20.35
C GLY A 369 -12.60 -41.79 -20.01
N MET A 370 -12.28 -41.91 -18.73
CA MET A 370 -11.15 -42.68 -18.27
C MET A 370 -11.59 -43.57 -17.11
N TRP A 371 -10.87 -44.68 -16.92
CA TRP A 371 -11.21 -45.59 -15.83
C TRP A 371 -11.07 -44.91 -14.48
N VAL A 372 -9.91 -44.29 -14.22
CA VAL A 372 -9.68 -43.48 -13.03
C VAL A 372 -8.87 -42.25 -13.45
N GLU A 373 -8.76 -41.31 -12.52
CA GLU A 373 -7.94 -40.12 -12.73
C GLU A 373 -6.51 -40.47 -12.34
N ALA A 374 -5.83 -41.15 -13.27
CA ALA A 374 -4.48 -41.65 -13.01
C ALA A 374 -3.47 -40.52 -12.99
N ASP A 375 -2.29 -40.82 -12.48
CA ASP A 375 -1.20 -39.86 -12.48
C ASP A 375 -0.68 -39.64 -13.90
N GLY A 376 -0.12 -38.44 -14.12
CA GLY A 376 0.34 -38.09 -15.44
C GLY A 376 1.79 -38.36 -15.75
N MET A 377 2.59 -38.71 -14.74
CA MET A 377 4.01 -38.95 -14.93
C MET A 377 4.38 -40.43 -14.86
N LEU A 378 4.05 -41.10 -13.77
CA LEU A 378 4.53 -42.46 -13.55
C LEU A 378 3.99 -43.46 -14.57
N PRO A 379 2.68 -43.53 -14.85
CA PRO A 379 2.18 -44.59 -15.73
C PRO A 379 2.78 -44.50 -17.12
N ALA A 380 2.96 -45.68 -17.73
CA ALA A 380 3.50 -45.75 -19.08
C ALA A 380 2.45 -45.29 -20.08
N GLY A 381 2.89 -45.09 -21.33
CA GLY A 381 1.98 -44.66 -22.37
C GLY A 381 0.88 -45.67 -22.64
N GLU A 382 1.23 -46.96 -22.63
CA GLU A 382 0.22 -48.00 -22.80
C GLU A 382 -0.80 -47.96 -21.67
N SER A 383 -0.36 -47.63 -20.45
CA SER A 383 -1.29 -47.51 -19.34
C SER A 383 -2.30 -46.40 -19.58
N LEU A 384 -1.85 -45.25 -20.07
CA LEU A 384 -2.77 -44.15 -20.35
C LEU A 384 -3.71 -44.51 -21.50
N ILE A 385 -3.19 -45.22 -22.50
CA ILE A 385 -4.05 -45.66 -23.60
C ILE A 385 -5.12 -46.61 -23.10
N ARG A 386 -4.76 -47.50 -22.17
CA ARG A 386 -5.75 -48.41 -21.60
C ARG A 386 -6.77 -47.67 -20.74
N GLN A 387 -6.32 -46.67 -19.96
CA GLN A 387 -7.23 -45.75 -19.30
C GLN A 387 -8.29 -45.25 -20.27
N ILE A 388 -7.83 -44.61 -21.35
CA ILE A 388 -8.77 -43.98 -22.29
C ILE A 388 -9.67 -45.03 -22.93
N ALA A 389 -9.10 -46.15 -23.35
CA ALA A 389 -9.88 -47.17 -24.07
C ALA A 389 -10.97 -47.76 -23.18
N TYR A 390 -10.62 -48.15 -21.96
CA TYR A 390 -11.61 -48.75 -21.08
C TYR A 390 -12.67 -47.75 -20.66
N GLY A 391 -12.26 -46.51 -20.36
CA GLY A 391 -13.23 -45.49 -20.02
C GLY A 391 -14.21 -45.21 -21.15
N ARG A 392 -13.68 -45.07 -22.36
CA ARG A 392 -14.53 -44.81 -23.52
C ARG A 392 -15.47 -45.98 -23.78
N LYS A 393 -14.96 -47.22 -23.66
CA LYS A 393 -15.81 -48.38 -23.88
C LYS A 393 -16.94 -48.45 -22.88
N TYR A 394 -16.64 -48.21 -21.59
CA TYR A 394 -17.69 -48.22 -20.59
C TYR A 394 -18.71 -47.12 -20.84
N PHE A 395 -18.22 -45.92 -21.17
CA PHE A 395 -19.14 -44.80 -21.41
C PHE A 395 -20.04 -45.07 -22.60
N LYS A 396 -19.51 -45.69 -23.65
CA LYS A 396 -20.29 -45.95 -24.84
C LYS A 396 -21.29 -47.07 -24.61
N GLU A 397 -20.88 -48.13 -23.92
CA GLU A 397 -21.73 -49.30 -23.78
C GLU A 397 -22.67 -49.25 -22.58
N HIS A 398 -22.52 -48.26 -21.70
CA HIS A 398 -23.38 -48.18 -20.52
C HIS A 398 -24.03 -46.83 -20.30
N LEU A 399 -23.52 -45.74 -20.90
CA LEU A 399 -24.12 -44.43 -20.75
C LEU A 399 -24.45 -43.75 -22.08
N GLY A 400 -23.89 -44.19 -23.20
CA GLY A 400 -24.15 -43.54 -24.47
C GLY A 400 -23.63 -42.13 -24.55
N VAL A 401 -22.49 -41.85 -23.91
CA VAL A 401 -21.90 -40.51 -23.89
C VAL A 401 -20.45 -40.64 -24.34
N GLU A 402 -20.03 -39.77 -25.25
CA GLU A 402 -18.65 -39.72 -25.73
C GLU A 402 -18.01 -38.39 -25.34
N PRO A 403 -17.20 -38.36 -24.29
CA PRO A 403 -16.58 -37.09 -23.88
C PRO A 403 -15.61 -36.57 -24.93
N LYS A 404 -15.49 -35.25 -24.98
CA LYS A 404 -14.62 -34.57 -25.95
C LYS A 404 -13.36 -34.00 -25.31
N GLY A 405 -13.11 -34.29 -24.04
CA GLY A 405 -11.93 -33.73 -23.38
C GLY A 405 -11.50 -34.60 -22.22
N VAL A 406 -10.29 -34.28 -21.71
CA VAL A 406 -9.69 -34.99 -20.60
C VAL A 406 -9.94 -34.22 -19.32
N TRP A 407 -10.42 -34.92 -18.29
CA TRP A 407 -10.78 -34.33 -17.01
C TRP A 407 -9.85 -34.87 -15.94
N LEU A 408 -8.77 -34.15 -15.68
CA LEU A 408 -7.79 -34.51 -14.66
C LEU A 408 -7.50 -33.29 -13.79
N PRO A 409 -8.44 -32.90 -12.93
CA PRO A 409 -8.24 -31.69 -12.11
C PRO A 409 -7.05 -31.78 -11.19
N ALA A 410 -6.77 -32.94 -10.63
CA ALA A 410 -5.67 -33.13 -9.67
C ALA A 410 -4.71 -34.17 -10.20
N SER A 411 -3.44 -33.77 -10.36
CA SER A 411 -2.40 -34.68 -10.82
C SER A 411 -1.04 -34.04 -10.55
N PHE A 412 -0.09 -34.84 -10.08
CA PHE A 412 1.24 -34.33 -9.72
C PHE A 412 2.13 -34.29 -10.97
N GLY A 413 1.78 -33.39 -11.88
CA GLY A 413 2.53 -33.19 -13.10
C GLY A 413 2.04 -34.09 -14.23
N TYR A 414 2.48 -33.73 -15.44
CA TYR A 414 2.07 -34.44 -16.64
C TYR A 414 3.31 -34.68 -17.51
N THR A 415 3.33 -35.84 -18.17
CA THR A 415 4.54 -36.30 -18.84
C THR A 415 4.93 -35.46 -20.04
N GLY A 416 3.99 -34.77 -20.67
CA GLY A 416 4.27 -34.05 -21.89
C GLY A 416 3.98 -34.82 -23.16
N ALA A 417 3.80 -36.13 -23.07
CA ALA A 417 3.29 -36.94 -24.17
C ALA A 417 1.77 -37.01 -24.18
N TRP A 418 1.13 -36.39 -23.19
CA TRP A 418 -0.33 -36.36 -23.15
C TRP A 418 -0.98 -35.74 -24.38
N PRO A 419 -0.53 -34.60 -24.92
CA PRO A 419 -1.23 -34.03 -26.07
C PRO A 419 -1.33 -34.97 -27.26
N GLN A 420 -0.28 -35.73 -27.56
CA GLN A 420 -0.33 -36.63 -28.70
C GLN A 420 -1.31 -37.78 -28.47
N ILE A 421 -1.29 -38.36 -27.28
CA ILE A 421 -2.20 -39.45 -26.97
C ILE A 421 -3.65 -38.98 -27.00
N ALA A 422 -3.91 -37.81 -26.40
CA ALA A 422 -5.27 -37.28 -26.39
C ALA A 422 -5.75 -36.91 -27.79
N ARG A 423 -4.87 -36.31 -28.60
CA ARG A 423 -5.26 -35.89 -29.94
C ARG A 423 -5.55 -37.10 -30.84
N ARG A 424 -4.78 -38.18 -30.69
CA ARG A 424 -5.01 -39.38 -31.47
C ARG A 424 -6.16 -40.22 -30.94
N ALA A 425 -6.68 -39.91 -29.75
CA ALA A 425 -7.84 -40.59 -29.20
C ALA A 425 -9.14 -39.87 -29.48
N GLY A 426 -9.11 -38.76 -30.22
CA GLY A 426 -10.30 -37.99 -30.51
C GLY A 426 -10.62 -36.88 -29.53
N TYR A 427 -9.83 -36.72 -28.47
CA TYR A 427 -10.08 -35.65 -27.52
C TYR A 427 -9.77 -34.29 -28.13
N GLU A 428 -10.39 -33.26 -27.57
CA GLU A 428 -10.28 -31.90 -28.11
C GLU A 428 -9.79 -30.86 -27.11
N TRP A 429 -9.81 -31.16 -25.81
CA TRP A 429 -9.32 -30.19 -24.82
C TRP A 429 -8.84 -30.94 -23.58
N PHE A 430 -8.14 -30.19 -22.73
CA PHE A 430 -7.55 -30.71 -21.50
C PHE A 430 -7.90 -29.79 -20.34
N LEU A 431 -8.01 -30.37 -19.15
CA LEU A 431 -8.33 -29.60 -17.95
C LEU A 431 -7.36 -29.98 -16.84
N THR A 432 -6.92 -28.96 -16.10
CA THR A 432 -5.90 -29.13 -15.07
C THR A 432 -5.91 -27.91 -14.15
N GLN A 433 -5.73 -28.13 -12.86
CA GLN A 433 -5.58 -27.02 -11.92
C GLN A 433 -4.49 -27.23 -10.88
N LYS A 434 -3.74 -28.33 -10.93
CA LYS A 434 -2.74 -28.59 -9.90
C LYS A 434 -1.49 -27.73 -10.06
N ILE A 435 -1.22 -27.23 -11.27
CA ILE A 435 -0.01 -26.46 -11.52
C ILE A 435 0.03 -25.19 -10.67
N SER A 436 -1.12 -24.75 -10.14
CA SER A 436 -1.15 -23.60 -9.26
C SER A 436 -0.42 -23.82 -7.95
N TRP A 437 -0.07 -25.07 -7.62
CA TRP A 437 0.60 -25.38 -6.36
C TRP A 437 2.11 -25.28 -6.46
N ASN A 438 2.63 -24.54 -7.44
CA ASN A 438 4.06 -24.40 -7.60
C ASN A 438 4.66 -23.54 -6.49
N ASP A 439 5.90 -23.86 -6.11
CA ASP A 439 6.54 -23.17 -5.00
C ASP A 439 6.94 -21.76 -5.36
N THR A 440 7.56 -21.57 -6.53
CA THR A 440 8.21 -20.29 -6.83
C THR A 440 7.77 -19.69 -8.16
N THR A 441 7.45 -20.53 -9.14
CA THR A 441 7.15 -20.05 -10.48
C THR A 441 5.64 -20.04 -10.71
N LYS A 442 5.17 -19.01 -11.40
CA LYS A 442 3.78 -18.89 -11.80
C LYS A 442 3.67 -19.18 -13.29
N PHE A 443 2.76 -20.08 -13.65
CA PHE A 443 2.60 -20.46 -15.04
C PHE A 443 2.15 -19.25 -15.87
N PRO A 444 2.79 -18.99 -17.01
CA PRO A 444 2.48 -17.74 -17.75
C PRO A 444 1.07 -17.67 -18.30
N HIS A 445 0.37 -18.79 -18.47
CA HIS A 445 -0.94 -18.79 -19.09
C HIS A 445 -1.93 -19.63 -18.29
N HIS A 446 -3.20 -19.30 -18.46
CA HIS A 446 -4.31 -20.12 -17.97
C HIS A 446 -5.04 -20.86 -19.08
N SER A 447 -5.34 -20.19 -20.19
CA SER A 447 -5.89 -20.80 -21.38
C SER A 447 -4.86 -20.70 -22.49
N PHE A 448 -4.49 -21.84 -23.08
CA PHE A 448 -3.39 -21.87 -24.03
C PHE A 448 -3.47 -23.16 -24.84
N MET A 449 -2.47 -23.35 -25.70
CA MET A 449 -2.26 -24.61 -26.42
C MET A 449 -1.05 -25.33 -25.86
N TRP A 450 -1.29 -26.52 -25.31
CA TRP A 450 -0.23 -27.41 -24.86
C TRP A 450 0.24 -28.24 -26.04
N GLU A 451 1.54 -28.20 -26.32
CA GLU A 451 2.14 -28.91 -27.44
C GLU A 451 3.10 -29.95 -26.88
N GLY A 452 2.98 -31.19 -27.37
CA GLY A 452 3.82 -32.25 -26.92
C GLY A 452 5.20 -32.22 -27.55
N ILE A 453 6.00 -33.23 -27.21
CA ILE A 453 7.35 -33.34 -27.76
C ILE A 453 7.31 -33.63 -29.25
N ASP A 454 6.19 -34.09 -29.78
CA ASP A 454 6.08 -34.43 -31.19
C ASP A 454 5.59 -33.25 -32.04
N GLY A 455 4.65 -32.46 -31.52
CA GLY A 455 4.14 -31.33 -32.27
C GLY A 455 2.63 -31.19 -32.18
N SER A 456 1.97 -32.23 -31.66
CA SER A 456 0.51 -32.18 -31.51
C SER A 456 0.13 -31.14 -30.46
N ARG A 457 -0.91 -30.37 -30.76
CA ARG A 457 -1.35 -29.29 -29.90
C ARG A 457 -2.79 -29.52 -29.46
N ILE A 458 -3.06 -29.26 -28.18
CA ILE A 458 -4.40 -29.36 -27.62
C ILE A 458 -4.70 -28.10 -26.84
N PHE A 459 -5.99 -27.82 -26.66
CA PHE A 459 -6.43 -26.62 -25.96
C PHE A 459 -6.58 -26.94 -24.47
N THR A 460 -5.79 -26.27 -23.65
CA THR A 460 -5.78 -26.49 -22.21
C THR A 460 -6.25 -25.23 -21.50
N HIS A 461 -7.02 -25.41 -20.42
CA HIS A 461 -7.51 -24.31 -19.61
C HIS A 461 -7.23 -24.61 -18.15
N PHE A 462 -6.65 -23.63 -17.44
CA PHE A 462 -6.44 -23.74 -16.01
C PHE A 462 -7.47 -22.87 -15.29
N PRO A 463 -8.37 -23.43 -14.49
CA PRO A 463 -9.32 -22.60 -13.74
C PRO A 463 -8.60 -21.63 -12.84
N PRO A 464 -8.82 -20.32 -13.03
CA PRO A 464 -8.07 -19.33 -12.24
C PRO A 464 -8.45 -19.29 -10.77
N ALA A 465 -9.56 -19.93 -10.38
CA ALA A 465 -9.92 -19.99 -8.96
C ALA A 465 -8.96 -20.83 -8.15
N ASP A 466 -8.07 -21.59 -8.79
CA ASP A 466 -7.06 -22.42 -8.15
C ASP A 466 -7.65 -23.48 -7.24
N THR A 467 -8.88 -23.89 -7.51
CA THR A 467 -9.52 -24.96 -6.74
C THR A 467 -10.58 -25.62 -7.60
N TYR A 468 -10.82 -26.90 -7.34
CA TYR A 468 -11.88 -27.64 -8.01
C TYR A 468 -13.13 -27.79 -7.17
N ALA A 469 -13.13 -27.25 -5.95
CA ALA A 469 -14.27 -27.34 -5.04
C ALA A 469 -14.50 -25.94 -4.46
N ALA A 470 -15.29 -25.15 -5.17
CA ALA A 470 -15.57 -23.78 -4.76
C ALA A 470 -16.78 -23.74 -3.84
N TRP A 471 -16.75 -22.80 -2.90
CA TRP A 471 -17.85 -22.58 -1.97
C TRP A 471 -18.81 -21.51 -2.45
N CYS A 472 -18.59 -20.98 -3.65
CA CYS A 472 -19.42 -19.90 -4.21
C CYS A 472 -19.42 -18.67 -3.31
N LYS A 473 -18.23 -18.11 -3.12
CA LYS A 473 -18.04 -16.90 -2.35
C LYS A 473 -17.52 -15.79 -3.24
N VAL A 474 -17.77 -14.55 -2.84
CA VAL A 474 -17.33 -13.40 -3.62
C VAL A 474 -15.81 -13.32 -3.66
N GLN A 475 -15.13 -13.69 -2.56
CA GLN A 475 -13.69 -13.58 -2.53
C GLN A 475 -13.03 -14.57 -3.49
N GLU A 476 -13.62 -15.75 -3.65
CA GLU A 476 -13.13 -16.69 -4.66
C GLU A 476 -13.23 -16.09 -6.05
N LEU A 477 -14.36 -15.45 -6.36
CA LEU A 477 -14.55 -14.85 -7.68
C LEU A 477 -13.57 -13.71 -7.91
N ASP A 478 -13.36 -12.88 -6.88
CA ASP A 478 -12.43 -11.76 -7.02
C ASP A 478 -11.00 -12.26 -7.19
N TYR A 479 -10.60 -13.29 -6.45
CA TYR A 479 -9.28 -13.85 -6.61
C TYR A 479 -9.10 -14.45 -7.99
N ALA A 480 -10.13 -15.13 -8.51
CA ALA A 480 -10.04 -15.69 -9.85
C ALA A 480 -9.92 -14.59 -10.90
N GLU A 481 -10.65 -13.49 -10.73
CA GLU A 481 -10.53 -12.37 -11.66
C GLU A 481 -9.14 -11.76 -11.62
N LYS A 482 -8.58 -11.57 -10.43
CA LYS A 482 -7.27 -10.94 -10.34
C LYS A 482 -6.14 -11.90 -10.66
N ASN A 483 -6.39 -13.21 -10.70
CA ASN A 483 -5.36 -14.19 -10.95
C ASN A 483 -5.25 -14.60 -12.42
N PHE A 484 -6.20 -14.21 -13.26
CA PHE A 484 -6.18 -14.63 -14.66
C PHE A 484 -4.96 -14.07 -15.38
N GLN A 485 -4.30 -14.93 -16.15
CA GLN A 485 -3.06 -14.57 -16.83
C GLN A 485 -3.27 -14.27 -18.32
N ASP A 486 -4.51 -14.21 -18.78
CA ASP A 486 -4.82 -13.96 -20.18
C ASP A 486 -5.95 -12.95 -20.31
N LYS A 487 -5.91 -11.90 -19.50
CA LYS A 487 -6.96 -10.88 -19.55
C LYS A 487 -6.96 -10.09 -20.84
N ASP A 488 -5.81 -10.00 -21.51
CA ASP A 488 -5.70 -9.21 -22.73
C ASP A 488 -6.22 -9.94 -23.96
N LEU A 489 -6.45 -11.25 -23.89
CA LEU A 489 -6.91 -12.02 -25.04
C LEU A 489 -8.23 -12.74 -24.83
N SER A 490 -8.66 -12.95 -23.58
CA SER A 490 -9.90 -13.67 -23.32
C SER A 490 -10.49 -13.18 -22.01
N ASP A 491 -11.79 -13.43 -21.86
CA ASP A 491 -12.51 -13.09 -20.64
C ASP A 491 -13.43 -14.23 -20.24
N ARG A 492 -12.98 -15.47 -20.45
CA ARG A 492 -13.75 -16.66 -20.13
C ARG A 492 -12.97 -17.52 -19.14
N SER A 493 -13.62 -17.89 -18.04
CA SER A 493 -13.02 -18.74 -17.02
C SER A 493 -14.04 -19.74 -16.53
N LEU A 494 -13.56 -20.92 -16.15
CA LEU A 494 -14.41 -22.02 -15.71
C LEU A 494 -14.32 -22.16 -14.19
N LEU A 495 -15.47 -22.27 -13.54
CA LEU A 495 -15.56 -22.41 -12.09
C LEU A 495 -16.15 -23.77 -11.76
N LEU A 496 -15.47 -24.50 -10.86
CA LEU A 496 -15.93 -25.79 -10.39
C LEU A 496 -16.31 -25.64 -8.92
N PHE A 497 -17.59 -25.78 -8.61
CA PHE A 497 -18.10 -25.52 -7.28
C PHE A 497 -18.71 -26.77 -6.68
N GLY A 498 -18.62 -26.87 -5.36
CA GLY A 498 -19.11 -27.99 -4.59
C GLY A 498 -18.11 -28.36 -3.51
N PHE A 499 -18.37 -29.49 -2.86
CA PHE A 499 -17.47 -30.03 -1.86
C PHE A 499 -16.72 -31.22 -2.46
N GLY A 500 -15.39 -31.18 -2.38
CA GLY A 500 -14.55 -32.16 -3.03
C GLY A 500 -13.59 -32.84 -2.07
N ASP A 501 -12.87 -33.82 -2.62
CA ASP A 501 -11.81 -34.61 -2.01
C ASP A 501 -12.31 -35.48 -0.87
N GLY A 502 -13.60 -35.43 -0.58
CA GLY A 502 -14.20 -36.28 0.43
C GLY A 502 -15.64 -36.61 0.14
N GLY A 503 -16.12 -36.23 -1.03
CA GLY A 503 -17.52 -36.35 -1.38
C GLY A 503 -18.30 -35.10 -1.05
N GLY A 504 -19.62 -35.29 -0.94
CA GLY A 504 -20.50 -34.17 -0.65
C GLY A 504 -21.09 -33.55 -1.89
N GLY A 505 -20.51 -32.45 -2.36
CA GLY A 505 -20.95 -31.80 -3.56
C GLY A 505 -21.59 -30.45 -3.31
N PRO A 506 -22.13 -29.84 -4.36
CA PRO A 506 -22.78 -28.53 -4.20
C PRO A 506 -24.04 -28.64 -3.36
N THR A 507 -24.37 -27.53 -2.70
CA THR A 507 -25.53 -27.43 -1.83
C THR A 507 -26.50 -26.38 -2.38
N ARG A 508 -27.63 -26.25 -1.69
CA ARG A 508 -28.63 -25.25 -2.07
C ARG A 508 -28.09 -23.83 -1.90
N ASN A 509 -27.31 -23.59 -0.85
CA ASN A 509 -26.75 -22.27 -0.62
C ASN A 509 -25.84 -21.86 -1.77
N MET A 510 -25.06 -22.80 -2.31
CA MET A 510 -24.20 -22.47 -3.44
C MET A 510 -25.01 -22.05 -4.65
N MET A 511 -26.11 -22.75 -4.93
CA MET A 511 -26.96 -22.37 -6.04
C MET A 511 -27.59 -21.00 -5.84
N GLU A 512 -28.05 -20.71 -4.61
CA GLU A 512 -28.64 -19.41 -4.34
C GLU A 512 -27.60 -18.29 -4.50
N HIS A 513 -26.39 -18.52 -4.03
CA HIS A 513 -25.31 -17.54 -4.19
C HIS A 513 -24.99 -17.33 -5.66
N LEU A 514 -24.94 -18.41 -6.44
CA LEU A 514 -24.69 -18.27 -7.88
C LEU A 514 -25.80 -17.47 -8.56
N HIS A 515 -27.05 -17.75 -8.19
CA HIS A 515 -28.16 -17.01 -8.76
C HIS A 515 -28.07 -15.53 -8.41
N ARG A 516 -27.61 -15.21 -7.20
CA ARG A 516 -27.35 -13.81 -6.86
C ARG A 516 -26.23 -13.23 -7.72
N TYR A 517 -25.18 -14.00 -7.97
CA TYR A 517 -24.03 -13.52 -8.74
C TYR A 517 -24.28 -13.53 -10.25
N GLU A 518 -25.44 -13.98 -10.71
CA GLU A 518 -25.70 -14.08 -12.14
C GLU A 518 -25.46 -12.74 -12.85
N ASN A 519 -25.94 -11.65 -12.27
CA ASN A 519 -25.72 -10.31 -12.84
C ASN A 519 -25.67 -9.32 -11.69
N LEU A 520 -24.46 -8.99 -11.24
CA LEU A 520 -24.25 -8.15 -10.08
C LEU A 520 -23.07 -7.23 -10.32
N GLU A 521 -23.18 -6.00 -9.82
CA GLU A 521 -22.08 -5.05 -9.93
C GLU A 521 -20.95 -5.44 -8.99
N GLY A 522 -19.72 -5.47 -9.53
CA GLY A 522 -18.56 -5.90 -8.77
C GLY A 522 -18.32 -7.38 -8.75
N VAL A 523 -19.22 -8.18 -9.34
CA VAL A 523 -19.07 -9.62 -9.42
C VAL A 523 -19.27 -10.04 -10.87
N SER A 524 -18.45 -10.98 -11.32
CA SER A 524 -18.52 -11.46 -12.70
C SER A 524 -19.86 -12.15 -12.97
N LYS A 525 -20.20 -12.23 -14.26
CA LYS A 525 -21.44 -12.86 -14.69
C LYS A 525 -21.26 -14.37 -14.67
N VAL A 526 -22.01 -15.04 -13.78
CA VAL A 526 -21.88 -16.48 -13.56
C VAL A 526 -23.15 -17.16 -14.06
N SER A 527 -22.98 -18.17 -14.91
CA SER A 527 -24.10 -18.95 -15.42
C SER A 527 -23.73 -20.42 -15.44
N ILE A 528 -24.73 -21.28 -15.30
CA ILE A 528 -24.52 -22.71 -15.34
C ILE A 528 -24.44 -23.15 -16.80
N GLU A 529 -23.35 -23.82 -17.16
CA GLU A 529 -23.09 -24.16 -18.55
C GLU A 529 -22.36 -25.50 -18.62
N GLU A 530 -22.66 -26.28 -19.65
CA GLU A 530 -21.95 -27.52 -19.88
C GLU A 530 -20.49 -27.21 -20.25
N PRO A 531 -19.53 -28.00 -19.75
CA PRO A 531 -18.12 -27.71 -20.05
C PRO A 531 -17.78 -27.72 -21.53
N ASN A 532 -18.43 -28.56 -22.33
CA ASN A 532 -18.14 -28.60 -23.76
C ASN A 532 -18.44 -27.26 -24.43
N ASP A 533 -19.60 -26.68 -24.11
CA ASP A 533 -19.97 -25.40 -24.68
C ASP A 533 -19.02 -24.31 -24.26
N PHE A 534 -18.61 -24.30 -22.98
CA PHE A 534 -17.64 -23.34 -22.51
C PHE A 534 -16.32 -23.47 -23.26
N PHE A 535 -15.84 -24.70 -23.43
CA PHE A 535 -14.56 -24.89 -24.10
C PHE A 535 -14.63 -24.43 -25.54
N ASP A 536 -15.74 -24.74 -26.23
CA ASP A 536 -15.91 -24.28 -27.60
C ASP A 536 -15.92 -22.76 -27.68
N LYS A 537 -16.69 -22.11 -26.81
CA LYS A 537 -16.77 -20.66 -26.85
C LYS A 537 -15.44 -20.01 -26.54
N ALA A 538 -14.73 -20.51 -25.53
CA ALA A 538 -13.44 -19.94 -25.16
C ALA A 538 -12.42 -20.12 -26.27
N HIS A 539 -12.39 -21.29 -26.89
CA HIS A 539 -11.46 -21.52 -28.00
C HIS A 539 -11.78 -20.60 -29.18
N GLN A 540 -13.06 -20.43 -29.51
CA GLN A 540 -13.43 -19.56 -30.62
C GLN A 540 -13.04 -18.11 -30.33
N GLN A 541 -13.29 -17.65 -29.10
CA GLN A 541 -12.94 -16.28 -28.75
C GLN A 541 -11.42 -16.08 -28.76
N LEU A 542 -10.66 -17.05 -28.27
CA LEU A 542 -9.21 -16.95 -28.30
C LEU A 542 -8.69 -16.93 -29.73
N ALA A 543 -9.27 -17.75 -30.60
CA ALA A 543 -8.87 -17.73 -32.00
C ALA A 543 -9.18 -16.38 -32.65
N GLU A 544 -10.33 -15.81 -32.34
CA GLU A 544 -10.69 -14.50 -32.90
C GLU A 544 -9.73 -13.41 -32.44
N ASN A 545 -9.52 -13.30 -31.13
CA ASN A 545 -8.74 -12.18 -30.60
C ASN A 545 -7.25 -12.36 -30.86
N ALA A 546 -6.72 -13.55 -30.63
CA ALA A 546 -5.27 -13.74 -30.65
C ALA A 546 -4.74 -13.80 -32.09
N GLY A 547 -5.22 -14.77 -32.87
CA GLY A 547 -4.71 -14.97 -34.21
C GLY A 547 -3.27 -15.45 -34.20
N PRO A 548 -2.39 -14.72 -34.88
CA PRO A 548 -0.97 -15.10 -34.87
C PRO A 548 -0.34 -15.09 -33.49
N GLU A 549 -0.77 -14.18 -32.61
CA GLU A 549 -0.19 -14.07 -31.26
C GLU A 549 -1.01 -14.88 -30.27
N MET A 550 -0.97 -16.19 -30.45
CA MET A 550 -1.77 -17.07 -29.63
C MET A 550 -0.88 -17.92 -28.75
N PRO A 551 -1.14 -17.98 -27.44
CA PRO A 551 -0.20 -18.62 -26.52
C PRO A 551 0.02 -20.10 -26.84
N VAL A 552 1.28 -20.53 -26.74
CA VAL A 552 1.67 -21.92 -26.93
C VAL A 552 2.70 -22.27 -25.88
N TRP A 553 2.52 -23.41 -25.20
CA TRP A 553 3.50 -23.95 -24.28
C TRP A 553 3.89 -25.34 -24.75
N LYS A 554 5.17 -25.53 -25.03
CA LYS A 554 5.67 -26.81 -25.52
C LYS A 554 6.48 -27.49 -24.42
N GLY A 555 6.21 -28.77 -24.20
CA GLY A 555 6.95 -29.53 -23.21
C GLY A 555 6.05 -30.21 -22.19
N GLU A 556 6.59 -30.48 -21.01
CA GLU A 556 5.85 -31.14 -19.95
C GLU A 556 5.37 -30.12 -18.93
N LEU A 557 4.31 -30.48 -18.22
CA LEU A 557 3.72 -29.62 -17.18
C LEU A 557 4.29 -30.06 -15.83
N TYR A 558 5.53 -29.66 -15.57
CA TYR A 558 6.21 -30.03 -14.34
C TYR A 558 5.59 -29.31 -13.15
N LEU A 559 5.35 -30.04 -12.07
CA LEU A 559 4.80 -29.48 -10.85
C LEU A 559 5.92 -29.35 -9.82
N GLU A 560 6.10 -28.15 -9.29
CA GLU A 560 7.15 -27.89 -8.31
C GLU A 560 6.62 -28.14 -6.89
N LEU A 561 6.17 -29.36 -6.68
CA LEU A 561 5.64 -29.79 -5.38
C LEU A 561 5.51 -31.30 -5.39
N HIS A 562 5.42 -31.88 -4.21
CA HIS A 562 5.22 -33.32 -4.03
C HIS A 562 6.31 -34.12 -4.75
N ARG A 563 7.55 -33.65 -4.66
CA ARG A 563 8.65 -34.31 -5.35
C ARG A 563 9.03 -35.64 -4.71
N GLY A 564 8.60 -35.89 -3.47
CA GLY A 564 8.87 -37.15 -2.82
C GLY A 564 7.95 -38.28 -3.19
N THR A 565 6.95 -38.02 -4.02
CA THR A 565 6.02 -39.06 -4.45
C THR A 565 6.65 -40.05 -5.42
N LEU A 566 7.85 -39.77 -5.91
CA LEU A 566 8.55 -40.67 -6.82
C LEU A 566 9.28 -41.80 -6.10
N THR A 567 9.34 -41.76 -4.77
CA THR A 567 10.11 -42.74 -4.01
C THR A 567 9.26 -43.39 -2.94
N SER A 568 8.26 -42.68 -2.44
CA SER A 568 7.42 -43.20 -1.37
C SER A 568 6.66 -44.44 -1.83
N GLN A 569 6.67 -45.47 -0.98
CA GLN A 569 6.01 -46.75 -1.27
C GLN A 569 6.56 -47.36 -2.57
N GLN A 570 7.84 -47.73 -2.49
CA GLN A 570 8.54 -48.28 -3.65
C GLN A 570 7.85 -49.53 -4.19
N ASP A 571 7.12 -50.25 -3.33
CA ASP A 571 6.42 -51.45 -3.77
C ASP A 571 5.40 -51.13 -4.85
N MET A 572 4.73 -49.98 -4.74
CA MET A 572 3.74 -49.59 -5.75
C MET A 572 4.39 -49.45 -7.12
N LYS A 573 5.48 -48.69 -7.20
CA LYS A 573 6.15 -48.48 -8.48
C LYS A 573 6.73 -49.77 -9.02
N ARG A 574 7.34 -50.58 -8.15
CA ARG A 574 7.91 -51.85 -8.60
C ARG A 574 6.84 -52.76 -9.16
N GLY A 575 5.72 -52.89 -8.44
CA GLY A 575 4.63 -53.73 -8.93
C GLY A 575 4.03 -53.21 -10.21
N CYS A 576 3.88 -51.89 -10.34
CA CYS A 576 3.32 -51.32 -11.56
C CYS A 576 4.21 -51.64 -12.76
N ARG A 577 5.51 -51.39 -12.64
CA ARG A 577 6.40 -51.64 -13.77
C ARG A 577 6.47 -53.14 -14.10
N GLN A 578 6.56 -53.99 -13.08
CA GLN A 578 6.63 -55.42 -13.33
C GLN A 578 5.36 -55.93 -13.99
N GLU A 579 4.20 -55.46 -13.53
CA GLU A 579 2.94 -55.89 -14.13
C GLU A 579 2.81 -55.40 -15.56
N GLU A 580 3.26 -54.18 -15.85
CA GLU A 580 3.21 -53.69 -17.22
C GLU A 580 4.08 -54.54 -18.14
N SER A 581 5.30 -54.85 -17.71
CA SER A 581 6.19 -55.67 -18.53
C SER A 581 5.61 -57.07 -18.74
N LEU A 582 5.10 -57.68 -17.67
CA LEU A 582 4.53 -59.01 -17.78
C LEU A 582 3.29 -59.02 -18.66
N LEU A 583 2.48 -57.97 -18.59
CA LEU A 583 1.31 -57.87 -19.44
C LEU A 583 1.70 -57.75 -20.91
N ARG A 584 2.75 -56.96 -21.19
CA ARG A 584 3.25 -56.87 -22.57
C ARG A 584 3.66 -58.24 -23.08
N THR A 585 4.44 -58.96 -22.28
CA THR A 585 4.90 -60.29 -22.70
C THR A 585 3.72 -61.24 -22.89
N VAL A 586 2.75 -61.20 -21.97
CA VAL A 586 1.61 -62.11 -22.03
C VAL A 586 0.77 -61.84 -23.26
N GLU A 587 0.49 -60.57 -23.55
CA GLU A 587 -0.32 -60.25 -24.72
C GLU A 587 0.40 -60.63 -26.01
N TYR A 588 1.72 -60.40 -26.08
CA TYR A 588 2.46 -60.82 -27.27
C TYR A 588 2.40 -62.34 -27.44
N LEU A 589 2.58 -63.08 -26.35
CA LEU A 589 2.54 -64.54 -26.43
C LEU A 589 1.15 -65.03 -26.85
N GLY A 590 0.09 -64.40 -26.31
CA GLY A 590 -1.25 -64.79 -26.70
C GLY A 590 -1.54 -64.50 -28.15
N ALA A 591 -1.12 -63.34 -28.65
CA ALA A 591 -1.31 -63.02 -30.06
C ALA A 591 -0.55 -64.00 -30.95
N ALA A 592 0.66 -64.38 -30.54
CA ALA A 592 1.42 -65.36 -31.31
C ALA A 592 0.74 -66.72 -31.30
N ALA A 593 0.20 -67.13 -30.15
CA ALA A 593 -0.40 -68.45 -30.03
C ALA A 593 -1.71 -68.55 -30.82
N VAL A 594 -2.51 -67.48 -30.81
CA VAL A 594 -3.79 -67.51 -31.52
C VAL A 594 -3.57 -67.70 -33.01
N LEU A 595 -2.59 -66.99 -33.57
CA LEU A 595 -2.33 -67.08 -35.01
C LEU A 595 -1.73 -68.42 -35.42
N SER A 596 -1.27 -69.23 -34.47
CA SER A 596 -0.69 -70.53 -34.77
C SER A 596 -1.62 -71.70 -34.50
N ASP A 597 -2.32 -71.68 -33.38
CA ASP A 597 -3.25 -72.77 -33.02
C ASP A 597 -4.68 -72.27 -33.05
N PRO A 598 -5.48 -72.65 -34.05
CA PRO A 598 -6.89 -72.21 -34.07
C PRO A 598 -7.69 -72.71 -32.87
N GLU A 599 -7.31 -73.83 -32.28
CA GLU A 599 -8.07 -74.38 -31.16
C GLU A 599 -7.87 -73.60 -29.87
N TYR A 600 -6.80 -72.82 -29.77
CA TYR A 600 -6.53 -72.08 -28.55
C TYR A 600 -7.57 -70.99 -28.33
N VAL A 601 -7.94 -70.78 -27.06
CA VAL A 601 -8.94 -69.81 -26.68
C VAL A 601 -8.26 -68.71 -25.87
N TYR A 602 -8.41 -67.47 -26.32
CA TYR A 602 -7.78 -66.33 -25.65
C TYR A 602 -8.54 -65.98 -24.39
N PRO A 603 -7.89 -65.95 -23.22
CA PRO A 603 -8.58 -65.58 -21.97
C PRO A 603 -8.79 -64.07 -21.86
N ARG A 604 -9.85 -63.60 -22.53
CA ARG A 604 -10.10 -62.17 -22.59
C ARG A 604 -10.64 -61.63 -21.27
N GLU A 605 -11.51 -62.39 -20.60
CA GLU A 605 -12.15 -61.89 -19.39
C GLU A 605 -11.16 -61.74 -18.24
N GLU A 606 -10.33 -62.76 -18.02
CA GLU A 606 -9.35 -62.67 -16.93
C GLU A 606 -8.33 -61.56 -17.19
N LEU A 607 -7.88 -61.44 -18.43
CA LEU A 607 -6.94 -60.37 -18.76
C LEU A 607 -7.58 -59.00 -18.58
N ASP A 608 -8.85 -58.87 -18.94
CA ASP A 608 -9.55 -57.61 -18.74
C ASP A 608 -9.66 -57.28 -17.26
N ARG A 609 -9.97 -58.27 -16.43
CA ARG A 609 -10.06 -58.03 -14.99
C ARG A 609 -8.71 -57.61 -14.43
N ILE A 610 -7.62 -58.26 -14.86
CA ILE A 610 -6.29 -57.90 -14.38
C ILE A 610 -5.93 -56.49 -14.82
N TRP A 611 -6.25 -56.15 -16.08
CA TRP A 611 -5.99 -54.81 -16.57
C TRP A 611 -6.74 -53.77 -15.77
N LYS A 612 -8.02 -54.04 -15.48
CA LYS A 612 -8.82 -53.07 -14.72
C LYS A 612 -8.29 -52.92 -13.30
N THR A 613 -7.87 -54.03 -12.67
CA THR A 613 -7.29 -53.93 -11.34
C THR A 613 -6.04 -53.07 -11.35
N LEU A 614 -5.16 -53.28 -12.33
CA LEU A 614 -3.95 -52.46 -12.42
C LEU A 614 -4.30 -50.99 -12.67
N LEU A 615 -5.26 -50.74 -13.55
CA LEU A 615 -5.64 -49.37 -13.87
C LEU A 615 -6.19 -48.66 -12.63
N LEU A 616 -7.01 -49.36 -11.84
CA LEU A 616 -7.49 -48.80 -10.58
C LEU A 616 -6.33 -48.55 -9.63
N ASN A 617 -5.37 -49.47 -9.56
CA ASN A 617 -4.21 -49.28 -8.71
C ASN A 617 -3.32 -48.14 -9.18
N GLN A 618 -3.51 -47.66 -10.41
CA GLN A 618 -2.72 -46.55 -10.94
C GLN A 618 -3.32 -45.18 -10.61
N PHE A 619 -4.09 -45.08 -9.52
CA PHE A 619 -4.71 -43.82 -9.14
C PHE A 619 -3.66 -42.80 -8.72
N HIS A 620 -4.08 -41.54 -8.58
CA HIS A 620 -3.16 -40.47 -8.24
C HIS A 620 -2.86 -40.37 -6.74
N ASP A 621 -3.36 -41.31 -5.95
CA ASP A 621 -2.99 -41.41 -4.54
C ASP A 621 -2.38 -42.75 -4.16
N ILE A 622 -2.64 -43.81 -4.91
CA ILE A 622 -2.06 -45.12 -4.61
C ILE A 622 -0.68 -45.26 -5.23
N LEU A 623 -0.57 -44.96 -6.52
CA LEU A 623 0.74 -45.05 -7.19
C LEU A 623 1.77 -44.11 -6.59
N PRO A 624 1.48 -42.82 -6.33
CA PRO A 624 2.47 -41.99 -5.63
C PRO A 624 2.81 -42.52 -4.24
N GLY A 625 1.86 -43.14 -3.56
CA GLY A 625 2.12 -43.71 -2.26
C GLY A 625 1.85 -42.77 -1.10
N SER A 626 0.69 -42.11 -1.09
CA SER A 626 0.34 -41.14 -0.06
C SER A 626 -1.04 -41.44 0.49
N ALA A 627 -1.30 -42.71 0.80
CA ALA A 627 -2.55 -43.15 1.40
C ALA A 627 -2.25 -43.88 2.71
N ILE A 628 -3.31 -44.38 3.35
CA ILE A 628 -3.18 -45.07 4.63
C ILE A 628 -2.61 -46.47 4.41
N ALA A 629 -2.24 -47.14 5.49
CA ALA A 629 -1.61 -48.47 5.38
C ALA A 629 -2.57 -49.50 4.80
N TRP A 630 -3.87 -49.36 5.05
CA TRP A 630 -4.84 -50.32 4.54
C TRP A 630 -4.85 -50.32 3.01
N VAL A 631 -4.84 -49.13 2.40
CA VAL A 631 -4.89 -49.03 0.95
C VAL A 631 -3.65 -49.69 0.34
N HIS A 632 -2.48 -49.41 0.90
CA HIS A 632 -1.25 -49.95 0.34
C HIS A 632 -1.13 -51.45 0.59
N ARG A 633 -1.64 -51.95 1.71
CA ARG A 633 -1.67 -53.39 1.92
C ARG A 633 -2.55 -54.09 0.89
N GLU A 634 -3.73 -53.53 0.63
CA GLU A 634 -4.60 -54.10 -0.38
C GLU A 634 -3.95 -54.04 -1.76
N ALA A 635 -3.28 -52.92 -2.07
CA ALA A 635 -2.61 -52.79 -3.36
C ALA A 635 -1.48 -53.80 -3.50
N ARG A 636 -0.71 -54.04 -2.43
CA ARG A 636 0.35 -55.02 -2.48
C ARG A 636 -0.20 -56.43 -2.69
N GLU A 637 -1.29 -56.77 -2.00
CA GLU A 637 -1.91 -58.07 -2.21
C GLU A 637 -2.39 -58.23 -3.64
N ASP A 638 -3.04 -57.19 -4.19
CA ASP A 638 -3.49 -57.24 -5.57
C ASP A 638 -2.32 -57.41 -6.54
N TYR A 639 -1.24 -56.68 -6.30
CA TYR A 639 -0.06 -56.77 -7.17
C TYR A 639 0.51 -58.17 -7.16
N ARG A 640 0.67 -58.75 -5.96
CA ARG A 640 1.23 -60.10 -5.87
C ARG A 640 0.35 -61.13 -6.56
N ARG A 641 -0.97 -61.07 -6.29
CA ARG A 641 -1.87 -62.04 -6.90
C ARG A 641 -1.90 -61.91 -8.42
N ASP A 642 -1.96 -60.67 -8.92
CA ASP A 642 -1.99 -60.46 -10.37
C ASP A 642 -0.69 -60.90 -11.02
N LEU A 643 0.45 -60.64 -10.37
CA LEU A 643 1.72 -61.07 -10.94
C LEU A 643 1.81 -62.59 -11.01
N LYS A 644 1.37 -63.29 -9.97
CA LYS A 644 1.39 -64.75 -10.00
C LYS A 644 0.46 -65.29 -11.07
N ARG A 645 -0.74 -64.72 -11.18
CA ARG A 645 -1.68 -65.18 -12.20
C ARG A 645 -1.15 -64.93 -13.60
N LEU A 646 -0.55 -63.76 -13.83
CA LEU A 646 0.01 -63.46 -15.14
C LEU A 646 1.17 -64.39 -15.48
N ALA A 647 1.99 -64.73 -14.49
CA ALA A 647 3.06 -65.69 -14.72
C ALA A 647 2.50 -67.05 -15.12
N GLU A 648 1.44 -67.50 -14.44
CA GLU A 648 0.84 -68.79 -14.80
C GLU A 648 0.25 -68.74 -16.21
N ILE A 649 -0.41 -67.63 -16.56
CA ILE A 649 -0.99 -67.50 -17.89
C ILE A 649 0.10 -67.51 -18.96
N ALA A 650 1.20 -66.80 -18.70
CA ALA A 650 2.31 -66.80 -19.64
C ALA A 650 2.92 -68.20 -19.78
N GLN A 651 3.01 -68.94 -18.68
CA GLN A 651 3.52 -70.30 -18.76
C GLN A 651 2.61 -71.18 -19.62
N ASP A 652 1.30 -71.03 -19.46
CA ASP A 652 0.36 -71.80 -20.28
C ASP A 652 0.50 -71.46 -21.76
N MET A 653 0.60 -70.16 -22.07
CA MET A 653 0.76 -69.75 -23.47
C MET A 653 2.07 -70.26 -24.05
N CYS A 654 3.15 -70.23 -23.24
CA CYS A 654 4.43 -70.74 -23.70
C CYS A 654 4.36 -72.24 -23.97
N ALA A 655 3.65 -72.98 -23.11
CA ALA A 655 3.48 -74.41 -23.34
C ALA A 655 2.72 -74.67 -24.64
N VAL A 656 1.67 -73.90 -24.89
CA VAL A 656 0.91 -74.06 -26.13
C VAL A 656 1.80 -73.76 -27.34
N LEU A 657 2.58 -72.69 -27.27
CA LEU A 657 3.46 -72.34 -28.38
C LEU A 657 4.51 -73.42 -28.61
N ARG A 658 5.07 -73.98 -27.54
CA ARG A 658 6.03 -75.06 -27.69
C ARG A 658 5.38 -76.28 -28.33
N LYS A 659 4.14 -76.59 -27.94
CA LYS A 659 3.44 -77.70 -28.55
C LYS A 659 3.20 -77.47 -30.04
N ALA A 660 2.88 -76.24 -30.42
CA ALA A 660 2.59 -75.93 -31.82
C ALA A 660 3.84 -75.76 -32.67
N ASN A 661 5.02 -75.65 -32.07
CA ASN A 661 6.27 -75.43 -32.79
C ASN A 661 7.30 -76.47 -32.35
N PRO A 662 7.27 -77.67 -32.94
CA PRO A 662 8.23 -78.70 -32.53
C PRO A 662 9.60 -78.54 -33.17
N GLN A 663 9.72 -77.78 -34.25
CA GLN A 663 11.00 -77.65 -34.94
C GLN A 663 11.97 -76.73 -34.20
N ALA A 664 11.46 -75.74 -33.47
CA ALA A 664 12.33 -74.78 -32.80
C ALA A 664 13.04 -75.42 -31.62
N ASP A 665 14.12 -74.77 -31.18
CA ASP A 665 14.91 -75.23 -30.05
C ASP A 665 14.45 -74.54 -28.78
N LEU A 666 14.33 -75.32 -27.71
CA LEU A 666 13.89 -74.78 -26.43
C LEU A 666 15.00 -73.96 -25.78
N LEU A 667 14.59 -72.91 -25.07
CA LEU A 667 15.50 -72.05 -24.31
C LEU A 667 15.17 -72.22 -22.84
N ALA A 668 16.11 -72.79 -22.08
CA ALA A 668 15.85 -73.07 -20.67
C ALA A 668 15.60 -71.80 -19.88
N GLU A 669 16.39 -70.76 -20.13
CA GLU A 669 16.25 -69.48 -19.45
C GLU A 669 16.38 -68.39 -20.50
N ALA A 670 15.28 -67.70 -20.80
CA ALA A 670 15.29 -66.71 -21.86
C ALA A 670 14.38 -65.55 -21.51
N ARG A 671 14.63 -64.42 -22.16
CA ARG A 671 13.82 -63.22 -22.02
C ARG A 671 13.47 -62.68 -23.40
N ILE A 672 12.32 -62.02 -23.48
CA ILE A 672 11.85 -61.35 -24.69
C ILE A 672 11.72 -59.87 -24.35
N SER A 673 12.55 -59.04 -24.97
CA SER A 673 12.58 -57.61 -24.70
C SER A 673 12.47 -56.85 -26.00
N GLN A 674 11.54 -55.90 -26.06
CA GLN A 674 11.33 -55.14 -27.28
C GLN A 674 12.56 -54.28 -27.58
N PHE A 675 12.83 -54.11 -28.89
CA PHE A 675 13.96 -53.34 -29.39
C PHE A 675 15.28 -53.85 -28.80
N ARG A 676 15.62 -55.07 -29.16
CA ARG A 676 16.94 -55.61 -28.91
C ARG A 676 17.83 -55.25 -30.09
N ASN A 677 19.07 -54.87 -29.79
CA ASN A 677 19.98 -54.38 -30.82
C ASN A 677 20.36 -55.50 -31.79
N ASP A 678 21.07 -55.10 -32.85
CA ASP A 678 21.53 -56.01 -33.90
C ASP A 678 20.36 -56.65 -34.65
N GLY A 679 19.24 -55.95 -34.73
CA GLY A 679 18.10 -56.44 -35.51
C GLY A 679 17.51 -57.74 -35.02
N ALA A 680 17.44 -57.92 -33.71
CA ALA A 680 16.87 -59.12 -33.09
C ALA A 680 15.92 -58.72 -31.97
N SER A 681 15.03 -57.77 -32.27
CA SER A 681 14.22 -57.12 -31.27
C SER A 681 13.32 -58.08 -30.49
N TRP A 682 12.34 -58.69 -31.17
CA TRP A 682 11.35 -59.51 -30.50
C TRP A 682 11.72 -60.98 -30.46
N HIS A 683 13.01 -61.30 -30.47
CA HIS A 683 13.48 -62.67 -30.34
C HIS A 683 13.78 -62.98 -28.88
N ALA A 684 13.51 -64.21 -28.48
CA ALA A 684 13.83 -64.67 -27.14
C ALA A 684 15.32 -64.99 -27.07
N ASN A 685 16.01 -64.39 -26.11
CA ASN A 685 17.44 -64.58 -25.97
C ASN A 685 17.77 -65.13 -24.59
N ARG A 686 18.80 -65.97 -24.52
CA ARG A 686 19.18 -66.61 -23.27
C ARG A 686 19.81 -65.59 -22.32
N ILE A 687 19.79 -65.93 -21.03
CA ILE A 687 20.46 -65.11 -20.03
C ILE A 687 21.97 -65.19 -20.20
N ASN A 688 22.50 -66.39 -20.36
CA ASN A 688 23.94 -66.62 -20.47
C ASN A 688 24.28 -67.22 -21.84
N GLU A 689 24.43 -66.36 -22.84
CA GLU A 689 24.82 -66.84 -24.16
C GLU A 689 26.35 -66.84 -24.29
N PRO A 690 26.91 -67.87 -24.92
CA PRO A 690 28.37 -67.96 -25.03
C PRO A 690 28.94 -66.79 -25.82
N THR A 691 30.12 -66.33 -25.39
CA THR A 691 30.78 -65.18 -25.99
C THR A 691 32.19 -65.56 -26.39
N ASP A 692 32.68 -64.92 -27.46
CA ASP A 692 34.06 -65.14 -27.89
C ASP A 692 35.07 -64.57 -26.90
N ALA A 693 34.67 -63.54 -26.15
CA ALA A 693 35.56 -62.93 -25.17
C ALA A 693 35.87 -63.90 -24.05
N LEU A 694 37.10 -63.81 -23.53
CA LEU A 694 37.56 -64.70 -22.48
C LEU A 694 36.93 -64.31 -21.15
N SER A 695 37.08 -65.19 -20.17
CA SER A 695 36.55 -64.94 -18.83
C SER A 695 37.25 -63.73 -18.21
N VAL A 696 36.47 -62.94 -17.46
CA VAL A 696 37.03 -61.76 -16.83
C VAL A 696 38.00 -62.16 -15.73
N LEU A 697 39.10 -61.43 -15.63
CA LEU A 697 40.13 -61.71 -14.63
C LEU A 697 39.88 -60.91 -13.36
N THR A 698 40.35 -61.46 -12.24
CA THR A 698 40.25 -60.82 -10.95
C THR A 698 41.63 -60.76 -10.31
N GLN A 699 41.84 -59.75 -9.49
CA GLN A 699 43.15 -59.54 -8.86
C GLN A 699 42.95 -58.80 -7.55
N THR A 700 43.76 -59.14 -6.55
CA THR A 700 43.73 -58.51 -5.24
C THR A 700 44.96 -57.62 -5.10
N LEU A 701 44.73 -56.37 -4.70
CA LEU A 701 45.81 -55.40 -4.59
C LEU A 701 46.41 -55.45 -3.18
N ASP A 702 47.28 -54.48 -2.86
CA ASP A 702 47.99 -54.51 -1.60
C ASP A 702 47.08 -54.19 -0.42
N ASN A 703 46.24 -53.16 -0.55
CA ASN A 703 45.42 -52.67 0.54
C ASN A 703 43.97 -53.14 0.44
N GLY A 704 43.77 -54.36 -0.04
CA GLY A 704 42.44 -54.91 -0.19
C GLY A 704 41.66 -54.43 -1.39
N ARG A 705 42.28 -53.61 -2.24
CA ARG A 705 41.60 -53.12 -3.43
C ARG A 705 41.44 -54.23 -4.45
N VAL A 706 40.30 -54.26 -5.12
CA VAL A 706 39.95 -55.32 -6.06
C VAL A 706 39.96 -54.75 -7.47
N LEU A 707 40.67 -55.42 -8.38
CA LEU A 707 40.79 -54.99 -9.76
C LEU A 707 40.11 -56.02 -10.66
N LEU A 708 39.17 -55.57 -11.48
CA LEU A 708 38.46 -56.43 -12.42
C LEU A 708 38.71 -55.89 -13.82
N ALA A 709 39.09 -56.77 -14.74
CA ALA A 709 39.48 -56.36 -16.09
C ALA A 709 38.99 -57.38 -17.10
N ASN A 710 37.93 -57.04 -17.84
CA ASN A 710 37.56 -57.77 -19.04
C ASN A 710 38.25 -57.10 -20.23
N GLY A 711 37.84 -57.46 -21.45
CA GLY A 711 38.47 -56.90 -22.62
C GLY A 711 38.15 -55.45 -22.90
N VAL A 712 37.14 -54.88 -22.24
CA VAL A 712 36.69 -53.53 -22.58
C VAL A 712 36.62 -52.60 -21.37
N LEU A 713 36.62 -53.08 -20.14
CA LEU A 713 36.46 -52.21 -18.98
C LEU A 713 37.47 -52.58 -17.90
N SER A 714 37.80 -51.61 -17.06
CA SER A 714 38.66 -51.82 -15.90
C SER A 714 38.02 -51.16 -14.69
N VAL A 715 37.66 -51.97 -13.69
CA VAL A 715 36.95 -51.50 -12.52
C VAL A 715 37.83 -51.72 -11.29
N THR A 716 37.99 -50.68 -10.48
CA THR A 716 38.77 -50.75 -9.25
C THR A 716 37.86 -50.44 -8.07
N ILE A 717 37.86 -51.34 -7.09
CA ILE A 717 37.00 -51.22 -5.92
C ILE A 717 37.88 -51.05 -4.69
N GLU A 718 37.58 -50.03 -3.88
CA GLU A 718 38.34 -49.76 -2.68
C GLU A 718 37.95 -50.73 -1.57
N ALA A 719 38.59 -50.60 -0.41
CA ALA A 719 38.32 -51.47 0.71
C ALA A 719 36.92 -51.26 1.28
N ASP A 720 36.30 -50.12 1.02
CA ASP A 720 34.96 -49.82 1.51
C ASP A 720 33.87 -50.25 0.54
N GLY A 721 34.22 -50.89 -0.57
CA GLY A 721 33.23 -51.36 -1.52
C GLY A 721 32.68 -50.32 -2.46
N THR A 722 33.40 -49.22 -2.67
CA THR A 722 32.97 -48.17 -3.57
C THR A 722 33.93 -48.08 -4.75
N ILE A 723 33.37 -47.90 -5.95
CA ILE A 723 34.18 -47.82 -7.15
C ILE A 723 34.92 -46.49 -7.17
N SER A 724 36.24 -46.54 -7.41
CA SER A 724 37.05 -45.34 -7.53
C SER A 724 37.66 -45.15 -8.90
N SER A 725 37.70 -46.19 -9.74
CA SER A 725 38.28 -46.08 -11.07
C SER A 725 37.47 -46.97 -12.02
N LEU A 726 36.85 -46.35 -13.02
CA LEU A 726 36.07 -47.05 -14.03
C LEU A 726 36.61 -46.60 -15.40
N LEU A 727 37.58 -47.34 -15.92
CA LEU A 727 38.28 -46.97 -17.13
C LEU A 727 37.69 -47.73 -18.32
N ASP A 728 37.40 -47.01 -19.40
CA ASP A 728 36.86 -47.60 -20.62
C ASP A 728 38.00 -47.79 -21.60
N GLU A 729 38.16 -49.01 -22.10
CA GLU A 729 39.24 -49.32 -23.02
C GLU A 729 38.93 -48.77 -24.41
N GLU A 730 39.95 -48.76 -25.26
CA GLU A 730 39.89 -48.34 -26.66
C GLU A 730 39.29 -46.94 -26.82
N HIS A 731 39.19 -46.19 -25.73
CA HIS A 731 38.74 -44.80 -25.79
C HIS A 731 39.59 -43.85 -24.95
N GLY A 732 40.32 -44.33 -23.96
CA GLY A 732 41.10 -43.47 -23.10
C GLY A 732 40.27 -42.52 -22.27
N ARG A 733 39.13 -42.99 -21.77
CA ARG A 733 38.22 -42.16 -20.99
C ARG A 733 38.08 -42.74 -19.59
N GLU A 734 38.19 -41.88 -18.58
CA GLU A 734 37.96 -42.25 -17.20
C GLU A 734 36.56 -41.81 -16.79
N LEU A 735 35.73 -42.76 -16.39
CA LEU A 735 34.33 -42.49 -16.10
C LEU A 735 34.07 -42.03 -14.67
N VAL A 736 35.08 -42.04 -13.81
CA VAL A 736 34.95 -41.60 -12.43
C VAL A 736 35.91 -40.44 -12.20
N PRO A 737 35.42 -39.26 -11.82
CA PRO A 737 36.34 -38.16 -11.52
C PRO A 737 37.21 -38.48 -10.31
N ALA A 738 38.42 -37.93 -10.33
CA ALA A 738 39.33 -38.11 -9.20
C ALA A 738 38.77 -37.43 -7.96
N GLY A 739 38.87 -38.12 -6.82
CA GLY A 739 38.36 -37.61 -5.57
C GLY A 739 36.92 -37.94 -5.29
N THR A 740 36.24 -38.68 -6.17
CA THR A 740 34.85 -39.08 -5.98
C THR A 740 34.75 -40.60 -5.98
N ARG A 741 33.78 -41.11 -5.23
CA ARG A 741 33.54 -42.54 -5.11
C ARG A 741 32.19 -42.90 -5.71
N LEU A 742 32.17 -43.94 -6.52
CA LEU A 742 30.96 -44.41 -7.18
C LEU A 742 30.32 -45.53 -6.38
N GLY A 743 29.00 -45.51 -6.29
CA GLY A 743 28.28 -46.50 -5.52
C GLY A 743 28.16 -46.21 -4.04
N GLN A 744 28.55 -45.02 -3.60
CA GLN A 744 28.45 -44.65 -2.20
C GLN A 744 27.00 -44.36 -1.83
N TYR A 745 26.61 -44.80 -0.63
CA TYR A 745 25.26 -44.61 -0.14
C TYR A 745 25.20 -43.40 0.78
N GLU A 746 24.16 -42.59 0.61
CA GLU A 746 23.97 -41.35 1.36
C GLU A 746 22.65 -41.42 2.11
N LEU A 747 22.66 -40.93 3.34
CA LEU A 747 21.48 -40.85 4.19
C LEU A 747 21.18 -39.39 4.48
N LEU A 748 19.92 -39.00 4.29
CA LEU A 748 19.47 -37.63 4.46
C LEU A 748 18.38 -37.58 5.51
N ARG A 749 18.30 -36.46 6.23
CA ARG A 749 17.26 -36.25 7.23
C ARG A 749 16.07 -35.61 6.56
N ASP A 750 14.97 -36.35 6.48
CA ASP A 750 13.74 -35.91 5.79
C ASP A 750 12.69 -35.61 6.85
N GLU A 751 12.55 -34.33 7.20
CA GLU A 751 11.56 -33.87 8.18
C GLU A 751 10.82 -32.68 7.60
N PRO A 752 9.96 -32.90 6.61
CA PRO A 752 9.27 -31.78 5.97
C PRO A 752 8.23 -31.16 6.88
N ALA A 753 7.96 -29.87 6.66
CA ALA A 753 6.99 -29.17 7.47
C ALA A 753 5.56 -29.56 7.13
N VAL A 754 5.28 -29.76 5.85
CA VAL A 754 3.93 -30.09 5.39
C VAL A 754 4.01 -31.25 4.40
N TRP A 755 2.96 -32.09 4.42
CA TRP A 755 2.81 -33.20 3.48
C TRP A 755 4.02 -34.14 3.54
N ASP A 756 4.14 -34.81 4.69
CA ASP A 756 5.33 -35.61 4.99
C ASP A 756 5.61 -36.64 3.90
N ALA A 757 4.61 -37.41 3.50
CA ALA A 757 4.82 -38.41 2.46
C ALA A 757 5.01 -37.78 1.09
N TRP A 758 4.35 -36.64 0.85
CA TRP A 758 4.42 -36.02 -0.47
C TRP A 758 5.78 -35.35 -0.70
N GLU A 759 6.29 -34.65 0.30
CA GLU A 759 7.33 -33.65 0.09
C GLU A 759 8.71 -34.15 0.48
N ILE A 760 9.70 -33.80 -0.35
CA ILE A 760 11.11 -33.82 0.02
C ILE A 760 11.64 -32.41 -0.17
N GLU A 761 12.23 -31.86 0.87
CA GLU A 761 12.57 -30.44 0.91
C GLU A 761 13.99 -30.19 0.44
N ARG A 762 14.25 -28.93 0.07
CA ARG A 762 15.60 -28.53 -0.33
C ARG A 762 16.56 -28.64 0.83
N GLU A 763 16.11 -28.30 2.04
CA GLU A 763 16.96 -28.37 3.22
C GLU A 763 17.43 -29.78 3.51
N SER A 764 16.71 -30.80 3.02
CA SER A 764 17.14 -32.18 3.22
C SER A 764 18.47 -32.45 2.53
N LEU A 765 18.66 -31.87 1.35
CA LEU A 765 19.92 -32.04 0.62
C LEU A 765 21.03 -31.26 1.32
N LEU A 766 22.25 -31.42 0.80
CA LEU A 766 23.47 -30.76 1.26
C LEU A 766 23.89 -31.18 2.66
N MET A 767 23.21 -32.15 3.28
CA MET A 767 23.59 -32.65 4.59
C MET A 767 23.54 -34.17 4.64
N ALA A 768 23.76 -34.82 3.50
CA ALA A 768 23.79 -36.27 3.47
C ALA A 768 25.00 -36.81 4.20
N ASN A 769 24.80 -37.88 4.96
CA ASN A 769 25.86 -38.50 5.75
C ASN A 769 26.32 -39.79 5.08
N ALA A 770 27.62 -39.90 4.85
CA ALA A 770 28.17 -41.08 4.19
C ALA A 770 28.06 -42.30 5.10
N VAL A 771 27.71 -43.44 4.49
CA VAL A 771 27.63 -44.72 5.19
C VAL A 771 28.65 -45.65 4.55
N THR A 772 29.56 -46.17 5.37
CA THR A 772 30.67 -46.96 4.88
C THR A 772 30.38 -48.45 5.02
N GLY A 773 31.00 -49.25 4.15
CA GLY A 773 30.87 -50.69 4.19
C GLY A 773 32.18 -51.39 4.01
N SER A 774 32.15 -52.64 3.55
CA SER A 774 33.37 -53.40 3.34
C SER A 774 33.09 -54.52 2.34
N ILE A 775 34.16 -55.04 1.75
CA ILE A 775 34.08 -56.14 0.80
C ILE A 775 34.08 -57.45 1.57
N GLU A 776 33.14 -58.34 1.23
CA GLU A 776 33.01 -59.63 1.90
C GLU A 776 33.55 -60.79 1.07
N SER A 777 33.24 -60.86 -0.23
CA SER A 777 33.67 -61.98 -1.04
C SER A 777 33.77 -61.57 -2.49
N VAL A 778 34.59 -62.32 -3.23
CA VAL A 778 34.73 -62.18 -4.68
C VAL A 778 34.59 -63.57 -5.29
N ASN A 779 33.74 -63.68 -6.31
CA ASN A 779 33.42 -64.98 -6.91
C ASN A 779 33.37 -64.85 -8.43
N THR A 780 33.47 -66.01 -9.09
CA THR A 780 33.37 -66.11 -10.55
C THR A 780 32.51 -67.33 -10.86
N GLU A 781 31.23 -67.10 -11.15
CA GLU A 781 30.29 -68.21 -11.33
C GLU A 781 30.37 -68.78 -12.74
N ASN A 782 30.04 -67.98 -13.74
CA ASN A 782 30.03 -68.41 -15.14
C ASN A 782 30.89 -67.49 -15.98
N GLY A 783 32.09 -67.17 -15.49
CA GLY A 783 32.95 -66.23 -16.17
C GLY A 783 32.68 -64.78 -15.88
N ALA A 784 31.70 -64.47 -15.03
CA ALA A 784 31.36 -63.11 -14.66
C ALA A 784 31.76 -62.87 -13.22
N ALA A 785 32.53 -61.80 -12.99
CA ALA A 785 33.02 -61.51 -11.66
C ALA A 785 31.92 -60.86 -10.82
N GLN A 786 31.79 -61.32 -9.57
CA GLN A 786 30.81 -60.79 -8.63
C GLN A 786 31.52 -60.42 -7.34
N VAL A 787 31.23 -59.22 -6.84
CA VAL A 787 31.82 -58.72 -5.60
C VAL A 787 30.68 -58.42 -4.62
N HIS A 788 30.81 -58.92 -3.40
CA HIS A 788 29.79 -58.76 -2.36
C HIS A 788 30.25 -57.69 -1.37
N VAL A 789 29.35 -56.75 -1.08
CA VAL A 789 29.63 -55.64 -0.17
C VAL A 789 28.52 -55.56 0.86
N HIS A 790 28.90 -55.45 2.13
CA HIS A 790 27.95 -55.29 3.22
C HIS A 790 28.06 -53.87 3.78
N THR A 791 26.93 -53.20 3.93
CA THR A 791 26.86 -51.86 4.50
C THR A 791 25.88 -51.88 5.66
N ALA A 792 26.30 -51.34 6.81
CA ALA A 792 25.51 -51.40 8.02
C ALA A 792 25.37 -50.01 8.62
N ASP A 793 24.21 -49.78 9.24
CA ASP A 793 23.93 -48.53 9.93
C ASP A 793 23.32 -48.73 11.30
N GLY A 794 22.86 -49.94 11.62
CA GLY A 794 22.12 -50.19 12.84
C GLY A 794 20.70 -50.59 12.53
N ASP A 795 20.41 -51.88 12.58
CA ASP A 795 19.14 -52.48 12.19
C ASP A 795 18.81 -52.29 10.72
N THR A 796 19.73 -51.74 9.94
CA THR A 796 19.55 -51.53 8.51
C THR A 796 20.78 -52.08 7.79
N VAL A 797 20.57 -53.09 6.95
CA VAL A 797 21.65 -53.80 6.28
C VAL A 797 21.42 -53.72 4.77
N ILE A 798 22.47 -53.36 4.04
CA ILE A 798 22.45 -53.33 2.58
C ILE A 798 23.49 -54.31 2.07
N THR A 799 23.05 -55.28 1.28
CA THR A 799 23.94 -56.23 0.64
C THR A 799 23.96 -55.93 -0.85
N THR A 800 25.14 -55.60 -1.38
CA THR A 800 25.28 -55.17 -2.76
C THR A 800 26.17 -56.15 -3.51
N THR A 801 25.70 -56.59 -4.67
CA THR A 801 26.48 -57.41 -5.59
C THR A 801 26.84 -56.58 -6.80
N ILE A 802 28.14 -56.42 -7.04
CA ILE A 802 28.67 -55.70 -8.19
C ILE A 802 29.14 -56.74 -9.19
N THR A 803 28.57 -56.71 -10.40
CA THR A 803 28.77 -57.75 -11.39
C THR A 803 29.42 -57.17 -12.63
N LEU A 804 30.45 -57.84 -13.13
CA LEU A 804 31.06 -57.55 -14.41
C LEU A 804 30.99 -58.79 -15.28
N ARG A 805 30.42 -58.64 -16.48
CA ARG A 805 30.19 -59.75 -17.39
C ARG A 805 31.12 -59.63 -18.59
N PRO A 806 31.76 -60.71 -19.02
CA PRO A 806 32.66 -60.62 -20.18
C PRO A 806 31.92 -60.23 -21.44
N GLY A 807 32.60 -59.47 -22.29
CA GLY A 807 32.04 -59.09 -23.58
C GLY A 807 30.96 -58.02 -23.53
N SER A 808 30.78 -57.36 -22.40
CA SER A 808 29.73 -56.36 -22.24
C SER A 808 30.33 -55.04 -21.78
N HIS A 809 29.65 -53.95 -22.14
CA HIS A 809 30.05 -52.61 -21.74
C HIS A 809 29.32 -52.12 -20.50
N THR A 810 28.56 -52.98 -19.84
CA THR A 810 27.72 -52.59 -18.72
C THR A 810 28.27 -53.17 -17.42
N LEU A 811 28.20 -52.38 -16.35
CA LEU A 811 28.56 -52.81 -15.01
C LEU A 811 27.28 -52.84 -14.18
N ASP A 812 26.98 -54.00 -13.57
CA ASP A 812 25.70 -54.23 -12.95
C ASP A 812 25.78 -54.12 -11.43
N PHE A 813 24.70 -53.63 -10.82
CA PHE A 813 24.58 -53.53 -9.38
C PHE A 813 23.24 -54.09 -8.95
N HIS A 814 23.26 -55.00 -7.98
CA HIS A 814 22.06 -55.52 -7.35
C HIS A 814 22.13 -55.23 -5.86
N ALA A 815 21.01 -54.82 -5.26
CA ALA A 815 20.99 -54.40 -3.88
C ALA A 815 19.81 -55.01 -3.15
N ASP A 816 20.08 -55.56 -1.97
CA ASP A 816 19.03 -56.03 -1.05
C ASP A 816 19.13 -55.20 0.22
N ILE A 817 18.05 -54.51 0.56
CA ILE A 817 18.05 -53.55 1.65
C ILE A 817 17.02 -53.96 2.69
N ASP A 818 17.43 -53.99 3.95
CA ASP A 818 16.53 -54.24 5.08
C ASP A 818 16.24 -52.90 5.74
N TRP A 819 15.28 -52.17 5.18
CA TRP A 819 14.98 -50.82 5.65
C TRP A 819 14.30 -50.87 7.01
N HIS A 820 14.89 -50.17 7.99
CA HIS A 820 14.32 -50.05 9.32
C HIS A 820 14.49 -48.63 9.88
N GLU A 821 14.79 -47.65 9.04
CA GLU A 821 15.05 -46.30 9.48
C GLU A 821 13.73 -45.57 9.78
N ARG A 822 13.85 -44.30 10.16
CA ARG A 822 12.69 -43.48 10.47
C ARG A 822 12.99 -42.05 10.06
N GLU A 823 12.16 -41.50 9.17
CA GLU A 823 12.33 -40.13 8.67
C GLU A 823 13.72 -39.92 8.06
N ARG A 824 14.12 -40.86 7.21
CA ARG A 824 15.41 -40.79 6.53
C ARG A 824 15.22 -41.09 5.05
N PHE A 825 16.13 -40.56 4.23
CA PHE A 825 16.10 -40.73 2.79
C PHE A 825 17.40 -41.39 2.36
N LEU A 826 17.29 -42.41 1.52
CA LEU A 826 18.45 -43.18 1.05
C LEU A 826 18.71 -42.86 -0.42
N LYS A 827 19.98 -42.59 -0.74
CA LYS A 827 20.37 -42.31 -2.11
C LYS A 827 21.69 -43.00 -2.41
N VAL A 828 21.99 -43.13 -3.70
CA VAL A 828 23.24 -43.72 -4.16
C VAL A 828 23.89 -42.77 -5.16
N ASP A 829 25.20 -42.58 -5.03
CA ASP A 829 25.94 -41.63 -5.84
C ASP A 829 26.59 -42.34 -7.02
N LEU A 830 26.41 -41.79 -8.22
CA LEU A 830 26.99 -42.35 -9.44
C LEU A 830 27.67 -41.22 -10.22
N PRO A 831 28.89 -40.84 -9.82
CA PRO A 831 29.63 -39.85 -10.61
C PRO A 831 29.94 -40.37 -12.00
N LEU A 832 29.96 -39.45 -12.97
CA LEU A 832 30.14 -39.82 -14.37
C LEU A 832 31.33 -39.18 -15.05
N GLY A 833 31.84 -38.06 -14.55
CA GLY A 833 33.00 -37.44 -15.17
C GLY A 833 32.76 -36.92 -16.58
N ILE A 834 31.57 -36.38 -16.84
CA ILE A 834 31.24 -35.78 -18.12
C ILE A 834 30.61 -34.43 -17.87
N VAL A 835 31.14 -33.40 -18.52
CA VAL A 835 30.62 -32.05 -18.37
C VAL A 835 29.52 -31.85 -19.42
N ALA A 836 28.27 -31.77 -18.96
CA ALA A 836 27.13 -31.60 -19.83
C ALA A 836 26.19 -30.56 -19.22
N ASP A 837 25.64 -29.70 -20.08
CA ASP A 837 24.70 -28.69 -19.62
C ASP A 837 23.32 -29.27 -19.35
N GLN A 838 22.93 -30.30 -20.09
CA GLN A 838 21.61 -30.91 -19.95
C GLN A 838 21.74 -32.42 -19.94
N ALA A 839 20.75 -33.07 -19.32
CA ALA A 839 20.68 -34.53 -19.25
C ALA A 839 19.44 -35.01 -19.98
N THR A 840 19.57 -36.13 -20.67
CA THR A 840 18.49 -36.71 -21.44
C THR A 840 17.88 -37.87 -20.65
N TYR A 841 16.57 -37.80 -20.41
CA TYR A 841 15.83 -38.84 -19.73
C TYR A 841 14.76 -39.40 -20.67
N ASP A 842 14.27 -40.58 -20.32
CA ASP A 842 13.27 -41.26 -21.13
C ASP A 842 11.88 -40.76 -20.78
N CYS A 843 11.04 -40.63 -21.79
CA CYS A 843 9.65 -40.25 -21.62
C CYS A 843 8.76 -41.46 -21.91
N GLN A 844 7.45 -41.26 -21.91
CA GLN A 844 6.54 -42.37 -22.20
C GLN A 844 6.71 -42.84 -23.64
N TYR A 845 6.82 -41.92 -24.59
CA TYR A 845 6.97 -42.27 -26.00
C TYR A 845 8.02 -41.39 -26.66
N GLY A 846 9.09 -41.08 -25.93
CA GLY A 846 10.14 -40.23 -26.45
C GLY A 846 11.21 -39.91 -25.44
N LEU A 847 11.83 -38.75 -25.58
CA LEU A 847 12.90 -38.31 -24.67
C LEU A 847 12.65 -36.89 -24.24
N ILE A 848 13.20 -36.54 -23.08
CA ILE A 848 13.11 -35.19 -22.53
C ILE A 848 14.50 -34.75 -22.11
N ARG A 849 14.74 -33.44 -22.12
CA ARG A 849 16.00 -32.86 -21.69
C ARG A 849 15.74 -31.97 -20.48
N ARG A 850 16.54 -32.17 -19.43
CA ARG A 850 16.40 -31.37 -18.22
C ARG A 850 17.75 -30.73 -17.87
N PRO A 851 17.74 -29.51 -17.37
CA PRO A 851 19.02 -28.83 -17.09
C PRO A 851 19.77 -29.46 -15.93
N ILE A 852 21.07 -29.59 -16.09
CA ILE A 852 21.95 -30.01 -15.00
C ILE A 852 22.47 -28.81 -14.24
N VAL A 853 22.94 -27.79 -14.95
CA VAL A 853 23.36 -26.54 -14.33
C VAL A 853 22.13 -25.66 -14.14
N LYS A 854 21.87 -25.26 -12.90
CA LYS A 854 20.70 -24.46 -12.56
C LYS A 854 21.15 -23.02 -12.33
N ASN A 855 20.78 -22.12 -13.26
CA ASN A 855 21.18 -20.73 -13.18
C ASN A 855 20.14 -19.88 -12.48
N THR A 856 18.86 -20.07 -12.78
CA THR A 856 17.78 -19.27 -12.24
C THR A 856 17.01 -20.05 -11.17
N ALA A 857 16.13 -19.33 -10.48
CA ALA A 857 15.31 -19.96 -9.44
C ALA A 857 14.32 -20.95 -10.04
N SER A 858 13.86 -20.71 -11.27
CA SER A 858 12.98 -21.66 -11.93
C SER A 858 13.68 -22.99 -12.17
N ASP A 859 14.95 -22.94 -12.60
CA ASP A 859 15.70 -24.17 -12.84
C ASP A 859 15.99 -24.90 -11.54
N GLU A 860 16.21 -24.14 -10.45
CA GLU A 860 16.52 -24.76 -9.17
C GLU A 860 15.33 -25.55 -8.63
N ALA A 861 14.11 -25.16 -8.99
CA ALA A 861 12.93 -25.86 -8.52
C ALA A 861 12.86 -27.30 -9.03
N LYS A 862 13.53 -27.60 -10.14
CA LYS A 862 13.56 -28.96 -10.67
C LYS A 862 14.76 -29.74 -10.15
N TYR A 863 14.88 -29.81 -8.82
CA TYR A 863 16.00 -30.51 -8.20
C TYR A 863 15.72 -31.99 -7.97
N GLU A 864 14.54 -32.47 -8.36
CA GLU A 864 14.21 -33.90 -8.22
C GLU A 864 13.23 -34.25 -9.34
N SER A 865 13.74 -34.89 -10.37
CA SER A 865 12.96 -35.25 -11.55
C SER A 865 12.68 -36.75 -11.55
N SER A 866 12.08 -37.23 -12.64
CA SER A 866 11.72 -38.63 -12.79
C SER A 866 12.47 -39.22 -13.98
N THR A 867 12.83 -40.49 -13.87
CA THR A 867 13.47 -41.23 -14.94
C THR A 867 12.60 -42.42 -15.32
N ASN A 868 12.65 -42.79 -16.59
CA ASN A 868 11.87 -43.91 -17.12
C ASN A 868 12.85 -44.95 -17.65
N ARG A 869 13.33 -45.80 -16.76
CA ARG A 869 14.13 -46.99 -17.07
C ARG A 869 15.56 -46.67 -17.50
N PHE A 870 15.88 -45.40 -17.75
CA PHE A 870 17.25 -45.03 -18.07
C PHE A 870 17.41 -43.52 -18.14
N ALA A 871 18.66 -43.08 -18.07
CA ALA A 871 19.04 -41.69 -18.29
C ALA A 871 20.39 -41.68 -19.02
N ILE A 872 20.58 -40.65 -19.84
CA ILE A 872 21.79 -40.51 -20.65
C ILE A 872 22.42 -39.15 -20.34
N ILE A 873 23.72 -39.15 -20.07
CA ILE A 873 24.47 -37.92 -19.85
C ILE A 873 25.73 -38.00 -20.71
N GLY A 874 25.94 -37.00 -21.55
CA GLY A 874 27.08 -37.03 -22.44
C GLY A 874 27.38 -35.69 -23.06
N ASP A 875 28.64 -35.50 -23.45
CA ASP A 875 29.09 -34.31 -24.14
C ASP A 875 29.00 -34.56 -25.65
N ALA A 876 29.66 -33.71 -26.45
CA ALA A 876 29.55 -33.81 -27.90
C ALA A 876 30.10 -35.13 -28.41
N GLY A 877 31.24 -35.58 -27.89
CA GLY A 877 31.90 -36.76 -28.39
C GLY A 877 31.77 -38.04 -27.60
N TYR A 878 31.06 -38.03 -26.46
CA TYR A 878 30.98 -39.20 -25.61
C TYR A 878 29.71 -39.11 -24.77
N ALA A 879 29.26 -40.27 -24.29
CA ALA A 879 28.06 -40.33 -23.47
C ALA A 879 28.08 -41.60 -22.66
N ALA A 880 27.45 -41.53 -21.48
CA ALA A 880 27.29 -42.67 -20.60
C ALA A 880 25.86 -42.71 -20.08
N ALA A 881 25.37 -43.92 -19.84
CA ALA A 881 23.98 -44.12 -19.45
C ALA A 881 23.88 -44.80 -18.09
N VAL A 882 22.82 -44.47 -17.37
CA VAL A 882 22.47 -45.13 -16.11
C VAL A 882 21.13 -45.80 -16.32
N ILE A 883 21.10 -47.12 -16.17
CA ILE A 883 19.90 -47.92 -16.36
C ILE A 883 19.39 -48.31 -14.99
N ASN A 884 18.08 -48.20 -14.77
CA ASN A 884 17.47 -48.54 -13.48
C ASN A 884 16.38 -49.58 -13.67
N GLY A 885 16.19 -50.41 -12.65
CA GLY A 885 15.19 -51.45 -12.69
C GLY A 885 13.78 -50.96 -12.41
N SER A 886 13.57 -50.40 -11.21
CA SER A 886 12.25 -49.91 -10.83
C SER A 886 12.35 -48.61 -10.04
N VAL A 887 13.37 -47.80 -10.31
CA VAL A 887 13.58 -46.53 -9.63
C VAL A 887 13.10 -45.41 -10.53
N TYR A 888 12.36 -44.46 -9.97
CA TYR A 888 11.81 -43.35 -10.73
C TYR A 888 12.46 -42.01 -10.42
N GLY A 889 12.58 -41.63 -9.15
CA GLY A 889 13.15 -40.35 -8.79
C GLY A 889 14.67 -40.35 -8.85
N SER A 890 15.23 -39.21 -9.24
CA SER A 890 16.67 -39.04 -9.34
C SER A 890 16.98 -37.55 -9.40
N ASP A 891 18.27 -37.24 -9.40
CA ASP A 891 18.71 -35.85 -9.58
C ASP A 891 20.13 -35.83 -10.13
N ALA A 892 20.50 -34.68 -10.69
CA ALA A 892 21.81 -34.49 -11.29
C ALA A 892 22.33 -33.09 -10.96
N SER A 893 23.61 -33.02 -10.64
CA SER A 893 24.27 -31.77 -10.27
C SER A 893 25.64 -31.72 -10.92
N PRO A 894 26.21 -30.53 -11.09
CA PRO A 894 27.58 -30.43 -11.61
C PRO A 894 28.61 -30.72 -10.53
N ILE A 895 29.83 -31.00 -10.98
CA ILE A 895 30.98 -31.23 -10.11
C ILE A 895 32.11 -30.39 -10.69
N ALA A 896 32.33 -29.21 -10.11
CA ALA A 896 33.42 -28.32 -10.53
C ALA A 896 34.60 -28.53 -9.60
N GLY A 897 35.67 -29.12 -10.11
CA GLY A 897 36.86 -29.38 -9.32
C GLY A 897 37.95 -28.34 -9.52
N ASN A 898 39.10 -28.62 -8.93
CA ASN A 898 40.26 -27.76 -9.05
C ASN A 898 41.49 -28.60 -9.36
N ALA A 899 42.37 -28.09 -10.22
CA ALA A 899 43.58 -28.80 -10.58
C ALA A 899 44.62 -28.78 -9.48
N ALA A 900 44.45 -27.95 -8.45
CA ALA A 900 45.41 -27.90 -7.36
C ALA A 900 45.32 -29.12 -6.45
N GLU A 901 44.26 -29.90 -6.55
CA GLU A 901 44.08 -31.08 -5.72
C GLU A 901 43.97 -32.37 -6.53
N GLY A 902 43.29 -32.34 -7.66
CA GLY A 902 43.17 -33.53 -8.49
C GLY A 902 41.78 -33.72 -9.08
N ARG A 903 40.79 -33.03 -8.52
CA ARG A 903 39.41 -33.13 -9.01
C ARG A 903 39.27 -32.31 -10.28
N ASP A 904 38.94 -32.98 -11.39
CA ASP A 904 38.83 -32.27 -12.67
C ASP A 904 37.46 -31.64 -12.84
N SER A 905 36.43 -32.47 -12.97
CA SER A 905 35.06 -32.04 -13.25
C SER A 905 34.20 -33.29 -13.35
N GLY A 906 32.89 -33.10 -13.47
CA GLY A 906 32.01 -34.22 -13.73
C GLY A 906 30.56 -33.86 -13.46
N THR A 907 29.74 -34.91 -13.42
CA THR A 907 28.32 -34.79 -13.14
C THR A 907 27.95 -35.80 -12.08
N MET A 908 27.44 -35.32 -10.94
CA MET A 908 26.97 -36.18 -9.86
C MET A 908 25.51 -36.52 -10.14
N PHE A 909 25.26 -37.78 -10.50
CA PHE A 909 23.92 -38.30 -10.74
C PHE A 909 23.55 -39.25 -9.61
N ARG A 910 22.47 -38.95 -8.90
CA ARG A 910 22.05 -39.74 -7.76
C ARG A 910 20.63 -40.27 -7.97
N LEU A 911 20.39 -41.47 -7.47
CA LEU A 911 19.10 -42.14 -7.56
C LEU A 911 18.48 -42.27 -6.18
N SER A 912 17.19 -41.97 -6.09
CA SER A 912 16.46 -42.07 -4.84
C SER A 912 15.96 -43.50 -4.66
N LEU A 913 16.29 -44.11 -3.53
CA LEU A 913 15.96 -45.51 -3.27
C LEU A 913 14.83 -45.69 -2.28
N LEU A 914 14.92 -45.13 -1.08
CA LEU A 914 13.93 -45.38 -0.05
C LEU A 914 13.71 -44.14 0.79
N SER A 915 12.52 -44.06 1.38
CA SER A 915 12.16 -42.99 2.30
C SER A 915 11.25 -43.56 3.37
N ALA A 916 11.18 -42.85 4.51
CA ALA A 916 10.40 -43.29 5.67
C ALA A 916 9.50 -42.18 6.18
N PRO A 917 8.39 -41.92 5.49
CA PRO A 917 7.41 -40.98 6.03
C PRO A 917 6.65 -41.59 7.20
N THR A 918 5.91 -40.74 7.92
CA THR A 918 5.20 -41.17 9.12
C THR A 918 3.74 -40.78 9.19
N PHE A 919 3.30 -39.73 8.49
CA PHE A 919 1.93 -39.25 8.70
C PHE A 919 0.88 -40.23 8.18
N PRO A 920 0.82 -40.55 6.89
CA PRO A 920 -0.24 -41.47 6.45
C PRO A 920 -0.03 -42.90 6.92
N ASP A 921 1.22 -43.36 6.93
CA ASP A 921 1.57 -44.69 7.40
C ASP A 921 2.67 -44.57 8.45
N PRO A 922 2.42 -44.96 9.70
CA PRO A 922 3.48 -44.85 10.72
C PRO A 922 4.72 -45.66 10.41
N ARG A 923 4.58 -46.80 9.74
CA ARG A 923 5.71 -47.63 9.33
C ARG A 923 5.66 -47.79 7.83
N THR A 924 6.40 -46.95 7.10
CA THR A 924 6.39 -46.92 5.65
C THR A 924 7.66 -47.57 5.12
N ASP A 925 7.51 -48.55 4.24
CA ASP A 925 8.62 -49.21 3.57
C ASP A 925 9.62 -49.81 4.57
N ILE A 926 9.09 -50.41 5.63
CA ILE A 926 9.90 -51.06 6.65
C ILE A 926 9.93 -52.55 6.32
N GLY A 927 11.09 -53.05 5.88
CA GLY A 927 11.21 -54.44 5.50
C GLY A 927 12.23 -54.61 4.40
N SER A 928 12.08 -55.71 3.66
CA SER A 928 13.05 -56.08 2.64
C SER A 928 12.67 -55.51 1.29
N HIS A 929 13.67 -54.95 0.59
CA HIS A 929 13.49 -54.39 -0.74
C HIS A 929 14.64 -54.83 -1.63
N GLU A 930 14.36 -54.91 -2.92
CA GLU A 930 15.34 -55.31 -3.92
C GLU A 930 15.43 -54.25 -5.01
N PHE A 931 16.65 -53.94 -5.43
CA PHE A 931 16.89 -52.94 -6.46
C PHE A 931 17.93 -53.47 -7.44
N ASP A 932 17.78 -53.08 -8.71
CA ASP A 932 18.73 -53.43 -9.75
C ASP A 932 19.02 -52.18 -10.59
N TRP A 933 20.29 -51.96 -10.91
CA TRP A 933 20.66 -50.89 -11.82
C TRP A 933 21.97 -51.23 -12.50
N SER A 934 22.40 -50.38 -13.42
CA SER A 934 23.57 -50.66 -14.23
C SER A 934 24.11 -49.36 -14.80
N VAL A 935 25.38 -49.40 -15.18
CA VAL A 935 26.07 -48.27 -15.81
C VAL A 935 26.61 -48.73 -17.15
N VAL A 936 26.27 -47.99 -18.21
CA VAL A 936 26.71 -48.28 -19.56
C VAL A 936 27.73 -47.22 -19.95
N ALA A 937 28.94 -47.67 -20.34
CA ALA A 937 30.06 -46.77 -20.53
C ALA A 937 29.95 -45.98 -21.83
N ASP A 938 29.97 -46.69 -22.97
CA ASP A 938 29.83 -46.06 -24.28
C ASP A 938 28.38 -46.28 -24.72
N ALA A 939 27.54 -45.27 -24.49
CA ALA A 939 26.10 -45.42 -24.67
C ALA A 939 25.57 -44.40 -25.67
N THR A 940 24.67 -44.86 -26.52
CA THR A 940 23.87 -44.01 -27.38
C THR A 940 22.39 -44.21 -27.02
N VAL A 941 21.50 -43.61 -27.81
CA VAL A 941 20.07 -43.81 -27.57
C VAL A 941 19.70 -45.26 -27.80
N ASP A 942 20.23 -45.86 -28.86
CA ASP A 942 19.92 -47.27 -29.15
C ASP A 942 20.43 -48.18 -28.04
N ARG A 943 21.66 -47.94 -27.57
CA ARG A 943 22.21 -48.79 -26.52
C ARG A 943 21.46 -48.62 -25.21
N ALA A 944 21.08 -47.38 -24.87
CA ALA A 944 20.30 -47.15 -23.67
C ALA A 944 18.94 -47.84 -23.74
N LEU A 945 18.27 -47.73 -24.88
CA LEU A 945 17.00 -48.42 -25.06
C LEU A 945 17.17 -49.92 -24.96
N ASP A 946 18.25 -50.45 -25.54
CA ASP A 946 18.53 -51.88 -25.47
C ASP A 946 18.70 -52.34 -24.02
N ALA A 947 19.53 -51.61 -23.26
CA ALA A 947 19.78 -51.98 -21.88
C ALA A 947 18.52 -51.87 -21.04
N ALA A 948 17.71 -50.83 -21.26
CA ALA A 948 16.47 -50.67 -20.52
C ALA A 948 15.48 -51.78 -20.83
N GLY A 949 15.36 -52.15 -22.11
CA GLY A 949 14.46 -53.23 -22.46
C GLY A 949 14.89 -54.57 -21.91
N VAL A 950 16.19 -54.88 -22.00
CA VAL A 950 16.68 -56.17 -21.52
C VAL A 950 16.47 -56.30 -20.02
N LEU A 951 16.80 -55.24 -19.27
CA LEU A 951 16.75 -55.32 -17.81
C LEU A 951 15.32 -55.48 -17.30
N ASN A 952 14.35 -54.82 -17.95
CA ASN A 952 12.97 -54.80 -17.47
C ASN A 952 12.14 -55.96 -18.01
N ALA A 953 12.66 -56.76 -18.92
CA ALA A 953 11.89 -57.86 -19.47
C ALA A 953 11.74 -58.98 -18.44
N PRO A 954 10.55 -59.56 -18.29
CA PRO A 954 10.37 -60.66 -17.36
C PRO A 954 11.10 -61.91 -17.80
N VAL A 955 11.44 -62.76 -16.82
CA VAL A 955 12.18 -63.99 -17.06
C VAL A 955 11.20 -65.15 -17.13
N LEU A 956 11.32 -65.97 -18.16
CA LEU A 956 10.46 -67.12 -18.36
C LEU A 956 11.32 -68.30 -18.80
N HIS A 957 10.70 -69.49 -18.86
CA HIS A 957 11.42 -70.73 -19.04
C HIS A 957 10.81 -71.55 -20.17
N ASP A 958 11.68 -72.31 -20.85
CA ASP A 958 11.27 -73.31 -21.85
C ASP A 958 10.42 -72.69 -22.95
N VAL A 959 11.03 -71.76 -23.69
CA VAL A 959 10.36 -71.04 -24.77
C VAL A 959 11.02 -71.43 -26.09
N PRO A 960 10.24 -71.69 -27.13
CA PRO A 960 10.84 -71.91 -28.46
C PRO A 960 11.32 -70.61 -29.07
N ASP A 961 12.34 -70.72 -29.92
CA ASP A 961 12.89 -69.56 -30.62
C ASP A 961 12.09 -69.37 -31.92
N ILE A 962 10.92 -68.76 -31.77
CA ILE A 962 10.01 -68.59 -32.90
C ILE A 962 10.26 -67.23 -33.56
N THR A 963 9.88 -67.15 -34.83
CA THR A 963 10.02 -65.89 -35.56
C THR A 963 8.99 -64.89 -35.06
N PRO A 964 9.38 -63.63 -34.84
CA PRO A 964 8.42 -62.63 -34.38
C PRO A 964 7.29 -62.42 -35.38
N LEU A 965 6.11 -62.11 -34.85
CA LEU A 965 4.94 -61.91 -35.72
C LEU A 965 5.15 -60.74 -36.66
N ALA A 966 5.67 -59.63 -36.16
CA ALA A 966 5.93 -58.46 -36.97
C ALA A 966 7.29 -57.88 -36.60
N SER A 967 7.92 -57.22 -37.58
CA SER A 967 9.22 -56.60 -37.37
C SER A 967 9.26 -55.26 -38.08
N ILE A 968 9.94 -54.30 -37.48
CA ILE A 968 10.12 -52.98 -38.05
C ILE A 968 11.62 -52.66 -38.04
N GLU A 969 12.19 -52.54 -39.23
CA GLU A 969 13.60 -52.21 -39.39
C GLU A 969 13.74 -50.86 -40.05
N SER A 970 14.63 -50.02 -39.51
CA SER A 970 14.81 -48.65 -39.96
C SER A 970 16.12 -48.53 -40.72
N VAL A 971 16.03 -48.09 -41.98
CA VAL A 971 17.24 -47.79 -42.74
C VAL A 971 17.98 -46.61 -42.12
N ASN A 972 17.25 -45.53 -41.83
CA ASN A 972 17.80 -44.40 -41.10
C ASN A 972 16.82 -43.99 -40.01
N GLY A 973 17.37 -43.53 -38.89
CA GLY A 973 16.58 -43.22 -37.72
C GLY A 973 16.40 -44.44 -36.82
N THR A 974 15.74 -44.19 -35.69
CA THR A 974 15.47 -45.23 -34.70
C THR A 974 13.97 -45.36 -34.52
N VAL A 975 13.43 -46.52 -34.85
CA VAL A 975 12.01 -46.82 -34.69
C VAL A 975 11.88 -48.02 -33.76
N VAL A 976 11.06 -47.86 -32.72
CA VAL A 976 10.85 -48.90 -31.72
C VAL A 976 9.41 -49.39 -31.84
N LEU A 977 9.24 -50.69 -32.05
CA LEU A 977 7.92 -51.29 -32.08
C LEU A 977 7.53 -51.56 -30.63
N ASP A 978 6.66 -50.72 -30.08
CA ASP A 978 6.40 -50.76 -28.65
C ASP A 978 5.54 -51.95 -28.25
N TRP A 979 4.50 -52.24 -29.02
CA TRP A 979 3.50 -53.20 -28.55
C TRP A 979 2.89 -53.97 -29.71
N MET A 980 2.59 -55.25 -29.47
CA MET A 980 1.74 -56.04 -30.34
C MET A 980 0.65 -56.68 -29.48
N LYS A 981 -0.57 -56.71 -30.02
CA LYS A 981 -1.69 -57.32 -29.31
C LYS A 981 -2.74 -57.74 -30.33
N LEU A 982 -3.80 -58.37 -29.83
CA LEU A 982 -4.96 -58.71 -30.64
C LEU A 982 -6.04 -57.66 -30.47
N ALA A 983 -6.79 -57.43 -31.54
CA ALA A 983 -7.89 -56.47 -31.46
C ALA A 983 -8.93 -56.95 -30.47
N ASP A 984 -9.53 -56.00 -29.74
CA ASP A 984 -10.48 -56.38 -28.69
C ASP A 984 -11.85 -56.67 -29.28
N ASP A 985 -11.89 -57.51 -30.31
CA ASP A 985 -13.12 -57.93 -30.96
C ASP A 985 -13.01 -59.42 -31.25
N GLY A 986 -13.99 -59.95 -31.98
CA GLY A 986 -13.89 -61.30 -32.47
C GLY A 986 -13.16 -61.45 -33.78
N SER A 987 -12.71 -60.34 -34.36
CA SER A 987 -12.03 -60.39 -35.66
C SER A 987 -10.70 -61.12 -35.57
N GLY A 988 -9.95 -60.89 -34.51
CA GLY A 988 -8.64 -61.50 -34.38
C GLY A 988 -7.52 -60.77 -35.11
N ASP A 989 -7.75 -59.52 -35.50
CA ASP A 989 -6.72 -58.76 -36.19
C ASP A 989 -5.58 -58.40 -35.23
N LEU A 990 -4.44 -58.06 -35.80
CA LEU A 990 -3.24 -57.76 -35.02
C LEU A 990 -3.02 -56.26 -34.97
N ILE A 991 -2.89 -55.72 -33.75
CA ILE A 991 -2.64 -54.30 -33.53
C ILE A 991 -1.18 -54.13 -33.17
N VAL A 992 -0.49 -53.25 -33.89
CA VAL A 992 0.93 -52.98 -33.66
C VAL A 992 1.09 -51.48 -33.40
N ARG A 993 1.67 -51.15 -32.25
CA ARG A 993 1.91 -49.76 -31.87
C ARG A 993 3.41 -49.51 -31.84
N ALA A 994 3.86 -48.52 -32.60
CA ALA A 994 5.28 -48.18 -32.69
C ALA A 994 5.45 -46.67 -32.55
N TYR A 995 6.70 -46.25 -32.35
CA TYR A 995 6.99 -44.83 -32.19
C TYR A 995 8.46 -44.58 -32.53
N GLU A 996 8.77 -43.31 -32.77
CA GLU A 996 10.14 -42.89 -33.04
C GLU A 996 10.78 -42.41 -31.73
N ALA A 997 11.93 -42.98 -31.39
CA ALA A 997 12.55 -42.74 -30.10
C ALA A 997 13.74 -41.79 -30.16
N ALA A 998 14.48 -41.78 -31.26
CA ALA A 998 15.69 -40.94 -31.34
C ALA A 998 15.33 -39.46 -31.24
N GLY A 999 14.28 -39.03 -31.94
CA GLY A 999 13.88 -37.64 -31.94
C GLY A 999 13.99 -36.94 -33.30
N GLY A 1000 14.36 -37.64 -34.37
CA GLY A 1000 14.42 -37.04 -35.68
C GLY A 1000 13.60 -37.78 -36.71
N GLN A 1001 13.76 -37.44 -37.98
CA GLN A 1001 13.05 -38.15 -39.04
C GLN A 1001 13.62 -39.54 -39.21
N ALA A 1002 12.74 -40.52 -39.42
CA ALA A 1002 13.14 -41.90 -39.58
C ALA A 1002 12.33 -42.56 -40.68
N ASP A 1003 12.93 -43.54 -41.34
CA ASP A 1003 12.27 -44.32 -42.37
C ASP A 1003 12.37 -45.80 -42.03
N ALA A 1004 11.27 -46.53 -42.21
CA ALA A 1004 11.22 -47.94 -41.83
C ALA A 1004 10.40 -48.72 -42.85
N MET A 1005 10.61 -50.04 -42.86
CA MET A 1005 9.84 -50.94 -43.70
C MET A 1005 9.39 -52.12 -42.85
N LEU A 1006 8.12 -52.47 -42.99
CA LEU A 1006 7.47 -53.44 -42.11
C LEU A 1006 7.60 -54.86 -42.67
N HIS A 1007 7.89 -55.81 -41.78
CA HIS A 1007 7.99 -57.22 -42.12
C HIS A 1007 7.07 -58.02 -41.21
N VAL A 1008 6.55 -59.13 -41.75
CA VAL A 1008 5.59 -59.96 -41.03
C VAL A 1008 6.02 -61.41 -41.12
N CYS A 1009 5.43 -62.22 -40.23
CA CYS A 1009 5.71 -63.65 -40.19
C CYS A 1009 5.23 -64.32 -41.47
N PRO A 1010 5.91 -65.38 -41.91
CA PRO A 1010 5.44 -66.09 -43.12
C PRO A 1010 4.00 -66.59 -43.02
N ALA A 1011 3.52 -66.85 -41.81
CA ALA A 1011 2.12 -67.24 -41.65
C ALA A 1011 1.18 -66.13 -42.11
N LEU A 1012 1.55 -64.88 -41.87
CA LEU A 1012 0.76 -63.73 -42.30
C LEU A 1012 1.07 -63.36 -43.75
N ALA A 1013 0.82 -64.33 -44.64
CA ALA A 1013 1.06 -64.14 -46.06
C ALA A 1013 -0.19 -63.56 -46.72
N GLY A 1014 -0.01 -62.47 -47.45
CA GLY A 1014 -1.12 -61.81 -48.11
C GLY A 1014 -1.96 -60.94 -47.20
N ALA A 1015 -1.58 -60.76 -45.94
CA ALA A 1015 -2.34 -59.94 -45.02
C ALA A 1015 -2.24 -58.47 -45.41
N SER A 1016 -3.28 -57.72 -45.07
CA SER A 1016 -3.34 -56.29 -45.35
C SER A 1016 -3.12 -55.49 -44.08
N VAL A 1017 -2.56 -54.29 -44.24
CA VAL A 1017 -2.26 -53.40 -43.12
C VAL A 1017 -2.87 -52.04 -43.41
N HIS A 1018 -3.48 -51.44 -42.38
CA HIS A 1018 -4.03 -50.10 -42.53
C HIS A 1018 -3.91 -49.36 -41.21
N GLU A 1019 -3.94 -48.04 -41.29
CA GLU A 1019 -3.71 -47.19 -40.13
C GLU A 1019 -5.00 -46.93 -39.36
N THR A 1020 -4.92 -47.04 -38.04
CA THR A 1020 -6.03 -46.69 -37.15
C THR A 1020 -5.56 -45.69 -36.12
N ASN A 1021 -6.40 -45.38 -35.14
CA ASN A 1021 -6.02 -44.52 -34.03
C ASN A 1021 -5.62 -45.39 -32.83
N VAL A 1022 -5.37 -44.74 -31.69
CA VAL A 1022 -4.95 -45.49 -30.51
C VAL A 1022 -6.08 -46.39 -30.01
N LEU A 1023 -7.33 -46.00 -30.25
CA LEU A 1023 -8.48 -46.79 -29.83
C LEU A 1023 -8.95 -47.77 -30.90
N GLU A 1024 -8.20 -47.89 -32.00
CA GLU A 1024 -8.56 -48.77 -33.12
C GLU A 1024 -9.93 -48.42 -33.70
N GLY A 1025 -10.30 -47.14 -33.64
CA GLY A 1025 -11.58 -46.69 -34.13
C GLY A 1025 -11.66 -46.37 -35.60
N ASP A 1026 -10.54 -46.48 -36.32
CA ASP A 1026 -10.42 -46.23 -37.75
C ASP A 1026 -10.69 -44.78 -38.14
N ASP A 1027 -10.96 -43.90 -37.19
CA ASP A 1027 -11.19 -42.49 -37.45
C ASP A 1027 -10.08 -41.67 -36.80
N LEU A 1028 -9.41 -40.83 -37.59
CA LEU A 1028 -8.31 -40.03 -37.12
C LEU A 1028 -8.42 -38.62 -37.68
N ALA A 1029 -7.92 -37.65 -36.91
CA ALA A 1029 -8.01 -36.26 -37.31
C ALA A 1029 -7.11 -35.97 -38.51
N ALA A 1030 -7.56 -35.05 -39.37
CA ALA A 1030 -6.80 -34.72 -40.56
C ALA A 1030 -5.55 -33.91 -40.23
N ASP A 1031 -5.56 -33.18 -39.11
CA ASP A 1031 -4.39 -32.37 -38.74
C ASP A 1031 -3.17 -33.23 -38.46
N LEU A 1032 -3.36 -34.35 -37.79
CA LEU A 1032 -2.22 -35.19 -37.41
C LEU A 1032 -1.64 -35.90 -38.61
N PRO A 1033 -0.32 -36.01 -38.72
CA PRO A 1033 0.28 -36.81 -39.79
C PRO A 1033 -0.01 -38.30 -39.60
N VAL A 1034 0.01 -39.02 -40.70
CA VAL A 1034 -0.36 -40.43 -40.70
C VAL A 1034 0.86 -41.34 -40.58
N ALA A 1035 1.96 -41.01 -41.24
CA ALA A 1035 3.19 -41.79 -41.30
C ALA A 1035 3.02 -43.12 -42.02
N LEU A 1036 1.87 -43.38 -42.65
CA LEU A 1036 1.66 -44.55 -43.50
C LEU A 1036 0.97 -44.06 -44.76
N GLN A 1037 1.77 -43.75 -45.78
CA GLN A 1037 1.24 -43.20 -47.01
C GLN A 1037 0.59 -44.29 -47.86
N ASP A 1038 -0.16 -43.86 -48.87
CA ASP A 1038 -0.91 -44.69 -49.81
C ASP A 1038 -2.03 -45.47 -49.15
N GLY A 1039 -2.36 -45.17 -47.89
CA GLY A 1039 -3.48 -45.85 -47.25
C GLY A 1039 -3.23 -47.34 -47.07
N ARG A 1040 -4.26 -48.12 -47.35
CA ARG A 1040 -4.16 -49.57 -47.19
C ARG A 1040 -3.16 -50.15 -48.17
N GLN A 1041 -2.34 -51.08 -47.68
CA GLN A 1041 -1.31 -51.72 -48.49
C GLN A 1041 -1.28 -53.20 -48.12
N ASN A 1042 -0.22 -53.88 -48.54
CA ASN A 1042 0.06 -55.23 -48.09
C ASN A 1042 0.93 -55.18 -46.84
N ALA A 1043 0.80 -56.21 -46.00
CA ALA A 1043 1.56 -56.24 -44.75
C ALA A 1043 3.06 -56.28 -45.01
N GLU A 1044 3.49 -57.08 -45.99
CA GLU A 1044 4.91 -57.22 -46.29
C GLU A 1044 5.36 -56.10 -47.23
N GLY A 1045 6.45 -55.43 -46.85
CA GLY A 1045 7.01 -54.38 -47.68
C GLY A 1045 6.40 -53.02 -47.51
N ALA A 1046 5.53 -52.83 -46.52
CA ALA A 1046 4.95 -51.52 -46.29
C ALA A 1046 6.01 -50.53 -45.83
N THR A 1047 5.92 -49.29 -46.31
CA THR A 1047 6.88 -48.25 -45.99
C THR A 1047 6.27 -47.27 -45.00
N LEU A 1048 7.07 -46.85 -44.01
CA LEU A 1048 6.62 -45.94 -42.97
C LEU A 1048 7.63 -44.81 -42.84
N HIS A 1049 7.12 -43.58 -42.71
CA HIS A 1049 7.95 -42.39 -42.53
C HIS A 1049 7.57 -41.76 -41.20
N PHE A 1050 8.39 -42.00 -40.18
CA PHE A 1050 8.11 -41.51 -38.84
C PHE A 1050 8.75 -40.14 -38.65
N GLY A 1051 7.97 -39.19 -38.13
CA GLY A 1051 8.50 -37.94 -37.68
C GLY A 1051 9.02 -38.07 -36.26
N PRO A 1052 9.40 -36.94 -35.65
CA PRO A 1052 9.88 -37.01 -34.26
C PRO A 1052 8.79 -37.43 -33.29
N PHE A 1053 8.94 -38.61 -32.69
CA PHE A 1053 7.96 -39.17 -31.76
C PHE A 1053 6.58 -39.27 -32.40
N GLN A 1054 6.52 -40.06 -33.48
CA GLN A 1054 5.30 -40.11 -34.29
C GLN A 1054 4.17 -40.88 -33.59
N LEU A 1055 4.50 -42.03 -33.00
CA LEU A 1055 3.52 -42.89 -32.32
C LEU A 1055 2.42 -43.34 -33.29
N ALA A 1056 2.82 -44.17 -34.24
CA ALA A 1056 1.90 -44.75 -35.21
C ALA A 1056 1.27 -46.04 -34.67
N THR A 1057 0.07 -46.32 -35.16
CA THR A 1057 -0.67 -47.53 -34.80
C THR A 1057 -1.20 -48.16 -36.08
N LEU A 1058 -0.99 -49.47 -36.24
CA LEU A 1058 -1.36 -50.18 -37.45
C LEU A 1058 -2.20 -51.39 -37.09
N ARG A 1059 -3.11 -51.75 -37.99
CA ARG A 1059 -3.97 -52.91 -37.85
C ARG A 1059 -3.75 -53.82 -39.05
N ILE A 1060 -3.48 -55.11 -38.77
CA ILE A 1060 -3.19 -56.11 -39.79
C ILE A 1060 -4.31 -57.15 -39.78
N THR A 1061 -4.90 -57.37 -40.94
CA THR A 1061 -5.98 -58.34 -41.13
C THR A 1061 -5.49 -59.43 -42.06
N ARG A 1062 -5.72 -60.69 -41.67
CA ARG A 1062 -5.31 -61.83 -42.48
C ARG A 1062 -6.16 -61.93 -43.75
N PHE B 25 -0.33 18.68 15.58
CA PHE B 25 0.00 20.06 15.91
C PHE B 25 1.24 20.50 15.14
N LEU B 26 2.08 19.55 14.76
CA LEU B 26 3.27 19.81 13.97
C LEU B 26 3.11 19.15 12.61
N LYS B 27 3.29 19.94 11.55
CA LYS B 27 3.13 19.44 10.19
C LYS B 27 4.49 19.35 9.51
N PRO B 28 5.05 18.14 9.35
CA PRO B 28 6.38 18.03 8.72
C PRO B 28 6.43 18.54 7.28
N GLU B 29 5.33 18.43 6.52
CA GLU B 29 5.35 18.89 5.14
C GLU B 29 5.53 20.40 5.05
N GLN B 30 4.88 21.14 5.94
CA GLN B 30 5.09 22.58 5.98
C GLN B 30 6.53 22.91 6.32
N GLN B 31 7.12 22.14 7.24
CA GLN B 31 8.52 22.35 7.58
C GLN B 31 9.43 22.08 6.38
N LEU B 32 9.13 21.04 5.59
CA LEU B 32 9.92 20.76 4.40
C LEU B 32 9.81 21.88 3.38
N GLU B 33 8.60 22.38 3.15
CA GLU B 33 8.42 23.49 2.21
C GLU B 33 9.15 24.74 2.68
N ARG B 34 9.05 25.04 3.97
CA ARG B 34 9.74 26.21 4.52
C ARG B 34 11.25 26.05 4.40
N CYS B 35 11.77 24.85 4.65
CA CYS B 35 13.20 24.60 4.53
C CYS B 35 13.66 24.79 3.09
N ARG B 36 12.90 24.28 2.12
CA ARG B 36 13.29 24.44 0.73
C ARG B 36 13.29 25.91 0.33
N ARG B 37 12.27 26.66 0.74
CA ARG B 37 12.22 28.08 0.42
C ARG B 37 13.38 28.83 1.06
N ILE B 38 13.69 28.52 2.32
CA ILE B 38 14.77 29.20 3.02
C ILE B 38 16.11 28.90 2.36
N VAL B 39 16.34 27.64 1.99
CA VAL B 39 17.59 27.29 1.32
C VAL B 39 17.69 28.01 -0.02
N ARG B 40 16.58 28.06 -0.77
CA ARG B 40 16.61 28.71 -2.08
C ARG B 40 16.90 30.19 -1.97
N GLN B 41 16.29 30.88 -0.98
CA GLN B 41 16.29 32.33 -0.98
C GLN B 41 17.32 32.95 -0.04
N ARG B 42 17.51 32.41 1.16
CA ARG B 42 18.27 33.11 2.19
C ARG B 42 19.60 32.46 2.54
N VAL B 43 19.87 31.24 2.09
CA VAL B 43 21.09 30.52 2.44
C VAL B 43 22.04 30.39 1.27
N ASP B 44 21.56 29.86 0.14
CA ASP B 44 22.42 29.69 -1.02
C ASP B 44 23.04 30.99 -1.54
N PRO B 45 22.31 32.10 -1.65
CA PRO B 45 22.96 33.34 -2.14
C PRO B 45 24.14 33.78 -1.29
N HIS B 46 24.11 33.52 0.02
CA HIS B 46 25.21 33.93 0.88
C HIS B 46 26.47 33.10 0.65
N ILE B 47 26.37 31.97 -0.04
CA ILE B 47 27.55 31.22 -0.47
C ILE B 47 28.10 31.86 -1.73
N HIS B 48 29.41 32.10 -1.76
CA HIS B 48 30.09 32.79 -2.83
C HIS B 48 29.51 34.18 -3.08
N PRO B 49 29.60 35.11 -2.13
CA PRO B 49 29.15 36.48 -2.41
C PRO B 49 30.18 37.23 -3.24
N SER B 50 29.73 37.79 -4.36
CA SER B 50 30.64 38.47 -5.27
C SER B 50 31.22 39.72 -4.63
N ILE B 51 32.52 39.93 -4.84
CA ILE B 51 33.19 41.12 -4.32
C ILE B 51 33.84 41.96 -5.41
N ALA B 52 34.06 41.42 -6.60
CA ALA B 52 34.69 42.21 -7.66
C ALA B 52 34.19 41.73 -9.02
N GLN B 53 34.16 42.65 -9.98
CA GLN B 53 33.75 42.38 -11.35
C GLN B 53 34.98 42.23 -12.23
N LEU B 54 34.88 41.37 -13.23
CA LEU B 54 35.98 41.07 -14.13
C LEU B 54 35.74 41.67 -15.51
N THR B 55 36.82 41.99 -16.20
CA THR B 55 36.77 42.48 -17.57
C THR B 55 37.17 41.36 -18.52
N VAL B 56 36.45 41.25 -19.64
CA VAL B 56 36.54 40.09 -20.52
C VAL B 56 36.91 40.54 -21.92
N GLU B 57 37.88 39.86 -22.52
CA GLU B 57 38.19 39.99 -23.94
C GLU B 57 38.12 38.61 -24.59
N SER B 58 37.76 38.58 -25.86
CA SER B 58 37.45 37.33 -26.54
C SER B 58 38.25 37.20 -27.82
N TYR B 59 38.53 35.94 -28.19
CA TYR B 59 39.12 35.59 -29.48
C TYR B 59 38.46 34.31 -29.95
N ASP B 60 37.87 34.33 -31.13
CA ASP B 60 37.02 33.25 -31.60
C ASP B 60 37.74 32.40 -32.64
N ILE B 61 37.48 31.09 -32.60
CA ILE B 61 38.01 30.12 -33.56
C ILE B 61 36.83 29.31 -34.07
N PRO B 62 36.22 29.70 -35.20
CA PRO B 62 35.08 28.93 -35.72
C PRO B 62 35.42 27.52 -36.17
N GLY B 63 36.68 27.24 -36.47
CA GLY B 63 37.09 25.97 -37.07
C GLY B 63 37.54 24.96 -36.05
N GLU B 64 38.61 24.23 -36.40
CA GLU B 64 39.12 23.17 -35.56
C GLU B 64 39.74 23.73 -34.29
N PRO B 65 39.80 22.93 -33.22
CA PRO B 65 40.38 23.42 -31.96
C PRO B 65 41.86 23.73 -32.12
N MET B 66 42.32 24.68 -31.33
CA MET B 66 43.65 25.25 -31.46
C MET B 66 44.54 24.71 -30.33
N PRO B 67 45.63 24.01 -30.63
CA PRO B 67 46.46 23.43 -29.58
C PRO B 67 47.01 24.50 -28.65
N SER B 68 47.09 24.15 -27.36
CA SER B 68 47.41 25.14 -26.34
C SER B 68 48.86 25.62 -26.44
N ASP B 69 49.78 24.72 -26.78
CA ASP B 69 51.20 25.09 -26.78
C ASP B 69 51.49 26.19 -27.81
N GLU B 70 51.07 25.97 -29.05
CA GLU B 70 51.34 26.97 -30.09
C GLU B 70 50.45 28.20 -29.93
N PHE B 71 49.26 28.02 -29.37
CA PHE B 71 48.43 29.18 -29.03
C PHE B 71 49.17 30.10 -28.06
N PHE B 72 49.71 29.53 -26.98
CA PHE B 72 50.46 30.34 -26.02
C PHE B 72 51.75 30.89 -26.62
N ALA B 73 52.36 30.13 -27.52
CA ALA B 73 53.57 30.62 -28.19
C ALA B 73 53.28 31.90 -28.96
N LYS B 74 52.26 31.89 -29.83
CA LYS B 74 51.96 33.11 -30.55
C LYS B 74 51.40 34.18 -29.61
N LEU B 75 50.70 33.77 -28.55
CA LEU B 75 50.16 34.74 -27.61
C LEU B 75 51.27 35.55 -26.95
N ASP B 76 52.34 34.90 -26.52
CA ASP B 76 53.47 35.65 -26.00
C ASP B 76 54.29 36.27 -27.12
N ARG B 77 54.07 35.87 -28.37
CA ARG B 77 54.60 36.58 -29.53
C ARG B 77 53.60 37.57 -30.12
N GLY B 78 52.37 37.61 -29.61
CA GLY B 78 51.37 38.55 -30.09
C GLY B 78 50.29 37.91 -30.94
N ASP B 79 50.02 38.48 -32.11
CA ASP B 79 49.22 37.89 -33.17
C ASP B 79 47.76 37.63 -32.77
N ILE B 80 47.34 38.03 -31.57
CA ILE B 80 45.98 37.81 -31.10
C ILE B 80 45.39 39.15 -30.70
N ASP B 81 44.13 39.39 -31.09
CA ASP B 81 43.49 40.69 -30.88
C ASP B 81 42.83 40.81 -29.51
N PHE B 82 42.04 39.81 -29.10
CA PHE B 82 41.26 39.85 -27.87
C PHE B 82 40.32 41.06 -27.86
N LYS B 83 39.36 41.02 -28.78
CA LYS B 83 38.39 42.10 -28.87
C LYS B 83 37.53 42.15 -27.60
N PRO B 84 37.18 43.34 -27.12
CA PRO B 84 36.46 43.44 -25.85
C PRO B 84 35.10 42.75 -25.92
N PHE B 85 34.67 42.20 -24.78
CA PHE B 85 33.43 41.45 -24.70
C PHE B 85 32.60 41.97 -23.54
N MET B 86 31.30 42.13 -23.76
CA MET B 86 30.39 42.64 -22.75
C MET B 86 29.58 41.49 -22.16
N LEU B 87 29.28 41.59 -20.86
CA LEU B 87 28.53 40.55 -20.18
C LEU B 87 27.12 40.44 -20.76
N GLY B 88 26.65 39.21 -20.91
CA GLY B 88 25.33 38.96 -21.45
C GLY B 88 25.25 38.82 -22.95
N SER B 89 26.38 38.77 -23.64
CA SER B 89 26.39 38.64 -25.09
C SER B 89 26.55 37.18 -25.50
N GLU B 90 26.36 36.92 -26.79
CA GLU B 90 26.48 35.60 -27.36
C GLU B 90 27.86 35.43 -27.99
N TRP B 91 28.47 34.27 -27.76
CA TRP B 91 29.88 34.10 -28.11
C TRP B 91 30.15 32.89 -29.01
N GLY B 92 29.50 31.77 -28.79
CA GLY B 92 29.89 30.51 -29.38
C GLY B 92 29.18 30.15 -30.67
N THR B 93 29.88 29.40 -31.52
CA THR B 93 29.31 28.78 -32.70
C THR B 93 28.97 27.33 -32.40
N THR B 94 28.63 26.56 -33.44
CA THR B 94 28.17 25.19 -33.24
C THR B 94 29.28 24.30 -32.68
N TRP B 95 30.50 24.46 -33.17
CA TRP B 95 31.61 23.63 -32.70
C TRP B 95 32.89 24.42 -32.48
N GLY B 96 32.82 25.75 -32.52
CA GLY B 96 34.01 26.55 -32.38
C GLY B 96 34.49 26.67 -30.94
N THR B 97 35.63 27.33 -30.78
CA THR B 97 36.26 27.54 -29.49
C THR B 97 36.40 29.04 -29.26
N VAL B 98 36.32 29.46 -28.01
CA VAL B 98 36.52 30.86 -27.66
C VAL B 98 37.56 30.95 -26.55
N TRP B 99 38.58 31.79 -26.76
CA TRP B 99 39.58 32.08 -25.75
C TRP B 99 39.24 33.42 -25.11
N PHE B 100 38.98 33.39 -23.80
CA PHE B 100 38.63 34.58 -23.04
C PHE B 100 39.79 34.98 -22.15
N ARG B 101 40.24 36.22 -22.27
CA ARG B 101 41.18 36.82 -21.34
C ARG B 101 40.38 37.57 -20.28
N LEU B 102 40.52 37.15 -19.02
CA LEU B 102 39.81 37.74 -17.90
C LEU B 102 40.81 38.52 -17.07
N THR B 103 40.60 39.83 -16.97
CA THR B 103 41.47 40.72 -16.20
C THR B 103 40.68 41.29 -15.04
N GLY B 104 41.27 41.26 -13.84
CA GLY B 104 40.59 41.75 -12.67
C GLY B 104 41.56 42.31 -11.67
N THR B 105 41.03 42.81 -10.57
CA THR B 105 41.85 43.32 -9.47
C THR B 105 41.16 42.99 -8.15
N VAL B 106 41.95 42.81 -7.11
CA VAL B 106 41.42 42.50 -5.79
C VAL B 106 41.29 43.79 -4.98
N PRO B 107 40.38 43.85 -4.02
CA PRO B 107 40.27 45.06 -3.18
C PRO B 107 41.46 45.15 -2.24
N ALA B 108 41.54 46.29 -1.54
CA ALA B 108 42.66 46.59 -0.66
C ALA B 108 42.51 45.80 0.64
N GLY B 109 43.35 44.79 0.82
CA GLY B 109 43.35 44.02 2.06
C GLY B 109 42.05 43.31 2.35
N TYR B 110 41.41 42.76 1.32
CA TYR B 110 40.13 42.10 1.50
C TYR B 110 40.23 40.67 2.03
N PRO B 111 41.18 39.83 1.57
CA PRO B 111 41.16 38.42 1.98
C PRO B 111 41.43 38.23 3.47
N LYS B 112 40.40 38.51 4.28
CA LYS B 112 40.49 38.40 5.74
C LYS B 112 40.07 36.99 6.18
N GLY B 113 40.98 36.04 5.96
CA GLY B 113 40.76 34.69 6.43
C GLY B 113 39.71 33.90 5.67
N LYS B 114 39.48 34.22 4.41
CA LYS B 114 38.54 33.46 3.60
C LYS B 114 39.17 33.13 2.26
N PRO B 115 38.77 31.99 1.66
CA PRO B 115 39.46 31.53 0.44
C PRO B 115 39.41 32.50 -0.72
N LEU B 116 38.31 33.24 -0.90
CA LEU B 116 38.19 34.22 -1.99
C LEU B 116 38.35 33.54 -3.34
N GLU B 117 37.33 32.73 -3.66
CA GLU B 117 37.31 31.94 -4.89
C GLU B 117 36.94 32.83 -6.08
N LEU B 118 36.64 32.21 -7.22
CA LEU B 118 36.29 32.93 -8.44
C LEU B 118 35.18 32.18 -9.16
N ILE B 119 34.15 32.90 -9.60
CA ILE B 119 32.95 32.31 -10.18
C ILE B 119 32.86 32.73 -11.64
N LEU B 120 32.63 31.75 -12.51
CA LEU B 120 32.42 31.98 -13.93
C LEU B 120 31.14 31.28 -14.37
N ASP B 121 30.35 31.95 -15.20
CA ASP B 121 29.15 31.37 -15.78
C ASP B 121 29.22 31.50 -17.28
N LEU B 122 28.81 30.44 -17.98
CA LEU B 122 28.83 30.42 -19.44
C LEU B 122 27.43 30.23 -20.03
N GLY B 123 26.39 30.31 -19.20
CA GLY B 123 25.03 30.08 -19.68
C GLY B 123 24.61 28.64 -19.49
N TRP B 124 24.86 28.09 -18.31
CA TRP B 124 24.53 26.71 -18.04
C TRP B 124 23.03 26.49 -18.02
N TYR B 125 22.59 25.40 -18.64
CA TYR B 125 21.20 24.99 -18.54
C TYR B 125 21.00 24.23 -17.23
N PRO B 126 20.09 24.66 -16.36
CA PRO B 126 19.96 24.00 -15.05
C PRO B 126 19.63 22.52 -15.14
N HIS B 127 18.78 22.11 -16.07
CA HIS B 127 18.42 20.70 -16.24
C HIS B 127 19.27 20.04 -17.31
N SER B 128 20.59 20.14 -17.20
CA SER B 128 21.51 19.52 -18.14
C SER B 128 22.91 19.57 -17.55
N CYS B 129 23.73 18.58 -17.93
CA CYS B 129 25.11 18.51 -17.49
C CYS B 129 25.85 17.50 -18.35
N GLY B 130 27.08 17.83 -18.74
CA GLY B 130 27.92 16.91 -19.47
C GLY B 130 27.54 16.68 -20.91
N GLY B 131 26.65 17.50 -21.47
CA GLY B 131 26.22 17.29 -22.84
C GLY B 131 26.25 18.56 -23.67
N HIS B 132 26.76 19.65 -23.10
CA HIS B 132 26.79 20.93 -23.78
C HIS B 132 28.11 21.62 -23.43
N ILE B 133 28.16 22.94 -23.65
CA ILE B 133 29.36 23.76 -23.53
C ILE B 133 30.11 23.52 -22.24
N GLU B 134 31.43 23.66 -22.29
CA GLU B 134 32.27 23.56 -21.09
C GLU B 134 33.51 24.41 -21.31
N GLY B 135 34.46 24.35 -20.39
CA GLY B 135 35.65 25.16 -20.53
C GLY B 135 36.72 24.77 -19.53
N LEU B 136 37.92 25.29 -19.76
CA LEU B 136 39.08 25.07 -18.92
C LEU B 136 39.78 26.40 -18.67
N VAL B 137 40.45 26.49 -17.53
CA VAL B 137 41.09 27.73 -17.10
C VAL B 137 42.60 27.54 -17.10
N TYR B 138 43.31 28.52 -17.65
CA TYR B 138 44.76 28.50 -17.78
C TYR B 138 45.37 29.73 -17.13
N ARG B 139 46.59 29.57 -16.63
CA ARG B 139 47.40 30.68 -16.15
C ARG B 139 48.08 31.37 -17.33
N ALA B 140 48.82 32.44 -17.03
CA ALA B 140 49.61 33.09 -18.07
C ALA B 140 50.76 32.21 -18.52
N ASP B 141 51.29 31.37 -17.63
CA ASP B 141 52.36 30.44 -18.00
C ASP B 141 51.88 29.44 -19.04
N GLY B 142 50.68 28.88 -18.84
CA GLY B 142 50.14 27.91 -19.77
C GLY B 142 49.77 26.60 -19.10
N THR B 143 49.59 26.63 -17.79
CA THR B 143 49.23 25.44 -17.00
C THR B 143 47.77 25.55 -16.58
N ALA B 144 47.01 24.48 -16.80
CA ALA B 144 45.60 24.47 -16.46
C ALA B 144 45.40 24.47 -14.95
N ILE B 145 44.27 25.01 -14.51
CA ILE B 145 43.92 25.10 -13.10
C ILE B 145 42.74 24.18 -12.77
N LYS B 146 41.58 24.43 -13.39
CA LYS B 146 40.39 23.65 -13.12
C LYS B 146 39.36 23.96 -14.19
N ALA B 147 38.59 22.95 -14.60
CA ALA B 147 37.55 23.13 -15.59
C ALA B 147 36.29 23.70 -14.95
N VAL B 148 35.39 24.19 -15.80
CA VAL B 148 34.11 24.74 -15.36
C VAL B 148 33.00 23.87 -15.93
N HIS B 149 32.00 23.60 -15.10
CA HIS B 149 30.88 22.74 -15.44
C HIS B 149 29.60 23.37 -14.91
N PRO B 150 28.44 22.97 -15.45
CA PRO B 150 27.18 23.59 -14.98
C PRO B 150 26.94 23.46 -13.49
N LEU B 151 27.31 22.33 -12.89
CA LEU B 151 27.17 22.15 -11.45
C LEU B 151 28.46 22.43 -10.69
N ASN B 152 29.57 22.67 -11.39
CA ASN B 152 30.86 22.93 -10.76
C ASN B 152 31.54 24.02 -11.58
N TYR B 153 31.30 25.28 -11.22
CA TYR B 153 31.83 26.42 -11.95
C TYR B 153 32.53 27.40 -11.04
N TRP B 154 33.26 26.89 -10.06
CA TRP B 154 34.12 27.70 -9.20
C TRP B 154 35.57 27.31 -9.42
N VAL B 155 36.45 28.31 -9.46
CA VAL B 155 37.86 28.11 -9.72
C VAL B 155 38.63 28.65 -8.52
N PRO B 156 39.54 27.87 -7.92
CA PRO B 156 40.32 28.39 -6.79
C PRO B 156 41.25 29.50 -7.23
N PHE B 157 41.24 30.59 -6.49
CA PHE B 157 42.03 31.77 -6.81
C PHE B 157 43.10 32.07 -5.76
N MET B 158 42.71 32.16 -4.50
CA MET B 158 43.62 32.54 -3.43
C MET B 158 43.36 31.64 -2.23
N ASP B 159 44.30 31.63 -1.30
CA ASP B 159 44.21 30.87 -0.07
C ASP B 159 44.00 31.84 1.09
N ALA B 160 43.67 31.30 2.27
CA ALA B 160 43.27 32.15 3.39
C ALA B 160 44.38 33.11 3.80
N GLU B 161 45.62 32.62 3.86
CA GLU B 161 46.74 33.47 4.24
C GLU B 161 47.26 34.34 3.11
N GLY B 162 46.77 34.16 1.89
CA GLY B 162 47.15 35.01 0.78
C GLY B 162 47.86 34.31 -0.36
N ASN B 163 48.05 33.00 -0.29
CA ASN B 163 48.69 32.27 -1.38
C ASN B 163 47.72 32.18 -2.56
N ALA B 164 48.19 32.57 -3.74
CA ALA B 164 47.35 32.64 -4.92
C ALA B 164 47.86 31.69 -6.00
N GLN B 165 46.92 31.16 -6.79
CA GLN B 165 47.28 30.24 -7.86
C GLN B 165 47.90 30.95 -9.06
N VAL B 166 47.70 32.26 -9.17
CA VAL B 166 48.25 33.04 -10.28
C VAL B 166 49.08 34.18 -9.71
N PRO B 167 50.07 34.69 -10.45
CA PRO B 167 50.82 35.85 -9.95
C PRO B 167 49.92 37.07 -9.83
N VAL B 168 50.11 37.83 -8.76
CA VAL B 168 49.34 39.04 -8.48
C VAL B 168 50.31 40.17 -8.17
N ALA B 169 50.04 41.34 -8.71
CA ALA B 169 50.93 42.49 -8.55
C ALA B 169 50.62 43.22 -7.25
N GLU B 170 51.40 44.28 -7.00
CA GLU B 170 51.16 45.11 -5.82
C GLU B 170 49.80 45.81 -5.90
N ASP B 171 49.42 46.27 -7.10
CA ASP B 171 48.12 46.87 -7.31
C ASP B 171 46.99 45.86 -7.23
N GLY B 172 47.28 44.56 -7.21
CA GLY B 172 46.28 43.54 -7.19
C GLY B 172 45.78 43.08 -8.54
N SER B 173 46.31 43.63 -9.63
CA SER B 173 45.85 43.24 -10.95
C SER B 173 46.29 41.82 -11.28
N PHE B 174 45.40 41.08 -11.94
CA PHE B 174 45.68 39.71 -12.34
C PHE B 174 44.95 39.41 -13.65
N THR B 175 45.48 38.43 -14.37
CA THR B 175 44.91 38.00 -15.64
C THR B 175 44.90 36.48 -15.72
N LEU B 176 43.83 35.94 -16.30
CA LEU B 176 43.67 34.51 -16.50
C LEU B 176 43.12 34.26 -17.90
N TYR B 177 43.22 33.01 -18.36
CA TYR B 177 42.67 32.64 -19.65
C TYR B 177 41.64 31.53 -19.48
N LEU B 178 40.66 31.51 -20.37
CA LEU B 178 39.59 30.51 -20.31
C LEU B 178 39.32 30.02 -21.74
N GLU B 179 39.62 28.75 -21.99
CA GLU B 179 39.29 28.12 -23.26
C GLU B 179 37.93 27.46 -23.13
N ALA B 180 36.94 28.01 -23.83
CA ALA B 180 35.57 27.52 -23.75
C ALA B 180 35.20 26.82 -25.05
N ALA B 181 34.69 25.61 -24.93
CA ALA B 181 34.22 24.82 -26.07
C ALA B 181 32.71 24.82 -26.08
N SER B 182 32.13 25.19 -27.22
CA SER B 182 30.68 25.23 -27.40
C SER B 182 30.26 24.03 -28.24
N ASN B 183 29.56 23.09 -27.62
CA ASN B 183 29.09 21.90 -28.29
C ASN B 183 27.57 21.85 -28.27
N PRO B 184 26.94 21.42 -29.36
CA PRO B 184 25.47 21.37 -29.37
C PRO B 184 24.94 20.32 -28.41
N LEU B 185 23.75 20.60 -27.88
CA LEU B 185 23.06 19.69 -26.97
C LEU B 185 22.20 18.75 -27.80
N LEU B 186 22.74 17.56 -28.08
CA LEU B 186 22.05 16.58 -28.91
C LEU B 186 21.05 15.74 -28.13
N LEU B 187 20.98 15.90 -26.81
CA LEU B 187 20.01 15.19 -25.97
C LEU B 187 19.30 16.22 -25.09
N GLY B 188 18.23 16.82 -25.62
CA GLY B 188 17.44 17.76 -24.88
C GLY B 188 16.37 17.09 -24.04
N VAL B 189 15.52 17.90 -23.44
CA VAL B 189 14.41 17.37 -22.64
C VAL B 189 13.38 16.67 -23.51
N PRO B 190 13.21 16.97 -24.80
CA PRO B 190 12.59 16.00 -25.69
C PRO B 190 13.63 15.02 -26.22
N PRO B 191 13.61 13.78 -25.75
CA PRO B 191 14.69 12.85 -26.10
C PRO B 191 14.56 12.32 -27.53
N PHE B 192 15.72 12.08 -28.14
CA PHE B 192 15.83 11.44 -29.44
C PHE B 192 15.09 12.23 -30.54
N ILE B 193 15.60 13.43 -30.78
CA ILE B 193 15.09 14.32 -31.83
C ILE B 193 16.14 14.37 -32.94
N GLU B 194 15.69 14.20 -34.18
CA GLU B 194 16.61 14.23 -35.32
C GLU B 194 17.26 15.60 -35.44
N THR B 195 18.56 15.61 -35.75
CA THR B 195 19.32 16.84 -35.88
C THR B 195 20.33 16.71 -36.99
N GLU B 196 20.79 17.86 -37.48
CA GLU B 196 21.83 17.92 -38.50
C GLU B 196 23.12 18.57 -37.98
N LEU B 197 23.23 18.76 -36.67
CA LEU B 197 24.37 19.43 -36.06
C LEU B 197 25.38 18.44 -35.48
N GLY B 198 25.55 17.29 -36.12
CA GLY B 198 26.53 16.31 -35.69
C GLY B 198 27.44 15.84 -36.81
N ASP B 199 27.51 16.63 -37.88
CA ASP B 199 28.29 16.25 -39.06
C ASP B 199 29.71 16.83 -39.00
N HIS B 200 29.80 18.16 -38.88
CA HIS B 200 31.09 18.84 -38.85
C HIS B 200 30.88 20.21 -38.22
N ALA B 201 31.94 21.03 -38.25
CA ALA B 201 31.88 22.38 -37.71
C ALA B 201 31.45 23.34 -38.81
N THR B 202 30.32 24.02 -38.61
CA THR B 202 29.78 24.90 -39.63
C THR B 202 30.24 26.35 -39.48
N GLY B 203 30.71 26.74 -38.30
CA GLY B 203 31.13 28.10 -38.10
C GLY B 203 30.01 29.12 -38.05
N LYS B 204 28.80 28.70 -37.69
CA LYS B 204 27.65 29.58 -37.63
C LYS B 204 26.98 29.50 -36.26
N PRO B 205 26.37 30.58 -35.79
CA PRO B 205 25.71 30.56 -34.48
C PRO B 205 24.39 29.82 -34.52
N ASP B 206 24.44 28.48 -34.48
CA ASP B 206 23.21 27.69 -34.51
C ASP B 206 22.39 27.89 -33.24
N GLU B 207 23.05 27.93 -32.08
CA GLU B 207 22.37 28.12 -30.79
C GLU B 207 23.34 28.75 -29.80
N PRO B 208 23.58 30.06 -29.93
CA PRO B 208 24.54 30.72 -29.04
C PRO B 208 24.01 30.86 -27.63
N TYR B 209 24.95 30.94 -26.68
CA TYR B 209 24.65 31.07 -25.27
C TYR B 209 25.22 32.39 -24.73
N VAL B 210 24.67 32.83 -23.61
CA VAL B 210 25.09 34.08 -22.98
C VAL B 210 26.12 33.77 -21.90
N PHE B 211 26.95 34.77 -21.60
CA PHE B 211 28.04 34.60 -20.64
C PHE B 211 27.63 35.11 -19.25
N LYS B 212 27.28 36.40 -19.16
CA LYS B 212 26.48 37.03 -18.12
C LYS B 212 27.06 36.99 -16.70
N SER B 213 28.21 36.37 -16.48
CA SER B 213 28.76 36.35 -15.12
C SER B 213 30.23 35.96 -15.14
N ALA B 214 31.08 36.84 -14.65
CA ALA B 214 32.49 36.53 -14.37
C ALA B 214 32.90 37.39 -13.18
N ASP B 215 32.81 36.81 -11.98
CA ASP B 215 33.00 37.57 -10.75
C ASP B 215 34.11 36.96 -9.91
N LEU B 216 34.72 37.79 -9.08
CA LEU B 216 35.60 37.34 -8.01
C LEU B 216 34.82 37.45 -6.71
N ALA B 217 34.76 36.36 -5.97
CA ALA B 217 33.89 36.23 -4.82
C ALA B 217 34.64 35.63 -3.65
N GLU B 218 34.07 35.79 -2.46
CA GLU B 218 34.60 35.20 -1.24
C GLU B 218 33.89 33.88 -0.96
N PHE B 219 34.52 33.03 -0.16
CA PHE B 219 33.98 31.72 0.17
C PHE B 219 33.68 31.63 1.65
N ASP B 220 32.47 31.23 1.99
CA ASP B 220 32.03 31.05 3.37
C ASP B 220 31.62 29.60 3.56
N GLU B 221 32.38 28.86 4.35
CA GLU B 221 32.11 27.43 4.54
C GLU B 221 30.93 27.18 5.46
N ARG B 222 30.62 28.11 6.36
CA ARG B 222 29.53 27.90 7.30
C ARG B 222 28.19 27.77 6.58
N TYR B 223 27.93 28.65 5.61
CA TYR B 223 26.67 28.59 4.88
C TYR B 223 26.56 27.33 4.04
N GLU B 224 27.67 26.91 3.43
CA GLU B 224 27.65 25.67 2.65
C GLU B 224 27.39 24.47 3.55
N ASN B 225 28.01 24.44 4.72
CA ASN B 225 27.77 23.34 5.67
C ASN B 225 26.31 23.33 6.11
N TYR B 226 25.74 24.51 6.39
CA TYR B 226 24.34 24.58 6.77
C TYR B 226 23.43 24.09 5.66
N SER B 227 23.72 24.47 4.42
CA SER B 227 22.93 24.00 3.29
C SER B 227 23.00 22.49 3.15
N VAL B 228 24.21 21.92 3.28
CA VAL B 228 24.36 20.47 3.17
C VAL B 228 23.60 19.77 4.28
N ASP B 229 23.68 20.30 5.51
CA ASP B 229 22.96 19.69 6.63
C ASP B 229 21.46 19.73 6.41
N LEU B 230 20.94 20.87 5.94
CA LEU B 230 19.50 20.98 5.69
C LEU B 230 19.06 20.01 4.59
N ASP B 231 19.85 19.91 3.52
CA ASP B 231 19.52 19.00 2.43
C ASP B 231 19.52 17.55 2.92
N VAL B 232 20.51 17.18 3.72
CA VAL B 232 20.59 15.82 4.23
C VAL B 232 19.41 15.51 5.14
N VAL B 233 19.04 16.45 6.02
CA VAL B 233 17.91 16.22 6.91
C VAL B 233 16.63 16.07 6.11
N SER B 234 16.41 16.94 5.12
CA SER B 234 15.20 16.84 4.30
C SER B 234 15.14 15.52 3.54
N SER B 235 16.26 15.12 2.93
CA SER B 235 16.27 13.86 2.18
C SER B 235 16.07 12.66 3.09
N LEU B 236 16.61 12.72 4.31
CA LEU B 236 16.35 11.66 5.28
C LEU B 236 14.88 11.60 5.65
N MET B 237 14.25 12.76 5.84
CA MET B 237 12.83 12.79 6.14
C MET B 237 12.00 12.24 4.99
N GLU B 238 12.47 12.41 3.75
CA GLU B 238 11.72 11.92 2.59
C GLU B 238 11.53 10.41 2.64
N PHE B 239 12.43 9.68 3.29
CA PHE B 239 12.37 8.23 3.41
C PHE B 239 12.58 7.79 4.85
N ALA B 240 11.93 8.48 5.80
CA ALA B 240 12.16 8.25 7.21
C ALA B 240 11.16 7.30 7.84
N ASP B 241 10.34 6.63 7.03
CA ASP B 241 9.37 5.65 7.52
C ASP B 241 8.41 6.29 8.53
N LYS B 242 7.57 7.16 7.99
CA LYS B 242 6.59 7.93 8.77
C LYS B 242 5.87 7.07 9.79
N GLN B 243 5.45 7.69 10.90
CA GLN B 243 4.93 7.02 12.09
C GLN B 243 6.03 6.29 12.86
N SER B 244 7.24 6.83 12.83
CA SER B 244 8.36 6.34 13.60
C SER B 244 9.00 7.50 14.35
N PRO B 245 9.65 7.23 15.49
CA PRO B 245 10.26 8.32 16.26
C PRO B 245 11.31 9.10 15.49
N ARG B 246 12.05 8.45 14.59
CA ARG B 246 13.09 9.14 13.83
C ARG B 246 12.51 10.25 12.95
N TYR B 247 11.39 9.96 12.28
CA TYR B 247 10.78 10.94 11.40
C TYR B 247 10.36 12.19 12.16
N TRP B 248 9.70 12.00 13.31
CA TRP B 248 9.21 13.14 14.08
C TRP B 248 10.36 13.90 14.74
N GLN B 249 11.40 13.19 15.19
CA GLN B 249 12.55 13.88 15.74
C GLN B 249 13.26 14.71 14.68
N LEU B 250 13.40 14.17 13.47
CA LEU B 250 13.98 14.95 12.38
C LEU B 250 13.14 16.17 12.05
N ALA B 251 11.82 16.01 12.03
CA ALA B 251 10.94 17.14 11.75
C ALA B 251 11.08 18.22 12.81
N LYS B 252 11.11 17.83 14.09
CA LYS B 252 11.25 18.81 15.15
C LYS B 252 12.61 19.52 15.09
N ALA B 253 13.67 18.76 14.79
CA ALA B 253 14.98 19.38 14.66
C ALA B 253 15.02 20.38 13.51
N LEU B 254 14.41 20.01 12.38
CA LEU B 254 14.36 20.92 11.23
C LEU B 254 13.60 22.19 11.58
N GLN B 255 12.45 22.05 12.26
CA GLN B 255 11.67 23.23 12.63
C GLN B 255 12.45 24.13 13.57
N ARG B 256 13.11 23.55 14.57
CA ARG B 256 13.87 24.37 15.51
C ARG B 256 15.04 25.06 14.83
N SER B 257 15.74 24.35 13.92
CA SER B 257 16.85 24.96 13.21
C SER B 257 16.37 26.11 12.33
N LEU B 258 15.24 25.93 11.65
CA LEU B 258 14.72 27.01 10.81
C LEU B 258 14.27 28.19 11.66
N ASN B 259 13.71 27.93 12.84
CA ASN B 259 13.29 29.02 13.72
C ASN B 259 14.47 29.78 14.29
N ALA B 260 15.58 29.09 14.57
CA ALA B 260 16.73 29.72 15.20
C ALA B 260 17.61 30.50 14.23
N TYR B 261 17.35 30.42 12.93
CA TYR B 261 18.19 31.06 11.93
C TYR B 261 17.64 32.43 11.57
N ASP B 262 18.47 33.46 11.69
CA ASP B 262 18.12 34.83 11.34
C ASP B 262 19.04 35.30 10.23
N GLU B 263 18.45 35.79 9.13
CA GLU B 263 19.26 36.24 8.01
C GLU B 263 19.96 37.56 8.32
N ARG B 264 19.35 38.41 9.14
CA ARG B 264 19.95 39.70 9.45
C ARG B 264 21.22 39.55 10.30
N ASN B 265 21.27 38.53 11.14
CA ASN B 265 22.45 38.31 11.98
C ASN B 265 23.29 37.20 11.39
N PRO B 266 24.47 37.51 10.83
CA PRO B 266 25.28 36.45 10.19
C PRO B 266 25.70 35.34 11.14
N GLU B 267 25.92 35.66 12.42
CA GLU B 267 26.42 34.66 13.36
C GLU B 267 25.36 33.60 13.70
N SER B 268 24.08 33.92 13.53
CA SER B 268 23.02 32.99 13.90
C SER B 268 23.12 31.68 13.12
N VAL B 269 23.71 31.72 11.92
CA VAL B 269 23.83 30.51 11.11
C VAL B 269 24.66 29.47 11.85
N GLU B 270 25.53 29.91 12.77
CA GLU B 270 26.26 28.95 13.60
C GLU B 270 25.31 28.26 14.57
N ALA B 271 24.48 29.04 15.27
CA ALA B 271 23.59 28.48 16.28
C ALA B 271 22.59 27.50 15.67
N ALA B 272 22.06 27.85 14.50
CA ALA B 272 21.17 26.92 13.79
C ALA B 272 21.87 25.61 13.50
N ARG B 273 23.15 25.67 13.12
CA ARG B 273 23.90 24.44 12.87
C ARG B 273 24.02 23.60 14.13
N ALA B 274 23.96 24.23 15.30
CA ALA B 274 24.03 23.48 16.55
C ALA B 274 22.73 22.74 16.85
N VAL B 275 21.64 23.09 16.17
CA VAL B 275 20.37 22.42 16.43
C VAL B 275 20.32 21.08 15.71
N LEU B 276 20.82 21.01 14.48
CA LEU B 276 20.81 19.78 13.70
C LEU B 276 21.91 18.81 14.10
N ALA B 277 22.83 19.23 14.98
CA ALA B 277 23.92 18.35 15.37
C ALA B 277 23.44 17.14 16.15
N GLY B 278 22.36 17.28 16.92
CA GLY B 278 21.89 16.17 17.73
C GLY B 278 21.38 15.01 16.91
N VAL B 279 20.61 15.29 15.85
CA VAL B 279 20.04 14.22 15.04
C VAL B 279 21.02 13.71 13.99
N LEU B 280 22.07 14.47 13.67
CA LEU B 280 23.05 14.05 12.69
C LEU B 280 24.17 13.22 13.29
N ALA B 281 24.24 13.09 14.61
CA ALA B 281 25.26 12.31 15.27
C ALA B 281 24.79 10.93 15.69
N LYS B 282 23.57 10.54 15.33
CA LYS B 282 23.06 9.23 15.68
C LYS B 282 23.84 8.15 14.93
N PRO B 283 24.25 7.08 15.61
CA PRO B 283 24.97 6.01 14.93
C PRO B 283 24.06 5.22 14.00
N ALA B 284 24.69 4.57 13.01
CA ALA B 284 23.94 3.79 12.04
C ALA B 284 23.39 2.52 12.65
N ASN B 285 22.44 1.91 11.95
CA ASN B 285 21.84 0.67 12.41
C ASN B 285 22.87 -0.47 12.36
N ALA B 286 22.66 -1.46 13.22
CA ALA B 286 23.61 -2.57 13.31
C ALA B 286 23.62 -3.41 12.03
N SER B 287 22.48 -3.57 11.38
CA SER B 287 22.36 -4.41 10.20
C SER B 287 22.56 -3.64 8.90
N ALA B 288 22.87 -2.36 8.96
CA ALA B 288 23.08 -1.58 7.75
C ALA B 288 24.30 -2.10 6.97
N MET B 289 24.19 -2.08 5.65
CA MET B 289 25.28 -2.55 4.82
C MET B 289 26.45 -1.58 4.83
N ASN B 290 27.63 -2.10 4.50
CA ASN B 290 28.86 -1.33 4.43
C ASN B 290 29.13 -0.99 2.96
N VAL B 291 29.20 0.29 2.65
CA VAL B 291 29.33 0.77 1.28
C VAL B 291 30.70 1.42 1.13
N SER B 292 31.44 1.02 0.10
CA SER B 292 32.70 1.64 -0.25
C SER B 292 32.53 2.47 -1.51
N ALA B 293 32.96 3.73 -1.45
CA ALA B 293 32.77 4.68 -2.53
C ALA B 293 34.12 5.04 -3.15
N ILE B 294 34.16 5.08 -4.48
CA ILE B 294 35.35 5.46 -5.23
C ILE B 294 34.95 6.48 -6.29
N GLY B 295 35.74 7.53 -6.42
CA GLY B 295 35.49 8.54 -7.42
C GLY B 295 35.58 8.00 -8.83
N HIS B 296 34.58 8.26 -9.66
CA HIS B 296 34.53 7.75 -11.01
C HIS B 296 33.93 8.81 -11.94
N ALA B 297 34.34 8.77 -13.20
CA ALA B 297 33.80 9.67 -14.21
C ALA B 297 33.90 8.96 -15.56
N HIS B 298 32.80 8.38 -16.01
CA HIS B 298 32.79 7.67 -17.27
C HIS B 298 32.93 8.66 -18.42
N ILE B 299 33.86 8.36 -19.33
CA ILE B 299 34.09 9.17 -20.52
C ILE B 299 34.07 8.24 -21.73
N ASP B 300 33.14 8.50 -22.65
CA ASP B 300 33.06 7.72 -23.88
C ASP B 300 34.07 8.26 -24.88
N SER B 301 34.80 7.34 -25.53
CA SER B 301 35.82 7.75 -26.49
C SER B 301 35.19 8.49 -27.66
N ALA B 302 34.02 8.06 -28.13
CA ALA B 302 33.35 8.73 -29.23
C ALA B 302 31.86 8.47 -29.12
N TRP B 303 31.12 9.45 -28.61
CA TRP B 303 29.66 9.36 -28.53
C TRP B 303 29.11 10.78 -28.45
N LEU B 304 28.49 11.23 -29.53
CA LEU B 304 27.94 12.58 -29.70
C LEU B 304 29.03 13.65 -29.80
N TRP B 305 30.29 13.26 -29.98
CA TRP B 305 31.38 14.20 -30.18
C TRP B 305 32.56 13.45 -30.78
N PRO B 306 33.38 14.12 -31.58
CA PRO B 306 34.55 13.44 -32.17
C PRO B 306 35.65 13.17 -31.14
N VAL B 307 36.74 12.54 -31.58
CA VAL B 307 37.82 12.21 -30.67
C VAL B 307 38.55 13.47 -30.18
N ARG B 308 38.59 14.52 -31.01
CA ARG B 308 39.26 15.74 -30.60
C ARG B 308 38.62 16.34 -29.37
N GLU B 309 37.30 16.27 -29.26
CA GLU B 309 36.62 16.72 -28.06
C GLU B 309 36.76 15.71 -26.92
N THR B 310 36.94 14.43 -27.25
CA THR B 310 37.16 13.43 -26.22
C THR B 310 38.46 13.70 -25.47
N ARG B 311 39.52 14.07 -26.19
CA ARG B 311 40.78 14.38 -25.53
C ARG B 311 40.64 15.57 -24.59
N ARG B 312 39.94 16.62 -25.04
CA ARG B 312 39.73 17.78 -24.18
C ARG B 312 38.88 17.44 -22.96
N LYS B 313 37.87 16.58 -23.14
CA LYS B 313 37.05 16.15 -22.01
C LYS B 313 37.89 15.37 -21.01
N VAL B 314 38.79 14.51 -21.50
CA VAL B 314 39.67 13.77 -20.60
C VAL B 314 40.56 14.73 -19.81
N ALA B 315 41.12 15.72 -20.51
CA ALA B 315 41.99 16.69 -19.83
C ALA B 315 41.22 17.45 -18.76
N ARG B 316 40.00 17.91 -19.08
CA ARG B 316 39.20 18.65 -18.12
C ARG B 316 38.84 17.79 -16.91
N THR B 317 38.48 16.52 -17.16
CA THR B 317 38.13 15.63 -16.06
C THR B 317 39.31 15.39 -15.14
N VAL B 318 40.49 15.16 -15.71
CA VAL B 318 41.67 14.93 -14.88
C VAL B 318 42.03 16.19 -14.09
N SER B 319 41.89 17.36 -14.72
CA SER B 319 42.15 18.61 -14.00
C SER B 319 41.19 18.78 -12.83
N ASN B 320 39.90 18.48 -13.04
CA ASN B 320 38.93 18.59 -11.96
C ASN B 320 39.26 17.62 -10.84
N ALA B 321 39.66 16.39 -11.18
CA ALA B 321 40.01 15.41 -10.15
C ALA B 321 41.22 15.87 -9.35
N LEU B 322 42.23 16.41 -10.03
CA LEU B 322 43.42 16.89 -9.32
C LEU B 322 43.08 18.07 -8.41
N ALA B 323 42.23 18.98 -8.87
CA ALA B 323 41.81 20.09 -8.03
C ALA B 323 41.06 19.60 -6.79
N LEU B 324 40.20 18.60 -6.97
CA LEU B 324 39.47 18.05 -5.83
C LEU B 324 40.41 17.38 -4.84
N MET B 325 41.42 16.66 -5.34
CA MET B 325 42.41 16.06 -4.45
C MET B 325 43.18 17.12 -3.68
N ASP B 326 43.56 18.21 -4.35
CA ASP B 326 44.28 19.28 -3.66
C ASP B 326 43.41 19.93 -2.59
N ALA B 327 42.14 20.16 -2.90
CA ALA B 327 41.26 20.87 -1.98
C ALA B 327 40.63 19.98 -0.92
N ASP B 328 40.83 18.66 -0.99
CA ASP B 328 40.19 17.77 -0.04
C ASP B 328 41.01 16.50 0.16
N PRO B 329 41.46 16.22 1.38
CA PRO B 329 42.08 14.93 1.65
C PRO B 329 41.05 13.82 1.74
N ASP B 330 41.49 12.57 1.86
CA ASP B 330 40.60 11.42 1.98
C ASP B 330 39.66 11.30 0.78
N PHE B 331 40.18 11.62 -0.42
CA PHE B 331 39.43 11.51 -1.66
C PHE B 331 40.24 10.69 -2.65
N LYS B 332 39.60 9.69 -3.26
CA LYS B 332 40.25 8.82 -4.22
C LYS B 332 39.45 8.79 -5.52
N TYR B 333 40.17 8.71 -6.63
CA TYR B 333 39.56 8.75 -7.97
C TYR B 333 40.13 7.61 -8.80
N ALA B 334 39.28 6.98 -9.61
CA ALA B 334 39.65 5.84 -10.43
C ALA B 334 39.44 6.17 -11.90
N MET B 335 40.42 5.80 -12.73
CA MET B 335 40.36 6.05 -14.16
C MET B 335 40.73 4.76 -14.91
N SER B 336 40.10 4.56 -16.06
CA SER B 336 40.05 3.25 -16.69
C SER B 336 40.83 3.14 -18.00
N SER B 337 40.50 3.96 -19.00
CA SER B 337 40.99 3.72 -20.36
C SER B 337 42.45 4.13 -20.51
N ALA B 338 43.24 3.25 -21.13
CA ALA B 338 44.65 3.54 -21.37
C ALA B 338 44.85 4.49 -22.54
N GLN B 339 43.95 4.46 -23.54
CA GLN B 339 44.07 5.37 -24.66
C GLN B 339 43.90 6.82 -24.19
N GLN B 340 42.99 7.06 -23.27
CA GLN B 340 42.85 8.40 -22.70
C GLN B 340 44.10 8.80 -21.92
N TYR B 341 44.74 7.83 -21.26
CA TYR B 341 45.99 8.11 -20.58
C TYR B 341 47.06 8.56 -21.57
N ALA B 342 47.17 7.85 -22.69
CA ALA B 342 48.15 8.22 -23.71
C ALA B 342 47.84 9.59 -24.30
N TRP B 343 46.55 9.87 -24.55
CA TRP B 343 46.18 11.18 -25.09
C TRP B 343 46.54 12.29 -24.12
N LEU B 344 46.26 12.10 -22.84
CA LEU B 344 46.61 13.11 -21.85
C LEU B 344 48.12 13.30 -21.75
N GLU B 345 48.87 12.20 -21.80
CA GLU B 345 50.33 12.30 -21.73
C GLU B 345 50.88 13.07 -22.92
N GLU B 346 50.32 12.82 -24.11
CA GLU B 346 50.80 13.50 -25.31
C GLU B 346 50.35 14.95 -25.38
N ASP B 347 49.21 15.28 -24.79
CA ASP B 347 48.65 16.63 -24.93
C ASP B 347 49.08 17.57 -23.80
N HIS B 348 48.99 17.12 -22.55
CA HIS B 348 49.25 17.96 -21.38
C HIS B 348 50.30 17.29 -20.52
N PRO B 349 51.59 17.52 -20.78
CA PRO B 349 52.63 16.90 -19.96
C PRO B 349 52.58 17.30 -18.49
N ASP B 350 52.21 18.55 -18.18
CA ASP B 350 52.18 18.98 -16.79
C ASP B 350 51.06 18.29 -16.01
N ILE B 351 49.87 18.19 -16.61
CA ILE B 351 48.78 17.46 -15.96
C ILE B 351 49.16 16.00 -15.79
N PHE B 352 49.84 15.42 -16.78
CA PHE B 352 50.29 14.04 -16.66
C PHE B 352 51.27 13.87 -15.52
N LYS B 353 52.20 14.82 -15.35
CA LYS B 353 53.15 14.74 -14.25
C LYS B 353 52.47 14.86 -12.89
N ARG B 354 51.51 15.78 -12.77
CA ARG B 354 50.76 15.90 -11.52
C ARG B 354 49.98 14.61 -11.23
N MET B 355 49.36 14.04 -12.26
CA MET B 355 48.63 12.78 -12.09
C MET B 355 49.58 11.66 -11.70
N LYS B 356 50.79 11.65 -12.27
CA LYS B 356 51.75 10.61 -11.91
C LYS B 356 52.18 10.72 -10.45
N ARG B 357 52.41 11.94 -9.97
CA ARG B 357 52.74 12.10 -8.55
C ARG B 357 51.58 11.68 -7.67
N ARG B 358 50.33 11.97 -8.10
CA ARG B 358 49.18 11.51 -7.34
C ARG B 358 49.08 9.99 -7.34
N ILE B 359 49.44 9.36 -8.45
CA ILE B 359 49.41 7.90 -8.54
C ILE B 359 50.43 7.29 -7.60
N GLU B 360 51.63 7.86 -7.55
CA GLU B 360 52.67 7.34 -6.65
C GLU B 360 52.22 7.34 -5.20
N GLU B 361 51.37 8.29 -4.83
CA GLU B 361 50.83 8.36 -3.47
C GLU B 361 49.71 7.35 -3.21
N GLY B 362 49.10 6.82 -4.26
CA GLY B 362 48.02 5.86 -4.10
C GLY B 362 46.64 6.45 -4.06
N ARG B 363 46.47 7.71 -4.46
CA ARG B 363 45.17 8.36 -4.47
C ARG B 363 44.51 8.37 -5.85
N PHE B 364 45.28 8.11 -6.90
CA PHE B 364 44.77 8.03 -8.28
C PHE B 364 44.94 6.59 -8.73
N ILE B 365 43.84 5.87 -8.90
CA ILE B 365 43.88 4.43 -9.15
C ILE B 365 43.58 4.19 -10.62
N PRO B 366 44.53 3.69 -11.41
CA PRO B 366 44.20 3.19 -12.75
C PRO B 366 43.59 1.80 -12.65
N VAL B 367 42.50 1.60 -13.39
CA VAL B 367 41.75 0.35 -13.33
C VAL B 367 41.54 -0.18 -14.73
N GLY B 368 41.21 -1.47 -14.81
CA GLY B 368 40.89 -2.09 -16.08
C GLY B 368 42.07 -2.73 -16.78
N GLY B 369 43.10 -1.94 -17.07
CA GLY B 369 44.23 -2.44 -17.82
C GLY B 369 43.90 -2.82 -19.25
N MET B 370 43.09 -2.00 -19.92
CA MET B 370 42.67 -2.26 -21.29
C MET B 370 42.85 -0.98 -22.10
N TRP B 371 43.02 -1.15 -23.42
CA TRP B 371 43.18 0.01 -24.28
C TRP B 371 41.95 0.90 -24.26
N VAL B 372 40.77 0.31 -24.49
CA VAL B 372 39.49 0.99 -24.37
C VAL B 372 38.50 0.02 -23.72
N GLU B 373 37.35 0.57 -23.34
CA GLU B 373 36.25 -0.25 -22.80
C GLU B 373 35.46 -0.79 -23.98
N ALA B 374 36.00 -1.84 -24.58
CA ALA B 374 35.41 -2.42 -25.78
C ALA B 374 34.12 -3.17 -25.46
N ASP B 375 33.36 -3.47 -26.50
CA ASP B 375 32.15 -4.25 -26.34
C ASP B 375 32.49 -5.69 -26.00
N GLY B 376 31.56 -6.36 -25.31
CA GLY B 376 31.79 -7.72 -24.87
C GLY B 376 31.31 -8.82 -25.78
N MET B 377 30.53 -8.50 -26.81
CA MET B 377 29.98 -9.50 -27.70
C MET B 377 30.64 -9.50 -29.07
N LEU B 378 30.64 -8.35 -29.76
CA LEU B 378 31.10 -8.33 -31.15
C LEU B 378 32.59 -8.66 -31.31
N PRO B 379 33.52 -8.07 -30.56
CA PRO B 379 34.93 -8.31 -30.83
C PRO B 379 35.30 -9.78 -30.65
N ALA B 380 36.25 -10.22 -31.47
CA ALA B 380 36.74 -11.59 -31.39
C ALA B 380 37.59 -11.78 -30.14
N GLY B 381 37.90 -13.04 -29.84
CA GLY B 381 38.71 -13.34 -28.67
C GLY B 381 40.11 -12.75 -28.78
N GLU B 382 40.70 -12.80 -29.97
CA GLU B 382 42.01 -12.19 -30.18
C GLU B 382 41.95 -10.69 -29.94
N SER B 383 40.83 -10.05 -30.31
CA SER B 383 40.67 -8.63 -30.07
C SER B 383 40.69 -8.32 -28.58
N LEU B 384 39.99 -9.11 -27.77
CA LEU B 384 39.98 -8.89 -26.33
C LEU B 384 41.36 -9.16 -25.73
N ILE B 385 42.05 -10.18 -26.25
CA ILE B 385 43.42 -10.45 -25.78
C ILE B 385 44.33 -9.28 -26.09
N ARG B 386 44.18 -8.68 -27.27
CA ARG B 386 44.98 -7.51 -27.62
C ARG B 386 44.63 -6.30 -26.75
N GLN B 387 43.34 -6.09 -26.48
CA GLN B 387 42.92 -5.12 -25.47
C GLN B 387 43.75 -5.28 -24.20
N ILE B 388 43.68 -6.47 -23.62
CA ILE B 388 44.32 -6.71 -22.33
C ILE B 388 45.83 -6.52 -22.43
N ALA B 389 46.44 -7.06 -23.49
CA ALA B 389 47.90 -7.02 -23.62
C ALA B 389 48.39 -5.58 -23.76
N TYR B 390 47.78 -4.81 -24.66
CA TYR B 390 48.22 -3.44 -24.86
C TYR B 390 47.97 -2.57 -23.64
N GLY B 391 46.81 -2.75 -22.99
CA GLY B 391 46.55 -1.99 -21.78
C GLY B 391 47.54 -2.30 -20.67
N ARG B 392 47.82 -3.59 -20.46
CA ARG B 392 48.78 -3.99 -19.43
C ARG B 392 50.17 -3.47 -19.75
N LYS B 393 50.58 -3.56 -21.02
CA LYS B 393 51.90 -3.07 -21.39
C LYS B 393 52.03 -1.57 -21.15
N TYR B 394 51.02 -0.79 -21.54
CA TYR B 394 51.07 0.64 -21.29
C TYR B 394 51.10 0.95 -19.80
N PHE B 395 50.26 0.25 -19.03
CA PHE B 395 50.22 0.50 -17.58
C PHE B 395 51.54 0.17 -16.92
N LYS B 396 52.19 -0.91 -17.37
CA LYS B 396 53.45 -1.32 -16.75
C LYS B 396 54.60 -0.39 -17.15
N GLU B 397 54.64 0.02 -18.43
CA GLU B 397 55.77 0.80 -18.92
C GLU B 397 55.61 2.30 -18.74
N HIS B 398 54.43 2.78 -18.34
CA HIS B 398 54.23 4.21 -18.18
C HIS B 398 53.63 4.63 -16.84
N LEU B 399 53.01 3.71 -16.09
CA LEU B 399 52.45 4.05 -14.79
C LEU B 399 52.93 3.15 -13.66
N GLY B 400 53.51 1.98 -13.95
CA GLY B 400 53.95 1.07 -12.90
C GLY B 400 52.82 0.52 -12.07
N VAL B 401 51.66 0.28 -12.67
CA VAL B 401 50.49 -0.23 -11.96
C VAL B 401 49.98 -1.46 -12.71
N GLU B 402 49.70 -2.52 -11.97
CA GLU B 402 49.16 -3.76 -12.54
C GLU B 402 47.76 -4.01 -11.98
N PRO B 403 46.71 -3.70 -12.72
CA PRO B 403 45.35 -3.92 -12.21
C PRO B 403 45.05 -5.39 -12.00
N LYS B 404 44.19 -5.67 -11.02
CA LYS B 404 43.81 -7.02 -10.67
C LYS B 404 42.39 -7.38 -11.11
N GLY B 405 41.73 -6.52 -11.88
CA GLY B 405 40.37 -6.80 -12.29
C GLY B 405 40.02 -6.07 -13.56
N VAL B 406 38.87 -6.45 -14.12
CA VAL B 406 38.37 -5.88 -15.37
C VAL B 406 37.33 -4.82 -15.04
N TRP B 407 37.48 -3.64 -15.65
CA TRP B 407 36.61 -2.49 -15.39
C TRP B 407 35.84 -2.18 -16.66
N LEU B 408 34.64 -2.73 -16.77
CA LEU B 408 33.75 -2.50 -17.92
C LEU B 408 32.36 -2.15 -17.40
N PRO B 409 32.19 -0.94 -16.86
CA PRO B 409 30.88 -0.57 -16.28
C PRO B 409 29.75 -0.58 -17.29
N ALA B 410 30.00 -0.19 -18.54
CA ALA B 410 28.98 -0.10 -19.57
C ALA B 410 29.37 -0.98 -20.74
N SER B 411 28.50 -1.94 -21.07
CA SER B 411 28.72 -2.83 -22.20
C SER B 411 27.41 -3.54 -22.52
N PHE B 412 27.11 -3.67 -23.81
CA PHE B 412 25.85 -4.27 -24.25
C PHE B 412 25.99 -5.80 -24.32
N GLY B 413 26.13 -6.39 -23.13
CA GLY B 413 26.25 -7.83 -23.01
C GLY B 413 27.70 -8.30 -23.08
N TYR B 414 27.89 -9.55 -22.65
CA TYR B 414 29.21 -10.15 -22.61
C TYR B 414 29.14 -11.56 -23.19
N THR B 415 30.20 -11.95 -23.89
CA THR B 415 30.16 -13.17 -24.70
C THR B 415 30.08 -14.44 -23.88
N GLY B 416 30.53 -14.43 -22.63
CA GLY B 416 30.58 -15.63 -21.84
C GLY B 416 31.92 -16.35 -21.88
N ALA B 417 32.79 -16.01 -22.83
CA ALA B 417 34.18 -16.46 -22.83
C ALA B 417 35.07 -15.52 -22.05
N TRP B 418 34.52 -14.43 -21.52
CA TRP B 418 35.31 -13.49 -20.72
C TRP B 418 35.96 -14.12 -19.50
N PRO B 419 35.29 -14.95 -18.69
CA PRO B 419 35.96 -15.48 -17.50
C PRO B 419 37.25 -16.23 -17.80
N GLN B 420 37.29 -17.02 -18.87
CA GLN B 420 38.50 -17.77 -19.17
C GLN B 420 39.64 -16.85 -19.62
N ILE B 421 39.34 -15.86 -20.45
CA ILE B 421 40.36 -14.92 -20.90
C ILE B 421 40.90 -14.11 -19.73
N ALA B 422 40.00 -13.63 -18.87
CA ALA B 422 40.43 -12.84 -17.72
C ALA B 422 41.23 -13.68 -16.73
N ARG B 423 40.81 -14.92 -16.49
CA ARG B 423 41.51 -15.77 -15.53
C ARG B 423 42.91 -16.14 -16.02
N ARG B 424 43.06 -16.38 -17.32
CA ARG B 424 44.36 -16.70 -17.89
C ARG B 424 45.24 -15.48 -18.08
N ALA B 425 44.69 -14.27 -17.94
CA ALA B 425 45.47 -13.05 -18.01
C ALA B 425 45.90 -12.53 -16.64
N GLY B 426 45.60 -13.26 -15.57
CA GLY B 426 45.96 -12.85 -14.24
C GLY B 426 44.93 -12.01 -13.51
N TYR B 427 43.80 -11.70 -14.14
CA TYR B 427 42.77 -10.93 -13.48
C TYR B 427 42.08 -11.76 -12.39
N GLU B 428 41.48 -11.05 -11.43
CA GLU B 428 40.88 -11.71 -10.27
C GLU B 428 39.41 -11.35 -10.05
N TRP B 429 38.89 -10.29 -10.67
CA TRP B 429 37.49 -9.95 -10.51
C TRP B 429 36.99 -9.19 -11.73
N PHE B 430 35.67 -9.05 -11.81
CA PHE B 430 35.00 -8.40 -12.93
C PHE B 430 33.99 -7.39 -12.38
N LEU B 431 33.77 -6.33 -13.16
CA LEU B 431 32.81 -5.29 -12.77
C LEU B 431 31.89 -4.99 -13.94
N THR B 432 30.61 -4.81 -13.62
CA THR B 432 29.58 -4.62 -14.64
C THR B 432 28.33 -4.06 -13.97
N GLN B 433 27.65 -3.12 -14.65
CA GLN B 433 26.37 -2.62 -14.16
C GLN B 433 25.32 -2.46 -15.25
N LYS B 434 25.61 -2.84 -16.50
CA LYS B 434 24.64 -2.63 -17.57
C LYS B 434 23.49 -3.62 -17.53
N ILE B 435 23.68 -4.79 -16.91
CA ILE B 435 22.65 -5.82 -16.90
C ILE B 435 21.39 -5.34 -16.20
N SER B 436 21.47 -4.27 -15.41
CA SER B 436 20.31 -3.70 -14.76
C SER B 436 19.31 -3.11 -15.75
N TRP B 437 19.70 -2.91 -17.01
CA TRP B 437 18.83 -2.32 -18.02
C TRP B 437 17.97 -3.35 -18.74
N ASN B 438 17.75 -4.52 -18.13
CA ASN B 438 16.94 -5.55 -18.76
C ASN B 438 15.47 -5.15 -18.77
N ASP B 439 14.76 -5.59 -19.81
CA ASP B 439 13.37 -5.20 -19.98
C ASP B 439 12.45 -5.91 -18.98
N THR B 440 12.63 -7.21 -18.81
CA THR B 440 11.64 -7.99 -18.07
C THR B 440 12.24 -8.83 -16.94
N THR B 441 13.48 -9.29 -17.10
CA THR B 441 14.08 -10.20 -16.14
C THR B 441 15.05 -9.45 -15.24
N LYS B 442 15.05 -9.82 -13.97
CA LYS B 442 15.98 -9.28 -12.99
C LYS B 442 17.04 -10.33 -12.69
N PHE B 443 18.31 -9.94 -12.78
CA PHE B 443 19.39 -10.88 -12.54
C PHE B 443 19.33 -11.39 -11.10
N PRO B 444 19.44 -12.70 -10.88
CA PRO B 444 19.25 -13.23 -9.52
C PRO B 444 20.30 -12.79 -8.51
N HIS B 445 21.48 -12.36 -8.95
CA HIS B 445 22.57 -12.03 -8.03
C HIS B 445 23.21 -10.70 -8.40
N HIS B 446 23.82 -10.07 -7.41
CA HIS B 446 24.69 -8.92 -7.59
C HIS B 446 26.15 -9.24 -7.42
N SER B 447 26.51 -10.00 -6.37
CA SER B 447 27.86 -10.50 -6.17
C SER B 447 27.82 -12.02 -6.31
N PHE B 448 28.63 -12.57 -7.21
CA PHE B 448 28.56 -13.98 -7.52
C PHE B 448 29.83 -14.42 -8.23
N MET B 449 29.85 -15.68 -8.65
CA MET B 449 30.90 -16.22 -9.51
C MET B 449 30.36 -16.45 -10.91
N TRP B 450 30.93 -15.74 -11.88
CA TRP B 450 30.64 -15.94 -13.29
C TRP B 450 31.54 -17.04 -13.82
N GLU B 451 30.93 -18.07 -14.40
CA GLU B 451 31.63 -19.23 -14.93
C GLU B 451 31.43 -19.26 -16.44
N GLY B 452 32.53 -19.43 -17.17
CA GLY B 452 32.46 -19.47 -18.61
C GLY B 452 32.01 -20.82 -19.13
N ILE B 453 32.00 -20.93 -20.46
CA ILE B 453 31.60 -22.18 -21.10
C ILE B 453 32.61 -23.28 -20.84
N ASP B 454 33.82 -22.94 -20.41
CA ASP B 454 34.87 -23.93 -20.17
C ASP B 454 34.88 -24.43 -18.72
N GLY B 455 34.63 -23.53 -17.76
CA GLY B 455 34.64 -23.93 -16.37
C GLY B 455 35.35 -22.94 -15.47
N SER B 456 36.09 -22.01 -16.07
CA SER B 456 36.79 -21.00 -15.29
C SER B 456 35.80 -20.07 -14.61
N ARG B 457 36.07 -19.75 -13.35
CA ARG B 457 35.18 -18.93 -12.54
C ARG B 457 35.91 -17.67 -12.08
N ILE B 458 35.20 -16.55 -12.13
CA ILE B 458 35.71 -15.27 -11.66
C ILE B 458 34.67 -14.63 -10.76
N PHE B 459 35.13 -13.72 -9.90
CA PHE B 459 34.25 -13.04 -8.96
C PHE B 459 33.72 -11.76 -9.59
N THR B 460 32.41 -11.69 -9.76
CA THR B 460 31.76 -10.54 -10.38
C THR B 460 30.86 -9.85 -9.37
N HIS B 461 30.82 -8.52 -9.44
CA HIS B 461 29.97 -7.71 -8.57
C HIS B 461 29.21 -6.72 -9.42
N PHE B 462 27.90 -6.64 -9.21
CA PHE B 462 27.06 -5.65 -9.85
C PHE B 462 26.72 -4.56 -8.85
N PRO B 463 27.13 -3.31 -9.05
CA PRO B 463 26.75 -2.24 -8.12
C PRO B 463 25.24 -2.10 -8.04
N PRO B 464 24.66 -2.27 -6.85
CA PRO B 464 23.20 -2.23 -6.73
C PRO B 464 22.59 -0.86 -6.97
N ALA B 465 23.39 0.20 -6.99
CA ALA B 465 22.87 1.53 -7.28
C ALA B 465 22.39 1.67 -8.72
N ASP B 466 22.72 0.71 -9.59
CA ASP B 466 22.30 0.68 -10.99
C ASP B 466 22.80 1.88 -11.77
N THR B 467 23.91 2.48 -11.34
CA THR B 467 24.50 3.59 -12.05
C THR B 467 25.98 3.66 -11.72
N TYR B 468 26.77 4.17 -12.67
CA TYR B 468 28.20 4.38 -12.46
C TYR B 468 28.53 5.83 -12.15
N ALA B 469 27.54 6.71 -12.13
CA ALA B 469 27.74 8.14 -11.86
C ALA B 469 26.69 8.56 -10.83
N ALA B 470 27.03 8.41 -9.56
CA ALA B 470 26.12 8.74 -8.48
C ALA B 470 26.28 10.20 -8.07
N TRP B 471 25.17 10.80 -7.66
CA TRP B 471 25.15 12.18 -7.19
C TRP B 471 25.29 12.27 -5.68
N CYS B 472 25.49 11.15 -5.00
CA CYS B 472 25.60 11.09 -3.54
C CYS B 472 24.34 11.65 -2.87
N LYS B 473 23.23 10.99 -3.14
CA LYS B 473 21.94 11.33 -2.55
C LYS B 473 21.45 10.18 -1.69
N VAL B 474 20.60 10.51 -0.72
CA VAL B 474 20.06 9.49 0.18
C VAL B 474 19.18 8.51 -0.58
N GLN B 475 18.43 9.00 -1.57
CA GLN B 475 17.53 8.11 -2.29
C GLN B 475 18.28 7.07 -3.11
N GLU B 476 19.45 7.45 -3.66
CA GLU B 476 20.29 6.48 -4.33
C GLU B 476 20.74 5.38 -3.37
N LEU B 477 21.16 5.77 -2.16
CA LEU B 477 21.61 4.80 -1.17
C LEU B 477 20.46 3.87 -0.76
N ASP B 478 19.27 4.43 -0.54
CA ASP B 478 18.13 3.63 -0.14
C ASP B 478 17.72 2.66 -1.25
N TYR B 479 17.73 3.12 -2.50
CA TYR B 479 17.42 2.24 -3.61
C TYR B 479 18.45 1.13 -3.73
N ALA B 480 19.73 1.45 -3.54
CA ALA B 480 20.76 0.42 -3.60
C ALA B 480 20.58 -0.60 -2.48
N GLU B 481 20.22 -0.15 -1.28
CA GLU B 481 19.96 -1.08 -0.17
C GLU B 481 18.78 -1.98 -0.47
N LYS B 482 17.70 -1.43 -1.00
CA LYS B 482 16.52 -2.24 -1.26
C LYS B 482 16.65 -3.08 -2.53
N ASN B 483 17.63 -2.79 -3.39
CA ASN B 483 17.78 -3.52 -4.63
C ASN B 483 18.78 -4.68 -4.54
N PHE B 484 19.53 -4.79 -3.46
CA PHE B 484 20.54 -5.83 -3.35
C PHE B 484 19.89 -7.21 -3.35
N GLN B 485 20.47 -8.12 -4.13
CA GLN B 485 19.92 -9.46 -4.32
C GLN B 485 20.66 -10.52 -3.50
N ASP B 486 21.58 -10.11 -2.63
CA ASP B 486 22.36 -11.04 -1.83
C ASP B 486 22.45 -10.56 -0.38
N LYS B 487 21.33 -10.08 0.16
CA LYS B 487 21.33 -9.59 1.53
C LYS B 487 21.53 -10.69 2.56
N ASP B 488 21.20 -11.93 2.21
CA ASP B 488 21.31 -13.04 3.15
C ASP B 488 22.73 -13.59 3.26
N LEU B 489 23.63 -13.23 2.34
CA LEU B 489 24.99 -13.75 2.36
C LEU B 489 26.07 -12.68 2.44
N SER B 490 25.76 -11.43 2.13
CA SER B 490 26.77 -10.38 2.16
C SER B 490 26.08 -9.05 2.45
N ASP B 491 26.89 -8.10 2.92
CA ASP B 491 26.42 -6.74 3.19
C ASP B 491 27.43 -5.72 2.68
N ARG B 492 28.06 -6.02 1.54
CA ARG B 492 29.05 -5.16 0.93
C ARG B 492 28.61 -4.78 -0.47
N SER B 493 28.61 -3.47 -0.76
CA SER B 493 28.23 -2.95 -2.06
C SER B 493 29.17 -1.82 -2.45
N LEU B 494 29.42 -1.67 -3.74
CA LEU B 494 30.34 -0.68 -4.28
C LEU B 494 29.55 0.45 -4.91
N LEU B 495 29.91 1.69 -4.57
CA LEU B 495 29.26 2.88 -5.09
C LEU B 495 30.25 3.67 -5.94
N LEU B 496 29.84 4.02 -7.15
CA LEU B 496 30.63 4.83 -8.06
C LEU B 496 29.95 6.18 -8.20
N PHE B 497 30.60 7.23 -7.71
CA PHE B 497 30.00 8.56 -7.65
C PHE B 497 30.79 9.54 -8.49
N GLY B 498 30.09 10.53 -9.03
CA GLY B 498 30.64 11.56 -9.87
C GLY B 498 29.72 11.82 -11.04
N PHE B 499 30.21 12.62 -11.99
CA PHE B 499 29.48 12.91 -13.22
C PHE B 499 30.12 12.12 -14.36
N GLY B 500 29.30 11.35 -15.08
CA GLY B 500 29.79 10.44 -16.09
C GLY B 500 29.14 10.67 -17.45
N ASP B 501 29.64 9.90 -18.42
CA ASP B 501 29.19 9.82 -19.81
C ASP B 501 29.40 11.12 -20.57
N GLY B 502 29.94 12.14 -19.91
CA GLY B 502 30.25 13.40 -20.57
C GLY B 502 31.43 14.10 -19.95
N GLY B 503 32.11 13.44 -19.03
CA GLY B 503 33.16 14.05 -18.25
C GLY B 503 32.66 14.65 -16.96
N GLY B 504 33.45 15.57 -16.42
CA GLY B 504 33.10 16.21 -15.16
C GLY B 504 33.73 15.53 -13.96
N GLY B 505 32.97 14.69 -13.28
CA GLY B 505 33.48 13.95 -12.15
C GLY B 505 32.86 14.37 -10.84
N PRO B 506 33.36 13.83 -9.73
CA PRO B 506 32.84 14.20 -8.41
C PRO B 506 33.15 15.64 -8.07
N THR B 507 32.30 16.22 -7.24
CA THR B 507 32.42 17.61 -6.81
C THR B 507 32.61 17.66 -5.29
N ARG B 508 32.80 18.89 -4.79
CA ARG B 508 32.95 19.09 -3.35
C ARG B 508 31.68 18.72 -2.60
N ASN B 509 30.52 19.02 -3.17
CA ASN B 509 29.25 18.69 -2.52
C ASN B 509 29.11 17.19 -2.33
N MET B 510 29.54 16.40 -3.31
CA MET B 510 29.47 14.95 -3.18
C MET B 510 30.33 14.46 -2.02
N MET B 511 31.53 15.01 -1.88
CA MET B 511 32.39 14.63 -0.76
C MET B 511 31.78 15.02 0.57
N GLU B 512 31.20 16.22 0.65
CA GLU B 512 30.58 16.64 1.91
C GLU B 512 29.39 15.75 2.26
N HIS B 513 28.58 15.39 1.26
CA HIS B 513 27.46 14.48 1.50
C HIS B 513 27.94 13.11 1.96
N LEU B 514 29.01 12.60 1.33
CA LEU B 514 29.57 11.32 1.76
C LEU B 514 30.08 11.38 3.20
N HIS B 515 30.75 12.47 3.55
CA HIS B 515 31.23 12.64 4.92
C HIS B 515 30.07 12.66 5.90
N ARG B 516 28.95 13.28 5.51
CA ARG B 516 27.76 13.23 6.35
C ARG B 516 27.23 11.80 6.47
N TYR B 517 27.25 11.05 5.37
CA TYR B 517 26.73 9.68 5.36
C TYR B 517 27.68 8.66 5.96
N GLU B 518 28.87 9.09 6.40
CA GLU B 518 29.87 8.14 6.91
C GLU B 518 29.29 7.28 8.05
N ASN B 519 28.57 7.90 8.97
CA ASN B 519 27.93 7.17 10.07
C ASN B 519 26.65 7.91 10.45
N LEU B 520 25.52 7.47 9.89
CA LEU B 520 24.25 8.15 10.08
C LEU B 520 23.14 7.13 10.22
N GLU B 521 22.17 7.43 11.08
CA GLU B 521 21.03 6.55 11.25
C GLU B 521 20.12 6.63 10.03
N GLY B 522 19.73 5.45 9.51
CA GLY B 522 18.92 5.38 8.32
C GLY B 522 19.70 5.42 7.02
N VAL B 523 21.02 5.60 7.08
CA VAL B 523 21.87 5.62 5.90
C VAL B 523 23.04 4.67 6.15
N SER B 524 23.40 3.92 5.11
CA SER B 524 24.49 2.96 5.21
C SER B 524 25.82 3.65 5.49
N LYS B 525 26.76 2.87 6.02
CA LYS B 525 28.09 3.38 6.35
C LYS B 525 28.91 3.47 5.07
N VAL B 526 29.27 4.69 4.68
CA VAL B 526 29.97 4.95 3.42
C VAL B 526 31.38 5.43 3.74
N SER B 527 32.36 4.78 3.14
CA SER B 527 33.76 5.17 3.30
C SER B 527 34.47 5.10 1.96
N ILE B 528 35.49 5.94 1.80
CA ILE B 528 36.29 5.94 0.58
C ILE B 528 37.30 4.81 0.65
N GLU B 529 37.30 3.93 -0.35
CA GLU B 529 38.12 2.74 -0.31
C GLU B 529 38.56 2.38 -1.73
N GLU B 530 39.79 1.87 -1.84
CA GLU B 530 40.28 1.39 -3.12
C GLU B 530 39.47 0.17 -3.56
N PRO B 531 39.14 0.05 -4.85
CA PRO B 531 38.32 -1.08 -5.29
C PRO B 531 38.94 -2.45 -5.03
N ASN B 532 40.28 -2.57 -5.06
CA ASN B 532 40.91 -3.85 -4.81
C ASN B 532 40.62 -4.34 -3.39
N ASP B 533 40.74 -3.44 -2.41
CA ASP B 533 40.46 -3.80 -1.02
C ASP B 533 39.01 -4.20 -0.84
N PHE B 534 38.09 -3.46 -1.46
CA PHE B 534 36.69 -3.82 -1.39
C PHE B 534 36.42 -5.20 -1.97
N PHE B 535 37.02 -5.48 -3.13
CA PHE B 535 36.77 -6.77 -3.76
C PHE B 535 37.31 -7.90 -2.91
N ASP B 536 38.50 -7.72 -2.33
CA ASP B 536 39.07 -8.73 -1.45
C ASP B 536 38.18 -8.96 -0.24
N LYS B 537 37.73 -7.88 0.41
CA LYS B 537 36.90 -8.03 1.61
C LYS B 537 35.57 -8.69 1.28
N ALA B 538 34.94 -8.28 0.17
CA ALA B 538 33.65 -8.87 -0.20
C ALA B 538 33.80 -10.34 -0.54
N HIS B 539 34.84 -10.71 -1.27
CA HIS B 539 35.06 -12.12 -1.60
C HIS B 539 35.31 -12.94 -0.34
N GLN B 540 36.11 -12.42 0.59
CA GLN B 540 36.38 -13.16 1.82
C GLN B 540 35.11 -13.35 2.64
N GLN B 541 34.29 -12.29 2.75
CA GLN B 541 33.06 -12.40 3.50
C GLN B 541 32.08 -13.37 2.84
N LEU B 542 31.99 -13.34 1.52
CA LEU B 542 31.12 -14.28 0.81
C LEU B 542 31.59 -15.71 1.00
N ALA B 543 32.90 -15.94 0.95
CA ALA B 543 33.42 -17.27 1.19
C ALA B 543 33.12 -17.75 2.62
N GLU B 544 33.24 -16.85 3.60
CA GLU B 544 32.94 -17.22 4.98
C GLU B 544 31.48 -17.59 5.15
N ASN B 545 30.58 -16.71 4.71
CA ASN B 545 29.15 -16.92 4.99
C ASN B 545 28.56 -18.02 4.12
N ALA B 546 28.87 -18.03 2.84
CA ALA B 546 28.19 -18.92 1.90
C ALA B 546 28.70 -20.35 2.03
N GLY B 547 30.00 -20.56 1.79
CA GLY B 547 30.56 -21.88 1.77
C GLY B 547 30.04 -22.71 0.62
N PRO B 548 29.47 -23.87 0.92
CA PRO B 548 28.90 -24.70 -0.15
C PRO B 548 27.78 -24.02 -0.93
N GLU B 549 26.98 -23.17 -0.27
CA GLU B 549 25.84 -22.51 -0.92
C GLU B 549 26.27 -21.13 -1.41
N MET B 550 27.16 -21.14 -2.40
CA MET B 550 27.70 -19.89 -2.91
C MET B 550 27.25 -19.67 -4.34
N PRO B 551 26.72 -18.49 -4.65
CA PRO B 551 26.09 -18.27 -5.96
C PRO B 551 27.05 -18.49 -7.12
N VAL B 552 26.55 -19.14 -8.17
CA VAL B 552 27.30 -19.37 -9.40
C VAL B 552 26.36 -19.15 -10.57
N TRP B 553 26.79 -18.37 -11.57
CA TRP B 553 26.08 -18.20 -12.82
C TRP B 553 26.97 -18.64 -13.96
N LYS B 554 26.52 -19.63 -14.72
CA LYS B 554 27.28 -20.17 -15.84
C LYS B 554 26.65 -19.74 -17.14
N GLY B 555 27.48 -19.25 -18.07
CA GLY B 555 27.00 -18.85 -19.37
C GLY B 555 27.36 -17.43 -19.73
N GLU B 556 26.59 -16.81 -20.61
CA GLU B 556 26.83 -15.45 -21.06
C GLU B 556 25.91 -14.47 -20.31
N LEU B 557 26.35 -13.22 -20.24
CA LEU B 557 25.59 -12.16 -19.59
C LEU B 557 24.81 -11.41 -20.67
N TYR B 558 23.72 -12.02 -21.11
CA TYR B 558 22.89 -11.44 -22.16
C TYR B 558 22.14 -10.22 -21.64
N LEU B 559 22.15 -9.14 -22.42
CA LEU B 559 21.44 -7.93 -22.08
C LEU B 559 20.17 -7.83 -22.91
N GLU B 560 19.04 -7.68 -22.24
CA GLU B 560 17.74 -7.59 -22.91
C GLU B 560 17.43 -6.14 -23.27
N LEU B 561 18.32 -5.55 -24.05
CA LEU B 561 18.18 -4.17 -24.50
C LEU B 561 19.20 -3.92 -25.60
N HIS B 562 18.96 -2.87 -26.38
CA HIS B 562 19.87 -2.44 -27.44
C HIS B 562 20.14 -3.58 -28.43
N ARG B 563 19.09 -4.33 -28.76
CA ARG B 563 19.25 -5.47 -29.66
C ARG B 563 19.52 -5.05 -31.10
N GLY B 564 19.24 -3.79 -31.45
CA GLY B 564 19.51 -3.30 -32.79
C GLY B 564 20.93 -2.89 -33.04
N THR B 565 21.80 -2.95 -32.03
CA THR B 565 23.20 -2.58 -32.20
C THR B 565 23.98 -3.61 -33.01
N LEU B 566 23.39 -4.77 -33.29
CA LEU B 566 24.05 -5.80 -34.08
C LEU B 566 23.95 -5.56 -35.58
N THR B 567 23.16 -4.57 -36.00
CA THR B 567 22.92 -4.34 -37.42
C THR B 567 23.23 -2.90 -37.81
N SER B 568 23.08 -1.98 -36.87
CA SER B 568 23.29 -0.57 -37.16
C SER B 568 24.73 -0.31 -37.57
N GLN B 569 24.91 0.47 -38.63
CA GLN B 569 26.23 0.80 -39.17
C GLN B 569 27.00 -0.48 -39.54
N GLN B 570 26.46 -1.17 -40.55
CA GLN B 570 27.05 -2.43 -40.99
C GLN B 570 28.50 -2.28 -41.41
N ASP B 571 28.89 -1.07 -41.84
CA ASP B 571 30.27 -0.85 -42.25
C ASP B 571 31.24 -1.09 -41.11
N MET B 572 30.84 -0.73 -39.88
CA MET B 572 31.71 -0.94 -38.73
C MET B 572 32.01 -2.43 -38.53
N LYS B 573 30.96 -3.25 -38.51
CA LYS B 573 31.15 -4.69 -38.30
C LYS B 573 31.92 -5.31 -39.46
N ARG B 574 31.59 -4.92 -40.70
CA ARG B 574 32.30 -5.47 -41.85
C ARG B 574 33.78 -5.14 -41.79
N GLY B 575 34.10 -3.87 -41.51
CA GLY B 575 35.50 -3.48 -41.42
C GLY B 575 36.22 -4.16 -40.28
N CYS B 576 35.56 -4.32 -39.13
CA CYS B 576 36.18 -4.99 -38.00
C CYS B 576 36.54 -6.43 -38.36
N ARG B 577 35.58 -7.18 -38.91
CA ARG B 577 35.85 -8.57 -39.23
C ARG B 577 36.91 -8.70 -40.32
N GLN B 578 36.83 -7.86 -41.36
CA GLN B 578 37.81 -7.93 -42.43
C GLN B 578 39.20 -7.60 -41.92
N GLU B 579 39.33 -6.58 -41.07
CA GLU B 579 40.63 -6.21 -40.53
C GLU B 579 41.18 -7.30 -39.63
N GLU B 580 40.33 -7.95 -38.83
CA GLU B 580 40.80 -9.04 -37.98
C GLU B 580 41.34 -10.20 -38.82
N SER B 581 40.60 -10.58 -39.87
CA SER B 581 41.06 -11.67 -40.73
C SER B 581 42.36 -11.31 -41.44
N LEU B 582 42.45 -10.08 -41.97
CA LEU B 582 43.65 -9.66 -42.66
C LEU B 582 44.83 -9.59 -41.71
N LEU B 583 44.60 -9.14 -40.48
CA LEU B 583 45.68 -9.10 -39.49
C LEU B 583 46.17 -10.49 -39.15
N ARG B 584 45.25 -11.45 -39.02
CA ARG B 584 45.67 -12.84 -38.79
C ARG B 584 46.56 -13.33 -39.91
N THR B 585 46.12 -13.11 -41.16
CA THR B 585 46.92 -13.57 -42.30
C THR B 585 48.28 -12.87 -42.33
N VAL B 586 48.30 -11.55 -42.07
CA VAL B 586 49.54 -10.79 -42.14
C VAL B 586 50.52 -11.25 -41.07
N GLU B 587 50.05 -11.46 -39.84
CA GLU B 587 50.94 -11.91 -38.79
C GLU B 587 51.47 -13.31 -39.07
N TYR B 588 50.61 -14.20 -39.59
CA TYR B 588 51.11 -15.54 -39.94
C TYR B 588 52.17 -15.45 -41.03
N LEU B 589 51.95 -14.63 -42.05
CA LEU B 589 52.92 -14.50 -43.13
C LEU B 589 54.22 -13.91 -42.62
N GLY B 590 54.15 -12.91 -41.73
CA GLY B 590 55.36 -12.33 -41.18
C GLY B 590 56.14 -13.31 -40.33
N ALA B 591 55.45 -14.10 -39.50
CA ALA B 591 56.12 -15.11 -38.70
C ALA B 591 56.79 -16.14 -39.60
N ALA B 592 56.11 -16.55 -40.68
CA ALA B 592 56.71 -17.50 -41.61
C ALA B 592 57.93 -16.91 -42.30
N ALA B 593 57.86 -15.63 -42.69
CA ALA B 593 58.96 -15.01 -43.43
C ALA B 593 60.18 -14.81 -42.53
N VAL B 594 59.97 -14.43 -41.28
CA VAL B 594 61.10 -14.18 -40.39
C VAL B 594 61.91 -15.45 -40.18
N LEU B 595 61.22 -16.58 -39.98
CA LEU B 595 61.92 -17.84 -39.74
C LEU B 595 62.63 -18.37 -40.98
N SER B 596 62.36 -17.82 -42.16
CA SER B 596 62.99 -18.27 -43.39
C SER B 596 64.10 -17.34 -43.87
N ASP B 597 63.88 -16.03 -43.84
CA ASP B 597 64.87 -15.06 -44.29
C ASP B 597 65.38 -14.26 -43.10
N PRO B 598 66.62 -14.49 -42.65
CA PRO B 598 67.16 -13.69 -41.54
C PRO B 598 67.26 -12.20 -41.86
N GLU B 599 67.42 -11.85 -43.13
CA GLU B 599 67.58 -10.45 -43.50
C GLU B 599 66.28 -9.66 -43.41
N TYR B 600 65.14 -10.33 -43.41
CA TYR B 600 63.86 -9.64 -43.37
C TYR B 600 63.66 -8.95 -42.03
N VAL B 601 63.05 -7.76 -42.07
CA VAL B 601 62.80 -6.96 -40.89
C VAL B 601 61.30 -6.89 -40.67
N TYR B 602 60.86 -7.29 -39.48
CA TYR B 602 59.44 -7.30 -39.15
C TYR B 602 58.96 -5.88 -38.86
N PRO B 603 57.94 -5.38 -39.57
CA PRO B 603 57.41 -4.03 -39.30
C PRO B 603 56.55 -3.99 -38.03
N ARG B 604 57.21 -3.91 -36.88
CA ARG B 604 56.50 -3.97 -35.61
C ARG B 604 55.75 -2.67 -35.32
N GLU B 605 56.35 -1.53 -35.66
CA GLU B 605 55.75 -0.25 -35.30
C GLU B 605 54.47 0.02 -36.08
N GLU B 606 54.50 -0.20 -37.39
CA GLU B 606 53.31 0.02 -38.20
C GLU B 606 52.19 -0.94 -37.82
N LEU B 607 52.52 -2.20 -37.59
CA LEU B 607 51.52 -3.16 -37.16
C LEU B 607 50.94 -2.79 -35.81
N ASP B 608 51.77 -2.30 -34.89
CA ASP B 608 51.27 -1.86 -33.59
C ASP B 608 50.33 -0.68 -33.75
N ARG B 609 50.66 0.28 -34.62
CA ARG B 609 49.78 1.41 -34.83
C ARG B 609 48.44 0.97 -35.42
N ILE B 610 48.47 0.04 -36.38
CA ILE B 610 47.23 -0.46 -36.98
C ILE B 610 46.40 -1.19 -35.94
N TRP B 611 47.05 -2.01 -35.10
CA TRP B 611 46.34 -2.71 -34.05
C TRP B 611 45.69 -1.74 -33.08
N LYS B 612 46.41 -0.69 -32.68
CA LYS B 612 45.86 0.28 -31.74
C LYS B 612 44.69 1.04 -32.36
N THR B 613 44.80 1.39 -33.65
CA THR B 613 43.69 2.06 -34.32
C THR B 613 42.46 1.18 -34.33
N LEU B 614 42.62 -0.11 -34.66
CA LEU B 614 41.48 -1.02 -34.65
C LEU B 614 40.90 -1.17 -33.24
N LEU B 615 41.77 -1.29 -32.24
CA LEU B 615 41.30 -1.47 -30.88
C LEU B 615 40.51 -0.25 -30.41
N LEU B 616 40.97 0.96 -30.77
CA LEU B 616 40.21 2.16 -30.46
C LEU B 616 38.88 2.16 -31.20
N ASN B 617 38.87 1.72 -32.46
CA ASN B 617 37.62 1.65 -33.21
C ASN B 617 36.67 0.60 -32.66
N GLN B 618 37.15 -0.30 -31.81
CA GLN B 618 36.31 -1.33 -31.20
C GLN B 618 35.62 -0.86 -29.92
N PHE B 619 35.40 0.44 -29.75
CA PHE B 619 34.76 0.98 -28.57
C PHE B 619 33.30 0.53 -28.48
N HIS B 620 32.69 0.76 -27.32
CA HIS B 620 31.32 0.32 -27.09
C HIS B 620 30.29 1.29 -27.65
N ASP B 621 30.72 2.32 -28.36
CA ASP B 621 29.79 3.20 -29.09
C ASP B 621 30.07 3.27 -30.58
N ILE B 622 31.29 2.98 -31.03
CA ILE B 622 31.60 3.01 -32.45
C ILE B 622 31.25 1.69 -33.12
N LEU B 623 31.70 0.58 -32.54
CA LEU B 623 31.39 -0.74 -33.11
C LEU B 623 29.89 -1.02 -33.13
N PRO B 624 29.12 -0.79 -32.05
CA PRO B 624 27.66 -0.96 -32.17
C PRO B 624 27.04 -0.03 -33.21
N GLY B 625 27.59 1.16 -33.39
CA GLY B 625 27.08 2.09 -34.38
C GLY B 625 26.03 3.04 -33.87
N SER B 626 26.27 3.68 -32.73
CA SER B 626 25.31 4.58 -32.11
C SER B 626 25.97 5.91 -31.77
N ALA B 627 26.73 6.45 -32.71
CA ALA B 627 27.38 7.75 -32.56
C ALA B 627 26.95 8.67 -33.70
N ILE B 628 27.51 9.87 -33.73
CA ILE B 628 27.18 10.87 -34.73
C ILE B 628 27.84 10.51 -36.05
N ALA B 629 27.46 11.20 -37.13
CA ALA B 629 27.98 10.89 -38.46
C ALA B 629 29.47 11.15 -38.56
N TRP B 630 29.99 12.13 -37.82
CA TRP B 630 31.41 12.44 -37.87
C TRP B 630 32.25 11.27 -37.39
N VAL B 631 31.85 10.65 -36.28
CA VAL B 631 32.59 9.53 -35.71
C VAL B 631 32.64 8.37 -36.70
N HIS B 632 31.49 8.05 -37.30
CA HIS B 632 31.43 6.92 -38.22
C HIS B 632 32.17 7.21 -39.52
N ARG B 633 32.16 8.46 -39.99
CA ARG B 633 32.95 8.81 -41.16
C ARG B 633 34.44 8.64 -40.89
N GLU B 634 34.90 9.10 -39.73
CA GLU B 634 36.30 8.91 -39.37
C GLU B 634 36.64 7.44 -39.25
N ALA B 635 35.74 6.65 -38.66
CA ALA B 635 35.98 5.22 -38.51
C ALA B 635 36.05 4.53 -39.86
N ARG B 636 35.18 4.91 -40.80
CA ARG B 636 35.21 4.33 -42.13
C ARG B 636 36.51 4.67 -42.86
N GLU B 637 36.96 5.93 -42.74
CA GLU B 637 38.23 6.30 -43.35
C GLU B 637 39.38 5.51 -42.76
N ASP B 638 39.40 5.36 -41.43
CA ASP B 638 40.44 4.57 -40.78
C ASP B 638 40.41 3.12 -41.24
N TYR B 639 39.21 2.54 -41.34
CA TYR B 639 39.08 1.16 -41.78
C TYR B 639 39.63 0.98 -43.19
N ARG B 640 39.24 1.87 -44.10
CA ARG B 640 39.70 1.75 -45.48
C ARG B 640 41.22 1.89 -45.58
N ARG B 641 41.77 2.90 -44.90
CA ARG B 641 43.22 3.11 -44.96
C ARG B 641 43.98 1.92 -44.38
N ASP B 642 43.53 1.43 -43.22
CA ASP B 642 44.20 0.30 -42.58
C ASP B 642 44.09 -0.96 -43.43
N LEU B 643 42.94 -1.19 -44.05
CA LEU B 643 42.79 -2.37 -44.90
C LEU B 643 43.73 -2.30 -46.09
N LYS B 644 43.83 -1.14 -46.74
CA LYS B 644 44.74 -1.00 -47.87
C LYS B 644 46.18 -1.20 -47.44
N ARG B 645 46.58 -0.61 -46.31
CA ARG B 645 47.95 -0.76 -45.83
C ARG B 645 48.26 -2.20 -45.49
N LEU B 646 47.31 -2.89 -44.84
CA LEU B 646 47.52 -4.29 -44.49
C LEU B 646 47.63 -5.16 -45.72
N ALA B 647 46.83 -4.85 -46.76
CA ALA B 647 46.95 -5.59 -48.01
C ALA B 647 48.33 -5.40 -48.64
N GLU B 648 48.84 -4.16 -48.63
CA GLU B 648 50.17 -3.91 -49.18
C GLU B 648 51.24 -4.65 -48.38
N ILE B 649 51.12 -4.64 -47.05
CA ILE B 649 52.09 -5.34 -46.21
C ILE B 649 52.06 -6.84 -46.48
N ALA B 650 50.86 -7.40 -46.61
CA ALA B 650 50.74 -8.82 -46.92
C ALA B 650 51.34 -9.14 -48.28
N GLN B 651 51.15 -8.26 -49.25
CA GLN B 651 51.75 -8.47 -50.57
C GLN B 651 53.27 -8.47 -50.49
N ASP B 652 53.83 -7.55 -49.70
CA ASP B 652 55.29 -7.52 -49.53
C ASP B 652 55.80 -8.79 -48.87
N MET B 653 55.12 -9.25 -47.82
CA MET B 653 55.53 -10.48 -47.15
C MET B 653 55.42 -11.68 -48.08
N CYS B 654 54.35 -11.72 -48.89
CA CYS B 654 54.20 -12.81 -49.84
C CYS B 654 55.30 -12.81 -50.88
N ALA B 655 55.70 -11.61 -51.34
CA ALA B 655 56.81 -11.52 -52.29
C ALA B 655 58.10 -12.02 -51.66
N VAL B 656 58.36 -11.66 -50.41
CA VAL B 656 59.56 -12.14 -49.73
C VAL B 656 59.54 -13.66 -49.60
N LEU B 657 58.39 -14.22 -49.21
CA LEU B 657 58.28 -15.67 -49.07
C LEU B 657 58.48 -16.37 -50.41
N ARG B 658 57.93 -15.81 -51.48
CA ARG B 658 58.14 -16.40 -52.81
C ARG B 658 59.61 -16.35 -53.20
N LYS B 659 60.29 -15.24 -52.88
CA LYS B 659 61.71 -15.15 -53.17
C LYS B 659 62.51 -16.19 -52.39
N ALA B 660 62.14 -16.43 -51.14
CA ALA B 660 62.87 -17.37 -50.30
C ALA B 660 62.52 -18.83 -50.58
N ASN B 661 61.46 -19.10 -51.33
CA ASN B 661 61.01 -20.46 -51.61
C ASN B 661 60.83 -20.64 -53.11
N PRO B 662 61.91 -20.93 -53.84
CA PRO B 662 61.78 -21.09 -55.29
C PRO B 662 61.25 -22.45 -55.71
N GLN B 663 61.31 -23.46 -54.85
CA GLN B 663 60.88 -24.79 -55.23
C GLN B 663 59.36 -24.93 -55.28
N ALA B 664 58.63 -24.17 -54.46
CA ALA B 664 57.19 -24.30 -54.40
C ALA B 664 56.53 -23.75 -55.66
N ASP B 665 55.28 -24.14 -55.88
CA ASP B 665 54.50 -23.71 -57.03
C ASP B 665 53.63 -22.51 -56.65
N LEU B 666 53.61 -21.51 -57.52
CA LEU B 666 52.83 -20.32 -57.27
C LEU B 666 51.33 -20.59 -57.43
N LEU B 667 50.53 -19.91 -56.62
CA LEU B 667 49.07 -19.99 -56.70
C LEU B 667 48.57 -18.62 -57.11
N ALA B 668 47.97 -18.54 -58.30
CA ALA B 668 47.53 -17.26 -58.83
C ALA B 668 46.45 -16.64 -57.97
N GLU B 669 45.50 -17.44 -57.50
CA GLU B 669 44.41 -16.98 -56.64
C GLU B 669 44.24 -18.01 -55.54
N ALA B 670 44.59 -17.64 -54.31
CA ALA B 670 44.55 -18.58 -53.21
C ALA B 670 44.16 -17.89 -51.92
N ARG B 671 43.67 -18.68 -50.98
CA ARG B 671 43.31 -18.21 -49.65
C ARG B 671 43.92 -19.13 -48.61
N ILE B 672 44.21 -18.56 -47.44
CA ILE B 672 44.72 -19.29 -46.28
C ILE B 672 43.70 -19.11 -45.17
N SER B 673 43.05 -20.21 -44.78
CA SER B 673 42.00 -20.19 -43.77
C SER B 673 42.31 -21.22 -42.71
N GLN B 674 42.28 -20.80 -41.44
CA GLN B 674 42.58 -21.71 -40.35
C GLN B 674 41.52 -22.80 -40.26
N PHE B 675 41.98 -23.99 -39.86
CA PHE B 675 41.13 -25.18 -39.72
C PHE B 675 40.37 -25.48 -41.01
N ARG B 676 41.14 -25.83 -42.04
CA ARG B 676 40.59 -26.39 -43.26
C ARG B 676 40.51 -27.90 -43.09
N ASN B 677 39.40 -28.47 -43.57
CA ASN B 677 39.15 -29.89 -43.35
C ASN B 677 40.16 -30.75 -44.13
N ASP B 678 40.09 -32.06 -43.86
CA ASP B 678 40.96 -33.06 -44.49
C ASP B 678 42.43 -32.84 -44.11
N GLY B 679 42.67 -32.29 -42.94
CA GLY B 679 44.04 -32.14 -42.44
C GLY B 679 44.91 -31.24 -43.29
N ALA B 680 44.36 -30.15 -43.81
CA ALA B 680 45.08 -29.18 -44.62
C ALA B 680 44.76 -27.77 -44.15
N SER B 681 44.84 -27.56 -42.83
CA SER B 681 44.34 -26.35 -42.19
C SER B 681 45.03 -25.09 -42.71
N TRP B 682 46.32 -24.94 -42.43
CA TRP B 682 47.02 -23.70 -42.73
C TRP B 682 47.71 -23.73 -44.09
N HIS B 683 47.18 -24.50 -45.04
CA HIS B 683 47.70 -24.52 -46.40
C HIS B 683 46.92 -23.53 -47.26
N ALA B 684 47.62 -22.92 -48.20
CA ALA B 684 46.99 -22.02 -49.15
C ALA B 684 46.31 -22.85 -50.25
N ASN B 685 45.03 -22.60 -50.46
CA ASN B 685 44.25 -23.36 -51.43
C ASN B 685 43.65 -22.43 -52.47
N ARG B 686 43.56 -22.91 -53.70
CA ARG B 686 43.05 -22.10 -54.80
C ARG B 686 41.55 -21.87 -54.66
N ILE B 687 41.07 -20.82 -55.32
CA ILE B 687 39.64 -20.55 -55.36
C ILE B 687 38.92 -21.60 -56.19
N ASN B 688 39.46 -21.92 -57.36
CA ASN B 688 38.85 -22.88 -58.29
C ASN B 688 39.78 -24.08 -58.51
N GLU B 689 39.69 -25.04 -57.60
CA GLU B 689 40.50 -26.25 -57.78
C GLU B 689 39.70 -27.31 -58.56
N PRO B 690 40.37 -28.01 -59.48
CA PRO B 690 39.65 -29.00 -60.31
C PRO B 690 39.04 -30.10 -59.46
N THR B 691 37.85 -30.55 -59.87
CA THR B 691 37.10 -31.56 -59.15
C THR B 691 36.75 -32.70 -60.09
N ASP B 692 36.66 -33.91 -59.52
CA ASP B 692 36.25 -35.07 -60.31
C ASP B 692 34.78 -34.99 -60.72
N ALA B 693 33.96 -34.28 -59.95
CA ALA B 693 32.55 -34.15 -60.27
C ALA B 693 32.36 -33.35 -61.56
N LEU B 694 31.33 -33.73 -62.31
CA LEU B 694 31.05 -33.09 -63.58
C LEU B 694 30.43 -31.71 -63.36
N SER B 695 30.37 -30.94 -64.44
CA SER B 695 29.78 -29.60 -64.38
C SER B 695 28.31 -29.69 -64.01
N VAL B 696 27.84 -28.73 -63.22
CA VAL B 696 26.45 -28.71 -62.79
C VAL B 696 25.55 -28.42 -63.99
N LEU B 697 24.42 -29.11 -64.06
CA LEU B 697 23.47 -28.93 -65.15
C LEU B 697 22.42 -27.89 -64.80
N THR B 698 21.89 -27.25 -65.83
CA THR B 698 20.84 -26.25 -65.68
C THR B 698 19.68 -26.62 -66.60
N GLN B 699 18.48 -26.24 -66.19
CA GLN B 699 17.28 -26.58 -66.93
C GLN B 699 16.21 -25.52 -66.66
N THR B 700 15.42 -25.21 -67.69
CA THR B 700 14.33 -24.25 -67.60
C THR B 700 13.01 -25.01 -67.62
N LEU B 701 12.15 -24.70 -66.65
CA LEU B 701 10.87 -25.40 -66.52
C LEU B 701 9.80 -24.67 -67.33
N ASP B 702 8.54 -25.07 -67.16
CA ASP B 702 7.46 -24.53 -67.97
C ASP B 702 7.13 -23.09 -67.59
N ASN B 703 7.05 -22.79 -66.30
CA ASN B 703 6.61 -21.49 -65.82
C ASN B 703 7.78 -20.63 -65.36
N GLY B 704 8.91 -20.73 -66.05
CA GLY B 704 10.08 -19.95 -65.71
C GLY B 704 10.87 -20.47 -64.53
N ARG B 705 10.49 -21.60 -63.96
CA ARG B 705 11.22 -22.16 -62.82
C ARG B 705 12.55 -22.72 -63.28
N VAL B 706 13.58 -22.54 -62.46
CA VAL B 706 14.95 -22.92 -62.80
C VAL B 706 15.35 -24.09 -61.91
N LEU B 707 15.86 -25.16 -62.54
CA LEU B 707 16.29 -26.36 -61.83
C LEU B 707 17.80 -26.51 -61.98
N LEU B 708 18.50 -26.61 -60.86
CA LEU B 708 19.94 -26.81 -60.83
C LEU B 708 20.23 -28.12 -60.11
N ALA B 709 21.06 -28.96 -60.71
CA ALA B 709 21.32 -30.29 -60.18
C ALA B 709 22.78 -30.66 -60.39
N ASN B 710 23.56 -30.61 -59.31
CA ASN B 710 24.88 -31.24 -59.29
C ASN B 710 24.72 -32.67 -58.78
N GLY B 711 25.84 -33.30 -58.43
CA GLY B 711 25.78 -34.68 -57.98
C GLY B 711 25.21 -34.87 -56.59
N VAL B 712 25.08 -33.80 -55.81
CA VAL B 712 24.67 -33.94 -54.40
C VAL B 712 23.48 -33.07 -54.03
N LEU B 713 23.11 -32.05 -54.79
CA LEU B 713 22.03 -31.15 -54.40
C LEU B 713 21.11 -30.90 -55.58
N SER B 714 19.85 -30.57 -55.27
CA SER B 714 18.87 -30.18 -56.27
C SER B 714 18.16 -28.92 -55.79
N VAL B 715 18.32 -27.83 -56.54
CA VAL B 715 17.80 -26.53 -56.16
C VAL B 715 16.76 -26.10 -57.20
N THR B 716 15.59 -25.69 -56.74
CA THR B 716 14.53 -25.20 -57.60
C THR B 716 14.20 -23.77 -57.24
N ILE B 717 14.22 -22.89 -58.24
CA ILE B 717 14.00 -21.47 -58.06
C ILE B 717 12.72 -21.08 -58.79
N GLU B 718 11.82 -20.39 -58.09
CA GLU B 718 10.58 -19.95 -58.68
C GLU B 718 10.79 -18.74 -59.57
N ALA B 719 9.71 -18.25 -60.18
CA ALA B 719 9.80 -17.10 -61.07
C ALA B 719 10.15 -15.82 -60.32
N ASP B 720 9.93 -15.77 -59.01
CA ASP B 720 10.24 -14.61 -58.21
C ASP B 720 11.66 -14.63 -57.63
N GLY B 721 12.45 -15.64 -57.98
CA GLY B 721 13.82 -15.71 -57.51
C GLY B 721 14.00 -16.22 -56.10
N THR B 722 13.03 -16.96 -55.57
CA THR B 722 13.11 -17.51 -54.23
C THR B 722 13.16 -19.03 -54.31
N ILE B 723 14.01 -19.64 -53.49
CA ILE B 723 14.16 -21.08 -53.49
C ILE B 723 12.93 -21.71 -52.85
N SER B 724 12.35 -22.70 -53.54
CA SER B 724 11.21 -23.43 -53.02
C SER B 724 11.49 -24.91 -52.76
N SER B 725 12.57 -25.46 -53.33
CA SER B 725 12.91 -26.86 -53.14
C SER B 725 14.42 -27.00 -53.09
N LEU B 726 14.93 -27.46 -51.94
CA LEU B 726 16.36 -27.69 -51.74
C LEU B 726 16.53 -29.13 -51.26
N LEU B 727 16.72 -30.05 -52.20
CA LEU B 727 16.75 -31.47 -51.90
C LEU B 727 18.21 -31.93 -51.80
N ASP B 728 18.51 -32.67 -50.74
CA ASP B 728 19.84 -33.22 -50.51
C ASP B 728 19.86 -34.67 -50.98
N GLU B 729 20.79 -35.01 -51.85
CA GLU B 729 20.87 -36.36 -52.39
C GLU B 729 21.47 -37.31 -51.35
N GLU B 730 21.34 -38.60 -51.64
CA GLU B 730 21.88 -39.71 -50.83
C GLU B 730 21.44 -39.62 -49.36
N HIS B 731 20.44 -38.80 -49.07
CA HIS B 731 19.86 -38.73 -47.73
C HIS B 731 18.34 -38.72 -47.72
N GLY B 732 17.69 -38.34 -48.81
CA GLY B 732 16.24 -38.26 -48.84
C GLY B 732 15.67 -37.21 -47.91
N ARG B 733 16.33 -36.07 -47.81
CA ARG B 733 15.91 -34.99 -46.91
C ARG B 733 15.59 -33.75 -47.73
N GLU B 734 14.44 -33.14 -47.44
CA GLU B 734 14.05 -31.88 -48.04
C GLU B 734 14.35 -30.75 -47.07
N LEU B 735 15.18 -29.81 -47.48
CA LEU B 735 15.66 -28.75 -46.60
C LEU B 735 14.73 -27.54 -46.55
N VAL B 736 13.70 -27.49 -47.38
CA VAL B 736 12.75 -26.39 -47.41
C VAL B 736 11.37 -26.94 -47.11
N PRO B 737 10.70 -26.48 -46.04
CA PRO B 737 9.34 -26.95 -45.77
C PRO B 737 8.39 -26.51 -46.88
N ALA B 738 7.37 -27.33 -47.11
CA ALA B 738 6.36 -27.00 -48.11
C ALA B 738 5.57 -25.77 -47.67
N GLY B 739 5.31 -24.88 -48.62
CA GLY B 739 4.62 -23.64 -48.34
C GLY B 739 5.48 -22.49 -47.90
N THR B 740 6.81 -22.67 -47.83
CA THR B 740 7.73 -21.62 -47.44
C THR B 740 8.73 -21.37 -48.56
N ARG B 741 9.19 -20.13 -48.66
CA ARG B 741 10.14 -19.71 -49.69
C ARG B 741 11.45 -19.31 -49.04
N LEU B 742 12.55 -19.81 -49.59
CA LEU B 742 13.89 -19.52 -49.08
C LEU B 742 14.51 -18.36 -49.86
N GLY B 743 15.19 -17.48 -49.15
CA GLY B 743 15.79 -16.32 -49.77
C GLY B 743 14.87 -15.12 -49.94
N GLN B 744 13.68 -15.17 -49.37
CA GLN B 744 12.74 -14.07 -49.47
C GLN B 744 13.18 -12.91 -48.58
N TYR B 745 13.02 -11.69 -49.08
CA TYR B 745 13.40 -10.49 -48.36
C TYR B 745 12.18 -9.88 -47.68
N GLU B 746 12.36 -9.47 -46.43
CA GLU B 746 11.30 -8.91 -45.60
C GLU B 746 11.68 -7.51 -45.17
N LEU B 747 10.70 -6.61 -45.19
CA LEU B 747 10.85 -5.23 -44.75
C LEU B 747 9.96 -5.00 -43.54
N LEU B 748 10.53 -4.42 -42.49
CA LEU B 748 9.85 -4.16 -41.24
C LEU B 748 9.86 -2.67 -40.93
N ARG B 749 8.82 -2.20 -40.25
CA ARG B 749 8.73 -0.80 -39.84
C ARG B 749 9.38 -0.65 -38.47
N ASP B 750 10.51 0.05 -38.43
CA ASP B 750 11.29 0.22 -37.21
C ASP B 750 11.13 1.66 -36.74
N GLU B 751 10.22 1.87 -35.78
CA GLU B 751 9.97 3.18 -35.18
C GLU B 751 9.96 3.05 -33.67
N PRO B 752 11.13 2.84 -33.07
CA PRO B 752 11.18 2.64 -31.62
C PRO B 752 10.88 3.92 -30.86
N ALA B 753 10.36 3.76 -29.64
CA ALA B 753 10.02 4.92 -28.82
C ALA B 753 11.27 5.57 -28.25
N VAL B 754 12.26 4.78 -27.84
CA VAL B 754 13.47 5.29 -27.21
C VAL B 754 14.68 4.62 -27.85
N TRP B 755 15.77 5.38 -27.94
CA TRP B 755 17.07 4.87 -28.42
C TRP B 755 16.93 4.28 -29.82
N ASP B 756 16.66 5.18 -30.77
CA ASP B 756 16.31 4.77 -32.14
C ASP B 756 17.38 3.86 -32.74
N ALA B 757 18.64 4.28 -32.67
CA ALA B 757 19.72 3.46 -33.24
C ALA B 757 19.96 2.20 -32.41
N TRP B 758 19.76 2.28 -31.09
CA TRP B 758 20.05 1.14 -30.23
C TRP B 758 19.00 0.04 -30.37
N GLU B 759 17.72 0.42 -30.43
CA GLU B 759 16.63 -0.50 -30.15
C GLU B 759 15.95 -1.00 -31.42
N ILE B 760 15.63 -2.29 -31.42
CA ILE B 760 14.64 -2.88 -32.32
C ILE B 760 13.57 -3.52 -31.45
N GLU B 761 12.32 -3.15 -31.68
CA GLU B 761 11.23 -3.49 -30.77
C GLU B 761 10.53 -4.76 -31.20
N ARG B 762 9.81 -5.36 -30.25
CA ARG B 762 9.02 -6.55 -30.55
C ARG B 762 7.90 -6.23 -31.52
N GLU B 763 7.30 -5.05 -31.40
CA GLU B 763 6.21 -4.66 -32.28
C GLU B 763 6.66 -4.55 -33.74
N SER B 764 7.97 -4.37 -33.98
CA SER B 764 8.47 -4.32 -35.35
C SER B 764 8.26 -5.65 -36.06
N LEU B 765 8.44 -6.76 -35.34
CA LEU B 765 8.23 -8.08 -35.92
C LEU B 765 6.73 -8.32 -36.15
N LEU B 766 6.43 -9.45 -36.78
CA LEU B 766 5.08 -9.93 -37.07
C LEU B 766 4.34 -9.06 -38.07
N MET B 767 4.99 -8.03 -38.65
CA MET B 767 4.36 -7.19 -39.65
C MET B 767 5.31 -6.95 -40.82
N ALA B 768 6.20 -7.89 -41.09
CA ALA B 768 7.11 -7.76 -42.22
C ALA B 768 6.34 -7.88 -43.54
N ASN B 769 6.72 -7.04 -44.50
CA ASN B 769 6.07 -7.01 -45.80
C ASN B 769 6.98 -7.66 -46.84
N ALA B 770 6.43 -8.64 -47.57
CA ALA B 770 7.21 -9.34 -48.57
C ALA B 770 7.54 -8.43 -49.75
N VAL B 771 8.76 -8.55 -50.24
CA VAL B 771 9.22 -7.81 -51.42
C VAL B 771 9.56 -8.82 -52.49
N THR B 772 8.93 -8.69 -53.66
CA THR B 772 9.06 -9.66 -54.73
C THR B 772 10.06 -9.20 -55.77
N GLY B 773 10.68 -10.16 -56.44
CA GLY B 773 11.63 -9.88 -57.50
C GLY B 773 11.41 -10.77 -58.71
N SER B 774 12.46 -10.95 -59.52
CA SER B 774 12.36 -11.78 -60.70
C SER B 774 13.75 -12.25 -61.10
N ILE B 775 13.79 -13.31 -61.91
CA ILE B 775 15.04 -13.86 -62.42
C ILE B 775 15.43 -13.11 -63.68
N GLU B 776 16.69 -12.68 -63.74
CA GLU B 776 17.20 -11.94 -64.89
C GLU B 776 18.07 -12.78 -65.82
N SER B 777 18.99 -13.59 -65.29
CA SER B 777 19.88 -14.35 -66.14
C SER B 777 20.37 -15.59 -65.42
N VAL B 778 20.77 -16.59 -66.21
CA VAL B 778 21.40 -17.81 -65.73
C VAL B 778 22.67 -18.04 -66.53
N ASN B 779 23.77 -18.29 -65.83
CA ASN B 779 25.07 -18.41 -66.48
C ASN B 779 25.86 -19.56 -65.87
N THR B 780 26.88 -20.01 -66.61
CA THR B 780 27.79 -21.06 -66.17
C THR B 780 29.20 -20.64 -66.56
N GLU B 781 29.94 -20.09 -65.59
CA GLU B 781 31.25 -19.52 -65.88
C GLU B 781 32.34 -20.59 -65.92
N ASN B 782 32.57 -21.26 -64.80
CA ASN B 782 33.60 -22.29 -64.69
C ASN B 782 33.01 -23.58 -64.17
N GLY B 783 31.87 -23.99 -64.73
CA GLY B 783 31.16 -25.16 -64.27
C GLY B 783 30.26 -24.93 -63.08
N ALA B 784 30.16 -23.70 -62.58
CA ALA B 784 29.31 -23.37 -61.45
C ALA B 784 28.15 -22.52 -61.93
N ALA B 785 26.93 -22.95 -61.60
CA ALA B 785 25.74 -22.24 -62.05
C ALA B 785 25.51 -20.99 -61.23
N GLN B 786 25.19 -19.89 -61.91
CA GLN B 786 24.91 -18.62 -61.26
C GLN B 786 23.57 -18.09 -61.76
N VAL B 787 22.71 -17.67 -60.84
CA VAL B 787 21.40 -17.13 -61.16
C VAL B 787 21.33 -15.70 -60.62
N HIS B 788 20.89 -14.77 -61.46
CA HIS B 788 20.81 -13.36 -61.11
C HIS B 788 19.35 -12.99 -60.84
N VAL B 789 19.10 -12.33 -59.72
CA VAL B 789 17.76 -11.93 -59.29
C VAL B 789 17.79 -10.45 -58.95
N HIS B 790 16.82 -9.70 -59.48
CA HIS B 790 16.66 -8.29 -59.18
C HIS B 790 15.41 -8.10 -58.32
N THR B 791 15.56 -7.36 -57.23
CA THR B 791 14.46 -7.03 -56.33
C THR B 791 14.39 -5.52 -56.18
N ALA B 792 13.19 -4.95 -56.35
CA ALA B 792 13.01 -3.51 -56.35
C ALA B 792 11.91 -3.13 -55.38
N ASP B 793 12.08 -1.95 -54.76
CA ASP B 793 11.09 -1.40 -53.86
C ASP B 793 10.81 0.08 -54.12
N GLY B 794 11.65 0.76 -54.90
CA GLY B 794 11.56 2.19 -55.09
C GLY B 794 12.77 2.88 -54.52
N ASP B 795 13.72 3.24 -55.39
CA ASP B 795 15.02 3.80 -55.04
C ASP B 795 15.88 2.84 -54.25
N THR B 796 15.44 1.59 -54.08
CA THR B 796 16.20 0.57 -53.36
C THR B 796 16.24 -0.68 -54.23
N VAL B 797 17.44 -1.09 -54.63
CA VAL B 797 17.63 -2.19 -55.56
C VAL B 797 18.53 -3.23 -54.90
N ILE B 798 18.12 -4.49 -54.96
CA ILE B 798 18.90 -5.61 -54.45
C ILE B 798 19.20 -6.53 -55.62
N THR B 799 20.48 -6.76 -55.89
CA THR B 799 20.92 -7.71 -56.91
C THR B 799 21.53 -8.91 -56.21
N THR B 800 20.95 -10.09 -56.43
CA THR B 800 21.36 -11.30 -55.74
C THR B 800 21.87 -12.31 -56.75
N THR B 801 23.04 -12.88 -56.46
CA THR B 801 23.61 -13.97 -57.24
C THR B 801 23.54 -15.23 -56.40
N ILE B 802 22.83 -16.24 -56.92
CA ILE B 802 22.72 -17.55 -56.28
C ILE B 802 23.65 -18.49 -57.03
N THR B 803 24.60 -19.08 -56.31
CA THR B 803 25.68 -19.85 -56.91
C THR B 803 25.64 -21.29 -56.41
N LEU B 804 25.73 -22.23 -57.35
CA LEU B 804 25.90 -23.64 -57.05
C LEU B 804 27.19 -24.13 -57.70
N ARG B 805 28.07 -24.71 -56.89
CA ARG B 805 29.38 -25.16 -57.34
C ARG B 805 29.43 -26.68 -57.37
N PRO B 806 29.98 -27.28 -58.42
CA PRO B 806 30.04 -28.75 -58.48
C PRO B 806 30.91 -29.32 -57.37
N GLY B 807 30.52 -30.49 -56.88
CA GLY B 807 31.30 -31.18 -55.88
C GLY B 807 31.22 -30.61 -54.48
N SER B 808 30.29 -29.69 -54.22
CA SER B 808 30.19 -29.04 -52.92
C SER B 808 28.78 -29.21 -52.37
N HIS B 809 28.68 -29.19 -51.04
CA HIS B 809 27.41 -29.29 -50.34
C HIS B 809 26.84 -27.93 -49.95
N THR B 810 27.45 -26.84 -50.42
CA THR B 810 27.07 -25.50 -50.02
C THR B 810 26.41 -24.77 -51.17
N LEU B 811 25.38 -23.99 -50.86
CA LEU B 811 24.71 -23.12 -51.82
C LEU B 811 25.00 -21.68 -51.41
N ASP B 812 25.55 -20.88 -52.33
CA ASP B 812 26.08 -19.58 -52.01
C ASP B 812 25.14 -18.47 -52.45
N PHE B 813 25.12 -17.38 -51.67
CA PHE B 813 24.34 -16.19 -51.98
C PHE B 813 25.21 -14.97 -51.83
N HIS B 814 25.23 -14.12 -52.85
CA HIS B 814 25.89 -12.82 -52.80
C HIS B 814 24.86 -11.74 -53.09
N ALA B 815 24.92 -10.64 -52.35
CA ALA B 815 23.91 -9.60 -52.44
C ALA B 815 24.56 -8.23 -52.51
N ASP B 816 24.11 -7.41 -53.46
CA ASP B 816 24.49 -6.00 -53.55
C ASP B 816 23.23 -5.17 -53.36
N ILE B 817 23.23 -4.32 -52.34
CA ILE B 817 22.03 -3.59 -51.94
C ILE B 817 22.31 -2.10 -52.02
N ASP B 818 21.40 -1.37 -52.67
CA ASP B 818 21.46 0.10 -52.73
C ASP B 818 20.43 0.63 -51.75
N TRP B 819 20.83 0.72 -50.48
CA TRP B 819 19.90 1.10 -49.41
C TRP B 819 19.58 2.59 -49.49
N HIS B 820 18.28 2.89 -49.60
CA HIS B 820 17.80 4.27 -49.61
C HIS B 820 16.53 4.43 -48.79
N GLU B 821 16.21 3.47 -47.92
CA GLU B 821 14.98 3.50 -47.15
C GLU B 821 15.11 4.46 -45.97
N ARG B 822 14.05 4.53 -45.17
CA ARG B 822 14.03 5.39 -43.99
C ARG B 822 13.20 4.72 -42.92
N GLU B 823 13.81 4.47 -41.75
CA GLU B 823 13.15 3.83 -40.63
C GLU B 823 12.56 2.47 -41.02
N ARG B 824 13.37 1.67 -41.70
CA ARG B 824 12.97 0.35 -42.14
C ARG B 824 14.07 -0.66 -41.80
N PHE B 825 13.67 -1.91 -41.62
CA PHE B 825 14.58 -3.00 -41.28
C PHE B 825 14.49 -4.07 -42.37
N LEU B 826 15.64 -4.54 -42.83
CA LEU B 826 15.72 -5.52 -43.91
C LEU B 826 16.17 -6.86 -43.34
N LYS B 827 15.47 -7.93 -43.72
CA LYS B 827 15.81 -9.26 -43.28
C LYS B 827 15.67 -10.24 -44.44
N VAL B 828 16.28 -11.41 -44.30
CA VAL B 828 16.18 -12.47 -45.30
C VAL B 828 15.77 -13.76 -44.59
N ASP B 829 14.84 -14.49 -45.19
CA ASP B 829 14.28 -15.69 -44.60
C ASP B 829 14.99 -16.92 -45.14
N LEU B 830 15.41 -17.81 -44.24
CA LEU B 830 16.09 -19.05 -44.60
C LEU B 830 15.43 -20.21 -43.85
N PRO B 831 14.29 -20.70 -44.34
CA PRO B 831 13.69 -21.89 -43.73
C PRO B 831 14.59 -23.10 -43.86
N LEU B 832 14.54 -23.98 -42.85
CA LEU B 832 15.43 -25.13 -42.79
C LEU B 832 14.73 -26.47 -42.73
N GLY B 833 13.47 -26.53 -42.29
CA GLY B 833 12.77 -27.80 -42.25
C GLY B 833 13.35 -28.80 -41.26
N ILE B 834 13.84 -28.34 -40.12
CA ILE B 834 14.35 -29.20 -39.07
C ILE B 834 13.74 -28.77 -37.75
N VAL B 835 13.15 -29.72 -37.04
CA VAL B 835 12.53 -29.45 -35.75
C VAL B 835 13.58 -29.61 -34.67
N ALA B 836 14.00 -28.48 -34.08
CA ALA B 836 15.02 -28.47 -33.04
C ALA B 836 14.57 -27.54 -31.92
N ASP B 837 14.82 -27.97 -30.67
CA ASP B 837 14.47 -27.14 -29.52
C ASP B 837 15.47 -26.01 -29.31
N GLN B 838 16.73 -26.22 -29.66
CA GLN B 838 17.77 -25.22 -29.45
C GLN B 838 18.63 -25.12 -30.71
N ALA B 839 19.26 -23.96 -30.87
CA ALA B 839 20.16 -23.68 -31.98
C ALA B 839 21.55 -23.42 -31.45
N THR B 840 22.55 -23.91 -32.17
CA THR B 840 23.95 -23.77 -31.80
C THR B 840 24.58 -22.65 -32.61
N TYR B 841 25.15 -21.66 -31.92
CA TYR B 841 25.84 -20.55 -32.54
C TYR B 841 27.30 -20.55 -32.10
N ASP B 842 28.11 -19.83 -32.86
CA ASP B 842 29.55 -19.77 -32.58
C ASP B 842 29.83 -18.70 -31.55
N CYS B 843 30.78 -18.97 -30.67
CA CYS B 843 31.24 -18.03 -29.67
C CYS B 843 32.65 -17.56 -30.03
N GLN B 844 33.26 -16.76 -29.16
CA GLN B 844 34.62 -16.30 -29.44
C GLN B 844 35.61 -17.46 -29.44
N TYR B 845 35.49 -18.38 -28.48
CA TYR B 845 36.38 -19.52 -28.38
C TYR B 845 35.61 -20.79 -28.07
N GLY B 846 34.42 -20.92 -28.64
CA GLY B 846 33.58 -22.08 -28.39
C GLY B 846 32.22 -21.99 -29.05
N LEU B 847 31.23 -22.62 -28.44
CA LEU B 847 29.86 -22.63 -28.97
C LEU B 847 28.88 -22.31 -27.86
N ILE B 848 27.72 -21.79 -28.26
CA ILE B 848 26.64 -21.47 -27.33
C ILE B 848 25.35 -22.05 -27.89
N ARG B 849 24.42 -22.36 -26.99
CA ARG B 849 23.10 -22.87 -27.36
C ARG B 849 22.04 -21.88 -26.92
N ARG B 850 21.14 -21.53 -27.83
CA ARG B 850 20.06 -20.61 -27.53
C ARG B 850 18.72 -21.25 -27.88
N PRO B 851 17.69 -20.99 -27.08
CA PRO B 851 16.40 -21.65 -27.34
C PRO B 851 15.73 -21.13 -28.60
N ILE B 852 15.16 -22.06 -29.36
CA ILE B 852 14.34 -21.70 -30.51
C ILE B 852 12.88 -21.57 -30.11
N VAL B 853 12.37 -22.53 -29.34
CA VAL B 853 11.02 -22.45 -28.79
C VAL B 853 11.07 -21.65 -27.51
N LYS B 854 10.30 -20.58 -27.44
CA LYS B 854 10.27 -19.69 -26.29
C LYS B 854 9.00 -19.96 -25.49
N ASN B 855 9.16 -20.56 -24.31
CA ASN B 855 8.03 -20.90 -23.46
C ASN B 855 7.71 -19.81 -22.45
N THR B 856 8.71 -19.23 -21.82
CA THR B 856 8.54 -18.23 -20.77
C THR B 856 8.87 -16.84 -21.30
N ALA B 857 8.55 -15.85 -20.48
CA ALA B 857 8.84 -14.46 -20.85
C ALA B 857 10.34 -14.20 -20.90
N SER B 858 11.12 -14.89 -20.06
CA SER B 858 12.57 -14.75 -20.12
C SER B 858 13.12 -15.21 -21.45
N ASP B 859 12.61 -16.34 -21.97
CA ASP B 859 13.07 -16.85 -23.25
C ASP B 859 12.64 -15.93 -24.40
N GLU B 860 11.47 -15.31 -24.27
CA GLU B 860 10.98 -14.43 -25.32
C GLU B 860 11.84 -13.18 -25.47
N ALA B 861 12.49 -12.75 -24.38
CA ALA B 861 13.34 -11.57 -24.43
C ALA B 861 14.54 -11.75 -25.34
N LYS B 862 14.96 -12.99 -25.59
CA LYS B 862 16.07 -13.27 -26.49
C LYS B 862 15.59 -13.51 -27.92
N TYR B 863 14.83 -12.56 -28.46
CA TYR B 863 14.30 -12.68 -29.81
C TYR B 863 15.25 -12.15 -30.88
N GLU B 864 16.43 -11.67 -30.49
CA GLU B 864 17.42 -11.19 -31.46
C GLU B 864 18.79 -11.40 -30.84
N SER B 865 19.48 -12.45 -31.29
CA SER B 865 20.78 -12.84 -30.77
C SER B 865 21.87 -12.49 -31.79
N SER B 866 23.09 -12.90 -31.48
CA SER B 866 24.25 -12.65 -32.33
C SER B 866 24.84 -13.95 -32.82
N THR B 867 25.36 -13.94 -34.05
CA THR B 867 26.04 -15.08 -34.62
C THR B 867 27.48 -14.70 -34.96
N ASN B 868 28.37 -15.68 -34.86
CA ASN B 868 29.79 -15.47 -35.14
C ASN B 868 30.17 -16.37 -36.31
N ARG B 869 29.94 -15.87 -37.53
CA ARG B 869 30.40 -16.47 -38.78
C ARG B 869 29.63 -17.73 -39.18
N PHE B 870 28.80 -18.27 -38.29
CA PHE B 870 27.96 -19.41 -38.65
C PHE B 870 26.97 -19.74 -37.54
N ALA B 871 25.96 -20.50 -37.90
CA ALA B 871 25.00 -21.09 -36.96
C ALA B 871 24.63 -22.48 -37.45
N ILE B 872 24.33 -23.37 -36.49
CA ILE B 872 24.00 -24.76 -36.78
C ILE B 872 22.64 -25.06 -36.17
N ILE B 873 21.75 -25.66 -36.97
CA ILE B 873 20.44 -26.10 -36.49
C ILE B 873 20.25 -27.53 -36.96
N GLY B 874 19.97 -28.43 -36.03
CA GLY B 874 19.83 -29.83 -36.40
C GLY B 874 19.16 -30.64 -35.32
N ASP B 875 18.55 -31.74 -35.74
CA ASP B 875 17.93 -32.71 -34.84
C ASP B 875 18.96 -33.80 -34.52
N ALA B 876 18.49 -34.92 -33.95
CA ALA B 876 19.41 -35.97 -33.52
C ALA B 876 20.21 -36.55 -34.69
N GLY B 877 19.55 -36.80 -35.82
CA GLY B 877 20.18 -37.47 -36.94
C GLY B 877 20.61 -36.62 -38.11
N TYR B 878 20.38 -35.30 -38.07
CA TYR B 878 20.69 -34.45 -39.21
C TYR B 878 20.90 -33.03 -38.71
N ALA B 879 21.61 -32.24 -39.52
CA ALA B 879 21.88 -30.85 -39.17
C ALA B 879 22.21 -30.08 -40.43
N ALA B 880 21.88 -28.78 -40.41
CA ALA B 880 22.20 -27.86 -41.49
C ALA B 880 22.75 -26.58 -40.90
N ALA B 881 23.65 -25.94 -41.65
CA ALA B 881 24.34 -24.75 -41.17
C ALA B 881 24.07 -23.56 -42.08
N VAL B 882 24.08 -22.38 -41.46
CA VAL B 882 24.00 -21.11 -42.18
C VAL B 882 25.29 -20.36 -41.91
N ILE B 883 26.05 -20.07 -42.96
CA ILE B 883 27.32 -19.38 -42.87
C ILE B 883 27.10 -17.94 -43.33
N ASN B 884 27.66 -16.98 -42.60
CA ASN B 884 27.50 -15.57 -42.94
C ASN B 884 28.87 -14.92 -43.09
N GLY B 885 28.94 -13.91 -43.96
CA GLY B 885 30.17 -13.20 -44.21
C GLY B 885 30.51 -12.17 -43.15
N SER B 886 29.63 -11.17 -42.98
CA SER B 886 29.86 -10.12 -42.01
C SER B 886 28.57 -9.72 -41.30
N VAL B 887 27.64 -10.66 -41.14
CA VAL B 887 26.37 -10.40 -40.48
C VAL B 887 26.43 -10.94 -39.07
N TYR B 888 25.96 -10.16 -38.11
CA TYR B 888 26.00 -10.54 -36.70
C TYR B 888 24.63 -10.86 -36.11
N GLY B 889 23.64 -9.99 -36.28
CA GLY B 889 22.33 -10.22 -35.72
C GLY B 889 21.50 -11.20 -36.53
N SER B 890 20.69 -11.98 -35.82
CA SER B 890 19.82 -12.98 -36.45
C SER B 890 18.77 -13.39 -35.43
N ASP B 891 17.84 -14.23 -35.89
CA ASP B 891 16.83 -14.80 -35.00
C ASP B 891 16.31 -16.11 -35.58
N ALA B 892 15.70 -16.91 -34.72
CA ALA B 892 15.16 -18.21 -35.09
C ALA B 892 13.82 -18.42 -34.40
N SER B 893 12.86 -18.99 -35.13
CA SER B 893 11.53 -19.26 -34.64
C SER B 893 11.07 -20.61 -35.14
N PRO B 894 10.10 -21.24 -34.48
CA PRO B 894 9.56 -22.50 -34.98
C PRO B 894 8.57 -22.27 -36.11
N ILE B 895 8.30 -23.34 -36.85
CA ILE B 895 7.31 -23.36 -37.92
C ILE B 895 6.47 -24.60 -37.71
N ALA B 896 5.29 -24.43 -37.10
CA ALA B 896 4.36 -25.53 -36.87
C ALA B 896 3.31 -25.50 -37.96
N GLY B 897 3.35 -26.50 -38.84
CA GLY B 897 2.41 -26.60 -39.95
C GLY B 897 1.26 -27.55 -39.66
N ASN B 898 0.46 -27.78 -40.70
CA ASN B 898 -0.66 -28.69 -40.62
C ASN B 898 -0.67 -29.58 -41.85
N ALA B 899 -1.01 -30.85 -41.66
CA ALA B 899 -1.06 -31.80 -42.76
C ALA B 899 -2.26 -31.59 -43.66
N ALA B 900 -3.24 -30.79 -43.25
CA ALA B 900 -4.41 -30.54 -44.07
C ALA B 900 -4.10 -29.64 -45.26
N GLU B 901 -2.96 -28.96 -45.25
CA GLU B 901 -2.58 -28.07 -46.34
C GLU B 901 -1.28 -28.47 -47.03
N GLY B 902 -0.29 -28.94 -46.27
CA GLY B 902 0.96 -29.37 -46.87
C GLY B 902 2.18 -28.94 -46.07
N ARG B 903 2.02 -27.98 -45.17
CA ARG B 903 3.11 -27.49 -44.36
C ARG B 903 3.39 -28.49 -43.23
N ASP B 904 4.58 -29.07 -43.22
CA ASP B 904 4.91 -30.08 -42.20
C ASP B 904 5.39 -29.43 -40.91
N SER B 905 6.56 -28.80 -40.95
CA SER B 905 7.21 -28.22 -39.79
C SER B 905 8.53 -27.62 -40.26
N GLY B 906 9.22 -26.93 -39.35
CA GLY B 906 10.55 -26.45 -39.66
C GLY B 906 11.00 -25.38 -38.69
N THR B 907 12.10 -24.72 -39.06
CA THR B 907 12.67 -23.63 -38.28
C THR B 907 12.93 -22.46 -39.21
N MET B 908 12.30 -21.32 -38.91
CA MET B 908 12.51 -20.09 -39.66
C MET B 908 13.70 -19.36 -39.05
N PHE B 909 14.82 -19.34 -39.78
CA PHE B 909 16.02 -18.63 -39.36
C PHE B 909 16.21 -17.42 -40.26
N ARG B 910 16.25 -16.23 -39.67
CA ARG B 910 16.36 -15.00 -40.42
C ARG B 910 17.60 -14.22 -39.98
N LEU B 911 18.20 -13.54 -40.95
CA LEU B 911 19.40 -12.73 -40.73
C LEU B 911 19.08 -11.26 -40.93
N SER B 912 19.57 -10.43 -40.02
CA SER B 912 19.37 -8.98 -40.11
C SER B 912 20.44 -8.37 -41.00
N LEU B 913 20.01 -7.63 -42.01
CA LEU B 913 20.92 -7.06 -43.00
C LEU B 913 21.14 -5.57 -42.83
N LEU B 914 20.08 -4.76 -42.82
CA LEU B 914 20.24 -3.32 -42.81
C LEU B 914 19.14 -2.67 -41.99
N SER B 915 19.43 -1.49 -41.48
CA SER B 915 18.48 -0.68 -40.73
C SER B 915 18.76 0.78 -41.02
N ALA B 916 17.74 1.63 -40.79
CA ALA B 916 17.83 3.06 -41.08
C ALA B 916 17.37 3.88 -39.88
N PRO B 917 18.21 4.00 -38.86
CA PRO B 917 17.88 4.93 -37.76
C PRO B 917 18.06 6.37 -38.19
N THR B 918 17.56 7.29 -37.36
CA THR B 918 17.57 8.71 -37.70
C THR B 918 18.12 9.62 -36.61
N PHE B 919 18.10 9.23 -35.34
CA PHE B 919 18.46 10.18 -34.28
C PHE B 919 19.94 10.55 -34.31
N PRO B 920 20.88 9.61 -34.12
CA PRO B 920 22.29 10.05 -34.10
C PRO B 920 22.80 10.44 -35.49
N ASP B 921 22.37 9.73 -36.53
CA ASP B 921 22.74 10.03 -37.90
C ASP B 921 21.47 10.16 -38.74
N PRO B 922 21.18 11.33 -39.30
CA PRO B 922 19.95 11.46 -40.12
C PRO B 922 19.92 10.53 -41.32
N ARG B 923 21.07 10.24 -41.92
CA ARG B 923 21.17 9.32 -43.05
C ARG B 923 22.12 8.20 -42.67
N THR B 924 21.57 7.09 -42.18
CA THR B 924 22.35 5.96 -41.71
C THR B 924 22.31 4.83 -42.74
N ASP B 925 23.50 4.36 -43.14
CA ASP B 925 23.64 3.22 -44.04
C ASP B 925 22.90 3.46 -45.36
N ILE B 926 22.99 4.68 -45.87
CA ILE B 926 22.38 5.05 -47.15
C ILE B 926 23.47 4.94 -48.22
N GLY B 927 23.36 3.95 -49.10
CA GLY B 927 24.36 3.75 -50.12
C GLY B 927 24.49 2.27 -50.46
N SER B 928 25.66 1.93 -51.00
CA SER B 928 25.89 0.57 -51.50
C SER B 928 26.49 -0.31 -50.41
N HIS B 929 25.96 -1.53 -50.30
CA HIS B 929 26.44 -2.52 -49.35
C HIS B 929 26.54 -3.87 -50.03
N GLU B 930 27.46 -4.69 -49.54
CA GLU B 930 27.70 -6.03 -50.07
C GLU B 930 27.58 -7.05 -48.95
N PHE B 931 26.93 -8.17 -49.24
CA PHE B 931 26.73 -9.24 -48.27
C PHE B 931 27.01 -10.58 -48.93
N ASP B 932 27.54 -11.52 -48.15
CA ASP B 932 27.79 -12.87 -48.60
C ASP B 932 27.31 -13.85 -47.53
N TRP B 933 26.64 -14.91 -47.96
CA TRP B 933 26.25 -15.97 -47.03
C TRP B 933 26.09 -17.27 -47.80
N SER B 934 25.82 -18.35 -47.07
CA SER B 934 25.77 -19.67 -47.67
C SER B 934 24.98 -20.60 -46.78
N VAL B 935 24.49 -21.68 -47.38
CA VAL B 935 23.75 -22.73 -46.68
C VAL B 935 24.46 -24.05 -46.91
N VAL B 936 24.76 -24.75 -45.82
CA VAL B 936 25.43 -26.04 -45.85
C VAL B 936 24.41 -27.10 -45.46
N ALA B 937 24.22 -28.09 -46.34
CA ALA B 937 23.13 -29.04 -46.19
C ALA B 937 23.42 -30.08 -45.11
N ASP B 938 24.46 -30.89 -45.31
CA ASP B 938 24.86 -31.89 -44.33
C ASP B 938 26.06 -31.31 -43.57
N ALA B 939 25.79 -30.74 -42.40
CA ALA B 939 26.78 -29.96 -41.68
C ALA B 939 27.00 -30.53 -40.28
N THR B 940 28.26 -30.58 -39.88
CA THR B 940 28.66 -30.86 -38.51
C THR B 940 29.42 -29.64 -37.98
N VAL B 941 29.98 -29.77 -36.77
CA VAL B 941 30.77 -28.67 -36.23
C VAL B 941 32.02 -28.45 -37.08
N ASP B 942 32.67 -29.54 -37.50
CA ASP B 942 33.87 -29.40 -38.33
C ASP B 942 33.54 -28.75 -39.66
N ARG B 943 32.45 -29.17 -40.30
CA ARG B 943 32.09 -28.59 -41.60
C ARG B 943 31.68 -27.13 -41.46
N ALA B 944 30.95 -26.78 -40.40
CA ALA B 944 30.58 -25.39 -40.18
C ALA B 944 31.83 -24.53 -39.94
N LEU B 945 32.76 -25.01 -39.14
CA LEU B 945 34.01 -24.29 -38.92
C LEU B 945 34.79 -24.13 -40.22
N ASP B 946 34.82 -25.18 -41.03
CA ASP B 946 35.51 -25.14 -42.32
C ASP B 946 34.90 -24.07 -43.23
N ALA B 947 33.57 -24.08 -43.36
CA ALA B 947 32.90 -23.12 -44.21
C ALA B 947 33.10 -21.69 -43.71
N ALA B 948 33.03 -21.49 -42.39
CA ALA B 948 33.22 -20.16 -41.82
C ALA B 948 34.64 -19.66 -42.05
N GLY B 949 35.64 -20.53 -41.87
CA GLY B 949 37.01 -20.12 -42.10
C GLY B 949 37.30 -19.80 -43.55
N VAL B 950 36.80 -20.64 -44.46
CA VAL B 950 37.06 -20.43 -45.89
C VAL B 950 36.43 -19.11 -46.36
N LEU B 951 35.19 -18.86 -45.95
CA LEU B 951 34.47 -17.68 -46.44
C LEU B 951 35.10 -16.39 -45.95
N ASN B 952 35.59 -16.37 -44.70
CA ASN B 952 36.11 -15.15 -44.09
C ASN B 952 37.58 -14.91 -44.36
N ALA B 953 38.28 -15.85 -44.99
CA ALA B 953 39.70 -15.66 -45.24
C ALA B 953 39.91 -14.64 -46.36
N PRO B 954 40.87 -13.73 -46.21
CA PRO B 954 41.13 -12.75 -47.26
C PRO B 954 41.74 -13.40 -48.49
N VAL B 955 41.54 -12.76 -49.64
CA VAL B 955 42.01 -13.26 -50.92
C VAL B 955 43.32 -12.56 -51.27
N LEU B 956 44.32 -13.35 -51.64
CA LEU B 956 45.63 -12.83 -52.01
C LEU B 956 46.12 -13.57 -53.25
N HIS B 957 47.24 -13.08 -53.81
CA HIS B 957 47.69 -13.53 -55.12
C HIS B 957 49.16 -13.93 -55.07
N ASP B 958 49.52 -14.91 -55.91
CA ASP B 958 50.90 -15.31 -56.15
C ASP B 958 51.60 -15.72 -54.85
N VAL B 959 51.09 -16.77 -54.23
CA VAL B 959 51.60 -17.29 -52.97
C VAL B 959 52.20 -18.67 -53.20
N PRO B 960 53.37 -18.97 -52.66
CA PRO B 960 53.89 -20.34 -52.74
C PRO B 960 53.13 -21.27 -51.79
N ASP B 961 53.10 -22.54 -52.17
CA ASP B 961 52.45 -23.56 -51.34
C ASP B 961 53.48 -24.10 -50.35
N ILE B 962 53.69 -23.34 -49.28
CA ILE B 962 54.71 -23.66 -48.29
C ILE B 962 54.09 -24.50 -47.18
N THR B 963 54.95 -25.26 -46.50
CA THR B 963 54.50 -26.06 -45.37
C THR B 963 54.18 -25.15 -44.18
N PRO B 964 53.06 -25.37 -43.49
CA PRO B 964 52.73 -24.53 -42.33
C PRO B 964 53.79 -24.64 -41.24
N LEU B 965 53.98 -23.53 -40.52
CA LEU B 965 54.98 -23.50 -39.45
C LEU B 965 54.66 -24.50 -38.36
N ALA B 966 53.41 -24.57 -37.95
CA ALA B 966 52.97 -25.50 -36.92
C ALA B 966 51.65 -26.12 -37.33
N SER B 967 51.40 -27.34 -36.85
CA SER B 967 50.17 -28.05 -37.13
C SER B 967 49.72 -28.80 -35.90
N ILE B 968 48.40 -28.86 -35.72
CA ILE B 968 47.79 -29.58 -34.60
C ILE B 968 46.76 -30.53 -35.18
N GLU B 969 47.00 -31.82 -35.02
CA GLU B 969 46.08 -32.86 -35.49
C GLU B 969 45.53 -33.62 -34.30
N SER B 970 44.22 -33.85 -34.31
CA SER B 970 43.51 -34.47 -33.19
C SER B 970 43.11 -35.89 -33.57
N VAL B 971 43.56 -36.86 -32.79
CA VAL B 971 43.11 -38.24 -32.97
C VAL B 971 41.62 -38.35 -32.66
N ASN B 972 41.21 -37.79 -31.52
CA ASN B 972 39.81 -37.71 -31.16
C ASN B 972 39.51 -36.30 -30.65
N GLY B 973 38.31 -35.83 -30.95
CA GLY B 973 37.93 -34.46 -30.66
C GLY B 973 38.29 -33.51 -31.78
N THR B 974 37.89 -32.25 -31.60
CA THR B 974 38.15 -31.20 -32.56
C THR B 974 38.97 -30.10 -31.90
N VAL B 975 40.18 -29.90 -32.41
CA VAL B 975 41.08 -28.86 -31.92
C VAL B 975 41.40 -27.91 -33.07
N VAL B 976 41.19 -26.62 -32.83
CA VAL B 976 41.41 -25.59 -33.84
C VAL B 976 42.59 -24.74 -33.40
N LEU B 977 43.61 -24.64 -34.25
CA LEU B 977 44.75 -23.77 -33.99
C LEU B 977 44.35 -22.37 -34.45
N ASP B 978 44.01 -21.51 -33.49
CA ASP B 978 43.40 -20.23 -33.83
C ASP B 978 44.41 -19.25 -34.42
N TRP B 979 45.60 -19.16 -33.83
CA TRP B 979 46.50 -18.07 -34.18
C TRP B 979 47.96 -18.51 -34.08
N MET B 980 48.79 -17.99 -34.98
CA MET B 980 50.24 -18.03 -34.85
C MET B 980 50.78 -16.62 -35.03
N LYS B 981 51.78 -16.28 -34.22
CA LYS B 981 52.41 -14.97 -34.31
C LYS B 981 53.82 -15.05 -33.74
N LEU B 982 54.53 -13.94 -33.81
CA LEU B 982 55.84 -13.81 -33.19
C LEU B 982 55.70 -13.13 -31.83
N ALA B 983 56.57 -13.52 -30.90
CA ALA B 983 56.56 -12.90 -29.59
C ALA B 983 56.90 -11.43 -29.71
N ASP B 984 56.26 -10.60 -28.88
CA ASP B 984 56.46 -9.15 -28.98
C ASP B 984 57.74 -8.73 -28.27
N ASP B 985 58.83 -9.40 -28.58
CA ASP B 985 60.15 -9.10 -28.03
C ASP B 985 61.17 -9.22 -29.16
N GLY B 986 62.44 -9.12 -28.81
CA GLY B 986 63.49 -9.40 -29.75
C GLY B 986 63.88 -10.85 -29.86
N SER B 987 63.26 -11.71 -29.06
CA SER B 987 63.62 -13.13 -29.05
C SER B 987 63.27 -13.80 -30.36
N GLY B 988 62.12 -13.47 -30.94
CA GLY B 988 61.69 -14.11 -32.16
C GLY B 988 61.00 -15.45 -31.98
N ASP B 989 60.56 -15.76 -30.76
CA ASP B 989 59.89 -17.02 -30.50
C ASP B 989 58.50 -17.03 -31.15
N LEU B 990 57.95 -18.22 -31.33
CA LEU B 990 56.67 -18.39 -32.00
C LEU B 990 55.58 -18.66 -30.97
N ILE B 991 54.52 -17.86 -31.01
CA ILE B 991 53.38 -18.01 -30.11
C ILE B 991 52.24 -18.65 -30.89
N VAL B 992 51.69 -19.74 -30.36
CA VAL B 992 50.61 -20.48 -30.99
C VAL B 992 49.45 -20.56 -30.00
N ARG B 993 48.28 -20.06 -30.41
CA ARG B 993 47.09 -20.07 -29.59
C ARG B 993 46.06 -21.00 -30.23
N ALA B 994 45.61 -21.99 -29.46
CA ALA B 994 44.65 -22.98 -29.94
C ALA B 994 43.54 -23.16 -28.91
N TYR B 995 42.47 -23.82 -29.32
CA TYR B 995 41.33 -24.05 -28.43
C TYR B 995 40.53 -25.25 -28.93
N GLU B 996 39.70 -25.77 -28.04
CA GLU B 996 38.80 -26.88 -28.37
C GLU B 996 37.44 -26.32 -28.76
N ALA B 997 36.96 -26.70 -29.94
CA ALA B 997 35.75 -26.11 -30.50
C ALA B 997 34.52 -27.00 -30.38
N ALA B 998 34.70 -28.32 -30.43
CA ALA B 998 33.54 -29.23 -30.41
C ALA B 998 32.77 -29.12 -29.10
N GLY B 999 33.48 -29.05 -27.98
CA GLY B 999 32.85 -28.97 -26.68
C GLY B 999 33.09 -30.17 -25.77
N GLY B 1000 33.90 -31.14 -26.17
CA GLY B 1000 34.21 -32.27 -25.32
C GLY B 1000 35.70 -32.47 -25.13
N GLN B 1001 36.09 -33.60 -24.54
CA GLN B 1001 37.50 -33.90 -24.38
C GLN B 1001 38.13 -34.22 -25.71
N ALA B 1002 39.35 -33.73 -25.92
CA ALA B 1002 40.07 -33.93 -27.17
C ALA B 1002 41.54 -34.20 -26.89
N ASP B 1003 42.16 -34.98 -27.77
CA ASP B 1003 43.58 -35.27 -27.69
C ASP B 1003 44.25 -34.90 -29.00
N ALA B 1004 45.42 -34.27 -28.91
CA ALA B 1004 46.11 -33.79 -30.09
C ALA B 1004 47.62 -33.97 -29.93
N MET B 1005 48.32 -33.96 -31.06
CA MET B 1005 49.77 -34.03 -31.08
C MET B 1005 50.30 -32.95 -32.02
N LEU B 1006 51.31 -32.22 -31.56
CA LEU B 1006 51.80 -31.03 -32.23
C LEU B 1006 52.91 -31.38 -33.23
N HIS B 1007 52.83 -30.76 -34.41
CA HIS B 1007 53.84 -30.92 -35.45
C HIS B 1007 54.37 -29.55 -35.85
N VAL B 1008 55.64 -29.51 -36.26
CA VAL B 1008 56.30 -28.26 -36.62
C VAL B 1008 57.01 -28.42 -37.95
N CYS B 1009 57.35 -27.27 -38.54
CA CYS B 1009 58.06 -27.26 -39.81
C CYS B 1009 59.45 -27.87 -39.66
N PRO B 1010 59.97 -28.51 -40.72
CA PRO B 1010 61.33 -29.07 -40.64
C PRO B 1010 62.37 -28.05 -40.26
N ALA B 1011 62.17 -26.76 -40.59
CA ALA B 1011 63.11 -25.73 -40.18
C ALA B 1011 63.21 -25.64 -38.66
N LEU B 1012 62.09 -25.84 -37.97
CA LEU B 1012 62.06 -25.80 -36.51
C LEU B 1012 62.45 -27.18 -35.93
N ALA B 1013 63.68 -27.60 -36.27
CA ALA B 1013 64.20 -28.87 -35.80
C ALA B 1013 64.91 -28.68 -34.46
N GLY B 1014 64.53 -29.48 -33.47
CA GLY B 1014 65.10 -29.39 -32.15
C GLY B 1014 64.54 -28.27 -31.31
N ALA B 1015 63.54 -27.54 -31.78
CA ALA B 1015 62.95 -26.46 -31.02
C ALA B 1015 62.20 -26.99 -29.80
N SER B 1016 62.13 -26.16 -28.76
CA SER B 1016 61.44 -26.52 -27.53
C SER B 1016 60.12 -25.76 -27.43
N VAL B 1017 59.16 -26.38 -26.76
CA VAL B 1017 57.83 -25.80 -26.59
C VAL B 1017 57.48 -25.81 -25.10
N HIS B 1018 56.90 -24.70 -24.63
CA HIS B 1018 56.47 -24.63 -23.24
C HIS B 1018 55.22 -23.77 -23.15
N GLU B 1019 54.46 -23.96 -22.08
CA GLU B 1019 53.17 -23.31 -21.92
C GLU B 1019 53.32 -21.95 -21.25
N THR B 1020 52.63 -20.96 -21.81
CA THR B 1020 52.55 -19.63 -21.20
C THR B 1020 51.09 -19.23 -21.02
N ASN B 1021 50.85 -17.99 -20.63
CA ASN B 1021 49.50 -17.45 -20.51
C ASN B 1021 49.16 -16.68 -21.78
N VAL B 1022 48.00 -16.02 -21.79
CA VAL B 1022 47.58 -15.27 -22.97
C VAL B 1022 48.50 -14.07 -23.20
N LEU B 1023 49.11 -13.53 -22.15
CA LEU B 1023 50.02 -12.40 -22.27
C LEU B 1023 51.47 -12.82 -22.44
N GLU B 1024 51.72 -14.14 -22.58
CA GLU B 1024 53.08 -14.67 -22.72
C GLU B 1024 53.95 -14.33 -21.51
N GLY B 1025 53.33 -14.19 -20.34
CA GLY B 1025 54.04 -13.83 -19.14
C GLY B 1025 54.69 -14.97 -18.38
N ASP B 1026 54.52 -16.21 -18.85
CA ASP B 1026 55.08 -17.42 -18.27
C ASP B 1026 54.55 -17.73 -16.88
N ASP B 1027 53.63 -16.93 -16.35
CA ASP B 1027 53.03 -17.16 -15.04
C ASP B 1027 51.54 -17.43 -15.22
N LEU B 1028 51.08 -18.55 -14.67
CA LEU B 1028 49.69 -18.96 -14.80
C LEU B 1028 49.20 -19.50 -13.47
N ALA B 1029 47.90 -19.32 -13.23
CA ALA B 1029 47.30 -19.75 -11.98
C ALA B 1029 47.27 -21.27 -11.87
N ALA B 1030 47.42 -21.76 -10.64
CA ALA B 1030 47.43 -23.20 -10.42
C ALA B 1030 46.04 -23.81 -10.57
N ASP B 1031 44.99 -23.02 -10.36
CA ASP B 1031 43.63 -23.55 -10.48
C ASP B 1031 43.32 -23.99 -11.90
N LEU B 1032 43.75 -23.22 -12.88
CA LEU B 1032 43.42 -23.53 -14.27
C LEU B 1032 44.19 -24.74 -14.76
N PRO B 1033 43.57 -25.63 -15.53
CA PRO B 1033 44.31 -26.74 -16.14
C PRO B 1033 45.28 -26.24 -17.20
N VAL B 1034 46.32 -27.02 -17.42
CA VAL B 1034 47.40 -26.62 -18.32
C VAL B 1034 47.21 -27.18 -19.72
N ALA B 1035 46.75 -28.41 -19.86
CA ALA B 1035 46.57 -29.13 -21.12
C ALA B 1035 47.88 -29.42 -21.83
N LEU B 1036 49.03 -29.17 -21.20
CA LEU B 1036 50.34 -29.56 -21.73
C LEU B 1036 51.11 -30.17 -20.57
N GLN B 1037 51.02 -31.49 -20.44
CA GLN B 1037 51.65 -32.19 -19.34
C GLN B 1037 53.16 -32.32 -19.56
N ASP B 1038 53.86 -32.68 -18.50
CA ASP B 1038 55.32 -32.86 -18.44
C ASP B 1038 56.07 -31.55 -18.64
N GLY B 1039 55.39 -30.41 -18.63
CA GLY B 1039 56.09 -29.14 -18.75
C GLY B 1039 56.77 -28.99 -20.09
N ARG B 1040 57.99 -28.46 -20.06
CA ARG B 1040 58.75 -28.23 -21.29
C ARG B 1040 59.08 -29.55 -21.97
N GLN B 1041 58.93 -29.56 -23.29
CA GLN B 1041 59.16 -30.75 -24.10
C GLN B 1041 59.87 -30.31 -25.39
N ASN B 1042 59.92 -31.22 -26.35
CA ASN B 1042 60.35 -30.88 -27.69
C ASN B 1042 59.15 -30.45 -28.52
N ALA B 1043 59.40 -29.60 -29.52
CA ALA B 1043 58.31 -29.10 -30.36
C ALA B 1043 57.63 -30.22 -31.12
N GLU B 1044 58.41 -31.15 -31.66
CA GLU B 1044 57.86 -32.25 -32.45
C GLU B 1044 57.43 -33.39 -31.53
N GLY B 1045 56.19 -33.85 -31.73
CA GLY B 1045 55.68 -34.96 -30.96
C GLY B 1045 55.08 -34.61 -29.62
N ALA B 1046 54.91 -33.32 -29.31
CA ALA B 1046 54.31 -32.94 -28.04
C ALA B 1046 52.85 -33.36 -28.00
N THR B 1047 52.39 -33.83 -26.84
CA THR B 1047 51.03 -34.29 -26.66
C THR B 1047 50.23 -33.26 -25.87
N LEU B 1048 48.98 -33.04 -26.30
CA LEU B 1048 48.10 -32.06 -25.68
C LEU B 1048 46.76 -32.72 -25.39
N HIS B 1049 46.22 -32.44 -24.20
CA HIS B 1049 44.91 -32.96 -23.78
C HIS B 1049 44.01 -31.76 -23.51
N PHE B 1050 43.14 -31.45 -24.46
CA PHE B 1050 42.26 -30.29 -24.36
C PHE B 1050 40.95 -30.69 -23.70
N GLY B 1051 40.53 -29.92 -22.70
CA GLY B 1051 39.20 -30.05 -22.16
C GLY B 1051 38.21 -29.25 -22.98
N PRO B 1052 36.97 -29.16 -22.53
CA PRO B 1052 35.98 -28.36 -23.28
C PRO B 1052 36.33 -26.88 -23.31
N PHE B 1053 36.66 -26.37 -24.50
CA PHE B 1053 37.04 -24.97 -24.69
C PHE B 1053 38.24 -24.61 -23.82
N GLN B 1054 39.35 -25.31 -24.06
CA GLN B 1054 40.51 -25.18 -23.18
C GLN B 1054 41.24 -23.86 -23.38
N LEU B 1055 41.45 -23.46 -24.64
CA LEU B 1055 42.17 -22.23 -24.99
C LEU B 1055 43.60 -22.25 -24.43
N ALA B 1056 44.40 -23.13 -25.00
CA ALA B 1056 45.81 -23.25 -24.64
C ALA B 1056 46.66 -22.30 -25.47
N THR B 1057 47.79 -21.89 -24.88
CA THR B 1057 48.76 -21.01 -25.52
C THR B 1057 50.15 -21.61 -25.32
N LEU B 1058 50.92 -21.71 -26.40
CA LEU B 1058 52.24 -22.33 -26.37
C LEU B 1058 53.27 -21.38 -26.97
N ARG B 1059 54.49 -21.48 -26.46
CA ARG B 1059 55.62 -20.70 -26.94
C ARG B 1059 56.71 -21.67 -27.39
N ILE B 1060 57.20 -21.47 -28.62
CA ILE B 1060 58.21 -22.32 -29.24
C ILE B 1060 59.48 -21.49 -29.44
N THR B 1061 60.59 -22.00 -28.92
CA THR B 1061 61.89 -21.37 -29.03
C THR B 1061 62.81 -22.26 -29.84
N ARG B 1062 63.51 -21.67 -30.82
CA ARG B 1062 64.42 -22.41 -31.67
C ARG B 1062 65.65 -22.86 -30.88
N PHE C 25 16.08 -17.79 -4.03
CA PHE C 25 16.61 -19.13 -3.73
C PHE C 25 16.27 -19.53 -2.29
N LEU C 26 16.09 -18.53 -1.43
CA LEU C 26 15.71 -18.74 -0.04
C LEU C 26 14.32 -18.17 0.18
N LYS C 27 13.42 -18.99 0.71
CA LYS C 27 12.04 -18.58 0.94
C LYS C 27 11.80 -18.43 2.43
N PRO C 28 11.72 -17.20 2.95
CA PRO C 28 11.50 -17.03 4.40
C PRO C 28 10.19 -17.61 4.90
N GLU C 29 9.14 -17.62 4.09
CA GLU C 29 7.85 -18.15 4.55
C GLU C 29 7.94 -19.64 4.83
N GLN C 30 8.64 -20.39 3.98
CA GLN C 30 8.84 -21.81 4.25
C GLN C 30 9.63 -22.00 5.53
N GLN C 31 10.62 -21.15 5.78
CA GLN C 31 11.37 -21.22 7.02
C GLN C 31 10.48 -20.97 8.23
N LEU C 32 9.58 -19.99 8.12
CA LEU C 32 8.65 -19.72 9.22
C LEU C 32 7.73 -20.90 9.49
N GLU C 33 7.19 -21.50 8.43
CA GLU C 33 6.32 -22.66 8.60
C GLU C 33 7.07 -23.83 9.22
N ARG C 34 8.30 -24.08 8.76
CA ARG C 34 9.11 -25.16 9.31
C ARG C 34 9.43 -24.90 10.78
N CYS C 35 9.74 -23.64 11.12
CA CYS C 35 10.03 -23.30 12.51
C CYS C 35 8.82 -23.53 13.39
N ARG C 36 7.63 -23.13 12.93
CA ARG C 36 6.43 -23.34 13.73
C ARG C 36 6.15 -24.82 13.94
N ARG C 37 6.29 -25.62 12.87
CA ARG C 37 6.08 -27.05 13.00
C ARG C 37 7.09 -27.69 13.96
N ILE C 38 8.36 -27.28 13.85
CA ILE C 38 9.40 -27.85 14.71
C ILE C 38 9.15 -27.49 16.16
N VAL C 39 8.77 -26.23 16.43
CA VAL C 39 8.48 -25.83 17.80
C VAL C 39 7.28 -26.61 18.34
N ARG C 40 6.25 -26.78 17.52
CA ARG C 40 5.06 -27.49 17.97
C ARG C 40 5.35 -28.95 18.29
N GLN C 41 6.16 -29.61 17.46
CA GLN C 41 6.28 -31.06 17.53
C GLN C 41 7.52 -31.57 18.27
N ARG C 42 8.68 -30.95 18.05
CA ARG C 42 9.94 -31.53 18.50
C ARG C 42 10.62 -30.76 19.62
N VAL C 43 10.18 -29.56 19.95
CA VAL C 43 10.83 -28.73 20.96
C VAL C 43 9.98 -28.59 22.22
N ASP C 44 8.73 -28.16 22.07
CA ASP C 44 7.86 -27.99 23.24
C ASP C 44 7.65 -29.26 24.05
N PRO C 45 7.41 -30.44 23.45
CA PRO C 45 7.23 -31.64 24.28
C PRO C 45 8.42 -31.95 25.17
N HIS C 46 9.64 -31.64 24.74
CA HIS C 46 10.82 -31.90 25.56
C HIS C 46 10.90 -31.00 26.77
N ILE C 47 10.14 -29.92 26.82
CA ILE C 47 10.02 -29.11 28.03
C ILE C 47 9.04 -29.77 28.97
N HIS C 48 9.43 -29.92 30.24
CA HIS C 48 8.65 -30.62 31.25
C HIS C 48 8.33 -32.05 30.85
N PRO C 49 9.34 -32.93 30.69
CA PRO C 49 9.05 -34.34 30.42
C PRO C 49 8.61 -35.05 31.70
N SER C 50 7.45 -35.70 31.63
CA SER C 50 6.91 -36.36 32.81
C SER C 50 7.78 -37.53 33.23
N ILE C 51 7.98 -37.66 34.55
CA ILE C 51 8.77 -38.76 35.09
C ILE C 51 7.99 -39.61 36.08
N ALA C 52 6.87 -39.13 36.63
CA ALA C 52 6.11 -39.92 37.58
C ALA C 52 4.63 -39.55 37.50
N GLN C 53 3.79 -40.53 37.82
CA GLN C 53 2.34 -40.36 37.81
C GLN C 53 1.85 -40.17 39.24
N LEU C 54 0.80 -39.36 39.41
CA LEU C 54 0.25 -39.04 40.71
C LEU C 54 -1.08 -39.73 40.92
N THR C 55 -1.40 -40.01 42.19
CA THR C 55 -2.69 -40.56 42.58
C THR C 55 -3.55 -39.48 43.18
N VAL C 56 -4.84 -39.47 42.82
CA VAL C 56 -5.73 -38.37 43.11
C VAL C 56 -6.93 -38.86 43.91
N GLU C 57 -7.25 -38.14 44.98
CA GLU C 57 -8.49 -38.32 45.72
C GLU C 57 -9.24 -37.00 45.77
N SER C 58 -10.56 -37.05 45.81
CA SER C 58 -11.39 -35.86 45.66
C SER C 58 -12.39 -35.75 46.81
N TYR C 59 -12.74 -34.51 47.11
CA TYR C 59 -13.81 -34.17 48.04
C TYR C 59 -14.55 -32.96 47.49
N ASP C 60 -15.86 -33.10 47.27
CA ASP C 60 -16.64 -32.10 46.55
C ASP C 60 -17.47 -31.26 47.51
N ILE C 61 -17.60 -29.98 47.18
CA ILE C 61 -18.43 -29.03 47.91
C ILE C 61 -19.34 -28.33 46.91
N PRO C 62 -20.56 -28.81 46.69
CA PRO C 62 -21.45 -28.16 45.72
C PRO C 62 -21.88 -26.76 46.11
N GLY C 63 -21.81 -26.40 47.39
CA GLY C 63 -22.35 -25.16 47.89
C GLY C 63 -21.32 -24.05 47.95
N GLU C 64 -21.39 -23.27 49.03
CA GLU C 64 -20.51 -22.12 49.21
C GLU C 64 -19.07 -22.57 49.45
N PRO C 65 -18.10 -21.72 49.13
CA PRO C 65 -16.70 -22.09 49.34
C PRO C 65 -16.39 -22.30 50.81
N MET C 66 -15.42 -23.18 51.06
CA MET C 66 -15.11 -23.64 52.40
C MET C 66 -13.81 -23.00 52.88
N PRO C 67 -13.83 -22.22 53.96
CA PRO C 67 -12.61 -21.53 54.40
C PRO C 67 -11.49 -22.51 54.70
N SER C 68 -10.26 -22.08 54.37
CA SER C 68 -9.12 -23.00 54.42
C SER C 68 -8.75 -23.37 55.86
N ASP C 69 -8.87 -22.42 56.80
CA ASP C 69 -8.42 -22.69 58.17
C ASP C 69 -9.22 -23.81 58.79
N GLU C 70 -10.55 -23.70 58.78
CA GLU C 70 -11.38 -24.72 59.41
C GLU C 70 -11.42 -26.00 58.57
N PHE C 71 -11.25 -25.89 57.25
CA PHE C 71 -11.08 -27.08 56.43
C PHE C 71 -9.88 -27.89 56.88
N PHE C 72 -8.73 -27.24 57.04
CA PHE C 72 -7.54 -27.94 57.50
C PHE C 72 -7.68 -28.42 58.94
N ALA C 73 -8.40 -27.66 59.76
CA ALA C 73 -8.65 -28.10 61.14
C ALA C 73 -9.38 -29.44 61.16
N LYS C 74 -10.51 -29.53 60.45
CA LYS C 74 -11.20 -30.82 60.44
C LYS C 74 -10.39 -31.88 59.68
N LEU C 75 -9.62 -31.46 58.68
CA LEU C 75 -8.81 -32.42 57.93
C LEU C 75 -7.80 -33.12 58.83
N ASP C 76 -7.11 -32.36 59.68
CA ASP C 76 -6.23 -33.00 60.65
C ASP C 76 -7.01 -33.62 61.81
N ARG C 77 -8.30 -33.29 61.95
CA ARG C 77 -9.18 -34.03 62.84
C ARG C 77 -9.96 -35.12 62.12
N GLY C 78 -9.84 -35.23 60.80
CA GLY C 78 -10.54 -36.26 60.04
C GLY C 78 -11.72 -35.75 59.23
N ASP C 79 -12.87 -36.39 59.37
CA ASP C 79 -14.16 -35.91 58.88
C ASP C 79 -14.24 -35.74 57.37
N ILE C 80 -13.19 -36.12 56.63
CA ILE C 80 -13.16 -35.97 55.18
C ILE C 80 -12.85 -37.33 54.56
N ASP C 81 -13.58 -37.67 53.50
CA ASP C 81 -13.48 -39.00 52.90
C ASP C 81 -12.37 -39.10 51.86
N PHE C 82 -12.28 -38.14 50.94
CA PHE C 82 -11.33 -38.18 49.82
C PHE C 82 -11.52 -39.44 48.99
N LYS C 83 -12.68 -39.53 48.35
CA LYS C 83 -12.98 -40.68 47.50
C LYS C 83 -12.03 -40.72 46.31
N PRO C 84 -11.59 -41.90 45.90
CA PRO C 84 -10.58 -41.99 44.83
C PRO C 84 -11.10 -41.40 43.52
N PHE C 85 -10.19 -40.83 42.73
CA PHE C 85 -10.54 -40.16 41.49
C PHE C 85 -9.64 -40.69 40.37
N MET C 86 -10.23 -40.95 39.22
CA MET C 86 -9.51 -41.47 38.07
C MET C 86 -9.26 -40.35 37.06
N LEU C 87 -8.11 -40.41 36.40
CA LEU C 87 -7.76 -39.38 35.41
C LEU C 87 -8.74 -39.41 34.25
N GLY C 88 -9.11 -38.23 33.78
CA GLY C 88 -10.04 -38.10 32.67
C GLY C 88 -11.50 -38.05 33.04
N SER C 89 -11.83 -37.95 34.33
CA SER C 89 -13.21 -37.91 34.76
C SER C 89 -13.67 -36.46 34.96
N GLU C 90 -14.97 -36.29 35.15
CA GLU C 90 -15.57 -34.98 35.37
C GLU C 90 -15.76 -34.75 36.86
N TRP C 91 -15.46 -33.54 37.31
CA TRP C 91 -15.38 -33.28 38.75
C TRP C 91 -16.23 -32.12 39.23
N GLY C 92 -16.30 -31.03 38.46
CA GLY C 92 -16.84 -29.78 38.95
C GLY C 92 -18.31 -29.54 38.64
N THR C 93 -18.96 -28.79 39.53
CA THR C 93 -20.31 -28.28 39.31
C THR C 93 -20.22 -26.84 38.81
N THR C 94 -21.37 -26.16 38.77
CA THR C 94 -21.41 -24.81 38.19
C THR C 94 -20.62 -23.81 39.03
N TRP C 95 -20.71 -23.90 40.36
CA TRP C 95 -20.00 -22.97 41.22
C TRP C 95 -19.34 -23.66 42.41
N GLY C 96 -19.30 -24.99 42.44
CA GLY C 96 -18.75 -25.69 43.58
C GLY C 96 -17.24 -25.69 43.60
N THR C 97 -16.71 -26.26 44.67
CA THR C 97 -15.27 -26.37 44.88
C THR C 97 -14.89 -27.83 45.03
N VAL C 98 -13.69 -28.19 44.60
CA VAL C 98 -13.21 -29.56 44.76
C VAL C 98 -11.84 -29.51 45.42
N TRP C 99 -11.67 -30.28 46.50
CA TRP C 99 -10.39 -30.44 47.16
C TRP C 99 -9.79 -31.76 46.71
N PHE C 100 -8.61 -31.69 46.07
CA PHE C 100 -7.91 -32.86 45.57
C PHE C 100 -6.68 -33.11 46.44
N ARG C 101 -6.58 -34.34 46.95
CA ARG C 101 -5.37 -34.81 47.60
C ARG C 101 -4.54 -35.56 46.57
N LEU C 102 -3.33 -35.06 46.31
CA LEU C 102 -2.44 -35.64 45.32
C LEU C 102 -1.28 -36.30 46.06
N THR C 103 -1.17 -37.62 45.90
CA THR C 103 -0.11 -38.40 46.53
C THR C 103 0.80 -38.96 45.47
N GLY C 104 2.11 -38.82 45.67
CA GLY C 104 3.07 -39.30 44.69
C GLY C 104 4.36 -39.73 45.35
N THR C 105 5.28 -40.22 44.53
CA THR C 105 6.60 -40.61 45.00
C THR C 105 7.63 -40.26 43.93
N VAL C 106 8.85 -39.96 44.36
CA VAL C 106 9.93 -39.62 43.45
C VAL C 106 10.74 -40.87 43.15
N PRO C 107 11.39 -40.95 41.99
CA PRO C 107 12.25 -42.10 41.71
C PRO C 107 13.50 -42.08 42.56
N ALA C 108 14.27 -43.16 42.47
CA ALA C 108 15.47 -43.33 43.29
C ALA C 108 16.60 -42.49 42.71
N GLY C 109 16.95 -41.41 43.40
CA GLY C 109 18.07 -40.57 43.00
C GLY C 109 17.91 -39.94 41.64
N TYR C 110 16.70 -39.50 41.30
CA TYR C 110 16.44 -38.93 39.99
C TYR C 110 16.87 -37.46 39.85
N PRO C 111 16.65 -36.59 40.86
CA PRO C 111 16.94 -35.16 40.63
C PRO C 111 18.43 -34.88 40.42
N LYS C 112 18.91 -35.18 39.22
CA LYS C 112 20.31 -34.98 38.86
C LYS C 112 20.50 -33.60 38.25
N GLY C 113 20.50 -32.60 39.13
CA GLY C 113 20.79 -31.24 38.71
C GLY C 113 19.69 -30.57 37.90
N LYS C 114 18.44 -30.97 38.07
CA LYS C 114 17.33 -30.33 37.39
C LYS C 114 16.22 -30.01 38.37
N PRO C 115 15.46 -28.95 38.12
CA PRO C 115 14.47 -28.50 39.11
C PRO C 115 13.42 -29.54 39.47
N LEU C 116 12.97 -30.36 38.52
CA LEU C 116 11.97 -31.41 38.78
C LEU C 116 10.68 -30.79 39.30
N GLU C 117 10.02 -30.07 38.39
CA GLU C 117 8.78 -29.36 38.70
C GLU C 117 7.60 -30.33 38.76
N LEU C 118 6.39 -29.80 38.78
CA LEU C 118 5.18 -30.61 38.85
C LEU C 118 4.10 -29.98 37.96
N ILE C 119 3.43 -30.80 37.16
CA ILE C 119 2.47 -30.32 36.16
C ILE C 119 1.09 -30.82 36.54
N LEU C 120 0.12 -29.91 36.54
CA LEU C 120 -1.28 -30.24 36.78
C LEU C 120 -2.13 -29.66 35.65
N ASP C 121 -3.10 -30.43 35.18
CA ASP C 121 -4.05 -29.96 34.18
C ASP C 121 -5.46 -30.17 34.71
N LEU C 122 -6.32 -29.18 34.48
CA LEU C 122 -7.70 -29.24 34.93
C LEU C 122 -8.70 -29.18 33.77
N GLY C 123 -8.21 -29.29 32.53
CA GLY C 123 -9.08 -29.18 31.38
C GLY C 123 -9.14 -27.77 30.84
N TRP C 124 -7.98 -27.15 30.70
CA TRP C 124 -7.92 -25.78 30.22
C TRP C 124 -8.37 -25.67 28.77
N TYR C 125 -9.17 -24.65 28.48
CA TYR C 125 -9.52 -24.34 27.11
C TYR C 125 -8.39 -23.52 26.49
N PRO C 126 -7.80 -23.98 25.38
CA PRO C 126 -6.63 -23.25 24.82
C PRO C 126 -6.93 -21.80 24.47
N HIS C 127 -8.10 -21.51 23.91
CA HIS C 127 -8.47 -20.14 23.54
C HIS C 127 -9.28 -19.47 24.64
N SER C 128 -8.77 -19.48 25.87
CA SER C 128 -9.44 -18.84 26.99
C SER C 128 -8.47 -18.75 28.16
N CYS C 129 -8.65 -17.73 28.99
CA CYS C 129 -7.83 -17.54 30.17
C CYS C 129 -8.50 -16.52 31.08
N GLY C 130 -8.47 -16.79 32.39
CA GLY C 130 -8.99 -15.85 33.36
C GLY C 130 -10.49 -15.72 33.41
N GLY C 131 -11.23 -16.63 32.78
CA GLY C 131 -12.67 -16.54 32.78
C GLY C 131 -13.37 -17.84 33.13
N HIS C 132 -12.58 -18.85 33.49
CA HIS C 132 -13.13 -20.16 33.80
C HIS C 132 -12.36 -20.73 34.99
N ILE C 133 -12.46 -22.05 35.17
CA ILE C 133 -11.93 -22.77 36.32
C ILE C 133 -10.49 -22.41 36.64
N GLU C 134 -10.12 -22.46 37.91
CA GLU C 134 -8.75 -22.24 38.34
C GLU C 134 -8.54 -23.02 39.63
N GLY C 135 -7.38 -22.83 40.26
CA GLY C 135 -7.09 -23.56 41.48
C GLY C 135 -5.85 -23.04 42.16
N LEU C 136 -5.68 -23.49 43.41
CA LEU C 136 -4.55 -23.13 44.24
C LEU C 136 -4.00 -24.39 44.91
N VAL C 137 -2.71 -24.38 45.22
CA VAL C 137 -2.02 -25.54 45.75
C VAL C 137 -1.58 -25.24 47.18
N TYR C 138 -1.83 -26.19 48.08
CA TYR C 138 -1.51 -26.07 49.50
C TYR C 138 -0.64 -27.23 49.95
N ARG C 139 0.20 -26.95 50.95
CA ARG C 139 0.98 -27.97 51.63
C ARG C 139 0.11 -28.67 52.67
N ALA C 140 0.69 -29.67 53.35
CA ALA C 140 -0.01 -30.31 54.45
C ALA C 140 -0.16 -29.37 55.63
N ASP C 141 0.78 -28.45 55.82
CA ASP C 141 0.68 -27.47 56.90
C ASP C 141 -0.53 -26.56 56.70
N GLY C 142 -0.74 -26.08 55.47
CA GLY C 142 -1.85 -25.20 55.19
C GLY C 142 -1.42 -23.88 54.56
N THR C 143 -0.22 -23.85 53.99
CA THR C 143 0.33 -22.67 53.35
C THR C 143 0.31 -22.86 51.84
N ALA C 144 -0.21 -21.86 51.13
CA ALA C 144 -0.31 -21.93 49.68
C ALA C 144 1.07 -21.86 49.04
N ILE C 145 1.19 -22.46 47.86
CA ILE C 145 2.43 -22.50 47.10
C ILE C 145 2.34 -21.66 45.83
N LYS C 146 1.42 -22.02 44.94
CA LYS C 146 1.26 -21.32 43.67
C LYS C 146 -0.05 -21.75 43.03
N ALA C 147 -0.74 -20.82 42.37
CA ALA C 147 -1.97 -21.13 41.68
C ALA C 147 -1.70 -21.76 40.32
N VAL C 148 -2.74 -22.36 39.75
CA VAL C 148 -2.67 -22.97 38.43
C VAL C 148 -3.60 -22.23 37.49
N HIS C 149 -3.13 -21.98 36.27
CA HIS C 149 -3.85 -21.22 35.27
C HIS C 149 -3.68 -21.91 33.92
N PRO C 150 -4.57 -21.64 32.97
CA PRO C 150 -4.46 -22.31 31.67
C PRO C 150 -3.11 -22.12 30.98
N LEU C 151 -2.51 -20.94 31.08
CA LEU C 151 -1.20 -20.70 30.50
C LEU C 151 -0.07 -20.84 31.51
N ASN C 152 -0.38 -21.03 32.80
CA ASN C 152 0.62 -21.17 33.85
C ASN C 152 0.11 -22.26 34.80
N TYR C 153 0.49 -23.50 34.53
CA TYR C 153 0.02 -24.64 35.32
C TYR C 153 1.18 -25.51 35.76
N TRP C 154 2.29 -24.90 36.14
CA TRP C 154 3.42 -25.59 36.73
C TRP C 154 3.61 -25.11 38.16
N VAL C 155 3.91 -26.04 39.06
CA VAL C 155 4.07 -25.76 40.47
C VAL C 155 5.49 -26.17 40.88
N PRO C 156 6.26 -25.30 41.52
CA PRO C 156 7.61 -25.69 41.94
C PRO C 156 7.55 -26.76 43.02
N PHE C 157 8.34 -27.81 42.85
CA PHE C 157 8.35 -28.94 43.77
C PHE C 157 9.68 -29.11 44.47
N MET C 158 10.78 -29.16 43.73
CA MET C 158 12.09 -29.41 44.29
C MET C 158 13.09 -28.46 43.64
N ASP C 159 14.26 -28.35 44.25
CA ASP C 159 15.35 -27.53 43.75
C ASP C 159 16.46 -28.45 43.26
N ALA C 160 17.44 -27.88 42.55
CA ALA C 160 18.45 -28.69 41.88
C ALA C 160 19.24 -29.54 42.87
N GLU C 161 19.63 -28.96 44.00
CA GLU C 161 20.40 -29.70 45.00
C GLU C 161 19.53 -30.59 45.88
N GLY C 162 18.21 -30.52 45.77
CA GLY C 162 17.32 -31.39 46.52
C GLY C 162 16.40 -30.70 47.50
N ASN C 163 16.44 -29.38 47.59
CA ASN C 163 15.53 -28.67 48.48
C ASN C 163 14.12 -28.70 47.92
N ALA C 164 13.16 -29.12 48.74
CA ALA C 164 11.79 -29.32 48.30
C ALA C 164 10.85 -28.40 49.06
N GLN C 165 9.78 -27.98 48.38
CA GLN C 165 8.80 -27.09 49.00
C GLN C 165 7.90 -27.82 49.98
N VAL C 166 7.83 -29.14 49.91
CA VAL C 166 6.99 -29.94 50.80
C VAL C 166 7.86 -30.99 51.47
N PRO C 167 7.49 -31.46 52.67
CA PRO C 167 8.27 -32.54 53.30
C PRO C 167 8.21 -33.81 52.47
N VAL C 168 9.34 -34.49 52.36
CA VAL C 168 9.47 -35.74 51.61
C VAL C 168 10.13 -36.77 52.51
N ALA C 169 9.62 -38.00 52.47
CA ALA C 169 10.12 -39.06 53.34
C ALA C 169 11.33 -39.75 52.69
N GLU C 170 11.87 -40.74 53.40
CA GLU C 170 12.98 -41.51 52.86
C GLU C 170 12.54 -42.31 51.63
N ASP C 171 11.33 -42.85 51.66
CA ASP C 171 10.78 -43.56 50.51
C ASP C 171 10.45 -42.63 49.35
N GLY C 172 10.46 -41.32 49.57
CA GLY C 172 10.11 -40.37 48.54
C GLY C 172 8.64 -40.03 48.45
N SER C 173 7.80 -40.59 49.32
CA SER C 173 6.38 -40.32 49.27
C SER C 173 6.10 -38.88 49.70
N PHE C 174 5.14 -38.25 49.01
CA PHE C 174 4.75 -36.88 49.33
C PHE C 174 3.27 -36.71 49.01
N THR C 175 2.66 -35.73 49.68
CA THR C 175 1.25 -35.41 49.49
C THR C 175 1.06 -33.90 49.44
N LEU C 176 0.15 -33.47 48.57
CA LEU C 176 -0.18 -32.07 48.40
C LEU C 176 -1.69 -31.94 48.28
N TYR C 177 -2.20 -30.71 48.44
CA TYR C 177 -3.62 -30.45 48.29
C TYR C 177 -3.84 -29.40 47.21
N LEU C 178 -4.99 -29.50 46.55
CA LEU C 178 -5.33 -28.59 45.45
C LEU C 178 -6.79 -28.20 45.59
N GLU C 179 -7.04 -26.92 45.88
CA GLU C 179 -8.40 -26.39 45.94
C GLU C 179 -8.72 -25.82 44.56
N ALA C 180 -9.64 -26.48 43.85
CA ALA C 180 -10.02 -26.09 42.50
C ALA C 180 -11.42 -25.49 42.51
N ALA C 181 -11.54 -24.30 41.92
CA ALA C 181 -12.82 -23.63 41.77
C ALA C 181 -13.28 -23.73 40.33
N SER C 182 -14.50 -24.20 40.14
CA SER C 182 -15.11 -24.36 38.83
C SER C 182 -16.12 -23.24 38.61
N ASN C 183 -15.81 -22.32 37.71
CA ASN C 183 -16.67 -21.20 37.40
C ASN C 183 -17.11 -21.27 35.94
N PRO C 184 -18.37 -20.94 35.65
CA PRO C 184 -18.82 -20.99 34.26
C PRO C 184 -18.14 -19.94 33.40
N LEU C 185 -17.97 -20.28 32.12
CA LEU C 185 -17.37 -19.38 31.14
C LEU C 185 -18.49 -18.54 30.53
N LEU C 186 -18.67 -17.34 31.05
CA LEU C 186 -19.74 -16.45 30.60
C LEU C 186 -19.36 -15.64 29.37
N LEU C 187 -18.11 -15.74 28.91
CA LEU C 187 -17.66 -15.06 27.70
C LEU C 187 -16.95 -16.09 26.81
N GLY C 188 -17.74 -16.79 25.99
CA GLY C 188 -17.19 -17.75 25.05
C GLY C 188 -16.76 -17.10 23.76
N VAL C 189 -16.39 -17.96 22.80
CA VAL C 189 -16.00 -17.47 21.49
C VAL C 189 -17.19 -16.87 20.73
N PRO C 190 -18.44 -17.27 20.98
CA PRO C 190 -19.55 -16.39 20.60
C PRO C 190 -19.80 -15.37 21.69
N PRO C 191 -19.46 -14.10 21.46
CA PRO C 191 -19.54 -13.12 22.55
C PRO C 191 -20.97 -12.68 22.82
N PHE C 192 -21.23 -12.39 24.10
CA PHE C 192 -22.48 -11.82 24.57
C PHE C 192 -23.68 -12.71 24.24
N ILE C 193 -23.68 -13.89 24.86
CA ILE C 193 -24.77 -14.86 24.75
C ILE C 193 -25.50 -14.91 26.08
N GLU C 194 -26.83 -14.82 26.02
CA GLU C 194 -27.63 -14.85 27.23
C GLU C 194 -27.46 -16.17 27.96
N THR C 195 -27.37 -16.11 29.29
CA THR C 195 -27.17 -17.28 30.12
C THR C 195 -27.94 -17.14 31.43
N GLU C 196 -28.19 -18.27 32.07
CA GLU C 196 -28.84 -18.32 33.37
C GLU C 196 -27.92 -18.84 34.46
N LEU C 197 -26.62 -18.96 34.19
CA LEU C 197 -25.65 -19.50 35.13
C LEU C 197 -24.87 -18.41 35.86
N GLY C 198 -25.53 -17.29 36.16
CA GLY C 198 -24.88 -16.22 36.90
C GLY C 198 -25.71 -15.74 38.07
N ASP C 199 -26.65 -16.58 38.51
CA ASP C 199 -27.56 -16.21 39.59
C ASP C 199 -27.05 -16.69 40.95
N HIS C 200 -26.81 -17.99 41.08
CA HIS C 200 -26.35 -18.58 42.34
C HIS C 200 -25.71 -19.93 42.03
N ALA C 201 -25.36 -20.66 43.07
CA ALA C 201 -24.76 -21.99 42.93
C ALA C 201 -25.88 -23.04 42.90
N THR C 202 -25.97 -23.77 41.80
CA THR C 202 -27.04 -24.75 41.64
C THR C 202 -26.66 -26.15 42.10
N GLY C 203 -25.37 -26.43 42.23
CA GLY C 203 -24.94 -27.76 42.63
C GLY C 203 -25.15 -28.84 41.61
N LYS C 204 -25.21 -28.49 40.33
CA LYS C 204 -25.43 -29.45 39.26
C LYS C 204 -24.34 -29.35 38.20
N PRO C 205 -23.99 -30.46 37.55
CA PRO C 205 -22.94 -30.40 36.52
C PRO C 205 -23.42 -29.76 35.23
N ASP C 206 -23.47 -28.42 35.19
CA ASP C 206 -23.92 -27.73 33.99
C ASP C 206 -22.93 -27.92 32.84
N GLU C 207 -21.64 -27.85 33.12
CA GLU C 207 -20.60 -28.02 32.10
C GLU C 207 -19.33 -28.53 32.75
N PRO C 208 -19.28 -29.81 33.08
CA PRO C 208 -18.10 -30.35 33.76
C PRO C 208 -16.90 -30.46 32.84
N TYR C 209 -15.72 -30.42 33.46
CA TYR C 209 -14.45 -30.50 32.75
C TYR C 209 -13.68 -31.73 33.21
N VAL C 210 -12.73 -32.17 32.36
CA VAL C 210 -11.92 -33.34 32.64
C VAL C 210 -10.61 -32.90 33.28
N PHE C 211 -10.01 -33.81 34.03
CA PHE C 211 -8.77 -33.52 34.77
C PHE C 211 -7.54 -33.99 33.99
N LYS C 212 -7.47 -35.29 33.70
CA LYS C 212 -6.66 -35.92 32.65
C LYS C 212 -5.14 -35.76 32.77
N SER C 213 -4.63 -35.05 33.77
CA SER C 213 -3.18 -34.92 33.89
C SER C 213 -2.79 -34.41 35.26
N ALA C 214 -2.00 -35.21 35.99
CA ALA C 214 -1.35 -34.77 37.22
C ALA C 214 -0.03 -35.54 37.30
N ASP C 215 1.04 -34.92 36.81
CA ASP C 215 2.33 -35.59 36.66
C ASP C 215 3.41 -34.85 37.43
N LEU C 216 4.44 -35.60 37.81
CA LEU C 216 5.69 -35.03 38.30
C LEU C 216 6.71 -35.13 37.17
N ALA C 217 7.31 -33.99 36.84
CA ALA C 217 8.15 -33.88 35.64
C ALA C 217 9.44 -33.16 35.98
N GLU C 218 10.41 -33.29 35.09
CA GLU C 218 11.69 -32.60 35.19
C GLU C 218 11.65 -31.33 34.36
N PHE C 219 12.54 -30.39 34.67
CA PHE C 219 12.58 -29.11 33.99
C PHE C 219 13.91 -28.97 33.26
N ASP C 220 13.84 -28.64 31.97
CA ASP C 220 15.01 -28.41 31.13
C ASP C 220 14.96 -26.99 30.60
N GLU C 221 15.88 -26.15 31.05
CA GLU C 221 15.87 -24.74 30.67
C GLU C 221 16.38 -24.52 29.25
N ARG C 222 17.21 -25.42 28.73
CA ARG C 222 17.77 -25.24 27.40
C ARG C 222 16.68 -25.25 26.33
N TYR C 223 15.74 -26.20 26.42
CA TYR C 223 14.67 -26.28 25.44
C TYR C 223 13.75 -25.07 25.52
N GLU C 224 13.46 -24.60 26.74
CA GLU C 224 12.63 -23.41 26.89
C GLU C 224 13.32 -22.18 26.31
N ASN C 225 14.62 -22.05 26.54
CA ASN C 225 15.36 -20.93 25.96
C ASN C 225 15.35 -21.00 24.44
N TYR C 226 15.53 -22.19 23.89
CA TYR C 226 15.49 -22.34 22.44
C TYR C 226 14.12 -21.98 21.88
N SER C 227 13.05 -22.41 22.56
CA SER C 227 11.71 -22.06 22.12
C SER C 227 11.48 -20.56 22.14
N VAL C 228 11.93 -19.89 23.22
CA VAL C 228 11.76 -18.45 23.32
C VAL C 228 12.54 -17.75 22.22
N ASP C 229 13.77 -18.20 21.95
CA ASP C 229 14.58 -17.58 20.91
C ASP C 229 13.92 -17.74 19.54
N LEU C 230 13.41 -18.94 19.25
CA LEU C 230 12.75 -19.17 17.97
C LEU C 230 11.50 -18.30 17.83
N ASP C 231 10.71 -18.20 18.90
CA ASP C 231 9.51 -17.38 18.85
C ASP C 231 9.86 -15.90 18.64
N VAL C 232 10.90 -15.42 19.32
CA VAL C 232 11.31 -14.03 19.17
C VAL C 232 11.79 -13.76 17.74
N VAL C 233 12.59 -14.67 17.19
CA VAL C 233 13.09 -14.49 15.83
C VAL C 233 11.93 -14.47 14.83
N SER C 234 10.98 -15.39 14.98
CA SER C 234 9.85 -15.44 14.07
C SER C 234 9.01 -14.17 14.18
N SER C 235 8.73 -13.72 15.39
CA SER C 235 7.93 -12.51 15.57
C SER C 235 8.64 -11.28 15.04
N LEU C 236 9.98 -11.23 15.18
CA LEU C 236 10.74 -10.14 14.59
C LEU C 236 10.65 -10.17 13.08
N MET C 237 10.74 -11.36 12.48
CA MET C 237 10.59 -11.48 11.03
C MET C 237 9.21 -11.05 10.57
N GLU C 238 8.19 -11.26 11.40
CA GLU C 238 6.83 -10.88 11.01
C GLU C 238 6.70 -9.38 10.74
N PHE C 239 7.54 -8.56 11.36
CA PHE C 239 7.53 -7.12 11.18
C PHE C 239 8.93 -6.59 10.92
N ALA C 240 9.68 -7.26 10.06
CA ALA C 240 11.09 -6.95 9.84
C ALA C 240 11.31 -6.04 8.65
N ASP C 241 10.25 -5.47 8.07
CA ASP C 241 10.36 -4.54 6.95
C ASP C 241 11.08 -5.19 5.77
N LYS C 242 10.37 -6.15 5.17
CA LYS C 242 10.88 -6.95 4.05
C LYS C 242 11.58 -6.10 3.00
N GLN C 243 12.56 -6.69 2.31
CA GLN C 243 13.48 -5.99 1.42
C GLN C 243 14.50 -5.14 2.19
N SER C 244 14.87 -5.60 3.38
CA SER C 244 15.90 -4.98 4.19
C SER C 244 16.89 -6.04 4.64
N PRO C 245 18.14 -5.67 4.89
CA PRO C 245 19.14 -6.67 5.30
C PRO C 245 18.77 -7.42 6.57
N ARG C 246 18.09 -6.76 7.51
CA ARG C 246 17.73 -7.41 8.77
C ARG C 246 16.80 -8.60 8.54
N TYR C 247 15.81 -8.44 7.66
CA TYR C 247 14.85 -9.51 7.41
C TYR C 247 15.55 -10.74 6.84
N TRP C 248 16.43 -10.54 5.86
CA TRP C 248 17.10 -11.66 5.22
C TRP C 248 18.12 -12.30 6.15
N GLN C 249 18.81 -11.50 6.97
CA GLN C 249 19.73 -12.07 7.94
C GLN C 249 18.99 -12.90 8.98
N LEU C 250 17.84 -12.42 9.45
CA LEU C 250 17.03 -13.21 10.37
C LEU C 250 16.55 -14.51 9.73
N ALA C 251 16.13 -14.44 8.46
CA ALA C 251 15.69 -15.65 7.78
C ALA C 251 16.82 -16.66 7.65
N LYS C 252 18.02 -16.20 7.28
CA LYS C 252 19.15 -17.11 7.14
C LYS C 252 19.53 -17.72 8.48
N ALA C 253 19.52 -16.90 9.55
CA ALA C 253 19.83 -17.43 10.88
C ALA C 253 18.81 -18.48 11.31
N LEU C 254 17.52 -18.22 11.05
CA LEU C 254 16.49 -19.19 11.39
C LEU C 254 16.68 -20.49 10.63
N GLN C 255 16.98 -20.40 9.33
CA GLN C 255 17.19 -21.61 8.54
C GLN C 255 18.38 -22.41 9.04
N ARG C 256 19.48 -21.72 9.34
CA ARG C 256 20.67 -22.44 9.82
C ARG C 256 20.42 -23.07 11.18
N SER C 257 19.71 -22.37 12.07
CA SER C 257 19.40 -22.93 13.38
C SER C 257 18.51 -24.15 13.26
N LEU C 258 17.51 -24.10 12.38
CA LEU C 258 16.64 -25.25 12.19
C LEU C 258 17.40 -26.42 11.57
N ASN C 259 18.34 -26.14 10.66
CA ASN C 259 19.13 -27.20 10.06
C ASN C 259 20.08 -27.84 11.05
N ALA C 260 20.62 -27.06 11.99
CA ALA C 260 21.61 -27.57 12.92
C ALA C 260 21.01 -28.33 14.09
N TYR C 261 19.69 -28.34 14.24
CA TYR C 261 19.04 -28.97 15.37
C TYR C 261 18.63 -30.40 15.02
N ASP C 262 19.06 -31.36 15.84
CA ASP C 262 18.73 -32.76 15.68
C ASP C 262 17.98 -33.23 16.93
N GLU C 263 16.80 -33.81 16.72
CA GLU C 263 15.99 -34.27 17.85
C GLU C 263 16.59 -35.51 18.50
N ARG C 264 17.26 -36.36 17.71
CA ARG C 264 17.82 -37.58 18.27
C ARG C 264 18.99 -37.30 19.20
N ASN C 265 19.75 -36.23 18.94
CA ASN C 265 20.88 -35.88 19.79
C ASN C 265 20.48 -34.74 20.72
N PRO C 266 20.32 -34.99 22.02
CA PRO C 266 19.88 -33.92 22.93
C PRO C 266 20.83 -32.73 22.98
N GLU C 267 22.13 -32.96 22.83
CA GLU C 267 23.10 -31.87 22.97
C GLU C 267 23.04 -30.89 21.80
N SER C 268 22.51 -31.32 20.65
CA SER C 268 22.49 -30.44 19.48
C SER C 268 21.68 -29.17 19.74
N VAL C 269 20.71 -29.23 20.66
CA VAL C 269 19.90 -28.06 20.95
C VAL C 269 20.77 -26.93 21.47
N GLU C 270 21.93 -27.24 22.05
CA GLU C 270 22.87 -26.19 22.43
C GLU C 270 23.46 -25.52 21.20
N ALA C 271 23.94 -26.33 20.24
CA ALA C 271 24.60 -25.78 19.06
C ALA C 271 23.64 -24.91 18.25
N ALA C 272 22.39 -25.36 18.11
CA ALA C 272 21.39 -24.54 17.43
C ALA C 272 21.23 -23.19 18.11
N ARG C 273 21.25 -23.18 19.45
CA ARG C 273 21.14 -21.92 20.17
C ARG C 273 22.32 -21.00 19.86
N ALA C 274 23.47 -21.57 19.48
CA ALA C 274 24.62 -20.75 19.13
C ALA C 274 24.45 -20.09 17.77
N VAL C 275 23.52 -20.56 16.95
CA VAL C 275 23.34 -19.97 15.63
C VAL C 275 22.54 -18.67 15.73
N LEU C 276 21.51 -18.64 16.57
CA LEU C 276 20.68 -17.46 16.73
C LEU C 276 21.32 -16.39 17.60
N ALA C 277 22.46 -16.69 18.23
CA ALA C 277 23.08 -15.70 19.12
C ALA C 277 23.60 -14.50 18.35
N GLY C 278 24.02 -14.69 17.10
CA GLY C 278 24.57 -13.56 16.35
C GLY C 278 23.55 -12.48 16.05
N VAL C 279 22.34 -12.88 15.65
CA VAL C 279 21.32 -11.91 15.30
C VAL C 279 20.58 -11.37 16.51
N LEU C 280 20.64 -12.07 17.65
CA LEU C 280 19.97 -11.64 18.86
C LEU C 280 20.80 -10.70 19.71
N ALA C 281 22.08 -10.50 19.36
CA ALA C 281 22.96 -9.61 20.09
C ALA C 281 23.11 -8.24 19.44
N LYS C 282 22.37 -7.97 18.36
CA LYS C 282 22.46 -6.67 17.72
C LYS C 282 21.90 -5.58 18.62
N PRO C 283 22.60 -4.46 18.75
CA PRO C 283 22.08 -3.36 19.59
C PRO C 283 20.86 -2.70 18.95
N ALA C 284 20.07 -2.06 19.81
CA ALA C 284 18.86 -1.39 19.36
C ALA C 284 19.19 -0.13 18.58
N ASN C 285 18.20 0.37 17.85
CA ASN C 285 18.36 1.59 17.09
C ASN C 285 18.54 2.79 18.01
N ALA C 286 19.23 3.81 17.50
CA ALA C 286 19.51 4.99 18.31
C ALA C 286 18.24 5.76 18.67
N SER C 287 17.26 5.80 17.76
CA SER C 287 16.05 6.57 17.97
C SER C 287 14.91 5.75 18.59
N ALA C 288 15.17 4.49 18.94
CA ALA C 288 14.13 3.67 19.55
C ALA C 288 13.72 4.23 20.91
N MET C 289 12.43 4.13 21.21
CA MET C 289 11.93 4.65 22.48
C MET C 289 12.36 3.75 23.64
N ASN C 290 12.36 4.35 24.83
CA ASN C 290 12.71 3.66 26.06
C ASN C 290 11.42 3.27 26.78
N VAL C 291 11.24 1.97 27.01
CA VAL C 291 10.01 1.44 27.58
C VAL C 291 10.32 0.87 28.96
N SER C 292 9.53 1.28 29.95
CA SER C 292 9.62 0.74 31.29
C SER C 292 8.43 -0.17 31.55
N ALA C 293 8.71 -1.39 32.01
CA ALA C 293 7.68 -2.40 32.21
C ALA C 293 7.53 -2.71 33.69
N ILE C 294 6.28 -2.81 34.13
CA ILE C 294 5.95 -3.15 35.51
C ILE C 294 4.89 -4.24 35.51
N GLY C 295 5.09 -5.24 36.36
CA GLY C 295 4.13 -6.32 36.48
C GLY C 295 2.77 -5.84 36.97
N HIS C 296 1.71 -6.23 36.27
CA HIS C 296 0.36 -5.80 36.61
C HIS C 296 -0.62 -6.94 36.37
N ALA C 297 -1.70 -6.95 37.14
CA ALA C 297 -2.75 -7.93 36.98
C ALA C 297 -4.06 -7.29 37.44
N HIS C 298 -4.86 -6.82 36.50
CA HIS C 298 -6.12 -6.18 36.83
C HIS C 298 -7.11 -7.21 37.37
N ILE C 299 -7.71 -6.89 38.51
CA ILE C 299 -8.71 -7.75 39.13
C ILE C 299 -9.93 -6.89 39.43
N ASP C 300 -11.07 -7.26 38.84
CA ASP C 300 -12.33 -6.56 39.09
C ASP C 300 -12.94 -7.07 40.39
N SER C 301 -13.40 -6.14 41.22
CA SER C 301 -13.99 -6.52 42.50
C SER C 301 -15.24 -7.37 42.31
N ALA C 302 -16.05 -7.05 41.31
CA ALA C 302 -17.26 -7.83 41.04
C ALA C 302 -17.61 -7.67 39.56
N TRP C 303 -17.28 -8.67 38.76
CA TRP C 303 -17.64 -8.68 37.34
C TRP C 303 -17.63 -10.13 36.88
N LEU C 304 -18.81 -10.70 36.64
CA LEU C 304 -19.02 -12.09 36.24
C LEU C 304 -18.72 -13.07 37.36
N TRP C 305 -18.55 -12.60 38.59
CA TRP C 305 -18.34 -13.47 39.74
C TRP C 305 -18.62 -12.67 41.00
N PRO C 306 -19.10 -13.31 42.07
CA PRO C 306 -19.35 -12.58 43.32
C PRO C 306 -18.07 -12.18 44.03
N VAL C 307 -18.21 -11.51 45.17
CA VAL C 307 -17.04 -11.04 45.92
C VAL C 307 -16.27 -12.22 46.52
N ARG C 308 -16.96 -13.31 46.86
CA ARG C 308 -16.30 -14.45 47.46
C ARG C 308 -15.26 -15.03 46.50
N GLU C 309 -15.56 -15.05 45.20
CA GLU C 309 -14.58 -15.48 44.22
C GLU C 309 -13.54 -14.40 43.96
N THR C 310 -13.89 -13.14 44.16
CA THR C 310 -12.91 -12.07 44.00
C THR C 310 -11.78 -12.20 45.03
N ARG C 311 -12.13 -12.54 46.28
CA ARG C 311 -11.11 -12.71 47.29
C ARG C 311 -10.16 -13.86 46.94
N ARG C 312 -10.72 -14.98 46.47
CA ARG C 312 -9.89 -16.11 46.07
C ARG C 312 -9.01 -15.75 44.88
N LYS C 313 -9.55 -14.99 43.93
CA LYS C 313 -8.74 -14.56 42.77
C LYS C 313 -7.60 -13.67 43.23
N VAL C 314 -7.85 -12.78 44.18
CA VAL C 314 -6.79 -11.93 44.71
C VAL C 314 -5.71 -12.78 45.38
N ALA C 315 -6.13 -13.76 46.18
CA ALA C 315 -5.16 -14.63 46.84
C ALA C 315 -4.31 -15.38 45.83
N ARG C 316 -4.95 -15.95 44.80
CA ARG C 316 -4.21 -16.69 43.78
C ARG C 316 -3.24 -15.78 43.03
N THR C 317 -3.67 -14.57 42.70
CA THR C 317 -2.79 -13.65 41.97
C THR C 317 -1.58 -13.27 42.81
N VAL C 318 -1.79 -12.99 44.10
CA VAL C 318 -0.66 -12.63 44.96
C VAL C 318 0.28 -13.82 45.12
N SER C 319 -0.26 -15.03 45.24
CA SER C 319 0.58 -16.21 45.35
C SER C 319 1.42 -16.40 44.09
N ASN C 320 0.81 -16.20 42.91
CA ASN C 320 1.56 -16.32 41.66
C ASN C 320 2.67 -15.26 41.59
N ALA C 321 2.36 -14.03 42.00
CA ALA C 321 3.38 -12.98 41.97
C ALA C 321 4.53 -13.31 42.91
N LEU C 322 4.23 -13.81 44.10
CA LEU C 322 5.29 -14.16 45.04
C LEU C 322 6.14 -15.31 44.51
N ALA C 323 5.51 -16.30 43.88
CA ALA C 323 6.28 -17.40 43.30
C ALA C 323 7.19 -16.89 42.18
N LEU C 324 6.69 -15.97 41.36
CA LEU C 324 7.52 -15.42 40.30
C LEU C 324 8.69 -14.63 40.86
N MET C 325 8.46 -13.85 41.93
CA MET C 325 9.57 -13.14 42.56
C MET C 325 10.60 -14.10 43.12
N ASP C 326 10.15 -15.19 43.75
CA ASP C 326 11.11 -16.16 44.29
C ASP C 326 11.91 -16.82 43.17
N ALA C 327 11.25 -17.17 42.06
CA ALA C 327 11.92 -17.89 40.99
C ALA C 327 12.68 -16.99 40.02
N ASP C 328 12.58 -15.67 40.16
CA ASP C 328 13.22 -14.77 39.21
C ASP C 328 13.56 -13.44 39.86
N PRO C 329 14.84 -13.06 39.91
CA PRO C 329 15.19 -11.71 40.36
C PRO C 329 14.89 -10.69 39.28
N ASP C 330 15.04 -9.40 39.60
CA ASP C 330 14.80 -8.31 38.66
C ASP C 330 13.37 -8.33 38.12
N PHE C 331 12.42 -8.67 39.00
CA PHE C 331 11.00 -8.68 38.64
C PHE C 331 10.24 -7.86 39.67
N LYS C 332 9.39 -6.95 39.19
CA LYS C 332 8.61 -6.08 40.06
C LYS C 332 7.14 -6.18 39.69
N TYR C 333 6.28 -6.11 40.70
CA TYR C 333 4.83 -6.25 40.54
C TYR C 333 4.13 -5.13 41.26
N ALA C 334 3.06 -4.61 40.66
CA ALA C 334 2.30 -3.50 41.20
C ALA C 334 0.87 -3.91 41.47
N MET C 335 0.34 -3.52 42.63
CA MET C 335 -1.02 -3.84 43.02
C MET C 335 -1.71 -2.57 43.52
N SER C 336 -3.02 -2.48 43.27
CA SER C 336 -3.72 -1.20 43.34
C SER C 336 -4.74 -1.12 44.47
N SER C 337 -5.73 -2.01 44.50
CA SER C 337 -6.90 -1.81 45.36
C SER C 337 -6.58 -2.11 46.81
N ALA C 338 -6.99 -1.22 47.71
CA ALA C 338 -6.79 -1.42 49.14
C ALA C 338 -7.77 -2.41 49.73
N GLN C 339 -9.00 -2.49 49.18
CA GLN C 339 -9.96 -3.46 49.67
C GLN C 339 -9.47 -4.89 49.47
N GLN C 340 -8.83 -5.15 48.32
CA GLN C 340 -8.23 -6.45 48.09
C GLN C 340 -7.09 -6.73 49.06
N TYR C 341 -6.34 -5.68 49.42
CA TYR C 341 -5.30 -5.83 50.43
C TYR C 341 -5.90 -6.24 51.76
N ALA C 342 -6.98 -5.60 52.16
CA ALA C 342 -7.63 -5.95 53.43
C ALA C 342 -8.19 -7.37 53.38
N TRP C 343 -8.78 -7.75 52.26
CA TRP C 343 -9.32 -9.10 52.13
C TRP C 343 -8.21 -10.15 52.23
N LEU C 344 -7.08 -9.90 51.57
CA LEU C 344 -5.96 -10.83 51.66
C LEU C 344 -5.41 -10.91 53.07
N GLU C 345 -5.30 -9.76 53.75
CA GLU C 345 -4.80 -9.75 55.12
C GLU C 345 -5.72 -10.53 56.05
N GLU C 346 -7.03 -10.39 55.86
CA GLU C 346 -7.98 -11.09 56.72
C GLU C 346 -8.08 -12.58 56.39
N ASP C 347 -7.83 -12.96 55.14
CA ASP C 347 -8.03 -14.35 54.73
C ASP C 347 -6.76 -15.19 54.84
N HIS C 348 -5.63 -14.68 54.35
CA HIS C 348 -4.39 -15.44 54.30
C HIS C 348 -3.29 -14.65 55.00
N PRO C 349 -3.14 -14.80 56.31
CA PRO C 349 -2.09 -14.06 57.02
C PRO C 349 -0.67 -14.39 56.55
N ASP C 350 -0.41 -15.64 56.17
CA ASP C 350 0.94 -16.01 55.75
C ASP C 350 1.30 -15.35 54.42
N ILE C 351 0.37 -15.37 53.46
CA ILE C 351 0.61 -14.69 52.18
C ILE C 351 0.77 -13.20 52.41
N PHE C 352 -0.01 -12.63 53.33
CA PHE C 352 0.14 -11.21 53.65
C PHE C 352 1.51 -10.91 54.23
N LYS C 353 2.01 -11.78 55.11
CA LYS C 353 3.34 -11.57 55.69
C LYS C 353 4.43 -11.67 54.63
N ARG C 354 4.34 -12.65 53.73
CA ARG C 354 5.30 -12.74 52.64
C ARG C 354 5.26 -11.51 51.75
N MET C 355 4.05 -11.05 51.43
CA MET C 355 3.91 -9.84 50.62
C MET C 355 4.48 -8.63 51.34
N LYS C 356 4.30 -8.55 52.66
CA LYS C 356 4.85 -7.44 53.42
C LYS C 356 6.37 -7.43 53.39
N ARG C 357 6.99 -8.61 53.54
CA ARG C 357 8.45 -8.67 53.43
C ARG C 357 8.91 -8.29 52.03
N ARG C 358 8.16 -8.69 51.00
CA ARG C 358 8.50 -8.28 49.64
C ARG C 358 8.35 -6.77 49.47
N ILE C 359 7.35 -6.17 50.11
CA ILE C 359 7.15 -4.72 50.04
C ILE C 359 8.32 -3.99 50.69
N GLU C 360 8.77 -4.47 51.85
CA GLU C 360 9.89 -3.83 52.53
C GLU C 360 11.14 -3.78 51.67
N GLU C 361 11.31 -4.78 50.79
CA GLU C 361 12.44 -4.81 49.87
C GLU C 361 12.28 -3.87 48.69
N GLY C 362 11.06 -3.45 48.38
CA GLY C 362 10.83 -2.56 47.26
C GLY C 362 10.49 -3.25 45.96
N ARG C 363 10.16 -4.53 45.99
CA ARG C 363 9.80 -5.27 44.79
C ARG C 363 8.30 -5.41 44.58
N PHE C 364 7.50 -5.15 45.61
CA PHE C 364 6.04 -5.17 45.54
C PHE C 364 5.55 -3.75 45.77
N ILE C 365 5.01 -3.12 44.73
CA ILE C 365 4.68 -1.71 44.76
C ILE C 365 3.17 -1.56 44.91
N PRO C 366 2.67 -1.05 46.03
CA PRO C 366 1.26 -0.64 46.09
C PRO C 366 1.07 0.70 45.41
N VAL C 367 0.03 0.79 44.58
CA VAL C 367 -0.23 1.98 43.78
C VAL C 367 -1.67 2.42 43.98
N GLY C 368 -1.93 3.68 43.62
CA GLY C 368 -3.28 4.20 43.66
C GLY C 368 -3.64 4.88 44.96
N GLY C 369 -3.56 4.16 46.07
CA GLY C 369 -3.97 4.70 47.35
C GLY C 369 -5.46 4.97 47.44
N MET C 370 -6.28 4.07 46.92
CA MET C 370 -7.72 4.22 46.93
C MET C 370 -8.35 2.92 47.40
N TRP C 371 -9.56 3.03 47.96
CA TRP C 371 -10.25 1.83 48.44
C TRP C 371 -10.53 0.86 47.30
N VAL C 372 -11.15 1.36 46.22
CA VAL C 372 -11.36 0.59 45.00
C VAL C 372 -11.12 1.52 43.81
N GLU C 373 -11.05 0.91 42.62
CA GLU C 373 -10.92 1.67 41.38
C GLU C 373 -12.32 2.09 40.94
N ALA C 374 -12.81 3.15 41.58
CA ALA C 374 -14.17 3.61 41.36
C ALA C 374 -14.30 4.28 39.99
N ASP C 375 -15.54 4.47 39.57
CA ASP C 375 -15.81 5.17 38.33
C ASP C 375 -15.49 6.65 38.47
N GLY C 376 -15.16 7.29 37.35
CA GLY C 376 -14.77 8.67 37.36
C GLY C 376 -15.85 9.69 37.12
N MET C 377 -17.04 9.25 36.70
CA MET C 377 -18.13 10.16 36.39
C MET C 377 -19.24 10.13 37.44
N LEU C 378 -19.81 8.97 37.71
CA LEU C 378 -21.00 8.90 38.56
C LEU C 378 -20.73 9.33 40.00
N PRO C 379 -19.69 8.84 40.70
CA PRO C 379 -19.55 9.18 42.12
C PRO C 379 -19.38 10.68 42.34
N ALA C 380 -19.91 11.15 43.47
CA ALA C 380 -19.79 12.54 43.82
C ALA C 380 -18.35 12.86 44.25
N GLY C 381 -18.07 14.16 44.39
CA GLY C 381 -16.73 14.57 44.80
C GLY C 381 -16.38 14.08 46.18
N GLU C 382 -17.34 14.11 47.11
CA GLU C 382 -17.10 13.58 48.44
C GLU C 382 -16.79 12.10 48.40
N SER C 383 -17.43 11.37 47.48
CA SER C 383 -17.14 9.95 47.33
C SER C 383 -15.69 9.72 46.92
N LEU C 384 -15.19 10.50 45.96
CA LEU C 384 -13.80 10.36 45.53
C LEU C 384 -12.85 10.75 46.65
N ILE C 385 -13.20 11.80 47.41
CA ILE C 385 -12.37 12.19 48.55
C ILE C 385 -12.31 11.07 49.57
N ARG C 386 -13.44 10.40 49.82
CA ARG C 386 -13.44 9.28 50.76
C ARG C 386 -12.63 8.09 50.22
N GLN C 387 -12.74 7.81 48.92
CA GLN C 387 -11.83 6.87 48.28
C GLN C 387 -10.40 7.15 48.66
N ILE C 388 -9.94 8.37 48.36
CA ILE C 388 -8.54 8.72 48.57
C ILE C 388 -8.18 8.63 50.05
N ALA C 389 -9.04 9.16 50.92
CA ALA C 389 -8.73 9.21 52.35
C ALA C 389 -8.62 7.82 52.94
N TYR C 390 -9.59 6.95 52.66
CA TYR C 390 -9.55 5.61 53.23
C TYR C 390 -8.39 4.81 52.66
N GLY C 391 -8.14 4.92 51.36
CA GLY C 391 -7.01 4.21 50.78
C GLY C 391 -5.69 4.65 51.37
N ARG C 392 -5.50 5.97 51.50
CA ARG C 392 -4.26 6.49 52.08
C ARG C 392 -4.11 6.06 53.54
N LYS C 393 -5.21 6.10 54.30
CA LYS C 393 -5.13 5.69 55.70
C LYS C 393 -4.75 4.23 55.83
N TYR C 394 -5.36 3.35 55.02
CA TYR C 394 -5.01 1.94 55.07
C TYR C 394 -3.56 1.72 54.67
N PHE C 395 -3.11 2.40 53.61
CA PHE C 395 -1.74 2.23 53.13
C PHE C 395 -0.75 2.69 54.18
N LYS C 396 -1.05 3.78 54.88
CA LYS C 396 -0.13 4.32 55.87
C LYS C 396 -0.10 3.45 57.13
N GLU C 397 -1.27 2.97 57.57
CA GLU C 397 -1.34 2.26 58.83
C GLU C 397 -1.11 0.76 58.71
N HIS C 398 -1.04 0.22 57.49
CA HIS C 398 -0.85 -1.22 57.33
C HIS C 398 0.27 -1.60 56.38
N LEU C 399 0.75 -0.70 55.52
CA LEU C 399 1.84 -1.00 54.61
C LEU C 399 2.99 -0.01 54.68
N GLY C 400 2.80 1.18 55.25
CA GLY C 400 3.86 2.17 55.30
C GLY C 400 4.28 2.68 53.94
N VAL C 401 3.35 2.80 53.01
CA VAL C 401 3.63 3.27 51.66
C VAL C 401 2.68 4.41 51.33
N GLU C 402 3.22 5.50 50.79
CA GLU C 402 2.43 6.66 50.38
C GLU C 402 2.53 6.83 48.87
N PRO C 403 1.53 6.40 48.10
CA PRO C 403 1.60 6.55 46.64
C PRO C 403 1.60 8.01 46.22
N LYS C 404 2.25 8.27 45.09
CA LYS C 404 2.38 9.62 44.54
C LYS C 404 1.51 9.84 43.31
N GLY C 405 0.64 8.89 42.96
CA GLY C 405 -0.17 9.05 41.77
C GLY C 405 -1.44 8.23 41.87
N VAL C 406 -2.34 8.50 40.93
CA VAL C 406 -3.63 7.83 40.85
C VAL C 406 -3.55 6.71 39.82
N TRP C 407 -4.00 5.52 40.20
CA TRP C 407 -3.93 4.33 39.37
C TRP C 407 -5.35 3.89 39.03
N LEU C 408 -5.85 4.35 37.90
CA LEU C 408 -7.19 4.00 37.41
C LEU C 408 -7.08 3.56 35.94
N PRO C 409 -6.53 2.38 35.68
CA PRO C 409 -6.35 1.96 34.29
C PRO C 409 -7.64 1.82 33.51
N ALA C 410 -8.73 1.39 34.15
CA ALA C 410 -10.00 1.16 33.49
C ALA C 410 -11.07 2.01 34.16
N SER C 411 -11.71 2.88 33.38
CA SER C 411 -12.78 3.73 33.88
C SER C 411 -13.53 4.32 32.70
N PHE C 412 -14.86 4.36 32.79
CA PHE C 412 -15.70 4.84 31.70
C PHE C 412 -15.83 6.37 31.77
N GLY C 413 -14.71 7.03 31.52
CA GLY C 413 -14.65 8.48 31.51
C GLY C 413 -14.33 9.05 32.89
N TYR C 414 -13.95 10.33 32.87
CA TYR C 414 -13.57 11.03 34.09
C TYR C 414 -14.23 12.40 34.12
N THR C 415 -14.62 12.83 35.32
CA THR C 415 -15.49 13.99 35.46
C THR C 415 -14.82 15.30 35.07
N GLY C 416 -13.50 15.39 35.12
CA GLY C 416 -12.81 16.63 34.87
C GLY C 416 -12.51 17.44 36.11
N ALA C 417 -13.13 17.12 37.24
CA ALA C 417 -12.75 17.66 38.54
C ALA C 417 -11.67 16.83 39.22
N TRP C 418 -11.26 15.73 38.59
CA TRP C 418 -10.19 14.90 39.15
C TRP C 418 -8.88 15.63 39.36
N PRO C 419 -8.37 16.46 38.43
CA PRO C 419 -7.07 17.10 38.69
C PRO C 419 -7.03 17.92 39.96
N GLN C 420 -8.09 18.66 40.28
CA GLN C 420 -8.08 19.48 41.48
C GLN C 420 -8.09 18.62 42.75
N ILE C 421 -8.90 17.57 42.77
CA ILE C 421 -8.96 16.69 43.93
C ILE C 421 -7.63 15.97 44.13
N ALA C 422 -7.04 15.48 43.04
CA ALA C 422 -5.76 14.79 43.15
C ALA C 422 -4.64 15.73 43.57
N ARG C 423 -4.63 16.95 43.03
CA ARG C 423 -3.57 17.90 43.36
C ARG C 423 -3.65 18.34 44.82
N ARG C 424 -4.86 18.52 45.34
CA ARG C 424 -5.03 18.91 46.73
C ARG C 424 -4.86 17.74 47.69
N ALA C 425 -4.80 16.51 47.19
CA ALA C 425 -4.55 15.34 48.02
C ALA C 425 -3.08 14.94 48.05
N GLY C 426 -2.20 15.70 47.40
CA GLY C 426 -0.80 15.38 47.36
C GLY C 426 -0.35 14.51 46.20
N TYR C 427 -1.27 14.09 45.33
CA TYR C 427 -0.89 13.28 44.19
C TYR C 427 -0.13 14.11 43.17
N GLU C 428 0.66 13.42 42.35
CA GLU C 428 1.54 14.08 41.39
C GLU C 428 1.35 13.64 39.94
N TRP C 429 0.67 12.52 39.70
CA TRP C 429 0.44 12.08 38.32
C TRP C 429 -0.83 11.22 38.27
N PHE C 430 -1.28 10.98 37.04
CA PHE C 430 -2.50 10.23 36.76
C PHE C 430 -2.20 9.18 35.70
N LEU C 431 -2.93 8.06 35.77
CA LEU C 431 -2.77 6.98 34.80
C LEU C 431 -4.13 6.54 34.30
N THR C 432 -4.20 6.29 32.99
CA THR C 432 -5.46 5.97 32.33
C THR C 432 -5.16 5.35 30.97
N GLN C 433 -5.94 4.34 30.58
CA GLN C 433 -5.82 3.77 29.24
C GLN C 433 -7.16 3.48 28.57
N LYS C 434 -8.29 3.81 29.20
CA LYS C 434 -9.58 3.47 28.62
C LYS C 434 -9.95 4.38 27.46
N ILE C 435 -9.39 5.59 27.39
CA ILE C 435 -9.76 6.55 26.35
C ILE C 435 -9.44 6.02 24.97
N SER C 436 -8.59 5.00 24.87
CA SER C 436 -8.27 4.38 23.59
C SER C 436 -9.47 3.66 22.97
N TRP C 437 -10.54 3.43 23.74
CA TRP C 437 -11.71 2.72 23.24
C TRP C 437 -12.74 3.65 22.59
N ASN C 438 -12.30 4.82 22.13
CA ASN C 438 -13.22 5.76 21.49
C ASN C 438 -13.63 5.25 20.12
N ASP C 439 -14.87 5.58 19.73
CA ASP C 439 -15.41 5.09 18.48
C ASP C 439 -14.79 5.77 17.27
N THR C 440 -14.66 7.10 17.32
CA THR C 440 -14.31 7.83 16.11
C THR C 440 -13.12 8.78 16.29
N THR C 441 -12.94 9.32 17.49
CA THR C 441 -11.92 10.32 17.73
C THR C 441 -10.71 9.69 18.42
N LYS C 442 -9.53 10.13 18.02
CA LYS C 442 -8.28 9.71 18.64
C LYS C 442 -7.76 10.85 19.49
N PHE C 443 -7.43 10.55 20.75
CA PHE C 443 -6.95 11.58 21.66
C PHE C 443 -5.64 12.16 21.14
N PRO C 444 -5.49 13.48 21.11
CA PRO C 444 -4.29 14.07 20.49
C PRO C 444 -2.98 13.76 21.21
N HIS C 445 -3.02 13.39 22.49
CA HIS C 445 -1.80 13.19 23.26
C HIS C 445 -1.87 11.90 24.06
N HIS C 446 -0.68 11.38 24.37
CA HIS C 446 -0.53 10.27 25.30
C HIS C 446 0.06 10.71 26.64
N SER C 447 1.10 11.54 26.63
CA SER C 447 1.66 12.16 27.82
C SER C 447 1.41 13.66 27.74
N PHE C 448 0.75 14.21 28.76
CA PHE C 448 0.32 15.60 28.70
C PHE C 448 0.00 16.09 30.11
N MET C 449 -0.48 17.32 30.19
CA MET C 449 -1.03 17.89 31.42
C MET C 449 -2.54 18.01 31.31
N TRP C 450 -3.24 17.29 32.19
CA TRP C 450 -4.68 17.39 32.32
C TRP C 450 -5.00 18.53 33.28
N GLU C 451 -5.81 19.48 32.82
CA GLU C 451 -6.19 20.66 33.59
C GLU C 451 -7.69 20.59 33.85
N GLY C 452 -8.07 20.80 35.11
CA GLY C 452 -9.47 20.76 35.48
C GLY C 452 -10.20 22.04 35.13
N ILE C 453 -11.47 22.08 35.51
CA ILE C 453 -12.29 23.26 35.27
C ILE C 453 -11.82 24.45 36.08
N ASP C 454 -11.03 24.22 37.13
CA ASP C 454 -10.56 25.29 38.00
C ASP C 454 -9.21 25.86 37.55
N GLY C 455 -8.31 25.01 37.07
CA GLY C 455 -7.00 25.48 36.63
C GLY C 455 -5.87 24.59 37.09
N SER C 456 -6.15 23.69 38.03
CA SER C 456 -5.13 22.77 38.51
C SER C 456 -4.70 21.81 37.41
N ARG C 457 -3.40 21.58 37.31
CA ARG C 457 -2.83 20.75 36.26
C ARG C 457 -2.09 19.57 36.88
N ILE C 458 -2.27 18.39 36.28
CA ILE C 458 -1.57 17.18 36.70
C ILE C 458 -0.98 16.51 35.47
N PHE C 459 0.04 15.69 35.70
CA PHE C 459 0.73 15.01 34.61
C PHE C 459 0.06 13.65 34.37
N THR C 460 -0.49 13.48 33.17
CA THR C 460 -1.19 12.26 32.80
C THR C 460 -0.45 11.55 31.67
N HIS C 461 -0.42 10.23 31.73
CA HIS C 461 0.20 9.41 30.71
C HIS C 461 -0.76 8.31 30.29
N PHE C 462 -0.94 8.15 28.97
CA PHE C 462 -1.73 7.07 28.43
C PHE C 462 -0.80 6.01 27.86
N PRO C 463 -0.78 4.80 28.38
CA PRO C 463 0.07 3.75 27.80
C PRO C 463 -0.29 3.50 26.35
N PRO C 464 0.66 3.68 25.43
CA PRO C 464 0.34 3.55 23.99
C PRO C 464 0.03 2.13 23.56
N ALA C 465 0.33 1.13 24.38
CA ALA C 465 0.00 -0.25 24.04
C ALA C 465 -1.51 -0.51 24.04
N ASP C 466 -2.31 0.43 24.56
CA ASP C 466 -3.77 0.36 24.58
C ASP C 466 -4.28 -0.84 25.36
N THR C 467 -3.49 -1.34 26.31
CA THR C 467 -3.92 -2.44 27.16
C THR C 467 -3.15 -2.38 28.47
N TYR C 468 -3.78 -2.89 29.53
CA TYR C 468 -3.14 -2.98 30.83
C TYR C 468 -2.64 -4.38 31.13
N ALA C 469 -2.85 -5.33 30.23
CA ALA C 469 -2.43 -6.72 30.42
C ALA C 469 -1.74 -7.16 29.14
N ALA C 470 -0.44 -6.92 29.07
CA ALA C 470 0.35 -7.26 27.89
C ALA C 470 0.88 -8.68 28.00
N TRP C 471 0.99 -9.33 26.85
CA TRP C 471 1.53 -10.68 26.76
C TRP C 471 3.02 -10.69 26.44
N CYS C 472 3.64 -9.51 26.37
CA CYS C 472 5.06 -9.36 26.03
C CYS C 472 5.36 -9.98 24.66
N LYS C 473 4.73 -9.42 23.64
CA LYS C 473 4.93 -9.83 22.26
C LYS C 473 5.52 -8.67 21.47
N VAL C 474 6.22 -9.00 20.39
CA VAL C 474 6.84 -7.99 19.55
C VAL C 474 5.78 -7.11 18.88
N GLN C 475 4.65 -7.70 18.49
CA GLN C 475 3.63 -6.92 17.81
C GLN C 475 3.00 -5.88 18.72
N GLU C 476 2.85 -6.20 20.01
CA GLU C 476 2.39 -5.20 20.97
C GLU C 476 3.36 -4.03 21.05
N LEU C 477 4.67 -4.32 21.10
CA LEU C 477 5.67 -3.27 21.18
C LEU C 477 5.65 -2.41 19.91
N ASP C 478 5.55 -3.05 18.75
CA ASP C 478 5.53 -2.30 17.49
C ASP C 478 4.28 -1.43 17.39
N TYR C 479 3.13 -1.95 17.80
CA TYR C 479 1.91 -1.16 17.79
C TYR C 479 2.02 0.02 18.74
N ALA C 480 2.61 -0.20 19.93
CA ALA C 480 2.79 0.90 20.87
C ALA C 480 3.73 1.97 20.31
N GLU C 481 4.80 1.55 19.63
CA GLU C 481 5.70 2.52 19.00
C GLU C 481 5.00 3.31 17.91
N LYS C 482 4.21 2.66 17.07
CA LYS C 482 3.55 3.37 15.99
C LYS C 482 2.33 4.14 16.44
N ASN C 483 1.82 3.88 17.65
CA ASN C 483 0.63 4.56 18.14
C ASN C 483 0.92 5.77 18.99
N PHE C 484 2.17 6.00 19.38
CA PHE C 484 2.50 7.12 20.25
C PHE C 484 2.21 8.45 19.56
N GLN C 485 1.57 9.36 20.30
CA GLN C 485 1.14 10.64 19.76
C GLN C 485 2.06 11.79 20.16
N ASP C 486 3.18 11.50 20.80
CA ASP C 486 4.11 12.53 21.24
C ASP C 486 5.55 12.14 20.93
N LYS C 487 5.77 11.60 19.72
CA LYS C 487 7.11 11.17 19.33
C LYS C 487 8.06 12.35 19.16
N ASP C 488 7.54 13.54 18.87
CA ASP C 488 8.40 14.70 18.64
C ASP C 488 8.88 15.36 19.93
N LEU C 489 8.30 15.02 21.08
CA LEU C 489 8.69 15.64 22.34
C LEU C 489 9.17 14.66 23.39
N SER C 490 8.86 13.37 23.27
CA SER C 490 9.27 12.40 24.27
C SER C 490 9.44 11.04 23.60
N ASP C 491 10.20 10.17 24.28
CA ASP C 491 10.41 8.81 23.83
C ASP C 491 10.30 7.84 25.00
N ARG C 492 9.38 8.12 25.92
CA ARG C 492 9.16 7.30 27.10
C ARG C 492 7.72 6.81 27.12
N SER C 493 7.55 5.50 27.27
CA SER C 493 6.22 4.89 27.34
C SER C 493 6.23 3.80 28.41
N LEU C 494 5.07 3.62 29.04
CA LEU C 494 4.91 2.66 30.13
C LEU C 494 4.16 1.44 29.63
N LEU C 495 4.68 0.25 29.94
CA LEU C 495 4.07 -1.01 29.54
C LEU C 495 3.62 -1.77 30.78
N LEU C 496 2.37 -2.22 30.77
CA LEU C 496 1.80 -3.01 31.85
C LEU C 496 1.56 -4.42 31.31
N PHE C 497 2.30 -5.39 31.84
CA PHE C 497 2.27 -6.75 31.32
C PHE C 497 1.79 -7.72 32.38
N GLY C 498 1.14 -8.78 31.92
CA GLY C 498 0.57 -9.81 32.76
C GLY C 498 -0.80 -10.20 32.26
N PHE C 499 -1.50 -11.01 33.04
CA PHE C 499 -2.87 -11.41 32.74
C PHE C 499 -3.81 -10.64 33.65
N GLY C 500 -4.80 -9.98 33.05
CA GLY C 500 -5.68 -9.09 33.77
C GLY C 500 -7.15 -9.44 33.57
N ASP C 501 -7.99 -8.70 34.30
CA ASP C 501 -9.45 -8.72 34.29
C ASP C 501 -10.02 -10.03 34.79
N GLY C 502 -9.16 -10.97 35.16
CA GLY C 502 -9.60 -12.24 35.72
C GLY C 502 -8.60 -12.82 36.69
N GLY C 503 -7.57 -12.06 37.02
CA GLY C 503 -6.47 -12.55 37.83
C GLY C 503 -5.35 -13.12 36.98
N GLY C 504 -4.53 -13.95 37.62
CA GLY C 504 -3.39 -14.54 36.95
C GLY C 504 -2.12 -13.77 37.15
N GLY C 505 -1.75 -12.94 36.18
CA GLY C 505 -0.58 -12.10 36.28
C GLY C 505 0.52 -12.50 35.32
N PRO C 506 1.67 -11.86 35.44
CA PRO C 506 2.80 -12.19 34.56
C PRO C 506 3.32 -13.60 34.83
N THR C 507 3.90 -14.20 33.80
CA THR C 507 4.46 -15.54 33.85
C THR C 507 5.96 -15.50 33.58
N ARG C 508 6.58 -16.68 33.67
CA ARG C 508 8.01 -16.79 33.40
C ARG C 508 8.32 -16.48 31.94
N ASN C 509 7.45 -16.90 31.02
CA ASN C 509 7.67 -16.62 29.61
C ASN C 509 7.70 -15.13 29.33
N MET C 510 6.83 -14.37 30.00
CA MET C 510 6.84 -12.92 29.81
C MET C 510 8.16 -12.31 30.25
N MET C 511 8.70 -12.76 31.38
CA MET C 511 9.98 -12.25 31.85
C MET C 511 11.10 -12.61 30.88
N GLU C 512 11.09 -13.85 30.36
CA GLU C 512 12.13 -14.25 29.42
C GLU C 512 12.05 -13.42 28.13
N HIS C 513 10.83 -13.18 27.64
CA HIS C 513 10.66 -12.34 26.46
C HIS C 513 11.14 -10.92 26.71
N LEU C 514 10.83 -10.37 27.89
CA LEU C 514 11.31 -9.03 28.22
C LEU C 514 12.83 -8.97 28.27
N HIS C 515 13.44 -10.00 28.86
CA HIS C 515 14.90 -10.06 28.91
C HIS C 515 15.49 -10.11 27.52
N ARG C 516 14.83 -10.83 26.61
CA ARG C 516 15.27 -10.81 25.21
C ARG C 516 15.12 -9.43 24.60
N TYR C 517 14.03 -8.73 24.90
CA TYR C 517 13.76 -7.41 24.34
C TYR C 517 14.55 -6.29 25.01
N GLU C 518 15.35 -6.60 26.04
CA GLU C 518 16.07 -5.56 26.77
C GLU C 518 16.91 -4.69 25.84
N ASN C 519 17.62 -5.31 24.90
CA ASN C 519 18.42 -4.57 23.93
C ASN C 519 18.46 -5.38 22.64
N LEU C 520 17.56 -5.05 21.70
CA LEU C 520 17.41 -5.81 20.48
C LEU C 520 17.14 -4.86 19.32
N GLU C 521 17.69 -5.20 18.16
CA GLU C 521 17.45 -4.40 16.97
C GLU C 521 16.02 -4.60 16.47
N GLY C 522 15.33 -3.49 16.20
CA GLY C 522 13.94 -3.54 15.79
C GLY C 522 12.94 -3.59 16.92
N VAL C 523 13.40 -3.67 18.17
CA VAL C 523 12.54 -3.69 19.34
C VAL C 523 13.05 -2.65 20.32
N SER C 524 12.12 -1.93 20.94
CA SER C 524 12.47 -0.88 21.89
C SER C 524 13.18 -1.46 23.12
N LYS C 525 13.91 -0.59 23.80
CA LYS C 525 14.65 -0.98 25.00
C LYS C 525 13.68 -1.08 26.18
N VAL C 526 13.51 -2.29 26.70
CA VAL C 526 12.54 -2.56 27.75
C VAL C 526 13.29 -2.93 29.02
N SER C 527 12.97 -2.25 30.12
CA SER C 527 13.57 -2.52 31.42
C SER C 527 12.51 -2.46 32.49
N ILE C 528 12.71 -3.23 33.56
CA ILE C 528 11.79 -3.24 34.68
C ILE C 528 12.08 -2.04 35.57
N GLU C 529 11.07 -1.22 35.82
CA GLU C 529 11.26 0.03 36.53
C GLU C 529 10.01 0.34 37.36
N GLU C 530 10.23 0.94 38.53
CA GLU C 530 9.13 1.38 39.36
C GLU C 530 8.38 2.52 38.66
N PRO C 531 7.05 2.54 38.72
CA PRO C 531 6.29 3.59 38.02
C PRO C 531 6.64 5.00 38.45
N ASN C 532 6.99 5.22 39.73
CA ASN C 532 7.33 6.56 40.18
C ASN C 532 8.55 7.10 39.45
N ASP C 533 9.59 6.27 39.32
CA ASP C 533 10.80 6.69 38.63
C ASP C 533 10.51 6.98 37.16
N PHE C 534 9.71 6.14 36.51
CA PHE C 534 9.33 6.40 35.13
C PHE C 534 8.59 7.72 34.99
N PHE C 535 7.64 7.98 35.89
CA PHE C 535 6.87 9.22 35.77
C PHE C 535 7.76 10.43 35.97
N ASP C 536 8.68 10.36 36.95
CA ASP C 536 9.62 11.46 37.16
C ASP C 536 10.49 11.70 35.94
N LYS C 537 11.05 10.62 35.37
CA LYS C 537 11.93 10.77 34.21
C LYS C 537 11.17 11.32 33.01
N ALA C 538 9.97 10.81 32.75
CA ALA C 538 9.19 11.27 31.62
C ALA C 538 8.79 12.73 31.77
N HIS C 539 8.39 13.13 32.97
CA HIS C 539 8.04 14.53 33.21
C HIS C 539 9.25 15.44 33.03
N GLN C 540 10.42 15.03 33.53
CA GLN C 540 11.61 15.86 33.38
C GLN C 540 12.00 15.99 31.91
N GLN C 541 11.93 14.89 31.15
CA GLN C 541 12.28 14.94 29.75
C GLN C 541 11.29 15.81 28.96
N LEU C 542 10.00 15.69 29.28
CA LEU C 542 9.00 16.52 28.60
C LEU C 542 9.22 18.00 28.93
N ALA C 543 9.55 18.32 30.18
CA ALA C 543 9.83 19.70 30.53
C ALA C 543 11.05 20.22 29.78
N GLU C 544 12.10 19.40 29.65
CA GLU C 544 13.29 19.82 28.94
C GLU C 544 13.00 20.08 27.47
N ASN C 545 12.38 19.12 26.79
CA ASN C 545 12.20 19.23 25.34
C ASN C 545 11.12 20.25 24.98
N ALA C 546 9.98 20.20 25.66
CA ALA C 546 8.83 21.00 25.25
C ALA C 546 8.99 22.47 25.62
N GLY C 547 9.13 22.75 26.92
CA GLY C 547 9.20 24.11 27.39
C GLY C 547 7.88 24.83 27.20
N PRO C 548 7.91 25.97 26.50
CA PRO C 548 6.66 26.70 26.22
C PRO C 548 5.64 25.89 25.44
N GLU C 549 6.09 25.03 24.52
CA GLU C 549 5.19 24.25 23.67
C GLU C 549 4.94 22.87 24.30
N MET C 550 4.26 22.90 25.44
CA MET C 550 4.03 21.68 26.19
C MET C 550 2.55 21.34 26.20
N PRO C 551 2.18 20.11 25.85
CA PRO C 551 0.77 19.79 25.65
C PRO C 551 -0.07 20.01 26.91
N VAL C 552 -1.26 20.56 26.72
CA VAL C 552 -2.23 20.77 27.79
C VAL C 552 -3.61 20.42 27.26
N TRP C 553 -4.37 19.63 28.01
CA TRP C 553 -5.76 19.34 27.72
C TRP C 553 -6.61 19.79 28.89
N LYS C 554 -7.54 20.70 28.64
CA LYS C 554 -8.42 21.23 29.67
C LYS C 554 -9.82 20.68 29.49
N GLY C 555 -10.42 20.21 30.58
CA GLY C 555 -11.77 19.70 30.54
C GLY C 555 -11.90 18.29 31.08
N GLU C 556 -12.92 17.57 30.63
CA GLU C 556 -13.18 16.21 31.07
C GLU C 556 -12.67 15.21 30.02
N LEU C 557 -12.39 14.00 30.49
CA LEU C 557 -11.91 12.92 29.62
C LEU C 557 -13.11 12.06 29.25
N TYR C 558 -13.91 12.57 28.31
CA TYR C 558 -15.11 11.88 27.87
C TYR C 558 -14.75 10.64 27.06
N LEU C 559 -15.41 9.52 27.36
CA LEU C 559 -15.21 8.27 26.65
C LEU C 559 -16.37 8.04 25.70
N GLU C 560 -16.06 7.84 24.43
CA GLU C 560 -17.09 7.63 23.41
C GLU C 560 -17.41 6.14 23.28
N LEU C 561 -17.84 5.57 24.41
CA LEU C 561 -18.21 4.16 24.48
C LEU C 561 -18.94 3.94 25.80
N HIS C 562 -19.67 2.83 25.86
CA HIS C 562 -20.39 2.42 27.07
C HIS C 562 -21.32 3.51 27.56
N ARG C 563 -22.01 4.17 26.63
CA ARG C 563 -22.90 5.27 26.99
C ARG C 563 -24.16 4.78 27.70
N GLY C 564 -24.48 3.50 27.61
CA GLY C 564 -25.64 2.96 28.29
C GLY C 564 -25.43 2.64 29.75
N THR C 565 -24.21 2.81 30.26
CA THR C 565 -23.93 2.54 31.67
C THR C 565 -24.54 3.58 32.60
N LEU C 566 -25.07 4.67 32.06
CA LEU C 566 -25.70 5.70 32.87
C LEU C 566 -27.14 5.38 33.24
N THR C 567 -27.71 4.32 32.67
CA THR C 567 -29.11 4.00 32.89
C THR C 567 -29.29 2.56 33.38
N SER C 568 -28.36 1.68 32.99
CA SER C 568 -28.48 0.27 33.36
C SER C 568 -28.42 0.10 34.86
N GLN C 569 -29.31 -0.72 35.40
CA GLN C 569 -29.42 -0.98 36.83
C GLN C 569 -29.63 0.32 37.61
N GLN C 570 -30.80 0.93 37.37
CA GLN C 570 -31.14 2.20 37.99
C GLN C 570 -31.09 2.13 39.51
N ASP C 571 -31.31 0.94 40.07
CA ASP C 571 -31.27 0.79 41.53
C ASP C 571 -29.90 1.16 42.09
N MET C 572 -28.83 0.84 41.36
CA MET C 572 -27.49 1.18 41.84
C MET C 572 -27.32 2.69 41.97
N LYS C 573 -27.67 3.44 40.92
CA LYS C 573 -27.53 4.89 40.97
C LYS C 573 -28.44 5.50 42.02
N ARG C 574 -29.68 5.03 42.10
CA ARG C 574 -30.61 5.57 43.09
C ARG C 574 -30.09 5.34 44.49
N GLY C 575 -29.64 4.12 44.79
CA GLY C 575 -29.10 3.83 46.11
C GLY C 575 -27.86 4.63 46.41
N CYS C 576 -26.97 4.80 45.43
CA CYS C 576 -25.76 5.58 45.65
C CYS C 576 -26.09 7.02 46.02
N ARG C 577 -26.96 7.66 45.23
CA ARG C 577 -27.30 9.06 45.51
C ARG C 577 -28.02 9.20 46.84
N GLN C 578 -28.97 8.30 47.12
CA GLN C 578 -29.70 8.38 48.38
C GLN C 578 -28.77 8.18 49.57
N GLU C 579 -27.86 7.22 49.48
CA GLU C 579 -26.93 6.98 50.57
C GLU C 579 -25.99 8.16 50.77
N GLU C 580 -25.53 8.78 49.69
CA GLU C 580 -24.66 9.94 49.82
C GLU C 580 -25.39 11.08 50.53
N SER C 581 -26.63 11.36 50.12
CA SER C 581 -27.38 12.43 50.76
C SER C 581 -27.64 12.13 52.23
N LEU C 582 -28.05 10.90 52.54
CA LEU C 582 -28.32 10.53 53.92
C LEU C 582 -27.05 10.58 54.76
N LEU C 583 -25.91 10.19 54.19
CA LEU C 583 -24.65 10.27 54.91
C LEU C 583 -24.28 11.72 55.21
N ARG C 584 -24.50 12.62 54.24
CA ARG C 584 -24.25 14.04 54.49
C ARG C 584 -25.09 14.54 55.65
N THR C 585 -26.39 14.23 55.63
CA THR C 585 -27.28 14.67 56.70
C THR C 585 -26.85 14.07 58.05
N VAL C 586 -26.50 12.77 58.05
CA VAL C 586 -26.14 12.10 59.29
C VAL C 586 -24.87 12.70 59.89
N GLU C 587 -23.85 12.93 59.05
CA GLU C 587 -22.61 13.49 59.57
C GLU C 587 -22.82 14.92 60.07
N TYR C 588 -23.64 15.72 59.37
CA TYR C 588 -23.92 17.06 59.88
C TYR C 588 -24.63 17.00 61.22
N LEU C 589 -25.62 16.11 61.35
CA LEU C 589 -26.35 15.99 62.61
C LEU C 589 -25.43 15.52 63.74
N GLY C 590 -24.54 14.58 63.45
CA GLY C 590 -23.61 14.11 64.47
C GLY C 590 -22.64 15.20 64.91
N ALA C 591 -22.11 15.97 63.95
CA ALA C 591 -21.23 17.06 64.30
C ALA C 591 -21.96 18.11 65.14
N ALA C 592 -23.22 18.39 64.81
CA ALA C 592 -23.99 19.33 65.61
C ALA C 592 -24.23 18.79 67.01
N ALA C 593 -24.53 17.50 67.13
CA ALA C 593 -24.86 16.93 68.43
C ALA C 593 -23.65 16.86 69.34
N VAL C 594 -22.48 16.53 68.78
CA VAL C 594 -21.27 16.41 69.60
C VAL C 594 -20.93 17.75 70.24
N LEU C 595 -21.03 18.83 69.46
CA LEU C 595 -20.68 20.16 69.97
C LEU C 595 -21.69 20.67 71.00
N SER C 596 -22.85 20.04 71.13
CA SER C 596 -23.87 20.48 72.08
C SER C 596 -23.93 19.60 73.33
N ASP C 597 -23.86 18.29 73.18
CA ASP C 597 -23.93 17.36 74.31
C ASP C 597 -22.60 16.66 74.49
N PRO C 598 -21.81 17.01 75.51
CA PRO C 598 -20.53 16.31 75.73
C PRO C 598 -20.70 14.82 76.00
N GLU C 599 -21.84 14.40 76.56
CA GLU C 599 -22.04 13.01 76.91
C GLU C 599 -22.28 12.13 75.68
N TYR C 600 -22.67 12.73 74.55
CA TYR C 600 -22.97 11.94 73.37
C TYR C 600 -21.70 11.31 72.80
N VAL C 601 -21.83 10.08 72.31
CA VAL C 601 -20.72 9.32 71.75
C VAL C 601 -20.96 9.15 70.25
N TYR C 602 -19.99 9.58 69.46
CA TYR C 602 -20.10 9.50 68.01
C TYR C 602 -19.86 8.08 67.54
N PRO C 603 -20.79 7.46 66.81
CA PRO C 603 -20.60 6.09 66.30
C PRO C 603 -19.65 6.06 65.09
N ARG C 604 -18.35 6.09 65.38
CA ARG C 604 -17.37 6.17 64.32
C ARG C 604 -17.21 4.84 63.60
N GLU C 605 -17.27 3.72 64.32
CA GLU C 605 -17.01 2.42 63.71
C GLU C 605 -18.13 2.03 62.74
N GLU C 606 -19.38 2.19 63.15
CA GLU C 606 -20.49 1.83 62.28
C GLU C 606 -20.53 2.71 61.04
N LEU C 607 -20.29 4.01 61.23
CA LEU C 607 -20.26 4.93 60.09
C LEU C 607 -19.12 4.58 59.14
N ASP C 608 -17.96 4.20 59.69
CA ASP C 608 -16.85 3.79 58.85
C ASP C 608 -17.19 2.54 58.05
N ARG C 609 -17.84 1.56 58.69
CA ARG C 609 -18.23 0.36 57.97
C ARG C 609 -19.22 0.67 56.86
N ILE C 610 -20.19 1.55 57.13
CA ILE C 610 -21.17 1.92 56.10
C ILE C 610 -20.48 2.64 54.95
N TRP C 611 -19.55 3.55 55.27
CA TRP C 611 -18.81 4.26 54.24
C TRP C 611 -18.01 3.30 53.39
N LYS C 612 -17.34 2.33 54.01
CA LYS C 612 -16.54 1.36 53.25
C LYS C 612 -17.42 0.49 52.37
N THR C 613 -18.59 0.07 52.87
CA THR C 613 -19.50 -0.70 52.06
C THR C 613 -19.95 0.09 50.83
N LEU C 614 -20.30 1.36 51.02
CA LEU C 614 -20.70 2.18 49.89
C LEU C 614 -19.55 2.37 48.90
N LEU C 615 -18.35 2.61 49.43
CA LEU C 615 -17.19 2.82 48.56
C LEU C 615 -16.90 1.57 47.72
N LEU C 616 -17.01 0.39 48.33
CA LEU C 616 -16.87 -0.85 47.59
C LEU C 616 -17.96 -0.99 46.54
N ASN C 617 -19.19 -0.62 46.88
CA ASN C 617 -20.29 -0.67 45.93
C ASN C 617 -20.13 0.33 44.80
N GLN C 618 -19.22 1.30 44.95
CA GLN C 618 -18.98 2.30 43.91
C GLN C 618 -17.94 1.86 42.90
N PHE C 619 -17.75 0.54 42.71
CA PHE C 619 -16.76 0.03 41.77
C PHE C 619 -17.15 0.37 40.34
N HIS C 620 -16.21 0.17 39.40
CA HIS C 620 -16.44 0.51 38.01
C HIS C 620 -17.21 -0.55 37.25
N ASP C 621 -17.68 -1.59 37.92
CA ASP C 621 -18.59 -2.57 37.32
C ASP C 621 -19.91 -2.71 38.04
N ILE C 622 -20.00 -2.35 39.31
CA ILE C 622 -21.26 -2.42 40.05
C ILE C 622 -22.10 -1.17 39.83
N LEU C 623 -21.49 0.00 40.04
CA LEU C 623 -22.22 1.25 39.83
C LEU C 623 -22.70 1.42 38.40
N PRO C 624 -21.90 1.20 37.35
CA PRO C 624 -22.46 1.25 35.99
C PRO C 624 -23.56 0.22 35.76
N GLY C 625 -23.48 -0.93 36.41
CA GLY C 625 -24.51 -1.94 36.28
C GLY C 625 -24.27 -2.94 35.16
N SER C 626 -23.06 -3.50 35.08
CA SER C 626 -22.70 -4.44 34.03
C SER C 626 -22.07 -5.69 34.63
N ALA C 627 -22.70 -6.23 35.66
CA ALA C 627 -22.28 -7.46 36.31
C ALA C 627 -23.42 -8.46 36.29
N ILE C 628 -23.19 -9.62 36.91
CA ILE C 628 -24.18 -10.70 36.93
C ILE C 628 -25.25 -10.36 37.95
N ALA C 629 -26.35 -11.14 37.95
CA ALA C 629 -27.48 -10.86 38.82
C ALA C 629 -27.11 -11.02 40.29
N TRP C 630 -26.19 -11.92 40.61
CA TRP C 630 -25.79 -12.12 42.00
C TRP C 630 -25.16 -10.87 42.58
N VAL C 631 -24.26 -10.23 41.84
CA VAL C 631 -23.59 -9.02 42.32
C VAL C 631 -24.60 -7.92 42.59
N HIS C 632 -25.54 -7.72 41.67
CA HIS C 632 -26.51 -6.65 41.83
C HIS C 632 -27.50 -6.95 42.94
N ARG C 633 -27.87 -8.22 43.13
CA ARG C 633 -28.72 -8.57 44.25
C ARG C 633 -28.04 -8.28 45.58
N GLU C 634 -26.76 -8.65 45.70
CA GLU C 634 -26.01 -8.34 46.92
C GLU C 634 -25.90 -6.84 47.13
N ALA C 635 -25.66 -6.09 46.05
CA ALA C 635 -25.56 -4.64 46.15
C ALA C 635 -26.88 -4.02 46.59
N ARG C 636 -28.00 -4.51 46.07
CA ARG C 636 -29.31 -3.99 46.47
C ARG C 636 -29.57 -4.28 47.94
N GLU C 637 -29.24 -5.50 48.40
CA GLU C 637 -29.42 -5.81 49.81
C GLU C 637 -28.57 -4.90 50.69
N ASP C 638 -27.31 -4.68 50.30
CA ASP C 638 -26.43 -3.78 51.06
C ASP C 638 -26.99 -2.36 51.08
N TYR C 639 -27.49 -1.89 49.94
CA TYR C 639 -28.05 -0.54 49.88
C TYR C 639 -29.23 -0.39 50.80
N ARG C 640 -30.15 -1.36 50.77
CA ARG C 640 -31.34 -1.28 51.62
C ARG C 640 -30.97 -1.31 53.09
N ARG C 641 -30.09 -2.24 53.49
CA ARG C 641 -29.71 -2.34 54.88
C ARG C 641 -29.00 -1.08 55.37
N ASP C 642 -28.07 -0.56 54.55
CA ASP C 642 -27.35 0.65 54.94
C ASP C 642 -28.27 1.85 55.03
N LEU C 643 -29.23 1.96 54.10
CA LEU C 643 -30.16 3.08 54.16
C LEU C 643 -31.02 3.02 55.42
N LYS C 644 -31.52 1.83 55.76
CA LYS C 644 -32.32 1.70 56.98
C LYS C 644 -31.50 2.03 58.22
N ARG C 645 -30.26 1.52 58.28
CA ARG C 645 -29.40 1.80 59.43
C ARG C 645 -29.08 3.28 59.55
N LEU C 646 -28.79 3.93 58.42
CA LEU C 646 -28.50 5.36 58.44
C LEU C 646 -29.72 6.17 58.87
N ALA C 647 -30.92 5.75 58.44
CA ALA C 647 -32.13 6.43 58.89
C ALA C 647 -32.30 6.30 60.40
N GLU C 648 -32.05 5.10 60.94
CA GLU C 648 -32.16 4.93 62.39
C GLU C 648 -31.13 5.78 63.14
N ILE C 649 -29.90 5.84 62.63
CA ILE C 649 -28.85 6.64 63.25
C ILE C 649 -29.23 8.12 63.23
N ALA C 650 -29.75 8.59 62.10
CA ALA C 650 -30.19 9.97 61.99
C ALA C 650 -31.33 10.26 62.96
N GLN C 651 -32.25 9.31 63.11
CA GLN C 651 -33.34 9.50 64.07
C GLN C 651 -32.80 9.62 65.50
N ASP C 652 -31.82 8.79 65.85
CA ASP C 652 -31.22 8.87 67.18
C ASP C 652 -30.54 10.21 67.40
N MET C 653 -29.77 10.67 66.41
CA MET C 653 -29.11 11.96 66.53
C MET C 653 -30.11 13.10 66.64
N CYS C 654 -31.20 13.03 65.88
CA CYS C 654 -32.24 14.04 65.95
C CYS C 654 -32.89 14.06 67.32
N ALA C 655 -33.13 12.88 67.90
CA ALA C 655 -33.69 12.82 69.24
C ALA C 655 -32.75 13.45 70.26
N VAL C 656 -31.45 13.18 70.14
CA VAL C 656 -30.48 13.77 71.06
C VAL C 656 -30.47 15.29 70.92
N LEU C 657 -30.49 15.78 69.68
CA LEU C 657 -30.49 17.22 69.45
C LEU C 657 -31.76 17.87 70.01
N ARG C 658 -32.91 17.22 69.84
CA ARG C 658 -34.15 17.74 70.40
C ARG C 658 -34.07 17.78 71.92
N LYS C 659 -33.49 16.75 72.53
CA LYS C 659 -33.33 16.74 73.99
C LYS C 659 -32.43 17.88 74.45
N ALA C 660 -31.36 18.15 73.71
CA ALA C 660 -30.41 19.19 74.11
C ALA C 660 -30.90 20.60 73.78
N ASN C 661 -31.94 20.76 72.97
CA ASN C 661 -32.44 22.07 72.55
C ASN C 661 -33.93 22.15 72.83
N PRO C 662 -34.33 22.49 74.06
CA PRO C 662 -35.77 22.56 74.38
C PRO C 662 -36.43 23.85 73.93
N GLN C 663 -35.66 24.90 73.66
CA GLN C 663 -36.24 26.18 73.29
C GLN C 663 -36.75 26.20 71.85
N ALA C 664 -36.14 25.43 70.96
CA ALA C 664 -36.52 25.46 69.56
C ALA C 664 -37.87 24.79 69.34
N ASP C 665 -38.48 25.09 68.21
CA ASP C 665 -39.77 24.53 67.83
C ASP C 665 -39.58 23.30 66.96
N LEU C 666 -40.35 22.26 67.25
CA LEU C 666 -40.26 21.02 66.49
C LEU C 666 -40.88 21.18 65.11
N LEU C 667 -40.30 20.49 64.13
CA LEU C 667 -40.80 20.46 62.76
C LEU C 667 -41.26 19.03 62.48
N ALA C 668 -42.56 18.85 62.28
CA ALA C 668 -43.10 17.51 62.08
C ALA C 668 -42.55 16.86 60.82
N GLU C 669 -42.45 17.61 59.73
CA GLU C 669 -41.93 17.12 58.47
C GLU C 669 -41.00 18.19 57.91
N ALA C 670 -39.70 17.91 57.90
CA ALA C 670 -38.73 18.91 57.48
C ALA C 670 -37.57 18.25 56.75
N ARG C 671 -36.88 19.06 55.96
CA ARG C 671 -35.68 18.64 55.24
C ARG C 671 -34.57 19.66 55.47
N ILE C 672 -33.34 19.17 55.41
CA ILE C 672 -32.14 19.99 55.51
C ILE C 672 -31.37 19.81 54.20
N SER C 673 -31.27 20.87 53.42
CA SER C 673 -30.63 20.83 52.12
C SER C 673 -29.59 21.93 52.03
N GLN C 674 -28.37 21.58 51.64
CA GLN C 674 -27.31 22.57 51.55
C GLN C 674 -27.62 23.58 50.46
N PHE C 675 -27.19 24.83 50.71
CA PHE C 675 -27.39 25.95 49.80
C PHE C 675 -28.87 26.13 49.45
N ARG C 676 -29.64 26.47 50.47
CA ARG C 676 -31.01 26.93 50.29
C ARG C 676 -30.99 28.44 50.08
N ASN C 677 -31.80 28.90 49.14
CA ASN C 677 -31.78 30.31 48.75
C ASN C 677 -32.28 31.20 49.90
N ASP C 678 -32.15 32.51 49.69
CA ASP C 678 -32.55 33.53 50.65
C ASP C 678 -31.75 33.45 51.95
N GLY C 679 -30.51 32.97 51.86
CA GLY C 679 -29.62 32.95 53.02
C GLY C 679 -30.10 32.07 54.15
N ALA C 680 -30.68 30.92 53.83
CA ALA C 680 -31.17 29.96 54.82
C ALA C 680 -30.71 28.56 54.45
N SER C 681 -29.43 28.44 54.14
CA SER C 681 -28.88 27.22 53.54
C SER C 681 -29.07 25.99 54.42
N TRP C 682 -28.40 25.94 55.57
CA TRP C 682 -28.40 24.75 56.40
C TRP C 682 -29.49 24.76 57.46
N HIS C 683 -30.60 25.43 57.20
CA HIS C 683 -31.75 25.42 58.10
C HIS C 683 -32.73 24.34 57.67
N ALA C 684 -33.36 23.72 58.66
CA ALA C 684 -34.40 22.73 58.39
C ALA C 684 -35.70 23.45 58.03
N ASN C 685 -36.26 23.10 56.88
CA ASN C 685 -37.47 23.74 56.40
C ASN C 685 -38.57 22.71 56.20
N ARG C 686 -39.81 23.12 56.45
CA ARG C 686 -40.95 22.22 56.35
C ARG C 686 -41.24 21.89 54.89
N ILE C 687 -41.95 20.78 54.69
CA ILE C 687 -42.39 20.40 53.35
C ILE C 687 -43.47 21.35 52.86
N ASN C 688 -44.45 21.64 53.70
CA ASN C 688 -45.58 22.51 53.36
C ASN C 688 -45.60 23.76 54.25
N GLU C 689 -44.83 24.76 53.84
CA GLU C 689 -44.85 26.01 54.59
C GLU C 689 -45.90 26.96 54.02
N PRO C 690 -46.64 27.66 54.89
CA PRO C 690 -47.71 28.55 54.40
C PRO C 690 -47.16 29.64 53.50
N THR C 691 -47.94 29.99 52.47
CA THR C 691 -47.55 30.98 51.50
C THR C 691 -48.63 32.04 51.37
N ASP C 692 -48.21 33.26 51.05
CA ASP C 692 -49.16 34.35 50.84
C ASP C 692 -49.99 34.14 49.57
N ALA C 693 -49.44 33.42 48.60
CA ALA C 693 -50.16 33.16 47.36
C ALA C 693 -51.38 32.29 47.61
N LEU C 694 -52.44 32.55 46.84
CA LEU C 694 -53.69 31.82 46.98
C LEU C 694 -53.55 30.41 46.40
N SER C 695 -54.55 29.58 46.71
CA SER C 695 -54.56 28.21 46.20
C SER C 695 -54.67 28.21 44.69
N VAL C 696 -53.97 27.26 44.05
CA VAL C 696 -53.99 27.18 42.60
C VAL C 696 -55.37 26.75 42.12
N LEU C 697 -55.82 27.35 41.03
CA LEU C 697 -57.13 27.05 40.47
C LEU C 697 -57.03 25.95 39.42
N THR C 698 -58.12 25.21 39.27
CA THR C 698 -58.22 24.16 38.27
C THR C 698 -59.47 24.40 37.42
N GLN C 699 -59.40 23.94 36.17
CA GLN C 699 -60.50 24.15 35.23
C GLN C 699 -60.49 23.04 34.20
N THR C 700 -61.67 22.63 33.78
CA THR C 700 -61.84 21.59 32.76
C THR C 700 -62.31 22.24 31.46
N LEU C 701 -61.62 21.92 30.37
CA LEU C 701 -61.93 22.53 29.07
C LEU C 701 -62.97 21.69 28.34
N ASP C 702 -63.20 22.01 27.07
CA ASP C 702 -64.25 21.35 26.31
C ASP C 702 -63.90 19.91 25.97
N ASN C 703 -62.67 19.67 25.53
CA ASN C 703 -62.24 18.37 25.01
C ASN C 703 -61.40 17.62 26.03
N GLY C 704 -61.72 17.77 27.31
CA GLY C 704 -60.99 17.10 28.37
C GLY C 704 -59.67 17.74 28.75
N ARG C 705 -59.33 18.86 28.15
CA ARG C 705 -58.07 19.54 28.46
C ARG C 705 -58.15 20.16 29.84
N VAL C 706 -57.05 20.09 30.59
CA VAL C 706 -57.00 20.56 31.96
C VAL C 706 -56.12 21.81 32.02
N LEU C 707 -56.63 22.86 32.64
CA LEU C 707 -55.92 24.13 32.76
C LEU C 707 -55.63 24.38 34.23
N LEU C 708 -54.36 24.60 34.56
CA LEU C 708 -53.92 24.90 35.91
C LEU C 708 -53.24 26.26 35.90
N ALA C 709 -53.62 27.13 36.83
CA ALA C 709 -53.14 28.51 36.84
C ALA C 709 -52.93 28.97 38.28
N ASN C 710 -51.67 29.04 38.70
CA ASN C 710 -51.30 29.75 39.91
C ASN C 710 -50.96 31.20 39.54
N GLY C 711 -50.35 31.94 40.47
CA GLY C 711 -50.04 33.32 40.19
C GLY C 711 -48.90 33.54 39.22
N VAL C 712 -48.12 32.51 38.91
CA VAL C 712 -46.91 32.70 38.10
C VAL C 712 -46.84 31.76 36.89
N LEU C 713 -47.60 30.68 36.83
CA LEU C 713 -47.49 29.72 35.73
C LEU C 713 -48.87 29.34 35.22
N SER C 714 -48.92 28.94 33.95
CA SER C 714 -50.14 28.42 33.34
C SER C 714 -49.80 27.15 32.59
N VAL C 715 -50.38 26.03 33.02
CA VAL C 715 -50.09 24.71 32.48
C VAL C 715 -51.34 24.16 31.83
N THR C 716 -51.23 23.69 30.60
CA THR C 716 -52.34 23.09 29.87
C THR C 716 -51.99 21.65 29.54
N ILE C 717 -52.87 20.73 29.90
CA ILE C 717 -52.66 19.29 29.71
C ILE C 717 -53.71 18.78 28.73
N GLU C 718 -53.26 18.07 27.71
CA GLU C 718 -54.15 17.51 26.71
C GLU C 718 -54.86 16.26 27.26
N ALA C 719 -55.72 15.67 26.44
CA ALA C 719 -56.46 14.48 26.86
C ALA C 719 -55.55 13.27 27.03
N ASP C 720 -54.36 13.29 26.43
CA ASP C 720 -53.42 12.17 26.55
C ASP C 720 -52.46 12.33 27.72
N GLY C 721 -52.62 13.38 28.52
CA GLY C 721 -51.77 13.57 29.69
C GLY C 721 -50.41 14.17 29.40
N THR C 722 -50.25 14.87 28.28
CA THR C 722 -48.99 15.50 27.92
C THR C 722 -49.17 17.01 27.90
N ILE C 723 -48.17 17.72 28.44
CA ILE C 723 -48.24 19.17 28.50
C ILE C 723 -48.04 19.75 27.11
N SER C 724 -48.94 20.64 26.71
CA SER C 724 -48.83 21.32 25.43
C SER C 724 -48.61 22.82 25.54
N SER C 725 -48.87 23.42 26.71
CA SER C 725 -48.69 24.85 26.89
C SER C 725 -48.20 25.11 28.31
N LEU C 726 -47.00 25.66 28.44
CA LEU C 726 -46.40 26.01 29.72
C LEU C 726 -45.99 27.47 29.65
N LEU C 727 -46.89 28.36 30.06
CA LEU C 727 -46.70 29.79 29.93
C LEU C 727 -46.21 30.35 31.27
N ASP C 728 -45.16 31.18 31.20
CA ASP C 728 -44.59 31.83 32.36
C ASP C 728 -45.13 33.26 32.44
N GLU C 729 -45.71 33.61 33.57
CA GLU C 729 -46.30 34.93 33.74
C GLU C 729 -45.20 35.98 33.94
N GLU C 730 -45.61 37.24 33.84
CA GLU C 730 -44.75 38.43 34.05
C GLU C 730 -43.49 38.39 33.20
N HIS C 731 -43.44 37.51 32.19
CA HIS C 731 -42.34 37.47 31.25
C HIS C 731 -42.78 37.35 29.80
N GLY C 732 -43.98 36.86 29.53
CA GLY C 732 -44.43 36.68 28.16
C GLY C 732 -43.64 35.64 27.39
N ARG C 733 -43.27 34.55 28.05
CA ARG C 733 -42.46 33.50 27.44
C ARG C 733 -43.25 32.20 27.44
N GLU C 734 -43.27 31.52 26.30
CA GLU C 734 -43.87 30.20 26.17
C GLU C 734 -42.77 29.15 26.22
N LEU C 735 -42.85 28.26 27.19
CA LEU C 735 -41.79 27.28 27.43
C LEU C 735 -41.93 26.01 26.61
N VAL C 736 -43.02 25.84 25.88
CA VAL C 736 -43.25 24.67 25.04
C VAL C 736 -43.42 25.14 23.61
N PRO C 737 -42.57 24.69 22.67
CA PRO C 737 -42.75 25.07 21.27
C PRO C 737 -44.06 24.51 20.72
N ALA C 738 -44.64 25.25 19.79
CA ALA C 738 -45.87 24.78 19.14
C ALA C 738 -45.59 23.52 18.32
N GLY C 739 -46.52 22.56 18.42
CA GLY C 739 -46.36 21.31 17.73
C GLY C 739 -45.60 20.23 18.48
N THR C 740 -45.15 20.52 19.71
CA THR C 740 -44.43 19.56 20.52
C THR C 740 -45.18 19.33 21.82
N ARG C 741 -45.05 18.11 22.37
CA ARG C 741 -45.71 17.72 23.60
C ARG C 741 -44.67 17.45 24.67
N LEU C 742 -44.89 17.99 25.87
CA LEU C 742 -44.00 17.83 26.99
C LEU C 742 -44.48 16.69 27.88
N GLY C 743 -43.53 15.89 28.37
CA GLY C 743 -43.86 14.74 29.18
C GLY C 743 -44.21 13.48 28.43
N GLN C 744 -44.02 13.47 27.12
CA GLN C 744 -44.32 12.29 26.32
C GLN C 744 -43.26 11.22 26.52
N TYR C 745 -43.69 9.96 26.58
CA TYR C 745 -42.80 8.84 26.79
C TYR C 745 -42.47 8.18 25.46
N GLU C 746 -41.20 7.85 25.28
CA GLU C 746 -40.69 7.26 24.05
C GLU C 746 -40.07 5.91 24.35
N LEU C 747 -40.31 4.94 23.47
CA LEU C 747 -39.74 3.60 23.56
C LEU C 747 -38.85 3.37 22.36
N LEU C 748 -37.63 2.89 22.62
CA LEU C 748 -36.62 2.66 21.60
C LEU C 748 -36.22 1.19 21.60
N ARG C 749 -35.85 0.68 20.43
CA ARG C 749 -35.39 -0.69 20.31
C ARG C 749 -33.87 -0.72 20.51
N ASP C 750 -33.45 -1.33 21.60
CA ASP C 750 -32.03 -1.38 22.00
C ASP C 750 -31.53 -2.80 21.77
N GLU C 751 -30.88 -3.02 20.63
CA GLU C 751 -30.30 -4.32 20.29
C GLU C 751 -28.87 -4.12 19.82
N PRO C 752 -27.96 -3.78 20.73
CA PRO C 752 -26.58 -3.50 20.32
C PRO C 752 -25.85 -4.76 19.89
N ALA C 753 -24.86 -4.57 19.01
CA ALA C 753 -24.09 -5.70 18.51
C ALA C 753 -23.12 -6.24 19.55
N VAL C 754 -22.50 -5.36 20.33
CA VAL C 754 -21.51 -5.74 21.32
C VAL C 754 -21.80 -5.02 22.62
N TRP C 755 -21.50 -5.69 23.74
CA TRP C 755 -21.61 -5.12 25.08
C TRP C 755 -23.04 -4.61 25.35
N ASP C 756 -23.95 -5.59 25.42
CA ASP C 756 -25.38 -5.28 25.48
C ASP C 756 -25.71 -4.33 26.63
N ALA C 757 -25.23 -4.64 27.84
CA ALA C 757 -25.52 -3.78 28.98
C ALA C 757 -24.75 -2.47 28.90
N TRP C 758 -23.54 -2.49 28.31
CA TRP C 758 -22.72 -1.29 28.27
C TRP C 758 -23.25 -0.28 27.25
N GLU C 759 -23.66 -0.75 26.07
CA GLU C 759 -23.78 0.10 24.91
C GLU C 759 -25.23 0.48 24.61
N ILE C 760 -25.42 1.73 24.24
CA ILE C 760 -26.61 2.21 23.54
C ILE C 760 -26.15 2.82 22.22
N GLU C 761 -26.72 2.34 21.12
CA GLU C 761 -26.20 2.64 19.80
C GLU C 761 -26.91 3.84 19.19
N ARG C 762 -26.26 4.44 18.18
CA ARG C 762 -26.87 5.55 17.46
C ARG C 762 -28.11 5.10 16.70
N GLU C 763 -28.08 3.89 16.15
CA GLU C 763 -29.23 3.37 15.42
C GLU C 763 -30.46 3.23 16.29
N SER C 764 -30.29 3.12 17.61
CA SER C 764 -31.44 3.03 18.50
C SER C 764 -32.28 4.30 18.44
N LEU C 765 -31.62 5.46 18.34
CA LEU C 765 -32.33 6.73 18.25
C LEU C 765 -33.01 6.84 16.87
N LEU C 766 -33.78 7.92 16.71
CA LEU C 766 -34.50 8.27 15.50
C LEU C 766 -35.61 7.29 15.14
N MET C 767 -35.89 6.30 15.98
CA MET C 767 -36.97 5.36 15.74
C MET C 767 -37.79 5.12 17.01
N ALA C 768 -37.84 6.11 17.89
CA ALA C 768 -38.64 5.99 19.10
C ALA C 768 -40.12 5.99 18.76
N ASN C 769 -40.87 5.13 19.45
CA ASN C 769 -42.29 4.98 19.23
C ASN C 769 -43.06 5.64 20.37
N ALA C 770 -43.99 6.52 20.03
CA ALA C 770 -44.77 7.23 21.03
C ALA C 770 -45.72 6.28 21.75
N VAL C 771 -45.84 6.47 23.06
CA VAL C 771 -46.76 5.70 23.88
C VAL C 771 -47.76 6.68 24.49
N THR C 772 -49.05 6.44 24.23
CA THR C 772 -50.10 7.37 24.64
C THR C 772 -50.75 6.91 25.93
N GLY C 773 -51.28 7.89 26.67
CA GLY C 773 -51.98 7.62 27.91
C GLY C 773 -53.26 8.41 28.02
N SER C 774 -53.74 8.63 29.24
CA SER C 774 -54.96 9.39 29.46
C SER C 774 -54.96 9.94 30.89
N ILE C 775 -55.79 10.95 31.10
CA ILE C 775 -55.94 11.57 32.42
C ILE C 775 -56.98 10.77 33.21
N GLU C 776 -56.63 10.45 34.45
CA GLU C 776 -57.52 9.69 35.33
C GLU C 776 -58.20 10.53 36.39
N SER C 777 -57.48 11.43 37.06
CA SER C 777 -58.08 12.20 38.13
C SER C 777 -57.34 13.52 38.31
N VAL C 778 -58.04 14.49 38.88
CA VAL C 778 -57.48 15.79 39.26
C VAL C 778 -57.88 16.05 40.71
N ASN C 779 -56.91 16.43 41.53
CA ASN C 779 -57.14 16.61 42.96
C ASN C 779 -56.42 17.85 43.46
N THR C 780 -56.85 18.32 44.63
CA THR C 780 -56.24 19.47 45.30
C THR C 780 -56.16 19.12 46.79
N GLU C 781 -54.98 18.68 47.23
CA GLU C 781 -54.82 18.20 48.59
C GLU C 781 -54.62 19.35 49.59
N ASN C 782 -53.53 20.09 49.43
CA ASN C 782 -53.19 21.19 50.32
C ASN C 782 -52.98 22.47 49.54
N GLY C 783 -53.87 22.75 48.59
CA GLY C 783 -53.72 23.89 47.72
C GLY C 783 -52.85 23.67 46.52
N ALA C 784 -52.30 22.46 46.34
CA ALA C 784 -51.46 22.13 45.20
C ALA C 784 -52.21 21.17 44.29
N ALA C 785 -52.28 21.52 43.01
CA ALA C 785 -53.02 20.72 42.05
C ALA C 785 -52.21 19.49 41.64
N GLN C 786 -52.87 18.34 41.60
CA GLN C 786 -52.25 17.08 41.21
C GLN C 786 -53.09 16.44 40.12
N VAL C 787 -52.43 16.01 39.05
CA VAL C 787 -53.09 15.34 37.92
C VAL C 787 -52.49 13.96 37.77
N HIS C 788 -53.36 12.96 37.65
CA HIS C 788 -52.95 11.55 37.54
C HIS C 788 -53.09 11.10 36.09
N VAL C 789 -52.04 10.48 35.56
CA VAL C 789 -52.02 10.01 34.18
C VAL C 789 -51.58 8.55 34.17
N HIS C 790 -52.31 7.70 33.45
CA HIS C 790 -51.96 6.31 33.28
C HIS C 790 -51.51 6.06 31.85
N THR C 791 -50.37 5.40 31.70
CA THR C 791 -49.82 5.05 30.39
C THR C 791 -49.59 3.53 30.37
N ALA C 792 -50.08 2.89 29.31
CA ALA C 792 -50.01 1.44 29.22
C ALA C 792 -49.40 1.02 27.89
N ASP C 793 -48.67 -0.10 27.93
CA ASP C 793 -48.07 -0.68 26.74
C ASP C 793 -48.29 -2.18 26.64
N GLY C 794 -48.74 -2.83 27.71
CA GLY C 794 -48.84 -4.28 27.75
C GLY C 794 -47.88 -4.84 28.78
N ASP C 795 -48.40 -5.19 29.95
CA ASP C 795 -47.65 -5.64 31.12
C ASP C 795 -46.70 -4.57 31.65
N THR C 796 -46.75 -3.35 31.11
CA THR C 796 -45.93 -2.23 31.56
C THR C 796 -46.83 -1.03 31.79
N VAL C 797 -46.89 -0.57 33.04
CA VAL C 797 -47.79 0.50 33.44
C VAL C 797 -46.97 1.63 34.04
N ILE C 798 -47.25 2.86 33.60
CA ILE C 798 -46.61 4.06 34.13
C ILE C 798 -47.70 4.94 34.72
N THR C 799 -47.60 5.24 36.01
CA THR C 799 -48.50 6.16 36.68
C THR C 799 -47.73 7.44 36.99
N THR C 800 -48.21 8.56 36.44
CA THR C 800 -47.52 9.83 36.55
C THR C 800 -48.40 10.83 37.29
N THR C 801 -47.82 11.49 38.29
CA THR C 801 -48.47 12.57 39.01
C THR C 801 -47.79 13.88 38.62
N ILE C 802 -48.55 14.80 38.05
CA ILE C 802 -48.08 16.13 37.69
C ILE C 802 -48.59 17.09 38.74
N THR C 803 -47.66 17.79 39.40
CA THR C 803 -47.98 18.60 40.57
C THR C 803 -47.61 20.05 40.29
N LEU C 804 -48.54 20.95 40.62
CA LEU C 804 -48.31 22.39 40.61
C LEU C 804 -48.58 22.93 42.00
N ARG C 805 -47.60 23.62 42.58
CA ARG C 805 -47.67 24.13 43.93
C ARG C 805 -47.78 25.65 43.92
N PRO C 806 -48.67 26.23 44.71
CA PRO C 806 -48.81 27.70 44.71
C PRO C 806 -47.54 28.39 45.18
N GLY C 807 -47.26 29.55 44.60
CA GLY C 807 -46.14 30.35 44.99
C GLY C 807 -44.79 29.85 44.53
N SER C 808 -44.75 28.88 43.62
CA SER C 808 -43.50 28.29 43.16
C SER C 808 -43.40 28.38 41.64
N HIS C 809 -42.17 28.43 41.15
CA HIS C 809 -41.89 28.48 39.72
C HIS C 809 -41.59 27.10 39.14
N THR C 810 -41.77 26.04 39.91
CA THR C 810 -41.41 24.70 39.50
C THR C 810 -42.65 23.85 39.27
N LEU C 811 -42.60 23.02 38.23
CA LEU C 811 -43.64 22.05 37.93
C LEU C 811 -43.06 20.67 38.16
N ASP C 812 -43.72 19.86 39.00
CA ASP C 812 -43.16 18.62 39.48
C ASP C 812 -43.78 17.42 38.78
N PHE C 813 -42.97 16.38 38.58
CA PHE C 813 -43.41 15.13 38.00
C PHE C 813 -42.92 13.97 38.85
N HIS C 814 -43.82 13.07 39.22
CA HIS C 814 -43.49 11.84 39.91
C HIS C 814 -43.99 10.67 39.06
N ALA C 815 -43.18 9.62 38.96
CA ALA C 815 -43.50 8.50 38.08
C ALA C 815 -43.27 7.19 38.80
N ASP C 816 -44.25 6.28 38.69
CA ASP C 816 -44.11 4.90 39.15
C ASP C 816 -44.26 3.99 37.95
N ILE C 817 -43.22 3.19 37.68
CA ILE C 817 -43.14 2.40 36.46
C ILE C 817 -43.03 0.93 36.83
N ASP C 818 -43.86 0.10 36.21
CA ASP C 818 -43.79 -1.34 36.36
C ASP C 818 -43.12 -1.89 35.11
N TRP C 819 -41.79 -1.89 35.11
CA TRP C 819 -41.03 -2.29 33.92
C TRP C 819 -41.10 -3.79 33.72
N HIS C 820 -41.55 -4.20 32.53
CA HIS C 820 -41.61 -5.61 32.15
C HIS C 820 -41.19 -5.81 30.69
N GLU C 821 -40.54 -4.83 30.08
CA GLU C 821 -40.16 -4.91 28.68
C GLU C 821 -38.93 -5.79 28.51
N ARG C 822 -38.48 -5.90 27.25
CA ARG C 822 -37.30 -6.71 26.93
C ARG C 822 -36.58 -6.04 25.77
N GLU C 823 -35.31 -5.68 26.00
CA GLU C 823 -34.48 -5.03 24.98
C GLU C 823 -35.13 -3.74 24.47
N ARG C 824 -35.59 -2.92 25.41
CA ARG C 824 -36.23 -1.64 25.09
C ARG C 824 -35.65 -0.56 25.98
N PHE C 825 -35.69 0.68 25.48
CA PHE C 825 -35.17 1.85 26.18
C PHE C 825 -36.31 2.84 26.37
N LEU C 826 -36.45 3.37 27.58
CA LEU C 826 -37.52 4.30 27.92
C LEU C 826 -36.94 5.70 28.11
N LYS C 827 -37.59 6.68 27.50
CA LYS C 827 -37.16 8.07 27.63
C LYS C 827 -38.38 8.96 27.78
N VAL C 828 -38.16 10.17 28.26
CA VAL C 828 -39.21 11.18 28.42
C VAL C 828 -38.75 12.46 27.74
N ASP C 829 -39.65 13.10 27.00
CA ASP C 829 -39.35 14.29 26.22
C ASP C 829 -39.74 15.54 26.99
N LEU C 830 -38.82 16.50 27.07
CA LEU C 830 -39.04 17.76 27.76
C LEU C 830 -38.62 18.91 26.85
N PRO C 831 -39.46 19.29 25.88
CA PRO C 831 -39.14 20.46 25.06
C PRO C 831 -39.08 21.73 25.89
N LEU C 832 -38.21 22.65 25.49
CA LEU C 832 -37.97 23.86 26.26
C LEU C 832 -38.21 25.15 25.50
N GLY C 833 -38.17 25.14 24.17
CA GLY C 833 -38.43 26.36 23.42
C GLY C 833 -37.40 27.46 23.63
N ILE C 834 -36.13 27.08 23.77
CA ILE C 834 -35.05 28.04 23.91
C ILE C 834 -33.94 27.63 22.94
N VAL C 835 -33.50 28.58 22.11
CA VAL C 835 -32.44 28.33 21.14
C VAL C 835 -31.11 28.62 21.81
N ALA C 836 -30.35 27.56 22.10
CA ALA C 836 -29.05 27.69 22.74
C ALA C 836 -28.04 26.79 22.04
N ASP C 837 -26.82 27.29 21.87
CA ASP C 837 -25.77 26.51 21.24
C ASP C 837 -25.19 25.47 22.18
N GLN C 838 -25.16 25.76 23.48
CA GLN C 838 -24.59 24.85 24.46
C GLN C 838 -25.51 24.74 25.66
N ALA C 839 -25.39 23.61 26.37
CA ALA C 839 -26.17 23.35 27.58
C ALA C 839 -25.23 23.22 28.76
N THR C 840 -25.65 23.74 29.90
CA THR C 840 -24.86 23.71 31.12
C THR C 840 -25.37 22.60 32.03
N TYR C 841 -24.47 21.70 32.42
CA TYR C 841 -24.78 20.61 33.32
C TYR C 841 -23.92 20.73 34.58
N ASP C 842 -24.35 20.04 35.63
CA ASP C 842 -23.65 20.10 36.91
C ASP C 842 -22.50 19.11 36.92
N CYS C 843 -21.40 19.50 37.54
CA CYS C 843 -20.25 18.64 37.73
C CYS C 843 -20.14 18.26 39.20
N GLN C 844 -19.07 17.56 39.57
CA GLN C 844 -18.90 17.18 40.97
C GLN C 844 -18.69 18.41 41.85
N TYR C 845 -17.88 19.37 41.40
CA TYR C 845 -17.60 20.58 42.16
C TYR C 845 -17.63 21.80 41.26
N GLY C 846 -18.53 21.82 40.29
CA GLY C 846 -18.63 22.92 39.35
C GLY C 846 -19.65 22.70 38.26
N LEU C 847 -19.42 23.29 37.10
CA LEU C 847 -20.33 23.17 35.97
C LEU C 847 -19.54 22.83 34.71
N ILE C 848 -20.23 22.21 33.75
CA ILE C 848 -19.65 21.86 32.46
C ILE C 848 -20.60 22.32 31.37
N ARG C 849 -20.05 22.61 30.20
CA ARG C 849 -20.84 23.00 29.04
C ARG C 849 -20.65 21.96 27.94
N ARG C 850 -21.77 21.50 27.38
CA ARG C 850 -21.73 20.52 26.30
C ARG C 850 -22.51 21.03 25.10
N PRO C 851 -22.04 20.75 23.89
CA PRO C 851 -22.71 21.29 22.71
C PRO C 851 -24.08 20.67 22.48
N ILE C 852 -25.04 21.50 22.12
CA ILE C 852 -26.35 21.03 21.70
C ILE C 852 -26.40 20.81 20.20
N VAL C 853 -25.89 21.77 19.43
CA VAL C 853 -25.77 21.63 17.99
C VAL C 853 -24.46 20.90 17.69
N LYS C 854 -24.55 19.78 16.98
CA LYS C 854 -23.41 18.95 16.66
C LYS C 854 -23.04 19.17 15.20
N ASN C 855 -21.91 19.85 14.96
CA ASN C 855 -21.46 20.15 13.61
C ASN C 855 -20.52 19.10 13.06
N THR C 856 -19.57 18.62 13.85
CA THR C 856 -18.56 17.68 13.43
C THR C 856 -18.86 16.28 13.97
N ALA C 857 -18.10 15.30 13.48
CA ALA C 857 -18.26 13.93 13.94
C ALA C 857 -17.84 13.77 15.39
N SER C 858 -16.87 14.56 15.85
CA SER C 858 -16.48 14.53 17.24
C SER C 858 -17.62 14.97 18.16
N ASP C 859 -18.35 16.02 17.76
CA ASP C 859 -19.47 16.49 18.57
C ASP C 859 -20.62 15.48 18.55
N GLU C 860 -20.80 14.79 17.43
CA GLU C 860 -21.89 13.82 17.33
C GLU C 860 -21.67 12.63 18.26
N ALA C 861 -20.41 12.31 18.56
CA ALA C 861 -20.13 11.18 19.45
C ALA C 861 -20.65 11.42 20.86
N LYS C 862 -20.85 12.66 21.27
CA LYS C 862 -21.40 12.97 22.58
C LYS C 862 -22.92 13.10 22.54
N TYR C 863 -23.59 12.07 22.05
CA TYR C 863 -25.05 12.08 21.94
C TYR C 863 -25.74 11.56 23.19
N GLU C 864 -24.99 11.20 24.22
CA GLU C 864 -25.57 10.73 25.48
C GLU C 864 -24.60 11.08 26.59
N SER C 865 -24.89 12.15 27.32
CA SER C 865 -24.04 12.65 28.39
C SER C 865 -24.66 12.34 29.75
N SER C 866 -24.03 12.85 30.80
CA SER C 866 -24.48 12.63 32.17
C SER C 866 -24.86 13.95 32.81
N THR C 867 -25.87 13.91 33.67
CA THR C 867 -26.30 15.07 34.44
C THR C 867 -26.16 14.77 35.92
N ASN C 868 -25.88 15.82 36.70
CA ASN C 868 -25.70 15.70 38.14
C ASN C 868 -26.77 16.56 38.81
N ARG C 869 -27.96 15.98 38.98
CA ARG C 869 -29.06 16.54 39.76
C ARG C 869 -29.76 17.72 39.08
N PHE C 870 -29.20 18.24 37.99
CA PHE C 870 -29.88 19.31 37.25
C PHE C 870 -29.13 19.61 35.95
N ALA C 871 -29.84 20.29 35.05
CA ALA C 871 -29.27 20.84 33.83
C ALA C 871 -29.95 22.19 33.55
N ILE C 872 -29.20 23.09 32.93
CA ILE C 872 -29.67 24.44 32.63
C ILE C 872 -29.52 24.68 31.13
N ILE C 873 -30.58 25.17 30.49
CA ILE C 873 -30.54 25.53 29.08
C ILE C 873 -31.16 26.92 28.96
N GLY C 874 -30.43 27.85 28.37
CA GLY C 874 -30.92 29.21 28.28
C GLY C 874 -30.15 30.03 27.27
N ASP C 875 -30.81 31.06 26.76
CA ASP C 875 -30.21 32.03 25.85
C ASP C 875 -29.67 33.20 26.66
N ALA C 876 -29.36 34.32 25.99
CA ALA C 876 -28.74 35.45 26.67
C ALA C 876 -29.66 36.02 27.75
N GLY C 877 -30.96 36.15 27.46
CA GLY C 877 -31.88 36.81 28.36
C GLY C 877 -32.81 35.93 29.17
N TYR C 878 -32.74 34.61 29.01
CA TYR C 878 -33.66 33.72 29.69
C TYR C 878 -33.03 32.35 29.82
N ALA C 879 -33.53 31.57 30.77
CA ALA C 879 -33.01 30.22 31.00
C ALA C 879 -34.06 29.41 31.74
N ALA C 880 -34.04 28.10 31.48
CA ALA C 880 -34.91 27.14 32.17
C ALA C 880 -34.09 25.94 32.58
N ALA C 881 -34.49 25.33 33.69
CA ALA C 881 -33.74 24.23 34.28
C ALA C 881 -34.59 22.97 34.36
N VAL C 882 -33.92 21.83 34.24
CA VAL C 882 -34.54 20.52 34.46
C VAL C 882 -33.84 19.87 35.63
N ILE C 883 -34.60 19.59 36.69
CA ILE C 883 -34.08 19.00 37.91
C ILE C 883 -34.48 17.53 37.92
N ASN C 884 -33.55 16.65 38.28
CA ASN C 884 -33.82 15.22 38.32
C ASN C 884 -33.51 14.65 39.69
N GLY C 885 -34.24 13.62 40.08
CA GLY C 885 -34.06 12.98 41.36
C GLY C 885 -32.87 12.03 41.41
N SER C 886 -32.90 10.99 40.59
CA SER C 886 -31.83 10.01 40.56
C SER C 886 -31.51 9.55 39.14
N VAL C 887 -31.70 10.43 38.16
CA VAL C 887 -31.44 10.12 36.76
C VAL C 887 -30.12 10.74 36.37
N TYR C 888 -29.28 9.97 35.67
CA TYR C 888 -27.95 10.43 35.27
C TYR C 888 -27.83 10.69 33.77
N GLY C 889 -28.22 9.73 32.93
CA GLY C 889 -28.09 9.89 31.49
C GLY C 889 -29.18 10.77 30.89
N SER C 890 -28.81 11.53 29.87
CA SER C 890 -29.73 12.42 29.18
C SER C 890 -29.11 12.81 27.84
N ASP C 891 -29.89 13.55 27.05
CA ASP C 891 -29.38 14.09 25.79
C ASP C 891 -30.18 15.33 25.41
N ALA C 892 -29.60 16.13 24.52
CA ALA C 892 -30.21 17.37 24.05
C ALA C 892 -29.97 17.52 22.56
N SER C 893 -30.99 17.97 21.84
CA SER C 893 -30.94 18.17 20.40
C SER C 893 -31.65 19.47 20.05
N PRO C 894 -31.35 20.05 18.89
CA PRO C 894 -32.09 21.24 18.46
C PRO C 894 -33.45 20.88 17.87
N ILE C 895 -34.30 21.88 17.78
CA ILE C 895 -35.62 21.77 17.16
C ILE C 895 -35.76 22.96 16.23
N ALA C 896 -35.52 22.74 14.94
CA ALA C 896 -35.66 23.78 13.93
C ALA C 896 -37.00 23.62 13.25
N GLY C 897 -37.91 24.56 13.50
CA GLY C 897 -39.24 24.53 12.93
C GLY C 897 -39.38 25.41 11.70
N ASN C 898 -40.63 25.52 11.25
CA ASN C 898 -40.95 26.35 10.10
C ASN C 898 -42.19 27.17 10.42
N ALA C 899 -42.20 28.43 9.96
CA ALA C 899 -43.33 29.31 10.20
C ALA C 899 -44.53 28.97 9.35
N ALA C 900 -44.37 28.12 8.33
CA ALA C 900 -45.49 27.74 7.48
C ALA C 900 -46.46 26.80 8.18
N GLU C 901 -46.06 26.21 9.30
CA GLU C 901 -46.92 25.28 10.04
C GLU C 901 -47.21 25.75 11.46
N GLY C 902 -46.24 26.33 12.15
CA GLY C 902 -46.46 26.81 13.50
C GLY C 902 -45.31 26.52 14.44
N ARG C 903 -44.44 25.59 14.07
CA ARG C 903 -43.29 25.24 14.89
C ARG C 903 -42.22 26.30 14.76
N ASP C 904 -41.89 26.98 15.86
CA ASP C 904 -40.90 28.06 15.80
C ASP C 904 -39.48 27.52 15.90
N SER C 905 -39.12 26.97 17.07
CA SER C 905 -37.78 26.50 17.37
C SER C 905 -37.79 25.98 18.80
N GLY C 906 -36.68 25.39 19.22
CA GLY C 906 -36.54 24.99 20.60
C GLY C 906 -35.39 24.01 20.80
N THR C 907 -35.38 23.42 21.98
CA THR C 907 -34.39 22.42 22.35
C THR C 907 -35.10 21.21 22.95
N MET C 908 -34.92 20.05 22.32
CA MET C 908 -35.49 18.80 22.81
C MET C 908 -34.50 18.20 23.80
N PHE C 909 -34.86 18.21 25.08
CA PHE C 909 -34.06 17.63 26.14
C PHE C 909 -34.77 16.39 26.66
N ARG C 910 -34.10 15.24 26.58
CA ARG C 910 -34.69 13.97 26.97
C ARG C 910 -33.85 13.31 28.06
N LEU C 911 -34.54 12.62 28.96
CA LEU C 911 -33.92 11.92 30.09
C LEU C 911 -34.10 10.42 29.92
N SER C 912 -33.02 9.67 30.15
CA SER C 912 -33.06 8.22 30.07
C SER C 912 -33.54 7.64 31.39
N LEU C 913 -34.59 6.81 31.32
CA LEU C 913 -35.21 6.26 32.52
C LEU C 913 -34.88 4.80 32.75
N LEU C 914 -35.13 3.92 31.79
CA LEU C 914 -34.97 2.50 32.02
C LEU C 914 -34.46 1.81 30.75
N SER C 915 -33.80 0.68 30.95
CA SER C 915 -33.32 -0.16 29.85
C SER C 915 -33.41 -1.61 30.28
N ALA C 916 -33.42 -2.51 29.29
CA ALA C 916 -33.58 -3.94 29.54
C ALA C 916 -32.51 -4.72 28.78
N PRO C 917 -31.28 -4.74 29.28
CA PRO C 917 -30.25 -5.62 28.69
C PRO C 917 -30.52 -7.08 29.06
N THR C 918 -29.81 -7.97 28.38
CA THR C 918 -30.02 -9.40 28.58
C THR C 918 -28.76 -10.22 28.82
N PHE C 919 -27.57 -9.76 28.39
CA PHE C 919 -26.39 -10.63 28.47
C PHE C 919 -25.95 -10.88 29.91
N PRO C 920 -25.56 -9.88 30.70
CA PRO C 920 -25.10 -10.20 32.05
C PRO C 920 -26.23 -10.64 32.97
N ASP C 921 -27.39 -10.01 32.85
CA ASP C 921 -28.58 -10.36 33.63
C ASP C 921 -29.74 -10.62 32.67
N PRO C 922 -30.28 -11.84 32.63
CA PRO C 922 -31.41 -12.11 31.72
C PRO C 922 -32.62 -11.25 32.00
N ARG C 923 -32.88 -10.89 33.26
CA ARG C 923 -34.00 -10.05 33.65
C ARG C 923 -33.42 -8.83 34.38
N THR C 924 -33.22 -7.74 33.65
CA THR C 924 -32.62 -6.53 34.19
C THR C 924 -33.68 -5.47 34.41
N ASP C 925 -33.74 -4.93 35.63
CA ASP C 925 -34.65 -3.84 35.98
C ASP C 925 -36.10 -4.20 35.68
N ILE C 926 -36.48 -5.43 35.99
CA ILE C 926 -37.85 -5.91 35.81
C ILE C 926 -38.55 -5.79 37.16
N GLY C 927 -39.49 -4.86 37.27
CA GLY C 927 -40.18 -4.63 38.51
C GLY C 927 -40.57 -3.18 38.67
N SER C 928 -40.77 -2.78 39.92
CA SER C 928 -41.27 -1.44 40.23
C SER C 928 -40.12 -0.46 40.42
N HIS C 929 -40.27 0.72 39.82
CA HIS C 929 -39.28 1.80 39.93
C HIS C 929 -40.00 3.12 40.17
N GLU C 930 -39.31 4.02 40.85
CA GLU C 930 -39.85 5.35 41.16
C GLU C 930 -38.88 6.42 40.66
N PHE C 931 -39.45 7.47 40.06
CA PHE C 931 -38.66 8.57 39.52
C PHE C 931 -39.30 9.89 39.92
N ASP C 932 -38.47 10.90 40.14
CA ASP C 932 -38.92 12.25 40.43
C ASP C 932 -38.12 13.24 39.60
N TRP C 933 -38.80 14.23 39.03
CA TRP C 933 -38.10 15.31 38.34
C TRP C 933 -38.99 16.55 38.34
N SER C 934 -38.45 17.65 37.81
CA SER C 934 -39.13 18.93 37.88
C SER C 934 -38.59 19.84 36.80
N VAL C 935 -39.39 20.85 36.45
CA VAL C 935 -39.02 21.87 35.48
C VAL C 935 -39.12 23.23 36.15
N VAL C 936 -38.04 24.01 36.08
CA VAL C 936 -37.96 25.34 36.66
C VAL C 936 -37.98 26.34 35.51
N ALA C 937 -38.94 27.26 35.54
CA ALA C 937 -39.19 28.14 34.41
C ALA C 937 -38.15 29.25 34.31
N ASP C 938 -38.09 30.12 35.31
CA ASP C 938 -37.11 31.20 35.35
C ASP C 938 -36.00 30.76 36.28
N ALA C 939 -34.92 30.23 35.70
CA ALA C 939 -33.88 29.57 36.48
C ALA C 939 -32.53 30.22 36.23
N THR C 940 -31.77 30.38 37.30
CA THR C 940 -30.37 30.76 37.26
C THR C 940 -29.54 29.63 37.88
N VAL C 941 -28.24 29.87 38.05
CA VAL C 941 -27.41 28.87 38.70
C VAL C 941 -27.83 28.68 40.15
N ASP C 942 -28.11 29.79 40.84
CA ASP C 942 -28.54 29.70 42.24
C ASP C 942 -29.85 28.95 42.37
N ARG C 943 -30.82 29.26 41.49
CA ARG C 943 -32.12 28.59 41.57
C ARG C 943 -32.01 27.12 41.23
N ALA C 944 -31.19 26.77 40.23
CA ALA C 944 -30.98 25.37 39.89
C ALA C 944 -30.33 24.62 41.05
N LEU C 945 -29.32 25.21 41.67
CA LEU C 945 -28.69 24.58 42.82
C LEU C 945 -29.68 24.42 43.97
N ASP C 946 -30.52 25.43 44.19
CA ASP C 946 -31.53 25.36 45.23
C ASP C 946 -32.50 24.20 44.99
N ALA C 947 -33.03 24.11 43.76
CA ALA C 947 -33.97 23.05 43.44
C ALA C 947 -33.32 21.68 43.54
N ALA C 948 -32.07 21.54 43.08
CA ALA C 948 -31.38 20.27 43.17
C ALA C 948 -31.14 19.86 44.61
N GLY C 949 -30.74 20.80 45.47
CA GLY C 949 -30.52 20.49 46.86
C GLY C 949 -31.79 20.11 47.59
N VAL C 950 -32.87 20.86 47.35
CA VAL C 950 -34.13 20.59 48.04
C VAL C 950 -34.66 19.21 47.65
N LEU C 951 -34.63 18.89 46.36
CA LEU C 951 -35.23 17.64 45.89
C LEU C 951 -34.47 16.42 46.41
N ASN C 952 -33.14 16.51 46.50
CA ASN C 952 -32.32 15.37 46.87
C ASN C 952 -32.12 15.22 48.37
N ALA C 953 -32.58 16.17 49.17
CA ALA C 953 -32.39 16.08 50.61
C ALA C 953 -33.30 15.01 51.20
N PRO C 954 -32.80 14.18 52.12
CA PRO C 954 -33.66 13.17 52.74
C PRO C 954 -34.71 13.81 53.66
N VAL C 955 -35.81 13.08 53.85
CA VAL C 955 -36.92 13.54 54.65
C VAL C 955 -36.81 12.93 56.04
N LEU C 956 -36.93 13.76 57.07
CA LEU C 956 -36.85 13.32 58.45
C LEU C 956 -37.94 14.03 59.26
N HIS C 957 -38.11 13.60 60.51
CA HIS C 957 -39.24 14.00 61.32
C HIS C 957 -38.79 14.52 62.68
N ASP C 958 -39.56 15.47 63.21
CA ASP C 958 -39.40 15.96 64.59
C ASP C 958 -37.99 16.48 64.84
N VAL C 959 -37.62 17.53 64.11
CA VAL C 959 -36.30 18.15 64.19
C VAL C 959 -36.46 19.55 64.75
N PRO C 960 -35.60 19.97 65.69
CA PRO C 960 -35.63 21.37 66.13
C PRO C 960 -35.02 22.28 65.08
N ASP C 961 -35.49 23.53 65.08
CA ASP C 961 -34.96 24.54 64.16
C ASP C 961 -33.75 25.21 64.83
N ILE C 962 -32.62 24.52 64.74
CA ILE C 962 -31.40 24.98 65.39
C ILE C 962 -30.57 25.81 64.42
N THR C 963 -29.73 26.67 64.99
CA THR C 963 -28.85 27.49 64.18
C THR C 963 -27.75 26.63 63.57
N PRO C 964 -27.44 26.81 62.28
CA PRO C 964 -26.38 26.02 61.66
C PRO C 964 -25.03 26.26 62.33
N LEU C 965 -24.20 25.21 62.35
CA LEU C 965 -22.89 25.30 63.00
C LEU C 965 -22.01 26.34 62.30
N ALA C 966 -22.00 26.34 60.98
CA ALA C 966 -21.22 27.28 60.21
C ALA C 966 -22.05 27.78 59.04
N SER C 967 -21.76 29.01 58.59
CA SER C 967 -22.45 29.61 57.48
C SER C 967 -21.46 30.38 56.62
N ILE C 968 -21.68 30.36 55.31
CA ILE C 968 -20.85 31.09 54.35
C ILE C 968 -21.78 31.93 53.49
N GLU C 969 -21.66 33.24 53.61
CA GLU C 969 -22.45 34.18 52.82
C GLU C 969 -21.54 34.96 51.89
N SER C 970 -21.95 35.10 50.63
CA SER C 970 -21.15 35.72 49.59
C SER C 970 -21.73 37.08 49.25
N VAL C 971 -20.92 38.13 49.40
CA VAL C 971 -21.33 39.46 48.95
C VAL C 971 -21.48 39.48 47.44
N ASN C 972 -20.47 38.96 46.72
CA ASN C 972 -20.55 38.79 45.28
C ASN C 972 -20.05 37.39 44.93
N GLY C 973 -20.66 36.81 43.89
CA GLY C 973 -20.40 35.45 43.52
C GLY C 973 -21.29 34.47 44.25
N THR C 974 -21.14 33.19 43.88
CA THR C 974 -21.91 32.11 44.47
C THR C 974 -20.95 31.12 45.12
N VAL C 975 -21.06 30.97 46.44
CA VAL C 975 -20.25 30.03 47.20
C VAL C 975 -21.18 29.05 47.90
N VAL C 976 -20.92 27.76 47.70
CA VAL C 976 -21.74 26.70 48.27
C VAL C 976 -20.91 25.95 49.30
N LEU C 977 -21.41 25.89 50.53
CA LEU C 977 -20.76 25.12 51.58
C LEU C 977 -21.20 23.67 51.42
N ASP C 978 -20.33 22.84 50.85
CA ASP C 978 -20.75 21.50 50.44
C ASP C 978 -20.94 20.57 51.63
N TRP C 979 -20.02 20.60 52.60
CA TRP C 979 -20.00 19.56 53.61
C TRP C 979 -19.50 20.10 54.94
N MET C 980 -20.08 19.60 56.03
CA MET C 980 -19.53 19.76 57.38
C MET C 980 -19.43 18.38 58.02
N LYS C 981 -18.34 18.16 58.75
CA LYS C 981 -18.14 16.89 59.44
C LYS C 981 -17.18 17.11 60.61
N LEU C 982 -16.95 16.04 61.37
CA LEU C 982 -15.97 16.04 62.43
C LEU C 982 -14.67 15.43 61.93
N ALA C 983 -13.56 15.94 62.45
CA ALA C 983 -12.26 15.38 62.08
C ALA C 983 -12.16 13.93 62.52
N ASP C 984 -11.51 13.11 61.70
CA ASP C 984 -11.45 11.68 62.00
C ASP C 984 -10.35 11.39 63.02
N ASP C 985 -10.36 12.13 64.13
CA ASP C 985 -9.43 11.95 65.23
C ASP C 985 -10.21 12.08 66.54
N GLY C 986 -9.48 12.09 67.64
CA GLY C 986 -10.09 12.39 68.92
C GLY C 986 -10.19 13.86 69.24
N SER C 987 -9.67 14.72 68.36
CA SER C 987 -9.66 16.16 68.62
C SER C 987 -11.07 16.73 68.65
N GLY C 988 -11.93 16.28 67.75
CA GLY C 988 -13.27 16.83 67.67
C GLY C 988 -13.39 18.12 66.89
N ASP C 989 -12.38 18.47 66.09
CA ASP C 989 -12.44 19.69 65.31
C ASP C 989 -13.46 19.55 64.18
N LEU C 990 -13.89 20.70 63.64
CA LEU C 990 -14.92 20.74 62.62
C LEU C 990 -14.29 20.98 61.26
N ILE C 991 -14.57 20.10 60.30
CA ILE C 991 -14.08 20.22 58.93
C ILE C 991 -15.20 20.73 58.06
N VAL C 992 -14.94 21.81 57.32
CA VAL C 992 -15.92 22.43 56.43
C VAL C 992 -15.32 22.47 55.02
N ARG C 993 -16.03 21.87 54.06
CA ARG C 993 -15.60 21.84 52.68
C ARG C 993 -16.58 22.66 51.84
N ALA C 994 -16.06 23.65 51.13
CA ALA C 994 -16.87 24.54 50.31
C ALA C 994 -16.23 24.69 48.94
N TYR C 995 -16.99 25.25 48.00
CA TYR C 995 -16.50 25.44 46.64
C TYR C 995 -17.30 26.55 45.97
N GLU C 996 -16.74 27.06 44.88
CA GLU C 996 -17.41 28.08 44.06
C GLU C 996 -18.14 27.41 42.91
N ALA C 997 -19.43 27.69 42.79
CA ALA C 997 -20.28 26.98 41.84
C ALA C 997 -20.61 27.79 40.59
N ALA C 998 -20.70 29.11 40.70
CA ALA C 998 -21.09 29.92 39.55
C ALA C 998 -20.06 29.82 38.43
N GLY C 999 -18.77 29.87 38.77
CA GLY C 999 -17.72 29.82 37.78
C GLY C 999 -16.87 31.08 37.67
N GLY C 1000 -17.08 32.09 38.50
CA GLY C 1000 -16.26 33.28 38.48
C GLY C 1000 -15.65 33.60 39.82
N GLN C 1001 -15.06 34.78 39.96
CA GLN C 1001 -14.50 35.19 41.24
C GLN C 1001 -15.61 35.48 42.23
N ALA C 1002 -15.41 35.07 43.48
CA ALA C 1002 -16.40 35.26 44.53
C ALA C 1002 -15.71 35.66 45.82
N ASP C 1003 -16.43 36.42 46.64
CA ASP C 1003 -15.95 36.83 47.96
C ASP C 1003 -16.97 36.43 49.01
N ALA C 1004 -16.49 35.89 50.13
CA ALA C 1004 -17.37 35.40 51.17
C ALA C 1004 -16.78 35.70 52.55
N MET C 1005 -17.65 35.68 53.56
CA MET C 1005 -17.24 35.85 54.94
C MET C 1005 -17.90 34.76 55.78
N LEU C 1006 -17.10 34.14 56.64
CA LEU C 1006 -17.52 32.95 57.38
C LEU C 1006 -18.16 33.33 58.72
N HIS C 1007 -19.26 32.65 59.04
CA HIS C 1007 -19.96 32.82 60.30
C HIS C 1007 -20.09 31.47 61.00
N VAL C 1008 -20.10 31.51 62.33
CA VAL C 1008 -20.13 30.30 63.13
C VAL C 1008 -21.21 30.43 64.21
N CYS C 1009 -21.59 29.29 64.78
CA CYS C 1009 -22.59 29.24 65.83
C CYS C 1009 -22.07 29.97 67.07
N PRO C 1010 -22.97 30.59 67.84
CA PRO C 1010 -22.53 31.25 69.09
C PRO C 1010 -21.79 30.33 70.04
N ALA C 1011 -22.07 29.02 70.00
CA ALA C 1011 -21.32 28.08 70.83
C ALA C 1011 -19.84 28.08 70.47
N LEU C 1012 -19.53 28.22 69.19
CA LEU C 1012 -18.14 28.27 68.72
C LEU C 1012 -17.58 29.69 68.84
N ALA C 1013 -17.56 30.19 70.08
CA ALA C 1013 -17.06 31.52 70.37
C ALA C 1013 -15.56 31.45 70.65
N GLY C 1014 -14.80 32.28 69.96
CA GLY C 1014 -13.36 32.29 70.11
C GLY C 1014 -12.63 31.18 69.38
N ALA C 1015 -13.33 30.36 68.60
CA ALA C 1015 -12.70 29.27 67.87
C ALA C 1015 -11.81 29.82 66.77
N SER C 1016 -10.78 29.05 66.43
CA SER C 1016 -9.84 29.41 65.38
C SER C 1016 -10.09 28.57 64.14
N VAL C 1017 -9.78 29.15 62.98
CA VAL C 1017 -9.96 28.48 61.69
C VAL C 1017 -8.65 28.55 60.92
N HIS C 1018 -8.30 27.43 60.28
CA HIS C 1018 -7.10 27.40 59.45
C HIS C 1018 -7.32 26.45 58.28
N GLU C 1019 -6.54 26.65 57.22
CA GLU C 1019 -6.73 25.91 55.99
C GLU C 1019 -5.95 24.61 55.99
N THR C 1020 -6.61 23.54 55.56
CA THR C 1020 -5.96 22.24 55.38
C THR C 1020 -6.19 21.75 53.95
N ASN C 1021 -5.80 20.51 53.67
CA ASN C 1021 -6.06 19.90 52.38
C ASN C 1021 -7.31 19.03 52.48
N VAL C 1022 -7.60 18.28 51.41
CA VAL C 1022 -8.80 17.45 51.41
C VAL C 1022 -8.67 16.31 52.42
N LEU C 1023 -7.45 15.88 52.71
CA LEU C 1023 -7.20 14.81 53.66
C LEU C 1023 -6.97 15.33 55.07
N GLU C 1024 -7.12 16.64 55.29
CA GLU C 1024 -6.89 17.26 56.60
C GLU C 1024 -5.46 17.06 57.08
N GLY C 1025 -4.52 16.94 56.15
CA GLY C 1025 -3.13 16.69 56.48
C GLY C 1025 -2.30 17.91 56.81
N ASP C 1026 -2.88 19.11 56.72
CA ASP C 1026 -2.26 20.39 57.02
C ASP C 1026 -1.11 20.73 56.07
N ASP C 1027 -0.82 19.89 55.08
CA ASP C 1027 0.23 20.14 54.10
C ASP C 1027 -0.41 20.30 52.72
N LEU C 1028 -0.11 21.42 52.06
CA LEU C 1028 -0.67 21.71 50.76
C LEU C 1028 0.41 22.29 49.85
N ALA C 1029 0.26 22.02 48.55
CA ALA C 1029 1.25 22.48 47.58
C ALA C 1029 1.23 23.99 47.44
N ALA C 1030 2.41 24.56 47.18
CA ALA C 1030 2.52 26.00 47.05
C ALA C 1030 1.92 26.50 45.75
N ASP C 1031 1.86 25.65 44.72
CA ASP C 1031 1.30 26.07 43.43
C ASP C 1031 -0.17 26.41 43.55
N LEU C 1032 -0.93 25.62 44.29
CA LEU C 1032 -2.37 25.83 44.38
C LEU C 1032 -2.69 27.07 45.20
N PRO C 1033 -3.68 27.86 44.79
CA PRO C 1033 -4.11 28.99 45.62
C PRO C 1033 -4.79 28.51 46.89
N VAL C 1034 -4.76 29.35 47.91
CA VAL C 1034 -5.26 28.99 49.23
C VAL C 1034 -6.69 29.45 49.44
N ALA C 1035 -7.04 30.64 48.97
CA ALA C 1035 -8.35 31.27 49.14
C ALA C 1035 -8.66 31.62 50.59
N LEU C 1036 -7.70 31.48 51.51
CA LEU C 1036 -7.84 31.94 52.90
C LEU C 1036 -6.56 32.68 53.24
N GLN C 1037 -6.55 33.99 53.05
CA GLN C 1037 -5.37 34.78 53.28
C GLN C 1037 -5.15 35.01 54.78
N ASP C 1038 -3.95 35.48 55.10
CA ASP C 1038 -3.47 35.77 56.46
C ASP C 1038 -3.34 34.51 57.31
N GLY C 1039 -3.45 33.32 56.72
CA GLY C 1039 -3.26 32.10 57.49
C GLY C 1039 -4.33 31.93 58.55
N ARG C 1040 -3.89 31.49 59.73
CA ARG C 1040 -4.82 31.26 60.83
C ARG C 1040 -5.47 32.56 61.29
N GLN C 1041 -6.78 32.49 61.54
CA GLN C 1041 -7.56 33.64 61.95
C GLN C 1041 -8.54 33.19 63.03
N ASN C 1042 -9.50 34.04 63.33
CA ASN C 1042 -10.64 33.66 64.16
C ASN C 1042 -11.75 33.11 63.29
N ALA C 1043 -12.57 32.23 63.87
CA ALA C 1043 -13.64 31.61 63.10
C ALA C 1043 -14.66 32.64 62.63
N GLU C 1044 -15.01 33.59 63.49
CA GLU C 1044 -16.00 34.59 63.16
C GLU C 1044 -15.35 35.75 62.40
N GLY C 1045 -15.93 36.11 61.25
CA GLY C 1045 -15.43 37.22 60.47
C GLY C 1045 -14.31 36.90 59.52
N ALA C 1046 -13.96 35.63 59.34
CA ALA C 1046 -12.92 35.26 58.40
C ALA C 1046 -13.34 35.57 56.97
N THR C 1047 -12.41 36.07 56.17
CA THR C 1047 -12.67 36.45 54.79
C THR C 1047 -12.09 35.41 53.84
N LEU C 1048 -12.85 35.06 52.80
CA LEU C 1048 -12.45 34.06 51.83
C LEU C 1048 -12.62 34.64 50.42
N HIS C 1049 -11.63 34.38 49.56
CA HIS C 1049 -11.66 34.82 48.17
C HIS C 1049 -11.58 33.59 47.29
N PHE C 1050 -12.73 33.15 46.77
CA PHE C 1050 -12.81 31.94 45.96
C PHE C 1050 -12.60 32.29 44.50
N GLY C 1051 -11.72 31.54 43.83
CA GLY C 1051 -11.61 31.60 42.40
C GLY C 1051 -12.63 30.69 41.75
N PRO C 1052 -12.56 30.53 40.43
CA PRO C 1052 -13.50 29.63 39.75
C PRO C 1052 -13.32 28.17 40.18
N PHE C 1053 -14.33 27.63 40.88
CA PHE C 1053 -14.29 26.26 41.38
C PHE C 1053 -13.08 26.02 42.28
N GLN C 1054 -13.02 26.79 43.36
CA GLN C 1054 -11.83 26.79 44.21
C GLN C 1054 -11.72 25.51 45.05
N LEU C 1055 -12.82 25.06 45.64
CA LEU C 1055 -12.84 23.87 46.49
C LEU C 1055 -11.89 24.02 47.68
N ALA C 1056 -12.26 24.94 48.57
CA ALA C 1056 -11.51 25.17 49.80
C ALA C 1056 -11.96 24.24 50.91
N THR C 1057 -11.04 23.95 51.83
CA THR C 1057 -11.30 23.11 53.00
C THR C 1057 -10.74 23.82 54.22
N LEU C 1058 -11.55 23.92 55.28
CA LEU C 1058 -11.17 24.63 56.49
C LEU C 1058 -11.36 23.74 57.70
N ARG C 1059 -10.53 23.95 58.71
CA ARG C 1059 -10.59 23.24 59.98
C ARG C 1059 -10.77 24.25 61.10
N ILE C 1060 -11.76 24.01 61.94
CA ILE C 1060 -12.12 24.90 63.04
C ILE C 1060 -11.87 24.16 64.35
N THR C 1061 -11.08 24.78 65.23
CA THR C 1061 -10.75 24.23 66.54
C THR C 1061 -11.32 25.15 67.61
N ARG C 1062 -12.00 24.56 68.59
CA ARG C 1062 -12.58 25.32 69.69
C ARG C 1062 -11.51 25.90 70.59
N PHE D 25 4.11 -10.99 -21.31
CA PHE D 25 4.48 -10.92 -22.72
C PHE D 25 4.13 -9.56 -23.29
N LEU D 26 3.15 -8.89 -22.70
CA LEU D 26 2.74 -7.55 -23.09
C LEU D 26 3.05 -6.59 -21.97
N LYS D 27 3.78 -5.52 -22.29
CA LYS D 27 4.18 -4.54 -21.29
C LYS D 27 3.41 -3.25 -21.51
N PRO D 28 2.41 -2.94 -20.68
CA PRO D 28 1.64 -1.70 -20.89
C PRO D 28 2.46 -0.43 -20.79
N GLU D 29 3.51 -0.41 -19.96
CA GLU D 29 4.31 0.81 -19.81
C GLU D 29 5.04 1.15 -21.11
N GLN D 30 5.57 0.15 -21.80
CA GLN D 30 6.19 0.39 -23.09
C GLN D 30 5.16 0.92 -24.08
N GLN D 31 3.94 0.40 -24.03
CA GLN D 31 2.88 0.91 -24.90
C GLN D 31 2.56 2.37 -24.60
N LEU D 32 2.53 2.73 -23.31
CA LEU D 32 2.29 4.13 -22.95
C LEU D 32 3.39 5.04 -23.45
N GLU D 33 4.65 4.63 -23.28
CA GLU D 33 5.77 5.43 -23.76
C GLU D 33 5.72 5.59 -25.28
N ARG D 34 5.44 4.49 -25.98
CA ARG D 34 5.35 4.55 -27.44
C ARG D 34 4.20 5.45 -27.88
N CYS D 35 3.06 5.39 -27.19
CA CYS D 35 1.93 6.24 -27.52
C CYS D 35 2.28 7.71 -27.32
N ARG D 36 2.96 8.04 -26.21
CA ARG D 36 3.33 9.43 -25.98
C ARG D 36 4.29 9.93 -27.04
N ARG D 37 5.28 9.12 -27.40
CA ARG D 37 6.22 9.52 -28.44
C ARG D 37 5.52 9.71 -29.78
N ILE D 38 4.61 8.79 -30.13
CA ILE D 38 3.91 8.88 -31.40
C ILE D 38 3.03 10.12 -31.45
N VAL D 39 2.32 10.41 -30.35
CA VAL D 39 1.49 11.62 -30.31
C VAL D 39 2.36 12.86 -30.44
N ARG D 40 3.50 12.89 -29.75
CA ARG D 40 4.37 14.06 -29.79
C ARG D 40 4.93 14.30 -31.19
N GLN D 41 5.33 13.23 -31.88
CA GLN D 41 6.13 13.38 -33.09
C GLN D 41 5.34 13.25 -34.39
N ARG D 42 4.41 12.29 -34.48
CA ARG D 42 3.82 11.93 -35.76
C ARG D 42 2.34 12.28 -35.89
N VAL D 43 1.67 12.68 -34.81
CA VAL D 43 0.24 12.96 -34.84
C VAL D 43 -0.06 14.44 -34.68
N ASP D 44 0.47 15.05 -33.61
CA ASP D 44 0.22 16.47 -33.38
C ASP D 44 0.70 17.38 -34.50
N PRO D 45 1.87 17.21 -35.10
CA PRO D 45 2.27 18.11 -36.20
C PRO D 45 1.30 18.10 -37.37
N HIS D 46 0.65 16.96 -37.64
CA HIS D 46 -0.28 16.91 -38.75
C HIS D 46 -1.56 17.69 -38.49
N ILE D 47 -1.82 18.07 -37.25
CA ILE D 47 -2.92 18.99 -36.94
C ILE D 47 -2.46 20.41 -37.21
N HIS D 48 -3.28 21.17 -37.94
CA HIS D 48 -2.97 22.52 -38.38
C HIS D 48 -1.68 22.57 -39.19
N PRO D 49 -1.62 21.93 -40.37
CA PRO D 49 -0.43 22.07 -41.22
C PRO D 49 -0.44 23.41 -41.94
N SER D 50 0.65 24.15 -41.79
CA SER D 50 0.73 25.48 -42.38
C SER D 50 0.72 25.41 -43.91
N ILE D 51 -0.02 26.32 -44.53
CA ILE D 51 -0.08 26.38 -45.98
C ILE D 51 0.35 27.74 -46.53
N ALA D 52 0.38 28.79 -45.72
CA ALA D 52 0.78 30.10 -46.22
C ALA D 52 1.43 30.90 -45.11
N GLN D 53 2.36 31.79 -45.50
CA GLN D 53 3.06 32.67 -44.58
C GLN D 53 2.44 34.06 -44.62
N LEU D 54 2.44 34.74 -43.48
CA LEU D 54 1.85 36.05 -43.34
C LEU D 54 2.91 37.13 -43.22
N THR D 55 2.57 38.33 -43.66
CA THR D 55 3.43 39.50 -43.52
C THR D 55 2.93 40.38 -42.38
N VAL D 56 3.84 40.89 -41.57
CA VAL D 56 3.51 41.54 -40.31
C VAL D 56 4.05 42.96 -40.30
N GLU D 57 3.21 43.91 -39.91
CA GLU D 57 3.63 45.27 -39.60
C GLU D 57 3.19 45.62 -38.19
N SER D 58 3.96 46.47 -37.52
CA SER D 58 3.77 46.73 -36.10
C SER D 58 3.65 48.21 -35.82
N TYR D 59 2.90 48.53 -34.77
CA TYR D 59 2.80 49.88 -34.22
C TYR D 59 2.77 49.76 -32.70
N ASP D 60 3.71 50.42 -32.03
CA ASP D 60 3.92 50.22 -30.60
C ASP D 60 3.35 51.39 -29.80
N ILE D 61 2.81 51.06 -28.63
CA ILE D 61 2.30 52.03 -27.66
C ILE D 61 2.92 51.73 -26.31
N PRO D 62 4.03 52.38 -25.95
CA PRO D 62 4.66 52.09 -24.66
C PRO D 62 3.82 52.50 -23.46
N GLY D 63 2.87 53.40 -23.62
CA GLY D 63 2.13 53.97 -22.50
C GLY D 63 0.82 53.26 -22.24
N GLU D 64 -0.21 54.05 -21.94
CA GLU D 64 -1.50 53.51 -21.58
C GLU D 64 -2.17 52.86 -22.78
N PRO D 65 -3.09 51.91 -22.56
CA PRO D 65 -3.75 51.25 -23.69
C PRO D 65 -4.61 52.22 -24.47
N MET D 66 -4.75 51.92 -25.76
CA MET D 66 -5.36 52.82 -26.72
C MET D 66 -6.75 52.32 -27.07
N PRO D 67 -7.81 53.09 -26.81
CA PRO D 67 -9.18 52.59 -27.07
C PRO D 67 -9.37 52.24 -28.54
N SER D 68 -10.14 51.17 -28.78
CA SER D 68 -10.26 50.61 -30.12
C SER D 68 -11.01 51.54 -31.06
N ASP D 69 -12.04 52.22 -30.57
CA ASP D 69 -12.87 53.05 -31.45
C ASP D 69 -12.07 54.17 -32.09
N GLU D 70 -11.38 54.96 -31.26
CA GLU D 70 -10.61 56.09 -31.80
C GLU D 70 -9.35 55.61 -32.51
N PHE D 71 -8.80 54.46 -32.10
CA PHE D 71 -7.71 53.86 -32.86
C PHE D 71 -8.14 53.57 -34.28
N PHE D 72 -9.28 52.90 -34.46
CA PHE D 72 -9.77 52.60 -35.79
C PHE D 72 -10.17 53.87 -36.54
N ALA D 73 -10.67 54.87 -35.82
CA ALA D 73 -11.02 56.14 -36.46
C ALA D 73 -9.79 56.76 -37.11
N LYS D 74 -8.71 56.93 -36.35
CA LYS D 74 -7.51 57.50 -36.96
C LYS D 74 -6.90 56.53 -37.99
N LEU D 75 -7.05 55.23 -37.77
CA LEU D 75 -6.51 54.26 -38.71
C LEU D 75 -7.14 54.41 -40.09
N ASP D 76 -8.46 54.56 -40.15
CA ASP D 76 -9.09 54.84 -41.43
C ASP D 76 -8.90 56.29 -41.85
N ARG D 77 -8.44 57.16 -40.95
CA ARG D 77 -7.97 58.49 -41.32
C ARG D 77 -6.46 58.54 -41.51
N GLY D 78 -5.74 57.45 -41.23
CA GLY D 78 -4.30 57.42 -41.42
C GLY D 78 -3.51 57.45 -40.13
N ASP D 79 -2.53 58.34 -40.05
CA ASP D 79 -1.84 58.72 -38.81
C ASP D 79 -1.08 57.56 -38.16
N ILE D 80 -1.03 56.39 -38.79
CA ILE D 80 -0.34 55.23 -38.22
C ILE D 80 0.66 54.72 -39.25
N ASP D 81 1.86 54.38 -38.80
CA ASP D 81 2.95 54.01 -39.69
C ASP D 81 2.95 52.52 -40.05
N PHE D 82 2.81 51.65 -39.04
CA PHE D 82 2.91 50.20 -39.24
C PHE D 82 4.26 49.81 -39.86
N LYS D 83 5.30 50.04 -39.09
CA LYS D 83 6.64 49.71 -39.55
C LYS D 83 6.78 48.20 -39.73
N PRO D 84 7.49 47.74 -40.76
CA PRO D 84 7.56 46.30 -41.03
C PRO D 84 8.20 45.54 -39.87
N PHE D 85 7.76 44.30 -39.68
CA PHE D 85 8.22 43.47 -38.58
C PHE D 85 8.64 42.11 -39.12
N MET D 86 9.78 41.60 -38.64
CA MET D 86 10.31 40.32 -39.07
C MET D 86 10.04 39.26 -38.01
N LEU D 87 9.77 38.03 -38.47
CA LEU D 87 9.48 36.94 -37.56
C LEU D 87 10.68 36.64 -36.68
N GLY D 88 10.42 36.37 -35.41
CA GLY D 88 11.47 36.07 -34.46
C GLY D 88 12.06 37.25 -33.74
N SER D 89 11.49 38.44 -33.90
CA SER D 89 12.00 39.63 -33.24
C SER D 89 11.25 39.90 -31.93
N GLU D 90 11.78 40.83 -31.15
CA GLU D 90 11.19 41.22 -29.87
C GLU D 90 10.35 42.47 -30.07
N TRP D 91 9.18 42.48 -29.44
CA TRP D 91 8.19 43.52 -29.73
C TRP D 91 7.70 44.29 -28.51
N GLY D 92 7.48 43.61 -27.39
CA GLY D 92 6.74 44.18 -26.28
C GLY D 92 7.59 44.81 -25.20
N THR D 93 7.01 45.82 -24.54
CA THR D 93 7.57 46.42 -23.34
C THR D 93 6.90 45.82 -22.11
N THR D 94 7.15 46.41 -20.94
CA THR D 94 6.67 45.83 -19.69
C THR D 94 5.14 45.88 -19.61
N TRP D 95 4.53 46.97 -20.06
CA TRP D 95 3.08 47.08 -20.00
C TRP D 95 2.48 47.69 -21.26
N GLY D 96 3.27 47.84 -22.32
CA GLY D 96 2.78 48.47 -23.53
C GLY D 96 1.91 47.55 -24.37
N THR D 97 1.37 48.12 -25.43
CA THR D 97 0.50 47.41 -26.37
C THR D 97 1.12 47.46 -27.75
N VAL D 98 0.90 46.43 -28.55
CA VAL D 98 1.38 46.41 -29.93
C VAL D 98 0.21 46.07 -30.85
N TRP D 99 0.02 46.89 -31.86
CA TRP D 99 -0.97 46.63 -32.90
C TRP D 99 -0.25 46.07 -34.12
N PHE D 100 -0.61 44.84 -34.50
CA PHE D 100 -0.02 44.15 -35.63
C PHE D 100 -1.02 44.10 -36.77
N ARG D 101 -0.61 44.58 -37.94
CA ARG D 101 -1.35 44.38 -39.18
C ARG D 101 -0.78 43.16 -39.87
N LEU D 102 -1.63 42.15 -40.06
CA LEU D 102 -1.25 40.90 -40.69
C LEU D 102 -1.89 40.83 -42.07
N THR D 103 -1.06 40.80 -43.11
CA THR D 103 -1.52 40.72 -44.49
C THR D 103 -1.11 39.39 -45.09
N GLY D 104 -2.03 38.72 -45.75
CA GLY D 104 -1.76 37.42 -46.34
C GLY D 104 -2.58 37.19 -47.58
N THR D 105 -2.35 36.04 -48.20
CA THR D 105 -3.11 35.64 -49.37
C THR D 105 -3.33 34.13 -49.32
N VAL D 106 -4.43 33.68 -49.90
CA VAL D 106 -4.76 32.26 -49.92
C VAL D 106 -4.29 31.67 -51.24
N PRO D 107 -3.96 30.38 -51.30
CA PRO D 107 -3.58 29.76 -52.57
C PRO D 107 -4.78 29.64 -53.50
N ALA D 108 -4.50 29.22 -54.74
CA ALA D 108 -5.52 29.14 -55.78
C ALA D 108 -6.36 27.89 -55.56
N GLY D 109 -7.61 28.08 -55.13
CA GLY D 109 -8.54 26.98 -54.96
C GLY D 109 -8.09 25.94 -53.95
N TYR D 110 -7.49 26.38 -52.85
CA TYR D 110 -6.99 25.46 -51.85
C TYR D 110 -8.06 24.92 -50.90
N PRO D 111 -9.03 25.73 -50.42
CA PRO D 111 -9.95 25.20 -49.40
C PRO D 111 -10.85 24.09 -49.91
N LYS D 112 -10.28 22.89 -50.03
CA LYS D 112 -11.01 21.72 -50.53
C LYS D 112 -11.64 20.97 -49.37
N GLY D 113 -12.74 21.53 -48.87
CA GLY D 113 -13.51 20.87 -47.84
C GLY D 113 -12.86 20.84 -46.47
N LYS D 114 -12.00 21.80 -46.15
CA LYS D 114 -11.40 21.87 -44.83
C LYS D 114 -11.50 23.29 -44.30
N PRO D 115 -11.59 23.44 -42.97
CA PRO D 115 -11.85 24.77 -42.39
C PRO D 115 -10.81 25.82 -42.74
N LEU D 116 -9.52 25.45 -42.84
CA LEU D 116 -8.46 26.40 -43.19
C LEU D 116 -8.39 27.53 -42.16
N GLU D 117 -7.97 27.15 -40.96
CA GLU D 117 -7.87 28.07 -39.82
C GLU D 117 -6.64 28.97 -39.97
N LEU D 118 -6.29 29.66 -38.89
CA LEU D 118 -5.14 30.57 -38.88
C LEU D 118 -4.45 30.47 -37.53
N ILE D 119 -3.12 30.36 -37.55
CA ILE D 119 -2.33 30.11 -36.35
C ILE D 119 -1.44 31.33 -36.09
N LEU D 120 -1.45 31.81 -34.85
CA LEU D 120 -0.59 32.91 -34.42
C LEU D 120 0.14 32.49 -33.16
N ASP D 121 1.43 32.82 -33.08
CA ASP D 121 2.22 32.58 -31.88
C ASP D 121 2.85 33.89 -31.45
N LEU D 122 2.85 34.12 -30.13
CA LEU D 122 3.43 35.33 -29.56
C LEU D 122 4.59 35.04 -28.62
N GLY D 123 5.05 33.79 -28.57
CA GLY D 123 6.10 33.42 -27.65
C GLY D 123 5.56 32.87 -26.35
N TRP D 124 4.60 31.97 -26.45
CA TRP D 124 3.97 31.41 -25.27
C TRP D 124 4.95 30.55 -24.48
N TYR D 125 4.93 30.70 -23.17
CA TYR D 125 5.68 29.81 -22.29
C TYR D 125 4.87 28.53 -22.08
N PRO D 126 5.43 27.35 -22.40
CA PRO D 126 4.62 26.12 -22.30
C PRO D 126 4.09 25.85 -20.90
N HIS D 127 4.87 26.11 -19.86
CA HIS D 127 4.43 25.89 -18.48
C HIS D 127 3.88 27.17 -17.86
N SER D 128 2.93 27.81 -18.53
CA SER D 128 2.30 29.02 -18.03
C SER D 128 1.06 29.31 -18.86
N CYS D 129 0.08 29.95 -18.24
CA CYS D 129 -1.16 30.34 -18.91
C CYS D 129 -1.90 31.33 -18.04
N GLY D 130 -2.46 32.37 -18.67
CA GLY D 130 -3.27 33.33 -17.97
C GLY D 130 -2.54 34.29 -17.07
N GLY D 131 -1.21 34.36 -17.17
CA GLY D 131 -0.45 35.25 -16.32
C GLY D 131 0.56 36.10 -17.06
N HIS D 132 0.55 36.02 -18.38
CA HIS D 132 1.49 36.75 -19.20
C HIS D 132 0.76 37.26 -20.44
N ILE D 133 1.54 37.61 -21.48
CA ILE D 133 1.06 38.28 -22.69
C ILE D 133 -0.14 37.58 -23.29
N GLU D 134 -1.01 38.35 -23.92
CA GLU D 134 -2.17 37.81 -24.64
C GLU D 134 -2.52 38.77 -25.77
N GLY D 135 -3.63 38.51 -26.45
CA GLY D 135 -4.00 39.37 -27.56
C GLY D 135 -5.40 39.07 -28.05
N LEU D 136 -5.90 39.98 -28.89
CA LEU D 136 -7.21 39.90 -29.49
C LEU D 136 -7.11 40.22 -30.98
N VAL D 137 -8.01 39.65 -31.77
CA VAL D 137 -7.97 39.78 -33.22
C VAL D 137 -9.18 40.58 -33.68
N TYR D 138 -8.95 41.55 -34.56
CA TYR D 138 -9.97 42.44 -35.09
C TYR D 138 -10.00 42.39 -36.61
N ARG D 139 -11.18 42.61 -37.16
CA ARG D 139 -11.37 42.78 -38.60
C ARG D 139 -11.01 44.21 -38.99
N ALA D 140 -11.09 44.49 -40.30
CA ALA D 140 -10.89 45.85 -40.76
C ALA D 140 -12.03 46.76 -40.32
N ASP D 141 -13.24 46.21 -40.19
CA ASP D 141 -14.37 47.00 -39.71
C ASP D 141 -14.15 47.48 -38.28
N GLY D 142 -13.66 46.60 -37.41
CA GLY D 142 -13.42 46.97 -36.02
C GLY D 142 -14.13 46.06 -35.05
N THR D 143 -14.52 44.87 -35.50
CA THR D 143 -15.22 43.89 -34.67
C THR D 143 -14.27 42.75 -34.33
N ALA D 144 -14.21 42.41 -33.04
CA ALA D 144 -13.32 41.35 -32.59
C ALA D 144 -13.79 39.99 -33.08
N ILE D 145 -12.84 39.07 -33.24
CA ILE D 145 -13.11 37.71 -33.71
C ILE D 145 -12.88 36.69 -32.60
N LYS D 146 -11.65 36.61 -32.09
CA LYS D 146 -11.31 35.64 -31.06
C LYS D 146 -9.94 36.01 -30.50
N ALA D 147 -9.77 35.80 -29.19
CA ALA D 147 -8.51 36.08 -28.53
C ALA D 147 -7.54 34.92 -28.74
N VAL D 148 -6.27 35.19 -28.46
CA VAL D 148 -5.21 34.20 -28.55
C VAL D 148 -4.63 33.96 -27.17
N HIS D 149 -4.39 32.69 -26.85
CA HIS D 149 -3.90 32.27 -25.55
C HIS D 149 -2.84 31.20 -25.75
N PRO D 150 -1.99 30.97 -24.74
CA PRO D 150 -0.91 29.97 -24.92
C PRO D 150 -1.41 28.59 -25.29
N LEU D 151 -2.55 28.15 -24.73
CA LEU D 151 -3.12 26.87 -25.08
C LEU D 151 -4.23 26.96 -26.12
N ASN D 152 -4.63 28.18 -26.50
CA ASN D 152 -5.69 28.39 -27.49
C ASN D 152 -5.25 29.57 -28.36
N TYR D 153 -4.54 29.28 -29.44
CA TYR D 153 -3.99 30.31 -30.32
C TYR D 153 -4.35 30.04 -31.77
N TRP D 154 -5.57 29.57 -32.02
CA TRP D 154 -6.10 29.42 -33.36
C TRP D 154 -7.29 30.36 -33.55
N VAL D 155 -7.37 30.97 -34.72
CA VAL D 155 -8.41 31.94 -35.04
C VAL D 155 -9.17 31.43 -36.25
N PRO D 156 -10.50 31.34 -36.20
CA PRO D 156 -11.25 30.88 -37.38
C PRO D 156 -11.14 31.89 -38.51
N PHE D 157 -10.84 31.39 -39.70
CA PHE D 157 -10.65 32.22 -40.88
C PHE D 157 -11.69 31.97 -41.96
N MET D 158 -11.87 30.71 -42.36
CA MET D 158 -12.76 30.37 -43.45
C MET D 158 -13.56 29.13 -43.05
N ASP D 159 -14.63 28.87 -43.79
CA ASP D 159 -15.48 27.72 -43.59
C ASP D 159 -15.27 26.75 -44.75
N ALA D 160 -15.78 25.53 -44.61
CA ALA D 160 -15.50 24.47 -45.59
C ALA D 160 -15.95 24.85 -46.99
N GLU D 161 -17.15 25.42 -47.11
CA GLU D 161 -17.66 25.81 -48.42
C GLU D 161 -17.11 27.14 -48.92
N GLY D 162 -16.34 27.86 -48.11
CA GLY D 162 -15.71 29.09 -48.54
C GLY D 162 -16.15 30.34 -47.82
N ASN D 163 -17.04 30.23 -46.84
CA ASN D 163 -17.45 31.41 -46.07
C ASN D 163 -16.32 31.85 -45.15
N ALA D 164 -15.97 33.13 -45.21
CA ALA D 164 -14.83 33.66 -44.47
C ALA D 164 -15.28 34.72 -43.49
N GLN D 165 -14.56 34.81 -42.37
CA GLN D 165 -14.90 35.78 -41.34
C GLN D 165 -14.47 37.20 -41.72
N VAL D 166 -13.58 37.34 -42.69
CA VAL D 166 -13.10 38.64 -43.14
C VAL D 166 -13.30 38.76 -44.65
N PRO D 167 -13.46 39.96 -45.18
CA PRO D 167 -13.57 40.10 -46.64
C PRO D 167 -12.30 39.64 -47.33
N VAL D 168 -12.45 38.94 -48.45
CA VAL D 168 -11.35 38.42 -49.25
C VAL D 168 -11.57 38.82 -50.70
N ALA D 169 -10.50 39.26 -51.36
CA ALA D 169 -10.60 39.75 -52.72
C ALA D 169 -10.50 38.58 -53.72
N GLU D 170 -10.59 38.92 -55.00
CA GLU D 170 -10.44 37.90 -56.04
C GLU D 170 -9.04 37.31 -56.03
N ASP D 171 -8.02 38.14 -55.81
CA ASP D 171 -6.65 37.67 -55.70
C ASP D 171 -6.40 36.88 -54.43
N GLY D 172 -7.34 36.88 -53.47
CA GLY D 172 -7.17 36.19 -52.23
C GLY D 172 -6.51 36.99 -51.13
N SER D 173 -6.15 38.24 -51.39
CA SER D 173 -5.49 39.06 -50.38
C SER D 173 -6.45 39.40 -49.24
N PHE D 174 -5.93 39.38 -48.02
CA PHE D 174 -6.73 39.70 -46.84
C PHE D 174 -5.83 40.36 -45.80
N THR D 175 -6.45 41.14 -44.93
CA THR D 175 -5.75 41.83 -43.85
C THR D 175 -6.55 41.72 -42.55
N LEU D 176 -5.82 41.56 -41.45
CA LEU D 176 -6.41 41.47 -40.12
C LEU D 176 -5.57 42.30 -39.16
N TYR D 177 -6.13 42.59 -37.99
CA TYR D 177 -5.40 43.32 -36.96
C TYR D 177 -5.34 42.50 -35.68
N LEU D 178 -4.27 42.70 -34.92
CA LEU D 178 -4.04 41.96 -33.68
C LEU D 178 -3.54 42.93 -32.63
N GLU D 179 -4.35 43.15 -31.60
CA GLU D 179 -3.94 43.98 -30.46
C GLU D 179 -3.35 43.04 -29.41
N ALA D 180 -2.04 43.13 -29.19
CA ALA D 180 -1.33 42.27 -28.26
C ALA D 180 -0.92 43.07 -27.04
N ALA D 181 -1.26 42.56 -25.85
CA ALA D 181 -0.88 43.15 -24.59
C ALA D 181 0.23 42.32 -23.96
N SER D 182 1.32 43.00 -23.60
CA SER D 182 2.47 42.37 -22.98
C SER D 182 2.46 42.70 -21.49
N ASN D 183 2.21 41.69 -20.66
CA ASN D 183 2.18 41.86 -19.22
C ASN D 183 3.26 41.01 -18.57
N PRO D 184 3.93 41.51 -17.54
CA PRO D 184 4.97 40.72 -16.89
C PRO D 184 4.41 39.51 -16.18
N LEU D 185 5.22 38.45 -16.13
CA LEU D 185 4.85 37.21 -15.44
C LEU D 185 5.30 37.33 -14.00
N LEU D 186 4.39 37.71 -13.11
CA LEU D 186 4.68 37.92 -11.71
C LEU D 186 4.63 36.64 -10.89
N LEU D 187 4.24 35.52 -11.51
CA LEU D 187 4.22 34.21 -10.84
C LEU D 187 4.95 33.21 -11.74
N GLY D 188 6.26 33.14 -11.60
CA GLY D 188 7.06 32.19 -12.35
C GLY D 188 7.13 30.84 -11.67
N VAL D 189 7.96 29.96 -12.23
CA VAL D 189 8.15 28.64 -11.65
C VAL D 189 8.87 28.72 -10.30
N PRO D 190 9.69 29.73 -10.00
CA PRO D 190 9.98 30.02 -8.59
C PRO D 190 8.90 30.91 -8.01
N PRO D 191 8.04 30.37 -7.14
CA PRO D 191 6.90 31.15 -6.68
C PRO D 191 7.28 32.20 -5.65
N PHE D 192 6.55 33.31 -5.69
CA PHE D 192 6.65 34.38 -4.70
C PHE D 192 8.06 34.97 -4.64
N ILE D 193 8.45 35.59 -5.75
CA ILE D 193 9.72 36.29 -5.88
C ILE D 193 9.44 37.79 -5.93
N GLU D 194 10.18 38.56 -5.13
CA GLU D 194 9.99 40.00 -5.10
C GLU D 194 10.31 40.62 -6.45
N THR D 195 9.49 41.58 -6.87
CA THR D 195 9.66 42.24 -8.15
C THR D 195 9.29 43.71 -8.03
N GLU D 196 9.79 44.49 -8.98
CA GLU D 196 9.48 45.92 -9.07
C GLU D 196 8.68 46.26 -10.33
N LEU D 197 8.16 45.25 -11.04
CA LEU D 197 7.44 45.45 -12.28
C LEU D 197 5.93 45.41 -12.09
N GLY D 198 5.44 45.91 -10.97
CA GLY D 198 4.02 45.96 -10.72
C GLY D 198 3.55 47.33 -10.27
N ASP D 199 4.36 48.35 -10.54
CA ASP D 199 4.06 49.71 -10.10
C ASP D 199 3.32 50.51 -11.19
N HIS D 200 3.92 50.61 -12.37
CA HIS D 200 3.35 51.37 -13.47
C HIS D 200 3.99 50.89 -14.76
N ALA D 201 3.68 51.57 -15.86
CA ALA D 201 4.24 51.25 -17.17
C ALA D 201 5.53 52.05 -17.37
N THR D 202 6.64 51.34 -17.54
CA THR D 202 7.94 51.98 -17.66
C THR D 202 8.33 52.27 -19.11
N GLY D 203 7.71 51.60 -20.07
CA GLY D 203 8.07 51.81 -21.46
C GLY D 203 9.42 51.28 -21.86
N LYS D 204 9.93 50.27 -21.16
CA LYS D 204 11.23 49.70 -21.45
C LYS D 204 11.12 48.18 -21.62
N PRO D 205 11.97 47.59 -22.46
CA PRO D 205 11.91 46.13 -22.67
C PRO D 205 12.48 45.36 -21.50
N ASP D 206 11.70 45.20 -20.43
CA ASP D 206 12.18 44.47 -19.26
C ASP D 206 12.37 42.98 -19.58
N GLU D 207 11.44 42.39 -20.33
CA GLU D 207 11.51 40.97 -20.69
C GLU D 207 10.75 40.75 -21.99
N PRO D 208 11.34 41.13 -23.12
CA PRO D 208 10.63 40.99 -24.40
C PRO D 208 10.53 39.55 -24.84
N TYR D 209 9.50 39.29 -25.66
CA TYR D 209 9.21 37.97 -26.18
C TYR D 209 9.29 37.99 -27.70
N VAL D 210 9.48 36.80 -28.29
CA VAL D 210 9.60 36.65 -29.72
C VAL D 210 8.24 36.28 -30.31
N PHE D 211 8.05 36.60 -31.59
CA PHE D 211 6.77 36.38 -32.26
C PHE D 211 6.79 35.06 -33.04
N LYS D 212 7.71 34.94 -34.00
CA LYS D 212 8.22 33.70 -34.60
C LYS D 212 7.20 32.84 -35.34
N SER D 213 5.92 33.22 -35.38
CA SER D 213 4.96 32.40 -36.11
C SER D 213 3.67 33.16 -36.36
N ALA D 214 3.33 33.33 -37.64
CA ALA D 214 2.02 33.82 -38.06
C ALA D 214 1.70 33.17 -39.40
N ASP D 215 0.97 32.05 -39.34
CA ASP D 215 0.74 31.22 -40.50
C ASP D 215 -0.75 31.06 -40.77
N LEU D 216 -1.08 30.80 -42.03
CA LEU D 216 -2.40 30.34 -42.43
C LEU D 216 -2.30 28.85 -42.70
N ALA D 217 -3.16 28.08 -42.03
CA ALA D 217 -3.06 26.62 -42.03
C ALA D 217 -4.41 26.00 -42.28
N GLU D 218 -4.40 24.72 -42.63
CA GLU D 218 -5.60 23.93 -42.82
C GLU D 218 -5.91 23.17 -41.55
N PHE D 219 -7.16 22.75 -41.41
CA PHE D 219 -7.61 22.03 -40.22
C PHE D 219 -8.05 20.63 -40.60
N ASP D 220 -7.52 19.63 -39.90
CA ASP D 220 -7.86 18.23 -40.10
C ASP D 220 -8.43 17.68 -38.80
N GLU D 221 -9.71 17.36 -38.79
CA GLU D 221 -10.37 16.90 -37.57
C GLU D 221 -10.02 15.46 -37.22
N ARG D 222 -9.65 14.65 -38.21
CA ARG D 222 -9.35 13.24 -37.96
C ARG D 222 -8.15 13.09 -37.03
N TYR D 223 -7.09 13.86 -37.29
CA TYR D 223 -5.89 13.77 -36.45
C TYR D 223 -6.16 14.26 -35.04
N GLU D 224 -6.95 15.33 -34.90
CA GLU D 224 -7.30 15.82 -33.57
C GLU D 224 -8.13 14.80 -32.81
N ASN D 225 -9.08 14.16 -33.49
CA ASN D 225 -9.88 13.11 -32.84
C ASN D 225 -9.01 11.95 -32.41
N TYR D 226 -8.06 11.55 -33.25
CA TYR D 226 -7.15 10.47 -32.89
C TYR D 226 -6.30 10.83 -31.69
N SER D 227 -5.80 12.08 -31.66
CA SER D 227 -5.01 12.53 -30.51
C SER D 227 -5.83 12.51 -29.23
N VAL D 228 -7.08 12.99 -29.30
CA VAL D 228 -7.94 13.00 -28.12
C VAL D 228 -8.22 11.58 -27.65
N ASP D 229 -8.49 10.67 -28.59
CA ASP D 229 -8.75 9.28 -28.21
C ASP D 229 -7.54 8.64 -27.55
N LEU D 230 -6.35 8.87 -28.11
CA LEU D 230 -5.13 8.32 -27.52
C LEU D 230 -4.89 8.88 -26.12
N ASP D 231 -5.09 10.19 -25.95
CA ASP D 231 -4.89 10.80 -24.64
C ASP D 231 -5.89 10.25 -23.63
N VAL D 232 -7.15 10.07 -24.03
CA VAL D 232 -8.16 9.54 -23.12
C VAL D 232 -7.82 8.10 -22.73
N VAL D 233 -7.41 7.28 -23.70
CA VAL D 233 -7.06 5.89 -23.39
C VAL D 233 -5.88 5.84 -22.44
N SER D 234 -4.85 6.64 -22.69
CA SER D 234 -3.68 6.65 -21.81
C SER D 234 -4.04 7.10 -20.39
N SER D 235 -4.84 8.16 -20.28
CA SER D 235 -5.22 8.66 -18.96
C SER D 235 -6.10 7.65 -18.23
N LEU D 236 -6.97 6.94 -18.96
CA LEU D 236 -7.75 5.88 -18.35
C LEU D 236 -6.86 4.76 -17.84
N MET D 237 -5.84 4.39 -18.62
CA MET D 237 -4.90 3.36 -18.18
C MET D 237 -4.13 3.81 -16.95
N GLU D 238 -3.87 5.11 -16.81
CA GLU D 238 -3.12 5.60 -15.65
C GLU D 238 -3.83 5.29 -14.34
N PHE D 239 -5.17 5.16 -14.36
CA PHE D 239 -5.95 4.86 -13.17
C PHE D 239 -6.93 3.73 -13.44
N ALA D 240 -6.47 2.68 -14.10
CA ALA D 240 -7.33 1.60 -14.55
C ALA D 240 -7.37 0.42 -13.59
N ASP D 241 -6.81 0.57 -12.39
CA ASP D 241 -6.84 -0.48 -11.37
C ASP D 241 -6.20 -1.77 -11.90
N LYS D 242 -4.87 -1.68 -12.07
CA LYS D 242 -4.06 -2.77 -12.61
C LYS D 242 -4.41 -4.12 -11.99
N GLN D 243 -4.23 -5.20 -12.76
CA GLN D 243 -4.70 -6.54 -12.44
C GLN D 243 -6.21 -6.67 -12.59
N SER D 244 -6.78 -5.92 -13.52
CA SER D 244 -8.19 -6.00 -13.86
C SER D 244 -8.34 -6.14 -15.36
N PRO D 245 -9.42 -6.77 -15.84
CA PRO D 245 -9.59 -6.95 -17.29
C PRO D 245 -9.61 -5.64 -18.07
N ARG D 246 -10.14 -4.57 -17.48
CA ARG D 246 -10.22 -3.29 -18.19
C ARG D 246 -8.83 -2.76 -18.54
N TYR D 247 -7.90 -2.84 -17.59
CA TYR D 247 -6.55 -2.32 -17.82
C TYR D 247 -5.87 -3.05 -18.98
N TRP D 248 -5.96 -4.38 -18.99
CA TRP D 248 -5.30 -5.15 -20.02
C TRP D 248 -5.99 -4.99 -21.38
N GLN D 249 -7.32 -4.88 -21.38
CA GLN D 249 -8.02 -4.63 -22.64
C GLN D 249 -7.65 -3.26 -23.21
N LEU D 250 -7.54 -2.24 -22.35
CA LEU D 250 -7.11 -0.94 -22.82
C LEU D 250 -5.69 -0.98 -23.37
N ALA D 251 -4.80 -1.71 -22.69
CA ALA D 251 -3.43 -1.83 -23.16
C ALA D 251 -3.37 -2.51 -24.52
N LYS D 252 -4.13 -3.59 -24.70
CA LYS D 252 -4.13 -4.29 -25.98
C LYS D 252 -4.71 -3.42 -27.09
N ALA D 253 -5.78 -2.68 -26.78
CA ALA D 253 -6.35 -1.78 -27.78
C ALA D 253 -5.36 -0.69 -28.18
N LEU D 254 -4.65 -0.12 -27.20
CA LEU D 254 -3.66 0.90 -27.49
C LEU D 254 -2.54 0.34 -28.37
N GLN D 255 -2.06 -0.86 -28.05
CA GLN D 255 -1.00 -1.47 -28.84
C GLN D 255 -1.45 -1.72 -30.27
N ARG D 256 -2.66 -2.25 -30.44
CA ARG D 256 -3.16 -2.52 -31.79
C ARG D 256 -3.36 -1.24 -32.58
N SER D 257 -3.88 -0.19 -31.93
CA SER D 257 -4.07 1.08 -32.61
C SER D 257 -2.74 1.68 -33.03
N LEU D 258 -1.73 1.61 -32.17
CA LEU D 258 -0.42 2.14 -32.53
C LEU D 258 0.21 1.32 -33.66
N ASN D 259 0.00 0.01 -33.66
CA ASN D 259 0.54 -0.83 -34.73
C ASN D 259 -0.15 -0.57 -36.06
N ALA D 260 -1.45 -0.27 -36.04
CA ALA D 260 -2.20 -0.10 -37.28
C ALA D 260 -2.02 1.27 -37.91
N TYR D 261 -1.35 2.21 -37.24
CA TYR D 261 -1.21 3.56 -37.74
C TYR D 261 0.09 3.71 -38.51
N ASP D 262 -0.01 4.19 -39.75
CA ASP D 262 1.14 4.44 -40.61
C ASP D 262 1.18 5.93 -40.95
N GLU D 263 2.32 6.57 -40.70
CA GLU D 263 2.44 7.99 -40.97
C GLU D 263 2.52 8.27 -42.47
N ARG D 264 3.09 7.35 -43.25
CA ARG D 264 3.23 7.56 -44.68
C ARG D 264 1.88 7.54 -45.39
N ASN D 265 0.94 6.75 -44.89
CA ASN D 265 -0.38 6.67 -45.50
C ASN D 265 -1.37 7.50 -44.70
N PRO D 266 -1.83 8.64 -45.22
CA PRO D 266 -2.74 9.49 -44.43
C PRO D 266 -4.04 8.81 -44.04
N GLU D 267 -4.56 7.91 -44.88
CA GLU D 267 -5.84 7.29 -44.60
C GLU D 267 -5.79 6.30 -43.44
N SER D 268 -4.60 5.78 -43.11
CA SER D 268 -4.49 4.78 -42.05
C SER D 268 -4.95 5.34 -40.71
N VAL D 269 -4.88 6.66 -40.52
CA VAL D 269 -5.30 7.26 -39.26
C VAL D 269 -6.78 6.99 -39.02
N GLU D 270 -7.56 6.75 -40.08
CA GLU D 270 -8.94 6.35 -39.90
C GLU D 270 -9.01 4.95 -39.31
N ALA D 271 -8.27 4.00 -39.89
CA ALA D 271 -8.34 2.61 -39.45
C ALA D 271 -7.89 2.47 -38.01
N ALA D 272 -6.83 3.19 -37.62
CA ALA D 272 -6.41 3.18 -36.23
C ALA D 272 -7.52 3.65 -35.31
N ARG D 273 -8.26 4.68 -35.74
CA ARG D 273 -9.38 5.16 -34.93
C ARG D 273 -10.44 4.07 -34.75
N ALA D 274 -10.54 3.14 -35.70
CA ALA D 274 -11.51 2.06 -35.58
C ALA D 274 -11.08 1.02 -34.55
N VAL D 275 -9.81 1.03 -34.14
CA VAL D 275 -9.36 0.04 -33.17
C VAL D 275 -9.76 0.46 -31.75
N LEU D 276 -9.65 1.74 -31.44
CA LEU D 276 -10.00 2.25 -30.11
C LEU D 276 -11.50 2.40 -29.91
N ALA D 277 -12.30 2.22 -30.96
CA ALA D 277 -13.75 2.41 -30.83
C ALA D 277 -14.37 1.35 -29.93
N GLY D 278 -13.82 0.13 -29.90
CA GLY D 278 -14.41 -0.92 -29.09
C GLY D 278 -14.34 -0.64 -27.60
N VAL D 279 -13.19 -0.16 -27.13
CA VAL D 279 -13.02 0.08 -25.70
C VAL D 279 -13.60 1.42 -25.27
N LEU D 280 -13.82 2.35 -26.21
CA LEU D 280 -14.37 3.65 -25.88
C LEU D 280 -15.89 3.68 -25.88
N ALA D 281 -16.54 2.61 -26.31
CA ALA D 281 -18.00 2.52 -26.33
C ALA D 281 -18.56 1.76 -25.14
N LYS D 282 -17.73 1.35 -24.19
CA LYS D 282 -18.22 0.63 -23.03
C LYS D 282 -19.08 1.55 -22.16
N PRO D 283 -20.24 1.09 -21.71
CA PRO D 283 -21.08 1.94 -20.84
C PRO D 283 -20.45 2.12 -19.47
N ALA D 284 -20.87 3.20 -18.81
CA ALA D 284 -20.35 3.53 -17.49
C ALA D 284 -20.90 2.56 -16.44
N ASN D 285 -20.25 2.55 -15.28
CA ASN D 285 -20.68 1.71 -14.18
C ASN D 285 -22.02 2.18 -13.64
N ALA D 286 -22.77 1.24 -13.06
CA ALA D 286 -24.10 1.56 -12.55
C ALA D 286 -24.05 2.54 -11.38
N SER D 287 -23.04 2.42 -10.53
CA SER D 287 -22.93 3.25 -9.33
C SER D 287 -22.13 4.53 -9.55
N ALA D 288 -21.68 4.79 -10.77
CA ALA D 288 -20.92 6.00 -11.04
C ALA D 288 -21.77 7.25 -10.81
N MET D 289 -21.14 8.29 -10.28
CA MET D 289 -21.87 9.53 -10.01
C MET D 289 -22.20 10.26 -11.31
N ASN D 290 -23.21 11.12 -11.22
CA ASN D 290 -23.65 11.94 -12.33
C ASN D 290 -23.07 13.34 -12.16
N VAL D 291 -22.29 13.78 -13.14
CA VAL D 291 -21.57 15.05 -13.07
C VAL D 291 -22.16 15.99 -14.11
N SER D 292 -22.50 17.20 -13.68
CA SER D 292 -22.95 18.26 -14.57
C SER D 292 -21.85 19.30 -14.71
N ALA D 293 -21.50 19.63 -15.96
CA ALA D 293 -20.41 20.53 -16.25
C ALA D 293 -20.94 21.82 -16.87
N ILE D 294 -20.41 22.95 -16.41
CA ILE D 294 -20.76 24.27 -16.93
C ILE D 294 -19.49 25.04 -17.20
N GLY D 295 -19.44 25.70 -18.35
CA GLY D 295 -18.29 26.51 -18.71
C GLY D 295 -18.09 27.67 -17.75
N HIS D 296 -16.87 27.84 -17.25
CA HIS D 296 -16.56 28.88 -16.29
C HIS D 296 -15.17 29.44 -16.57
N ALA D 297 -14.97 30.71 -16.23
CA ALA D 297 -13.68 31.35 -16.37
C ALA D 297 -13.59 32.45 -15.30
N HIS D 298 -12.91 32.15 -14.20
CA HIS D 298 -12.78 33.12 -13.12
C HIS D 298 -11.88 34.27 -13.56
N ILE D 299 -12.35 35.48 -13.35
CA ILE D 299 -11.59 36.69 -13.66
C ILE D 299 -11.60 37.57 -12.42
N ASP D 300 -10.40 37.87 -11.90
CA ASP D 300 -10.27 38.75 -10.75
C ASP D 300 -10.31 40.20 -11.23
N SER D 301 -11.07 41.03 -10.52
CA SER D 301 -11.21 42.43 -10.90
C SER D 301 -9.86 43.15 -10.82
N ALA D 302 -9.06 42.85 -9.80
CA ALA D 302 -7.75 43.47 -9.67
C ALA D 302 -6.84 42.53 -8.89
N TRP D 303 -5.97 41.81 -9.59
CA TRP D 303 -4.99 40.94 -8.95
C TRP D 303 -3.85 40.74 -9.94
N LEU D 304 -2.70 41.35 -9.65
CA LEU D 304 -1.50 41.33 -10.49
C LEU D 304 -1.67 42.14 -11.78
N TRP D 305 -2.73 42.93 -11.90
CA TRP D 305 -2.94 43.79 -13.05
C TRP D 305 -3.96 44.86 -12.67
N PRO D 306 -3.87 46.05 -13.26
CA PRO D 306 -4.87 47.09 -12.95
C PRO D 306 -6.23 46.81 -13.56
N VAL D 307 -7.19 47.70 -13.31
CA VAL D 307 -8.54 47.50 -13.82
C VAL D 307 -8.57 47.63 -15.35
N ARG D 308 -7.70 48.46 -15.93
CA ARG D 308 -7.69 48.64 -17.37
C ARG D 308 -7.39 47.32 -18.08
N GLU D 309 -6.51 46.50 -17.52
CA GLU D 309 -6.26 45.19 -18.08
C GLU D 309 -7.37 44.21 -17.74
N THR D 310 -8.06 44.43 -16.61
CA THR D 310 -9.20 43.58 -16.27
C THR D 310 -10.30 43.70 -17.31
N ARG D 311 -10.59 44.92 -17.77
CA ARG D 311 -11.61 45.10 -18.79
C ARG D 311 -11.23 44.38 -20.08
N ARG D 312 -9.97 44.48 -20.49
CA ARG D 312 -9.52 43.79 -21.70
C ARG D 312 -9.60 42.28 -21.53
N LYS D 313 -9.23 41.78 -20.34
CA LYS D 313 -9.34 40.34 -20.08
C LYS D 313 -10.79 39.88 -20.16
N VAL D 314 -11.72 40.67 -19.63
CA VAL D 314 -13.14 40.33 -19.72
C VAL D 314 -13.58 40.28 -21.18
N ALA D 315 -13.17 41.27 -21.96
CA ALA D 315 -13.55 41.29 -23.38
C ALA D 315 -13.01 40.06 -24.11
N ARG D 316 -11.73 39.72 -23.87
CA ARG D 316 -11.13 38.57 -24.52
C ARG D 316 -11.84 37.27 -24.11
N THR D 317 -12.17 37.13 -22.83
CA THR D 317 -12.83 35.93 -22.37
C THR D 317 -14.21 35.79 -23.00
N VAL D 318 -14.97 36.88 -23.07
CA VAL D 318 -16.29 36.81 -23.68
C VAL D 318 -16.19 36.49 -25.17
N SER D 319 -15.19 37.07 -25.85
CA SER D 319 -15.00 36.75 -27.27
C SER D 319 -14.67 35.28 -27.46
N ASN D 320 -13.80 34.73 -26.61
CA ASN D 320 -13.48 33.30 -26.71
C ASN D 320 -14.72 32.44 -26.47
N ALA D 321 -15.53 32.80 -25.48
CA ALA D 321 -16.74 32.03 -25.21
C ALA D 321 -17.70 32.08 -26.39
N LEU D 322 -17.87 33.25 -26.99
CA LEU D 322 -18.76 33.37 -28.14
C LEU D 322 -18.24 32.57 -29.32
N ALA D 323 -16.94 32.58 -29.55
CA ALA D 323 -16.37 31.78 -30.63
C ALA D 323 -16.59 30.30 -30.39
N LEU D 324 -16.43 29.85 -29.14
CA LEU D 324 -16.66 28.45 -28.83
C LEU D 324 -18.12 28.07 -29.03
N MET D 325 -19.04 28.96 -28.65
CA MET D 325 -20.47 28.68 -28.89
C MET D 325 -20.76 28.59 -30.38
N ASP D 326 -20.17 29.47 -31.18
CA ASP D 326 -20.40 29.42 -32.63
C ASP D 326 -19.83 28.13 -33.21
N ALA D 327 -18.65 27.71 -32.78
CA ALA D 327 -18.00 26.55 -33.36
C ALA D 327 -18.46 25.22 -32.77
N ASP D 328 -19.29 25.24 -31.73
CA ASP D 328 -19.70 24.00 -31.09
C ASP D 328 -21.07 24.14 -30.44
N PRO D 329 -22.06 23.34 -30.87
CA PRO D 329 -23.33 23.32 -30.14
C PRO D 329 -23.21 22.55 -28.85
N ASP D 330 -24.26 22.56 -28.04
CA ASP D 330 -24.29 21.83 -26.76
C ASP D 330 -23.18 22.30 -25.82
N PHE D 331 -22.90 23.61 -25.84
CA PHE D 331 -21.90 24.22 -24.97
C PHE D 331 -22.54 25.39 -24.24
N LYS D 332 -22.36 25.44 -22.93
CA LYS D 332 -22.93 26.49 -22.09
C LYS D 332 -21.84 27.13 -21.25
N TYR D 333 -21.94 28.44 -21.04
CA TYR D 333 -20.94 29.21 -20.33
C TYR D 333 -21.64 30.09 -19.29
N ALA D 334 -21.03 30.22 -18.12
CA ALA D 334 -21.58 30.98 -17.01
C ALA D 334 -20.66 32.12 -16.64
N MET D 335 -21.23 33.31 -16.42
CA MET D 335 -20.48 34.49 -16.05
C MET D 335 -21.15 35.17 -14.85
N SER D 336 -20.32 35.76 -13.98
CA SER D 336 -20.76 36.10 -12.63
C SER D 336 -20.85 37.60 -12.36
N SER D 337 -19.76 38.34 -12.52
CA SER D 337 -19.69 39.71 -12.01
C SER D 337 -20.47 40.68 -12.88
N ALA D 338 -21.28 41.52 -12.24
CA ALA D 338 -22.05 42.53 -12.96
C ALA D 338 -21.20 43.71 -13.38
N GLN D 339 -20.16 44.05 -12.61
CA GLN D 339 -19.29 45.14 -12.99
C GLN D 339 -18.57 44.85 -14.30
N GLN D 340 -18.14 43.59 -14.48
CA GLN D 340 -17.55 43.20 -15.75
C GLN D 340 -18.55 43.28 -16.89
N TYR D 341 -19.82 42.97 -16.60
CA TYR D 341 -20.87 43.13 -17.60
C TYR D 341 -21.00 44.58 -18.02
N ALA D 342 -21.00 45.49 -17.06
CA ALA D 342 -21.11 46.92 -17.38
C ALA D 342 -19.89 47.39 -18.16
N TRP D 343 -18.69 46.93 -17.78
CA TRP D 343 -17.49 47.31 -18.50
C TRP D 343 -17.53 46.83 -19.94
N LEU D 344 -17.96 45.60 -20.16
CA LEU D 344 -18.07 45.08 -21.52
C LEU D 344 -19.11 45.84 -22.33
N GLU D 345 -20.24 46.17 -21.70
CA GLU D 345 -21.28 46.92 -22.41
C GLU D 345 -20.78 48.30 -22.81
N GLU D 346 -20.02 48.95 -21.92
CA GLU D 346 -19.52 50.29 -22.22
C GLU D 346 -18.36 50.27 -23.22
N ASP D 347 -17.58 49.19 -23.25
CA ASP D 347 -16.38 49.15 -24.09
C ASP D 347 -16.65 48.56 -25.48
N HIS D 348 -17.33 47.41 -25.54
CA HIS D 348 -17.54 46.69 -26.79
C HIS D 348 -19.03 46.47 -27.00
N PRO D 349 -19.74 47.41 -27.61
CA PRO D 349 -21.18 47.23 -27.83
C PRO D 349 -21.51 46.03 -28.71
N ASP D 350 -20.69 45.72 -29.71
CA ASP D 350 -21.00 44.59 -30.59
C ASP D 350 -20.88 43.26 -29.85
N ILE D 351 -19.82 43.09 -29.06
CA ILE D 351 -19.68 41.87 -28.26
C ILE D 351 -20.82 41.77 -27.26
N PHE D 352 -21.23 42.91 -26.69
CA PHE D 352 -22.36 42.89 -25.76
C PHE D 352 -23.64 42.46 -26.46
N LYS D 353 -23.86 42.93 -27.69
CA LYS D 353 -25.06 42.54 -28.43
C LYS D 353 -25.05 41.05 -28.77
N ARG D 354 -23.89 40.53 -29.19
CA ARG D 354 -23.79 39.10 -29.45
C ARG D 354 -24.04 38.29 -28.19
N MET D 355 -23.47 38.73 -27.07
CA MET D 355 -23.70 38.06 -25.80
C MET D 355 -25.16 38.11 -25.39
N LYS D 356 -25.83 39.24 -25.66
CA LYS D 356 -27.24 39.36 -25.33
C LYS D 356 -28.09 38.39 -26.15
N ARG D 357 -27.79 38.26 -27.44
CA ARG D 357 -28.52 37.28 -28.25
C ARG D 357 -28.25 35.87 -27.76
N ARG D 358 -27.01 35.58 -27.33
CA ARG D 358 -26.72 34.27 -26.78
C ARG D 358 -27.48 34.03 -25.47
N ILE D 359 -27.64 35.09 -24.66
CA ILE D 359 -28.38 34.98 -23.41
C ILE D 359 -29.85 34.68 -23.68
N GLU D 360 -30.44 35.36 -24.67
CA GLU D 360 -31.84 35.12 -24.98
C GLU D 360 -32.10 33.67 -25.36
N GLU D 361 -31.11 33.00 -25.95
CA GLU D 361 -31.23 31.60 -26.31
C GLU D 361 -31.07 30.66 -25.11
N GLY D 362 -30.48 31.14 -24.03
CA GLY D 362 -30.29 30.30 -22.85
C GLY D 362 -28.96 29.57 -22.79
N ARG D 363 -28.00 29.96 -23.61
CA ARG D 363 -26.68 29.34 -23.62
C ARG D 363 -25.63 30.12 -22.84
N PHE D 364 -25.91 31.38 -22.52
CA PHE D 364 -25.02 32.24 -21.73
C PHE D 364 -25.75 32.55 -20.42
N ILE D 365 -25.27 32.00 -19.31
CA ILE D 365 -25.98 32.06 -18.05
C ILE D 365 -25.29 33.10 -17.15
N PRO D 366 -25.94 34.21 -16.84
CA PRO D 366 -25.43 35.09 -15.78
C PRO D 366 -25.77 34.52 -14.42
N VAL D 367 -24.79 34.50 -13.52
CA VAL D 367 -24.95 33.90 -12.20
C VAL D 367 -24.51 34.89 -11.14
N GLY D 368 -24.94 34.64 -9.91
CA GLY D 368 -24.53 35.44 -8.78
C GLY D 368 -25.46 36.59 -8.46
N GLY D 369 -25.66 37.49 -9.42
CA GLY D 369 -26.46 38.67 -9.18
C GLY D 369 -25.84 39.63 -8.19
N MET D 370 -24.53 39.84 -8.27
CA MET D 370 -23.80 40.72 -7.37
C MET D 370 -22.91 41.64 -8.19
N TRP D 371 -22.59 42.80 -7.62
CA TRP D 371 -21.72 43.74 -8.32
C TRP D 371 -20.35 43.14 -8.56
N VAL D 372 -19.72 42.63 -7.50
CA VAL D 372 -18.45 41.90 -7.60
C VAL D 372 -18.52 40.72 -6.64
N GLU D 373 -17.53 39.83 -6.77
CA GLU D 373 -17.40 38.70 -5.85
C GLU D 373 -16.63 39.17 -4.63
N ALA D 374 -17.35 39.85 -3.74
CA ALA D 374 -16.75 40.46 -2.57
C ALA D 374 -16.35 39.41 -1.54
N ASP D 375 -15.53 39.82 -0.59
CA ASP D 375 -15.13 38.94 0.50
C ASP D 375 -16.31 38.68 1.42
N GLY D 376 -16.28 37.53 2.10
CA GLY D 376 -17.37 37.13 2.95
C GLY D 376 -17.25 37.50 4.40
N MET D 377 -16.08 37.96 4.85
CA MET D 377 -15.86 38.28 6.25
C MET D 377 -15.79 39.78 6.50
N LEU D 378 -14.89 40.48 5.81
CA LEU D 378 -14.64 41.90 6.14
C LEU D 378 -15.84 42.80 5.87
N PRO D 379 -16.50 42.75 4.71
CA PRO D 379 -17.57 43.73 4.44
C PRO D 379 -18.71 43.61 5.44
N ALA D 380 -19.32 44.76 5.73
CA ALA D 380 -20.45 44.80 6.65
C ALA D 380 -21.68 44.21 5.97
N GLY D 381 -22.73 43.98 6.79
CA GLY D 381 -23.95 43.43 6.25
C GLY D 381 -24.61 44.34 5.23
N GLU D 382 -24.59 45.65 5.49
CA GLU D 382 -25.13 46.60 4.53
C GLU D 382 -24.35 46.55 3.22
N SER D 383 -23.04 46.31 3.28
CA SER D 383 -22.25 46.19 2.07
C SER D 383 -22.70 45.00 1.24
N LEU D 384 -22.95 43.85 1.88
CA LEU D 384 -23.41 42.68 1.15
C LEU D 384 -24.81 42.90 0.59
N ILE D 385 -25.66 43.59 1.34
CA ILE D 385 -27.00 43.92 0.83
C ILE D 385 -26.90 44.81 -0.39
N ARG D 386 -25.98 45.78 -0.38
CA ARG D 386 -25.79 46.64 -1.55
C ARG D 386 -25.22 45.86 -2.73
N GLN D 387 -24.28 44.95 -2.48
CA GLN D 387 -23.85 44.00 -3.49
C GLN D 387 -25.06 43.38 -4.19
N ILE D 388 -25.90 42.72 -3.40
CA ILE D 388 -27.02 41.97 -3.96
C ILE D 388 -27.98 42.91 -4.68
N ALA D 389 -28.29 44.06 -4.08
CA ALA D 389 -29.28 44.97 -4.66
C ALA D 389 -28.81 45.53 -5.99
N TYR D 390 -27.56 46.01 -6.05
CA TYR D 390 -27.07 46.58 -7.29
C TYR D 390 -26.91 45.53 -8.37
N GLY D 391 -26.42 44.34 -8.01
CA GLY D 391 -26.30 43.27 -8.99
C GLY D 391 -27.65 42.87 -9.55
N ARG D 392 -28.64 42.69 -8.68
CA ARG D 392 -29.98 42.32 -9.13
C ARG D 392 -30.59 43.41 -10.00
N LYS D 393 -30.41 44.68 -9.62
CA LYS D 393 -30.96 45.76 -10.42
C LYS D 393 -30.34 45.79 -11.81
N TYR D 394 -29.02 45.65 -11.90
CA TYR D 394 -28.37 45.64 -13.20
C TYR D 394 -28.84 44.45 -14.03
N PHE D 395 -28.92 43.27 -13.41
CA PHE D 395 -29.34 42.08 -14.15
C PHE D 395 -30.76 42.22 -14.66
N LYS D 396 -31.65 42.82 -13.87
CA LYS D 396 -33.03 42.95 -14.27
C LYS D 396 -33.19 44.01 -15.35
N GLU D 397 -32.49 45.14 -15.23
CA GLU D 397 -32.69 46.26 -16.14
C GLU D 397 -31.83 46.19 -17.40
N HIS D 398 -30.87 45.26 -17.47
CA HIS D 398 -30.00 45.19 -18.63
C HIS D 398 -29.88 43.80 -19.24
N LEU D 399 -30.22 42.74 -18.53
CA LEU D 399 -30.17 41.38 -19.07
C LEU D 399 -31.47 40.61 -18.95
N GLY D 400 -32.41 41.03 -18.10
CA GLY D 400 -33.65 40.30 -17.93
C GLY D 400 -33.47 38.92 -17.33
N VAL D 401 -32.51 38.76 -16.43
CA VAL D 401 -32.22 37.48 -15.79
C VAL D 401 -32.22 37.68 -14.29
N GLU D 402 -32.90 36.80 -13.56
CA GLU D 402 -32.94 36.83 -12.10
C GLU D 402 -32.28 35.57 -11.55
N PRO D 403 -31.03 35.65 -11.09
CA PRO D 403 -30.37 34.45 -10.55
C PRO D 403 -31.04 33.95 -9.29
N LYS D 404 -30.95 32.65 -9.08
CA LYS D 404 -31.57 31.99 -7.93
C LYS D 404 -30.54 31.54 -6.89
N GLY D 405 -29.27 31.92 -7.05
CA GLY D 405 -28.26 31.48 -6.10
C GLY D 405 -27.09 32.43 -6.08
N VAL D 406 -26.22 32.22 -5.08
CA VAL D 406 -25.04 33.04 -4.87
C VAL D 406 -23.84 32.32 -5.46
N TRP D 407 -23.06 33.04 -6.26
CA TRP D 407 -21.90 32.49 -6.96
C TRP D 407 -20.65 33.16 -6.43
N LEU D 408 -20.01 32.53 -5.43
CA LEU D 408 -18.79 33.03 -4.82
C LEU D 408 -17.78 31.88 -4.75
N PRO D 409 -17.22 31.46 -5.89
CA PRO D 409 -16.29 30.32 -5.88
C PRO D 409 -15.06 30.54 -5.03
N ALA D 410 -14.52 31.75 -4.99
CA ALA D 410 -13.30 32.06 -4.25
C ALA D 410 -13.59 33.14 -3.23
N SER D 411 -13.34 32.83 -1.95
CA SER D 411 -13.54 33.79 -0.87
C SER D 411 -12.83 33.26 0.38
N PHE D 412 -12.16 34.15 1.10
CA PHE D 412 -11.38 33.76 2.28
C PHE D 412 -12.30 33.72 3.51
N GLY D 413 -13.20 32.75 3.50
CA GLY D 413 -14.12 32.55 4.58
C GLY D 413 -15.41 33.34 4.42
N TYR D 414 -16.41 32.95 5.21
CA TYR D 414 -17.72 33.57 5.16
C TYR D 414 -18.21 33.84 6.58
N THR D 415 -18.91 34.97 6.74
CA THR D 415 -19.22 35.48 8.07
C THR D 415 -20.19 34.61 8.85
N GLY D 416 -21.02 33.82 8.18
CA GLY D 416 -22.04 33.05 8.86
C GLY D 416 -23.38 33.73 8.92
N ALA D 417 -23.46 35.04 8.65
CA ALA D 417 -24.72 35.74 8.46
C ALA D 417 -25.18 35.69 7.01
N TRP D 418 -24.39 35.08 6.13
CA TRP D 418 -24.78 34.95 4.73
C TRP D 418 -26.10 34.22 4.52
N PRO D 419 -26.39 33.09 5.17
CA PRO D 419 -27.66 32.41 4.89
C PRO D 419 -28.89 33.27 5.09
N GLN D 420 -28.91 34.09 6.15
CA GLN D 420 -30.09 34.92 6.39
C GLN D 420 -30.24 36.01 5.33
N ILE D 421 -29.13 36.65 4.96
CA ILE D 421 -29.19 37.70 3.93
C ILE D 421 -29.62 37.11 2.59
N ALA D 422 -29.05 35.96 2.23
CA ALA D 422 -29.40 35.33 0.96
C ALA D 422 -30.85 34.85 0.95
N ARG D 423 -31.32 34.28 2.06
CA ARG D 423 -32.68 33.77 2.12
C ARG D 423 -33.71 34.90 2.04
N ARG D 424 -33.42 36.03 2.68
CA ARG D 424 -34.32 37.18 2.63
C ARG D 424 -34.21 37.95 1.33
N ALA D 425 -33.21 37.67 0.50
CA ALA D 425 -33.08 38.30 -0.81
C ALA D 425 -33.68 37.46 -1.93
N GLY D 426 -34.29 36.32 -1.62
CA GLY D 426 -34.88 35.46 -2.62
C GLY D 426 -33.96 34.38 -3.17
N TYR D 427 -32.70 34.33 -2.72
CA TYR D 427 -31.79 33.30 -3.19
C TYR D 427 -32.18 31.94 -2.64
N GLU D 428 -31.75 30.89 -3.35
CA GLU D 428 -32.14 29.52 -3.01
C GLU D 428 -30.97 28.58 -2.79
N TRP D 429 -29.76 28.94 -3.21
CA TRP D 429 -28.60 28.07 -2.99
C TRP D 429 -27.33 28.91 -2.95
N PHE D 430 -26.25 28.26 -2.50
CA PHE D 430 -24.95 28.89 -2.34
C PHE D 430 -23.88 28.00 -2.97
N LEU D 431 -22.82 28.64 -3.47
CA LEU D 431 -21.72 27.92 -4.09
C LEU D 431 -20.40 28.42 -3.53
N THR D 432 -19.49 27.48 -3.27
CA THR D 432 -18.22 27.78 -2.62
C THR D 432 -17.26 26.61 -2.84
N GLN D 433 -15.98 26.91 -3.08
CA GLN D 433 -14.97 25.87 -3.16
C GLN D 433 -13.67 26.21 -2.44
N LYS D 434 -13.58 27.36 -1.77
CA LYS D 434 -12.32 27.74 -1.15
C LYS D 434 -12.04 26.97 0.14
N ILE D 435 -13.07 26.43 0.78
CA ILE D 435 -12.89 25.73 2.06
C ILE D 435 -11.98 24.52 1.90
N SER D 436 -11.78 24.03 0.68
CA SER D 436 -10.88 22.92 0.44
C SER D 436 -9.42 23.27 0.73
N TRP D 437 -9.09 24.55 0.89
CA TRP D 437 -7.72 24.98 1.13
C TRP D 437 -7.37 24.99 2.61
N ASN D 438 -8.08 24.23 3.44
CA ASN D 438 -7.80 24.19 4.87
C ASN D 438 -6.50 23.44 5.13
N ASP D 439 -5.79 23.87 6.19
CA ASP D 439 -4.49 23.29 6.50
C ASP D 439 -4.61 21.89 7.07
N THR D 440 -5.53 21.69 8.02
CA THR D 440 -5.53 20.45 8.78
C THR D 440 -6.89 19.74 8.81
N THR D 441 -7.98 20.50 8.75
CA THR D 441 -9.30 19.93 8.89
C THR D 441 -9.98 19.79 7.53
N LYS D 442 -10.70 18.70 7.35
CA LYS D 442 -11.48 18.45 6.15
C LYS D 442 -12.95 18.66 6.48
N PHE D 443 -13.63 19.47 5.67
CA PHE D 443 -15.03 19.76 5.92
C PHE D 443 -15.85 18.48 5.82
N PRO D 444 -16.74 18.20 6.77
CA PRO D 444 -17.45 16.91 6.77
C PRO D 444 -18.39 16.70 5.60
N HIS D 445 -18.83 17.76 4.92
CA HIS D 445 -19.82 17.62 3.86
C HIS D 445 -19.42 18.44 2.64
N HIS D 446 -19.93 18.01 1.49
CA HIS D 446 -19.85 18.77 0.25
C HIS D 446 -21.18 19.39 -0.15
N SER D 447 -22.27 18.63 -0.07
CA SER D 447 -23.62 19.14 -0.27
C SER D 447 -24.36 19.06 1.06
N PHE D 448 -24.89 20.19 1.52
CA PHE D 448 -25.47 20.25 2.85
C PHE D 448 -26.37 21.49 2.96
N MET D 449 -26.90 21.70 4.16
CA MET D 449 -27.61 22.93 4.51
C MET D 449 -26.77 23.76 5.46
N TRP D 450 -26.41 24.96 5.00
CA TRP D 450 -25.73 25.95 5.82
C TRP D 450 -26.77 26.76 6.58
N GLU D 451 -26.65 26.79 7.90
CA GLU D 451 -27.58 27.49 8.77
C GLU D 451 -26.84 28.62 9.46
N GLY D 452 -27.44 29.81 9.44
CA GLY D 452 -26.82 30.96 10.05
C GLY D 452 -27.02 31.00 11.55
N ILE D 453 -26.53 32.08 12.15
CA ILE D 453 -26.66 32.25 13.59
C ILE D 453 -28.11 32.46 13.99
N ASP D 454 -28.98 32.81 13.06
CA ASP D 454 -30.39 33.06 13.36
C ASP D 454 -31.25 31.81 13.22
N GLY D 455 -30.98 30.98 12.21
CA GLY D 455 -31.77 29.78 12.00
C GLY D 455 -32.11 29.54 10.55
N SER D 456 -31.90 30.55 9.71
CA SER D 456 -32.18 30.40 8.28
C SER D 456 -31.22 29.40 7.66
N ARG D 457 -31.76 28.54 6.80
CA ARG D 457 -31.00 27.47 6.17
C ARG D 457 -31.02 27.63 4.66
N ILE D 458 -29.87 27.41 4.03
CA ILE D 458 -29.74 27.45 2.58
C ILE D 458 -28.99 26.21 2.13
N PHE D 459 -29.18 25.85 0.86
CA PHE D 459 -28.56 24.66 0.29
C PHE D 459 -27.22 25.04 -0.32
N THR D 460 -26.13 24.48 0.23
CA THR D 460 -24.79 24.76 -0.22
C THR D 460 -24.16 23.52 -0.82
N HIS D 461 -23.38 23.70 -1.87
CA HIS D 461 -22.67 22.61 -2.52
C HIS D 461 -21.22 23.01 -2.72
N PHE D 462 -20.30 22.13 -2.33
CA PHE D 462 -18.88 22.32 -2.57
C PHE D 462 -18.45 21.42 -3.72
N PRO D 463 -17.98 21.95 -4.84
CA PRO D 463 -17.50 21.10 -5.94
C PRO D 463 -16.35 20.23 -5.47
N PRO D 464 -16.50 18.90 -5.55
CA PRO D 464 -15.46 18.00 -5.03
C PRO D 464 -14.17 18.02 -5.82
N ALA D 465 -14.17 18.60 -7.02
CA ALA D 465 -12.94 18.70 -7.81
C ALA D 465 -11.94 19.65 -7.18
N ASP D 466 -12.34 20.45 -6.18
CA ASP D 466 -11.49 21.37 -5.46
C ASP D 466 -10.88 22.44 -6.35
N THR D 467 -11.53 22.75 -7.47
CA THR D 467 -11.07 23.80 -8.36
C THR D 467 -12.25 24.34 -9.14
N TYR D 468 -12.17 25.61 -9.52
CA TYR D 468 -13.18 26.24 -10.36
C TYR D 468 -12.76 26.33 -11.82
N ALA D 469 -11.56 25.87 -12.15
CA ALA D 469 -11.03 25.92 -13.52
C ALA D 469 -10.45 24.54 -13.84
N ALA D 470 -11.31 23.66 -14.34
CA ALA D 470 -10.89 22.30 -14.65
C ALA D 470 -10.38 22.21 -16.08
N TRP D 471 -9.41 21.34 -16.29
CA TRP D 471 -8.83 21.08 -17.60
C TRP D 471 -9.50 19.92 -18.31
N CYS D 472 -10.53 19.34 -17.72
CA CYS D 472 -11.25 18.18 -18.27
C CYS D 472 -10.29 17.00 -18.49
N LYS D 473 -9.72 16.54 -17.38
CA LYS D 473 -8.83 15.39 -17.37
C LYS D 473 -9.45 14.28 -16.54
N VAL D 474 -9.05 13.04 -16.84
CA VAL D 474 -9.58 11.89 -16.12
C VAL D 474 -9.15 11.92 -14.65
N GLN D 475 -7.94 12.39 -14.37
CA GLN D 475 -7.47 12.40 -12.99
C GLN D 475 -8.25 13.37 -12.13
N GLU D 476 -8.68 14.50 -12.70
CA GLU D 476 -9.56 15.42 -11.98
C GLU D 476 -10.87 14.74 -11.62
N LEU D 477 -11.46 14.01 -12.58
CA LEU D 477 -12.72 13.32 -12.33
C LEU D 477 -12.57 12.25 -11.26
N ASP D 478 -11.47 11.48 -11.33
CA ASP D 478 -11.23 10.43 -10.33
C ASP D 478 -11.01 11.02 -8.95
N TYR D 479 -10.26 12.11 -8.86
CA TYR D 479 -10.06 12.77 -7.58
C TYR D 479 -11.36 13.30 -7.02
N ALA D 480 -12.21 13.88 -7.89
CA ALA D 480 -13.50 14.37 -7.43
C ALA D 480 -14.39 13.23 -6.93
N GLU D 481 -14.37 12.09 -7.62
CA GLU D 481 -15.13 10.93 -7.17
C GLU D 481 -14.64 10.42 -5.82
N LYS D 482 -13.33 10.34 -5.64
CA LYS D 482 -12.80 9.82 -4.39
C LYS D 482 -12.84 10.84 -3.26
N ASN D 483 -13.05 12.12 -3.56
CA ASN D 483 -13.06 13.16 -2.55
C ASN D 483 -14.45 13.49 -2.03
N PHE D 484 -15.50 12.99 -2.66
CA PHE D 484 -16.85 13.34 -2.24
C PHE D 484 -17.14 12.83 -0.83
N GLN D 485 -17.74 13.69 -0.01
CA GLN D 485 -18.00 13.39 1.39
C GLN D 485 -19.45 12.99 1.65
N ASP D 486 -20.25 12.82 0.61
CA ASP D 486 -21.66 12.47 0.75
C ASP D 486 -22.05 11.38 -0.23
N LYS D 487 -21.18 10.37 -0.38
CA LYS D 487 -21.47 9.30 -1.31
C LYS D 487 -22.64 8.44 -0.87
N ASP D 488 -22.93 8.39 0.43
CA ASP D 488 -24.01 7.55 0.94
C ASP D 488 -25.39 8.17 0.78
N LEU D 489 -25.48 9.46 0.47
CA LEU D 489 -26.77 10.13 0.34
C LEU D 489 -27.00 10.77 -1.02
N SER D 490 -25.96 11.01 -1.81
CA SER D 490 -26.14 11.64 -3.11
C SER D 490 -25.03 11.18 -4.04
N ASP D 491 -25.29 11.35 -5.34
CA ASP D 491 -24.32 11.02 -6.37
C ASP D 491 -24.30 12.11 -7.44
N ARG D 492 -24.46 13.37 -7.01
CA ARG D 492 -24.46 14.52 -7.91
C ARG D 492 -23.36 15.48 -7.50
N SER D 493 -22.53 15.86 -8.47
CA SER D 493 -21.44 16.80 -8.25
C SER D 493 -21.35 17.76 -9.43
N LEU D 494 -20.93 18.99 -9.15
CA LEU D 494 -20.84 20.04 -10.15
C LEU D 494 -19.39 20.26 -10.53
N LEU D 495 -19.11 20.32 -11.83
CA LEU D 495 -17.77 20.54 -12.36
C LEU D 495 -17.72 21.87 -13.09
N LEU D 496 -16.73 22.69 -12.76
CA LEU D 496 -16.50 23.97 -13.40
C LEU D 496 -15.21 23.87 -14.20
N PHE D 497 -15.31 23.93 -15.52
CA PHE D 497 -14.17 23.71 -16.39
C PHE D 497 -13.88 24.94 -17.22
N GLY D 498 -12.60 25.12 -17.55
CA GLY D 498 -12.10 26.24 -18.30
C GLY D 498 -10.80 26.74 -17.70
N PHE D 499 -10.34 27.88 -18.20
CA PHE D 499 -9.15 28.55 -17.67
C PHE D 499 -9.59 29.74 -16.84
N GLY D 500 -9.12 29.81 -15.60
CA GLY D 500 -9.55 30.81 -14.65
C GLY D 500 -8.40 31.61 -14.06
N ASP D 501 -8.79 32.60 -13.26
CA ASP D 501 -7.94 33.50 -12.47
C ASP D 501 -7.07 34.40 -13.35
N GLY D 502 -7.18 34.26 -14.66
CA GLY D 502 -6.45 35.12 -15.59
C GLY D 502 -7.18 35.33 -16.89
N GLY D 503 -8.42 34.86 -16.96
CA GLY D 503 -9.17 34.86 -18.20
C GLY D 503 -9.00 33.57 -18.98
N GLY D 504 -9.30 33.66 -20.28
CA GLY D 504 -9.21 32.50 -21.14
C GLY D 504 -10.52 31.77 -21.29
N GLY D 505 -10.71 30.70 -20.55
CA GLY D 505 -11.94 29.96 -20.57
C GLY D 505 -11.80 28.58 -21.17
N PRO D 506 -12.91 27.88 -21.34
CA PRO D 506 -12.86 26.53 -21.94
C PRO D 506 -12.44 26.59 -23.40
N THR D 507 -11.84 25.49 -23.84
CA THR D 507 -11.35 25.36 -25.21
C THR D 507 -12.07 24.22 -25.92
N ARG D 508 -11.74 24.04 -27.19
CA ARG D 508 -12.33 22.95 -27.97
C ARG D 508 -11.91 21.59 -27.44
N ASN D 509 -10.66 21.46 -27.00
CA ASN D 509 -10.17 20.20 -26.46
C ASN D 509 -10.97 19.79 -25.23
N MET D 510 -11.32 20.75 -24.37
CA MET D 510 -12.12 20.43 -23.19
C MET D 510 -13.48 19.89 -23.58
N MET D 511 -14.12 20.49 -24.58
CA MET D 511 -15.41 20.00 -25.03
C MET D 511 -15.29 18.60 -25.63
N GLU D 512 -14.24 18.34 -26.41
CA GLU D 512 -14.07 17.01 -26.99
C GLU D 512 -13.84 15.97 -25.89
N HIS D 513 -13.03 16.31 -24.88
CA HIS D 513 -12.80 15.40 -23.77
C HIS D 513 -14.09 15.13 -23.01
N LEU D 514 -14.90 16.17 -22.78
CA LEU D 514 -16.17 15.98 -22.10
C LEU D 514 -17.10 15.08 -22.91
N HIS D 515 -17.14 15.27 -24.22
CA HIS D 515 -17.96 14.41 -25.08
C HIS D 515 -17.49 12.97 -25.01
N ARG D 516 -16.18 12.76 -24.91
CA ARG D 516 -15.68 11.40 -24.70
C ARG D 516 -16.12 10.85 -23.35
N TYR D 517 -16.10 11.68 -22.31
CA TYR D 517 -16.45 11.25 -20.96
C TYR D 517 -17.97 11.16 -20.74
N GLU D 518 -18.78 11.49 -21.74
CA GLU D 518 -20.23 11.50 -21.55
C GLU D 518 -20.74 10.15 -21.04
N ASN D 519 -20.25 9.05 -21.61
CA ASN D 519 -20.63 7.71 -21.16
C ASN D 519 -19.44 6.79 -21.40
N LEU D 520 -18.64 6.58 -20.37
CA LEU D 520 -17.41 5.81 -20.48
C LEU D 520 -17.21 4.97 -19.23
N GLU D 521 -16.68 3.76 -19.42
CA GLU D 521 -16.39 2.89 -18.29
C GLU D 521 -15.19 3.42 -17.52
N GLY D 522 -15.33 3.51 -16.19
CA GLY D 522 -14.30 4.05 -15.34
C GLY D 522 -14.32 5.55 -15.19
N VAL D 523 -15.21 6.25 -15.91
CA VAL D 523 -15.34 7.69 -15.82
C VAL D 523 -16.82 8.01 -15.60
N SER D 524 -17.07 8.99 -14.74
CA SER D 524 -18.43 9.38 -14.41
C SER D 524 -19.14 9.96 -15.63
N LYS D 525 -20.47 9.94 -15.57
CA LYS D 525 -21.31 10.46 -16.66
C LYS D 525 -21.34 11.98 -16.58
N VAL D 526 -20.77 12.64 -17.59
CA VAL D 526 -20.62 14.09 -17.61
C VAL D 526 -21.53 14.66 -18.71
N SER D 527 -22.35 15.62 -18.35
CA SER D 527 -23.24 16.29 -19.29
C SER D 527 -23.25 17.78 -19.01
N ILE D 528 -23.47 18.57 -20.06
CA ILE D 528 -23.56 20.02 -19.92
C ILE D 528 -24.95 20.38 -19.42
N GLU D 529 -25.02 21.11 -18.32
CA GLU D 529 -26.29 21.39 -17.67
C GLU D 529 -26.22 22.78 -17.02
N GLU D 530 -27.36 23.47 -17.05
CA GLU D 530 -27.46 24.74 -16.35
C GLU D 530 -27.35 24.53 -14.85
N PRO D 531 -26.66 25.41 -14.13
CA PRO D 531 -26.49 25.21 -12.67
C PRO D 531 -27.80 25.16 -11.90
N ASN D 532 -28.82 25.91 -12.33
CA ASN D 532 -30.10 25.89 -11.62
C ASN D 532 -30.73 24.50 -11.64
N ASP D 533 -30.73 23.86 -12.81
CA ASP D 533 -31.29 22.52 -12.92
C ASP D 533 -30.51 21.53 -12.07
N PHE D 534 -29.19 21.62 -12.08
CA PHE D 534 -28.38 20.75 -11.24
C PHE D 534 -28.70 20.94 -9.76
N PHE D 535 -28.82 22.19 -9.32
CA PHE D 535 -29.08 22.44 -7.91
C PHE D 535 -30.45 21.90 -7.52
N ASP D 536 -31.45 22.10 -8.39
CA ASP D 536 -32.78 21.56 -8.11
C ASP D 536 -32.75 20.04 -8.01
N LYS D 537 -32.10 19.37 -8.97
CA LYS D 537 -32.05 17.92 -8.97
C LYS D 537 -31.31 17.38 -7.74
N ALA D 538 -30.17 18.00 -7.41
CA ALA D 538 -29.40 17.54 -6.26
C ALA D 538 -30.17 17.73 -4.97
N HIS D 539 -30.84 18.87 -4.81
CA HIS D 539 -31.63 19.10 -3.61
C HIS D 539 -32.78 18.10 -3.51
N GLN D 540 -33.46 17.82 -4.62
CA GLN D 540 -34.57 16.87 -4.58
C GLN D 540 -34.07 15.47 -4.22
N GLN D 541 -32.94 15.05 -4.80
CA GLN D 541 -32.40 13.74 -4.51
C GLN D 541 -31.95 13.64 -3.05
N LEU D 542 -31.32 14.70 -2.53
CA LEU D 542 -30.91 14.69 -1.14
C LEU D 542 -32.12 14.64 -0.20
N ALA D 543 -33.18 15.37 -0.53
CA ALA D 543 -34.39 15.30 0.27
C ALA D 543 -35.00 13.91 0.25
N GLU D 544 -35.00 13.26 -0.92
CA GLU D 544 -35.55 11.91 -1.01
C GLU D 544 -34.75 10.93 -0.19
N ASN D 545 -33.43 10.89 -0.38
CA ASN D 545 -32.61 9.86 0.27
C ASN D 545 -32.43 10.13 1.76
N ALA D 546 -32.13 11.37 2.13
CA ALA D 546 -31.75 11.67 3.50
C ALA D 546 -32.95 11.68 4.44
N GLY D 547 -33.92 12.57 4.17
CA GLY D 547 -35.05 12.73 5.04
C GLY D 547 -34.65 13.32 6.38
N PRO D 548 -34.98 12.62 7.47
CA PRO D 548 -34.58 13.10 8.79
C PRO D 548 -33.08 13.21 8.98
N GLU D 549 -32.30 12.32 8.35
CA GLU D 549 -30.84 12.32 8.51
C GLU D 549 -30.19 13.12 7.38
N MET D 550 -30.45 14.42 7.41
CA MET D 550 -29.97 15.29 6.35
C MET D 550 -28.93 16.25 6.89
N PRO D 551 -27.77 16.35 6.24
CA PRO D 551 -26.66 17.12 6.82
C PRO D 551 -27.01 18.58 7.05
N VAL D 552 -26.57 19.11 8.19
CA VAL D 552 -26.74 20.51 8.55
C VAL D 552 -25.45 21.00 9.19
N TRP D 553 -24.94 22.15 8.75
CA TRP D 553 -23.81 22.81 9.38
C TRP D 553 -24.25 24.20 9.82
N LYS D 554 -24.14 24.47 11.11
CA LYS D 554 -24.55 25.75 11.68
C LYS D 554 -23.31 26.54 12.07
N GLY D 555 -23.28 27.81 11.68
CA GLY D 555 -22.17 28.68 12.04
C GLY D 555 -21.52 29.34 10.85
N GLU D 556 -20.25 29.72 10.99
CA GLU D 556 -19.51 30.37 9.93
C GLU D 556 -18.61 29.37 9.21
N LEU D 557 -18.27 29.70 7.98
CA LEU D 557 -17.39 28.86 7.15
C LEU D 557 -15.98 29.41 7.25
N TYR D 558 -15.34 29.11 8.38
CA TYR D 558 -13.99 29.59 8.63
C TYR D 558 -12.99 28.89 7.73
N LEU D 559 -12.08 29.66 7.13
CA LEU D 559 -11.05 29.13 6.27
C LEU D 559 -9.72 29.14 7.03
N GLU D 560 -9.08 27.98 7.10
CA GLU D 560 -7.81 27.85 7.82
C GLU D 560 -6.64 28.13 6.88
N LEU D 561 -6.65 29.34 6.32
CA LEU D 561 -5.61 29.79 5.40
C LEU D 561 -5.77 31.29 5.21
N HIS D 562 -4.71 31.92 4.72
CA HIS D 562 -4.71 33.35 4.41
C HIS D 562 -5.12 34.19 5.62
N ARG D 563 -4.64 33.81 6.80
CA ARG D 563 -5.01 34.51 8.02
C ARG D 563 -4.39 35.90 8.11
N GLY D 564 -3.36 36.18 7.31
CA GLY D 564 -2.74 37.49 7.30
C GLY D 564 -3.45 38.53 6.48
N THR D 565 -4.53 38.15 5.80
CA THR D 565 -5.29 39.10 4.98
C THR D 565 -6.09 40.08 5.83
N LEU D 566 -6.18 39.86 7.14
CA LEU D 566 -6.90 40.76 8.02
C LEU D 566 -6.08 41.98 8.45
N THR D 567 -4.79 42.01 8.10
CA THR D 567 -3.92 43.08 8.55
C THR D 567 -3.20 43.74 7.38
N SER D 568 -2.97 42.98 6.31
CA SER D 568 -2.23 43.49 5.17
C SER D 568 -2.98 44.65 4.53
N GLN D 569 -2.25 45.72 4.21
CA GLN D 569 -2.82 46.93 3.61
C GLN D 569 -3.93 47.50 4.49
N GLN D 570 -3.51 47.97 5.67
CA GLN D 570 -4.44 48.52 6.65
C GLN D 570 -5.25 49.67 6.09
N ASP D 571 -4.70 50.39 5.10
CA ASP D 571 -5.42 51.50 4.51
C ASP D 571 -6.73 51.05 3.87
N MET D 572 -6.74 49.86 3.27
CA MET D 572 -7.97 49.35 2.64
C MET D 572 -9.07 49.18 3.69
N LYS D 573 -8.77 48.50 4.79
CA LYS D 573 -9.77 48.27 5.83
C LYS D 573 -10.21 49.58 6.47
N ARG D 574 -9.26 50.47 6.75
CA ARG D 574 -9.60 51.75 7.36
C ARG D 574 -10.52 52.55 6.45
N GLY D 575 -10.18 52.64 5.17
CA GLY D 575 -11.03 53.37 4.24
C GLY D 575 -12.39 52.74 4.08
N CYS D 576 -12.45 51.40 4.04
CA CYS D 576 -13.75 50.73 3.91
C CYS D 576 -14.65 51.06 5.10
N ARG D 577 -14.13 50.91 6.32
CA ARG D 577 -14.96 51.17 7.50
C ARG D 577 -15.36 52.64 7.58
N GLN D 578 -14.42 53.54 7.31
CA GLN D 578 -14.74 54.97 7.38
C GLN D 578 -15.80 55.34 6.34
N GLU D 579 -15.67 54.81 5.12
CA GLU D 579 -16.64 55.12 4.08
C GLU D 579 -18.00 54.55 4.41
N GLU D 580 -18.06 53.35 4.99
CA GLU D 580 -19.35 52.78 5.38
C GLU D 580 -20.03 53.64 6.45
N SER D 581 -19.27 54.06 7.46
CA SER D 581 -19.85 54.90 8.51
C SER D 581 -20.32 56.24 7.95
N LEU D 582 -19.50 56.87 7.10
CA LEU D 582 -19.87 58.16 6.54
C LEU D 582 -21.08 58.01 5.62
N LEU D 583 -21.17 56.92 4.88
CA LEU D 583 -22.33 56.69 4.02
C LEU D 583 -23.60 56.52 4.85
N ARG D 584 -23.50 55.79 5.97
CA ARG D 584 -24.66 55.67 6.87
C ARG D 584 -25.12 57.04 7.34
N THR D 585 -24.18 57.86 7.81
CA THR D 585 -24.54 59.19 8.30
C THR D 585 -25.13 60.04 7.18
N VAL D 586 -24.54 59.98 5.98
CA VAL D 586 -25.01 60.80 4.87
C VAL D 586 -26.41 60.40 4.44
N GLU D 587 -26.68 59.10 4.34
CA GLU D 587 -28.01 58.66 3.94
C GLU D 587 -29.05 59.02 5.00
N TYR D 588 -28.70 58.88 6.28
CA TYR D 588 -29.65 59.29 7.32
C TYR D 588 -29.94 60.79 7.23
N LEU D 589 -28.90 61.61 7.04
CA LEU D 589 -29.10 63.05 6.95
C LEU D 589 -29.94 63.41 5.73
N GLY D 590 -29.71 62.75 4.60
CA GLY D 590 -30.50 63.01 3.41
C GLY D 590 -31.95 62.62 3.59
N ALA D 591 -32.21 61.46 4.20
CA ALA D 591 -33.58 61.06 4.46
C ALA D 591 -34.28 62.05 5.39
N ALA D 592 -33.56 62.53 6.41
CA ALA D 592 -34.14 63.52 7.31
C ALA D 592 -34.43 64.83 6.59
N ALA D 593 -33.52 65.26 5.71
CA ALA D 593 -33.69 66.54 5.02
C ALA D 593 -34.83 66.49 4.02
N VAL D 594 -34.98 65.38 3.31
CA VAL D 594 -36.04 65.28 2.30
C VAL D 594 -37.41 65.40 2.95
N LEU D 595 -37.60 64.74 4.09
CA LEU D 595 -38.89 64.77 4.76
C LEU D 595 -39.20 66.13 5.39
N SER D 596 -38.23 67.02 5.49
CA SER D 596 -38.43 68.34 6.08
C SER D 596 -38.54 69.44 5.04
N ASP D 597 -37.68 69.45 4.03
CA ASP D 597 -37.69 70.47 2.99
C ASP D 597 -38.11 69.86 1.66
N PRO D 598 -39.32 70.14 1.18
CA PRO D 598 -39.73 69.60 -0.13
C PRO D 598 -38.87 70.09 -1.28
N GLU D 599 -38.27 71.28 -1.15
CA GLU D 599 -37.48 71.84 -2.24
C GLU D 599 -36.13 71.13 -2.40
N TYR D 600 -35.66 70.43 -1.38
CA TYR D 600 -34.36 69.79 -1.44
C TYR D 600 -34.38 68.63 -2.44
N VAL D 601 -33.27 68.47 -3.17
CA VAL D 601 -33.14 67.45 -4.19
C VAL D 601 -32.08 66.45 -3.72
N TYR D 602 -32.47 65.18 -3.66
CA TYR D 602 -31.56 64.13 -3.20
C TYR D 602 -30.56 63.79 -4.29
N PRO D 603 -29.25 63.87 -4.02
CA PRO D 603 -28.24 63.51 -5.04
C PRO D 603 -28.08 62.00 -5.20
N ARG D 604 -29.01 61.42 -5.98
CA ARG D 604 -29.03 59.96 -6.12
C ARG D 604 -27.90 59.46 -7.00
N GLU D 605 -27.58 60.20 -8.06
CA GLU D 605 -26.58 59.72 -9.02
C GLU D 605 -25.18 59.69 -8.42
N GLU D 606 -24.78 60.79 -7.74
CA GLU D 606 -23.46 60.82 -7.14
C GLU D 606 -23.32 59.78 -6.03
N LEU D 607 -24.36 59.63 -5.21
CA LEU D 607 -24.32 58.63 -4.16
C LEU D 607 -24.24 57.22 -4.76
N ASP D 608 -24.95 56.97 -5.85
CA ASP D 608 -24.88 55.68 -6.51
C ASP D 608 -23.48 55.42 -7.05
N ARG D 609 -22.85 56.43 -7.64
CA ARG D 609 -21.49 56.26 -8.14
C ARG D 609 -20.52 55.97 -7.01
N ILE D 610 -20.65 56.68 -5.88
CA ILE D 610 -19.78 56.44 -4.74
C ILE D 610 -19.99 55.03 -4.19
N TRP D 611 -21.25 54.60 -4.09
CA TRP D 611 -21.55 53.26 -3.62
C TRP D 611 -20.93 52.21 -4.53
N LYS D 612 -21.06 52.40 -5.84
CA LYS D 612 -20.50 51.42 -6.79
C LYS D 612 -18.98 51.39 -6.71
N THR D 613 -18.34 52.55 -6.56
CA THR D 613 -16.89 52.58 -6.40
C THR D 613 -16.46 51.82 -5.16
N LEU D 614 -17.15 52.03 -4.04
CA LEU D 614 -16.81 51.30 -2.82
C LEU D 614 -17.04 49.80 -3.00
N LEU D 615 -18.16 49.42 -3.63
CA LEU D 615 -18.48 48.02 -3.82
C LEU D 615 -17.41 47.34 -4.68
N LEU D 616 -16.95 48.02 -5.74
CA LEU D 616 -15.86 47.49 -6.54
C LEU D 616 -14.58 47.37 -5.71
N ASN D 617 -14.30 48.36 -4.87
CA ASN D 617 -13.13 48.31 -4.01
C ASN D 617 -13.22 47.20 -2.96
N GLN D 618 -14.42 46.65 -2.75
CA GLN D 618 -14.61 45.58 -1.78
C GLN D 618 -14.38 44.19 -2.36
N PHE D 619 -13.56 44.09 -3.43
CA PHE D 619 -13.29 42.81 -4.06
C PHE D 619 -12.50 41.90 -3.14
N HIS D 620 -12.40 40.61 -3.51
CA HIS D 620 -11.72 39.63 -2.67
C HIS D 620 -10.21 39.64 -2.84
N ASP D 621 -9.67 40.59 -3.62
CA ASP D 621 -8.23 40.78 -3.68
C ASP D 621 -7.78 42.18 -3.28
N ILE D 622 -8.65 43.18 -3.37
CA ILE D 622 -8.28 44.54 -2.98
C ILE D 622 -8.47 44.74 -1.48
N LEU D 623 -9.65 44.39 -0.97
CA LEU D 623 -9.90 44.54 0.47
C LEU D 623 -8.95 43.70 1.32
N PRO D 624 -8.70 42.41 1.03
CA PRO D 624 -7.68 41.70 1.81
C PRO D 624 -6.29 42.32 1.69
N GLY D 625 -5.97 42.92 0.54
CA GLY D 625 -4.70 43.57 0.36
C GLY D 625 -3.61 42.67 -0.19
N SER D 626 -3.89 41.93 -1.25
CA SER D 626 -2.95 40.99 -1.85
C SER D 626 -2.86 41.22 -3.35
N ALA D 627 -2.73 42.48 -3.76
CA ALA D 627 -2.56 42.86 -5.15
C ALA D 627 -1.28 43.68 -5.30
N ILE D 628 -1.03 44.15 -6.52
CA ILE D 628 0.18 44.90 -6.83
C ILE D 628 0.03 46.32 -6.30
N ALA D 629 1.13 47.08 -6.30
CA ALA D 629 1.12 48.44 -5.75
C ALA D 629 0.21 49.37 -6.54
N TRP D 630 0.07 49.14 -7.85
CA TRP D 630 -0.78 50.00 -8.66
C TRP D 630 -2.24 49.92 -8.21
N VAL D 631 -2.73 48.71 -7.96
CA VAL D 631 -4.12 48.52 -7.56
C VAL D 631 -4.38 49.23 -6.23
N HIS D 632 -3.47 49.07 -5.27
CA HIS D 632 -3.67 49.67 -3.96
C HIS D 632 -3.52 51.19 -4.00
N ARG D 633 -2.64 51.71 -4.85
CA ARG D 633 -2.55 53.15 -5.02
C ARG D 633 -3.84 53.73 -5.59
N GLU D 634 -4.40 53.07 -6.60
CA GLU D 634 -5.68 53.51 -7.15
C GLU D 634 -6.78 53.44 -6.11
N ALA D 635 -6.79 52.36 -5.32
CA ALA D 635 -7.82 52.21 -4.29
C ALA D 635 -7.69 53.28 -3.22
N ARG D 636 -6.46 53.63 -2.83
CA ARG D 636 -6.26 54.69 -1.86
C ARG D 636 -6.73 56.04 -2.39
N GLU D 637 -6.42 56.33 -3.66
CA GLU D 637 -6.90 57.57 -4.25
C GLU D 637 -8.42 57.62 -4.29
N ASP D 638 -9.05 56.51 -4.68
CA ASP D 638 -10.51 56.45 -4.70
C ASP D 638 -11.09 56.65 -3.30
N TYR D 639 -10.50 56.01 -2.30
CA TYR D 639 -10.97 56.15 -0.93
C TYR D 639 -10.90 57.60 -0.47
N ARG D 640 -9.76 58.26 -0.70
CA ARG D 640 -9.59 59.63 -0.26
C ARG D 640 -10.59 60.56 -0.95
N ARG D 641 -10.73 60.42 -2.28
CA ARG D 641 -11.65 61.28 -3.01
C ARG D 641 -13.09 61.07 -2.57
N ASP D 642 -13.49 59.81 -2.41
CA ASP D 642 -14.86 59.52 -1.99
C ASP D 642 -15.13 60.01 -0.58
N LEU D 643 -14.16 59.87 0.32
CA LEU D 643 -14.35 60.36 1.68
C LEU D 643 -14.51 61.88 1.71
N LYS D 644 -13.68 62.60 0.94
CA LYS D 644 -13.81 64.05 0.88
C LYS D 644 -15.15 64.46 0.30
N ARG D 645 -15.58 63.81 -0.79
CA ARG D 645 -16.86 64.14 -1.40
C ARG D 645 -18.02 63.86 -0.46
N LEU D 646 -17.97 62.72 0.24
CA LEU D 646 -19.02 62.39 1.19
C LEU D 646 -19.07 63.38 2.35
N ALA D 647 -17.91 63.84 2.81
CA ALA D 647 -17.88 64.86 3.85
C ALA D 647 -18.53 66.15 3.36
N GLU D 648 -18.23 66.56 2.13
CA GLU D 648 -18.85 67.78 1.59
C GLU D 648 -20.36 67.61 1.46
N ILE D 649 -20.81 66.44 1.00
CA ILE D 649 -22.24 66.20 0.85
C ILE D 649 -22.93 66.23 2.21
N ALA D 650 -22.31 65.62 3.22
CA ALA D 650 -22.87 65.65 4.56
C ALA D 650 -22.93 67.07 5.11
N GLN D 651 -21.91 67.88 4.82
CA GLN D 651 -21.93 69.27 5.26
C GLN D 651 -23.07 70.03 4.61
N ASP D 652 -23.31 69.80 3.32
CA ASP D 652 -24.42 70.45 2.63
C ASP D 652 -25.77 70.05 3.23
N MET D 653 -25.94 68.74 3.49
CA MET D 653 -27.19 68.27 4.09
C MET D 653 -27.38 68.84 5.48
N CYS D 654 -26.30 68.93 6.26
CA CYS D 654 -26.39 69.51 7.59
C CYS D 654 -26.77 70.98 7.53
N ALA D 655 -26.22 71.71 6.55
CA ALA D 655 -26.60 73.11 6.39
C ALA D 655 -28.08 73.25 6.04
N VAL D 656 -28.57 72.39 5.16
CA VAL D 656 -29.99 72.43 4.80
C VAL D 656 -30.86 72.13 6.02
N LEU D 657 -30.48 71.12 6.81
CA LEU D 657 -31.25 70.78 8.00
C LEU D 657 -31.24 71.92 9.01
N ARG D 658 -30.09 72.57 9.19
CA ARG D 658 -30.02 73.72 10.09
C ARG D 658 -30.91 74.85 9.60
N LYS D 659 -30.93 75.09 8.29
CA LYS D 659 -31.81 76.11 7.74
C LYS D 659 -33.28 75.78 7.98
N ALA D 660 -33.65 74.51 7.85
CA ALA D 660 -35.04 74.11 8.02
C ALA D 660 -35.47 73.99 9.48
N ASN D 661 -34.54 73.99 10.42
CA ASN D 661 -34.83 73.83 11.84
C ASN D 661 -34.19 74.96 12.63
N PRO D 662 -34.85 76.12 12.71
CA PRO D 662 -34.25 77.24 13.46
C PRO D 662 -34.42 77.14 14.95
N GLN D 663 -35.37 76.34 15.44
CA GLN D 663 -35.63 76.27 16.87
C GLN D 663 -34.57 75.46 17.62
N ALA D 664 -33.95 74.48 16.97
CA ALA D 664 -33.00 73.62 17.64
C ALA D 664 -31.70 74.37 17.93
N ASP D 665 -30.92 73.82 18.85
CA ASP D 665 -29.64 74.40 19.25
C ASP D 665 -28.51 73.75 18.46
N LEU D 666 -27.59 74.57 17.98
CA LEU D 666 -26.46 74.07 17.21
C LEU D 666 -25.46 73.37 18.11
N LEU D 667 -24.82 72.33 17.57
CA LEU D 667 -23.77 71.59 18.25
C LEU D 667 -22.48 71.81 17.47
N ALA D 668 -21.52 72.48 18.11
CA ALA D 668 -20.28 72.83 17.43
C ALA D 668 -19.50 71.59 17.01
N GLU D 669 -19.43 70.59 17.90
CA GLU D 669 -18.73 69.34 17.63
C GLU D 669 -19.61 68.21 18.13
N ALA D 670 -20.17 67.42 17.20
CA ALA D 670 -21.11 66.38 17.59
C ALA D 670 -20.96 65.18 16.68
N ARG D 671 -21.43 64.04 17.18
CA ARG D 671 -21.44 62.79 16.43
C ARG D 671 -22.83 62.16 16.54
N ILE D 672 -23.20 61.41 15.51
CA ILE D 672 -24.44 60.64 15.46
C ILE D 672 -24.04 59.18 15.31
N SER D 673 -24.33 58.38 16.33
CA SER D 673 -23.96 56.98 16.36
C SER D 673 -25.18 56.14 16.68
N GLN D 674 -25.44 55.12 15.86
CA GLN D 674 -26.61 54.28 16.08
C GLN D 674 -26.46 53.50 17.38
N PHE D 675 -27.61 53.29 18.03
CA PHE D 675 -27.70 52.57 19.31
C PHE D 675 -26.78 53.19 20.36
N ARG D 676 -27.12 54.42 20.73
CA ARG D 676 -26.52 55.07 21.88
C ARG D 676 -27.35 54.72 23.11
N ASN D 677 -26.67 54.44 24.21
CA ASN D 677 -27.34 53.97 25.41
C ASN D 677 -28.23 55.06 26.01
N ASP D 678 -29.01 54.66 27.03
CA ASP D 678 -29.94 55.54 27.74
C ASP D 678 -31.05 56.06 26.82
N GLY D 679 -31.40 55.27 25.81
CA GLY D 679 -32.52 55.63 24.94
C GLY D 679 -32.32 56.91 24.16
N ALA D 680 -31.11 57.16 23.67
CA ALA D 680 -30.77 58.34 22.89
C ALA D 680 -29.97 57.93 21.67
N SER D 681 -30.45 56.90 20.96
CA SER D 681 -29.69 56.25 19.92
C SER D 681 -29.29 57.19 18.79
N TRP D 682 -30.27 57.68 18.02
CA TRP D 682 -29.98 58.46 16.84
C TRP D 682 -29.94 59.95 17.10
N HIS D 683 -29.59 60.37 18.31
CA HIS D 683 -29.43 61.77 18.64
C HIS D 683 -27.97 62.18 18.47
N ALA D 684 -27.76 63.41 18.03
CA ALA D 684 -26.43 63.96 17.90
C ALA D 684 -25.94 64.40 19.28
N ASN D 685 -24.77 63.90 19.68
CA ASN D 685 -24.23 64.19 21.00
C ASN D 685 -22.86 64.84 20.86
N ARG D 686 -22.55 65.76 21.77
CA ARG D 686 -21.28 66.48 21.72
C ARG D 686 -20.12 65.57 22.09
N ILE D 687 -18.92 65.98 21.67
CA ILE D 687 -17.72 65.27 22.04
C ILE D 687 -17.43 65.44 23.53
N ASN D 688 -17.51 66.67 24.02
CA ASN D 688 -17.21 67.00 25.42
C ASN D 688 -18.45 67.55 26.12
N GLU D 689 -19.29 66.64 26.61
CA GLU D 689 -20.47 67.08 27.35
C GLU D 689 -20.14 67.18 28.84
N PRO D 690 -20.64 68.23 29.51
CA PRO D 690 -20.32 68.41 30.93
C PRO D 690 -20.82 67.25 31.77
N THR D 691 -20.03 66.89 32.79
CA THR D 691 -20.32 65.77 33.66
C THR D 691 -20.30 66.22 35.11
N ASP D 692 -21.13 65.57 35.93
CA ASP D 692 -21.14 65.86 37.37
C ASP D 692 -19.86 65.42 38.05
N ALA D 693 -19.18 64.41 37.50
CA ALA D 693 -17.95 63.92 38.08
C ALA D 693 -16.86 64.98 37.99
N LEU D 694 -16.00 65.00 39.01
CA LEU D 694 -14.93 65.97 39.09
C LEU D 694 -13.81 65.60 38.10
N SER D 695 -12.90 66.55 37.90
CA SER D 695 -11.77 66.33 37.00
C SER D 695 -10.88 65.21 37.55
N VAL D 696 -10.34 64.41 36.63
CA VAL D 696 -9.49 63.30 37.03
C VAL D 696 -8.18 63.83 37.60
N LEU D 697 -7.70 63.19 38.66
CA LEU D 697 -6.47 63.60 39.31
C LEU D 697 -5.28 62.86 38.74
N THR D 698 -4.11 63.50 38.82
CA THR D 698 -2.87 62.91 38.37
C THR D 698 -1.84 63.00 39.50
N GLN D 699 -0.92 62.04 39.50
CA GLN D 699 0.08 61.96 40.56
C GLN D 699 1.32 61.28 40.02
N THR D 700 2.49 61.74 40.48
CA THR D 700 3.78 61.17 40.08
C THR D 700 4.34 60.38 41.26
N LEU D 701 4.75 59.14 40.98
CA LEU D 701 5.25 58.26 42.03
C LEU D 701 6.76 58.43 42.17
N ASP D 702 7.39 57.55 42.95
CA ASP D 702 8.80 57.69 43.25
C ASP D 702 9.67 57.37 42.05
N ASN D 703 9.37 56.28 41.34
CA ASN D 703 10.21 55.79 40.26
C ASN D 703 9.64 56.15 38.89
N GLY D 704 9.04 57.32 38.78
CA GLY D 704 8.47 57.77 37.52
C GLY D 704 7.11 57.17 37.18
N ARG D 705 6.56 56.35 38.05
CA ARG D 705 5.25 55.74 37.80
C ARG D 705 4.16 56.79 37.89
N VAL D 706 3.17 56.70 37.00
CA VAL D 706 2.10 57.68 36.90
C VAL D 706 0.80 57.03 37.37
N LEU D 707 0.10 57.71 38.28
CA LEU D 707 -1.15 57.22 38.83
C LEU D 707 -2.27 58.15 38.41
N LEU D 708 -3.30 57.58 37.78
CA LEU D 708 -4.48 58.33 37.34
C LEU D 708 -5.70 57.74 38.03
N ALA D 709 -6.53 58.60 38.62
CA ALA D 709 -7.66 58.14 39.42
C ALA D 709 -8.85 59.07 39.21
N ASN D 710 -9.84 58.62 38.45
CA ASN D 710 -11.14 59.25 38.42
C ASN D 710 -12.02 58.57 39.47
N GLY D 711 -13.33 58.83 39.42
CA GLY D 711 -14.21 58.26 40.41
C GLY D 711 -14.47 56.78 40.27
N VAL D 712 -14.10 56.17 39.14
CA VAL D 712 -14.46 54.78 38.88
C VAL D 712 -13.27 53.90 38.50
N LEU D 713 -12.13 54.45 38.10
CA LEU D 713 -11.00 53.64 37.64
C LEU D 713 -9.71 54.14 38.26
N SER D 714 -8.73 53.24 38.37
CA SER D 714 -7.39 53.58 38.83
C SER D 714 -6.38 52.93 37.89
N VAL D 715 -5.60 53.77 37.21
CA VAL D 715 -4.66 53.31 36.19
C VAL D 715 -3.25 53.66 36.65
N THR D 716 -2.35 52.68 36.62
CA THR D 716 -0.95 52.87 36.98
C THR D 716 -0.08 52.56 35.79
N ILE D 717 0.79 53.50 35.43
CA ILE D 717 1.65 53.39 34.27
C ILE D 717 3.10 53.35 34.75
N GLU D 718 3.85 52.36 34.28
CA GLU D 718 5.24 52.20 34.64
C GLU D 718 6.11 53.20 33.89
N ALA D 719 7.42 53.18 34.16
CA ALA D 719 8.34 54.10 33.51
C ALA D 719 8.48 53.81 32.02
N ASP D 720 8.13 52.61 31.57
CA ASP D 720 8.22 52.24 30.16
C ASP D 720 6.94 52.54 29.39
N GLY D 721 5.94 53.14 30.03
CA GLY D 721 4.71 53.49 29.35
C GLY D 721 3.73 52.36 29.16
N THR D 722 3.82 51.31 29.97
CA THR D 722 2.91 50.18 29.88
C THR D 722 2.08 50.10 31.16
N ILE D 723 0.79 49.81 31.00
CA ILE D 723 -0.11 49.73 32.14
C ILE D 723 0.19 48.46 32.92
N SER D 724 0.35 48.60 34.24
CA SER D 724 0.57 47.46 35.11
C SER D 724 -0.54 47.23 36.12
N SER D 725 -1.40 48.23 36.36
CA SER D 725 -2.49 48.10 37.31
C SER D 725 -3.70 48.87 36.79
N LEU D 726 -4.79 48.15 36.53
CA LEU D 726 -6.05 48.74 36.06
C LEU D 726 -7.14 48.26 37.00
N LEU D 727 -7.41 49.03 38.05
CA LEU D 727 -8.33 48.65 39.10
C LEU D 727 -9.68 49.30 38.85
N ASP D 728 -10.75 48.51 38.94
CA ASP D 728 -12.11 48.98 38.77
C ASP D 728 -12.73 49.20 40.15
N GLU D 729 -13.24 50.41 40.37
CA GLU D 729 -13.82 50.75 41.67
C GLU D 729 -15.19 50.10 41.82
N GLU D 730 -15.69 50.12 43.05
CA GLU D 730 -17.02 49.62 43.44
C GLU D 730 -17.25 48.18 42.99
N HIS D 731 -16.18 47.47 42.61
CA HIS D 731 -16.27 46.06 42.27
C HIS D 731 -15.15 45.22 42.87
N GLY D 732 -14.03 45.81 43.24
CA GLY D 732 -12.91 45.05 43.78
C GLY D 732 -12.30 44.09 42.78
N ARG D 733 -12.19 44.50 41.52
CA ARG D 733 -11.67 43.65 40.46
C ARG D 733 -10.42 44.29 39.88
N GLU D 734 -9.36 43.49 39.72
CA GLU D 734 -8.14 43.92 39.07
C GLU D 734 -8.14 43.40 37.63
N LEU D 735 -8.07 44.31 36.67
CA LEU D 735 -8.20 43.96 35.27
C LEU D 735 -6.88 43.55 34.62
N VAL D 736 -5.76 43.68 35.31
CA VAL D 736 -4.45 43.32 34.79
C VAL D 736 -3.86 42.25 35.70
N PRO D 737 -3.56 41.05 35.19
CA PRO D 737 -2.92 40.03 36.03
C PRO D 737 -1.54 40.48 36.47
N ALA D 738 -1.16 40.03 37.66
CA ALA D 738 0.18 40.33 38.18
C ALA D 738 1.25 39.68 37.31
N GLY D 739 2.30 40.43 37.03
CA GLY D 739 3.38 39.96 36.19
C GLY D 739 3.20 40.19 34.71
N THR D 740 2.10 40.83 34.29
CA THR D 740 1.85 41.14 32.89
C THR D 740 1.71 42.64 32.72
N ARG D 741 2.09 43.12 31.54
CA ARG D 741 2.03 44.54 31.20
C ARG D 741 1.03 44.76 30.08
N LEU D 742 0.18 45.76 30.25
CA LEU D 742 -0.85 46.09 29.27
C LEU D 742 -0.36 47.22 28.36
N GLY D 743 -0.66 47.10 27.07
CA GLY D 743 -0.22 48.08 26.10
C GLY D 743 1.18 47.86 25.56
N GLN D 744 1.80 46.72 25.86
CA GLN D 744 3.13 46.42 25.36
C GLN D 744 3.08 46.04 23.89
N TYR D 745 4.07 46.52 23.13
CA TYR D 745 4.14 46.26 21.70
C TYR D 745 5.09 45.10 21.43
N GLU D 746 4.68 44.21 20.54
CA GLU D 746 5.42 43.01 20.19
C GLU D 746 5.74 43.01 18.71
N LEU D 747 6.96 42.59 18.38
CA LEU D 747 7.41 42.47 17.00
C LEU D 747 7.71 41.01 16.70
N LEU D 748 7.17 40.52 15.59
CA LEU D 748 7.30 39.13 15.18
C LEU D 748 7.98 39.06 13.82
N ARG D 749 8.73 37.97 13.59
CA ARG D 749 9.40 37.75 12.31
C ARG D 749 8.44 36.98 11.41
N ASP D 750 7.98 37.64 10.35
CA ASP D 750 6.99 37.08 9.41
C ASP D 750 7.71 36.76 8.11
N GLU D 751 8.10 35.49 7.94
CA GLU D 751 8.76 35.02 6.72
C GLU D 751 8.08 33.73 6.26
N PRO D 752 6.86 33.84 5.73
CA PRO D 752 6.13 32.64 5.33
C PRO D 752 6.74 32.00 4.09
N ALA D 753 6.54 30.69 3.97
CA ALA D 753 7.08 29.95 2.84
C ALA D 753 6.29 30.23 1.56
N VAL D 754 4.97 30.35 1.66
CA VAL D 754 4.11 30.54 0.51
C VAL D 754 3.11 31.65 0.82
N TRP D 755 2.76 32.42 -0.22
CA TRP D 755 1.73 33.46 -0.15
C TRP D 755 2.08 34.48 0.94
N ASP D 756 3.16 35.22 0.66
CA ASP D 756 3.74 36.12 1.66
C ASP D 756 2.72 37.10 2.21
N ALA D 757 1.98 37.78 1.33
CA ALA D 757 0.99 38.75 1.79
C ALA D 757 -0.22 38.05 2.42
N TRP D 758 -0.57 36.85 1.93
CA TRP D 758 -1.75 36.17 2.43
C TRP D 758 -1.52 35.58 3.82
N GLU D 759 -0.36 34.98 4.05
CA GLU D 759 -0.18 34.05 5.15
C GLU D 759 0.57 34.67 6.32
N ILE D 760 0.10 34.35 7.53
CA ILE D 760 0.86 34.49 8.76
C ILE D 760 0.94 33.12 9.40
N GLU D 761 2.15 32.66 9.68
CA GLU D 761 2.40 31.28 10.06
C GLU D 761 2.39 31.10 11.57
N ARG D 762 2.20 29.85 11.99
CA ARG D 762 2.26 29.53 13.42
C ARG D 762 3.64 29.77 13.98
N GLU D 763 4.68 29.47 13.20
CA GLU D 763 6.04 29.66 13.66
C GLU D 763 6.36 31.13 13.94
N SER D 764 5.61 32.06 13.35
CA SER D 764 5.83 33.47 13.63
C SER D 764 5.55 33.80 15.09
N LEU D 765 4.52 33.17 15.66
CA LEU D 765 4.19 33.39 17.06
C LEU D 765 5.24 32.73 17.95
N LEU D 766 5.10 32.96 19.26
CA LEU D 766 5.95 32.41 20.32
C LEU D 766 7.38 32.93 20.28
N MET D 767 7.69 33.88 19.38
CA MET D 767 9.02 34.47 19.32
C MET D 767 8.94 36.00 19.18
N ALA D 768 7.88 36.59 19.70
CA ALA D 768 7.74 38.04 19.66
C ALA D 768 8.77 38.70 20.56
N ASN D 769 9.35 39.80 20.09
CA ASN D 769 10.37 40.53 20.82
C ASN D 769 9.77 41.81 21.39
N ALA D 770 9.93 42.01 22.70
CA ALA D 770 9.39 43.19 23.35
C ALA D 770 10.13 44.44 22.91
N VAL D 771 9.36 45.52 22.70
CA VAL D 771 9.91 46.82 22.34
C VAL D 771 9.55 47.79 23.46
N THR D 772 10.56 48.42 24.05
CA THR D 772 10.36 49.28 25.21
C THR D 772 10.30 50.73 24.81
N GLY D 773 9.60 51.52 25.63
CA GLY D 773 9.49 52.95 25.41
C GLY D 773 9.65 53.73 26.68
N SER D 774 9.12 54.96 26.72
CA SER D 774 9.23 55.79 27.91
C SER D 774 8.12 56.83 27.88
N ILE D 775 7.84 57.39 29.05
CA ILE D 775 6.83 58.44 29.20
C ILE D 775 7.47 59.79 28.89
N GLU D 776 6.80 60.58 28.06
CA GLU D 776 7.29 61.90 27.67
C GLU D 776 6.58 63.05 28.37
N SER D 777 5.25 63.01 28.46
CA SER D 777 4.53 64.12 29.05
C SER D 777 3.20 63.65 29.61
N VAL D 778 2.69 64.41 30.58
CA VAL D 778 1.36 64.21 31.15
C VAL D 778 0.63 65.54 31.12
N ASN D 779 -0.60 65.54 30.62
CA ASN D 779 -1.36 66.77 30.43
C ASN D 779 -2.80 66.57 30.84
N THR D 780 -3.49 67.69 31.08
CA THR D 780 -4.91 67.70 31.41
C THR D 780 -5.56 68.84 30.63
N GLU D 781 -6.19 68.50 29.51
CA GLU D 781 -6.72 69.53 28.61
C GLU D 781 -8.09 70.03 29.08
N ASN D 782 -9.08 69.15 29.11
CA ASN D 782 -10.44 69.51 29.50
C ASN D 782 -10.93 68.62 30.63
N GLY D 783 -10.08 68.40 31.63
CA GLY D 783 -10.40 67.50 32.71
C GLY D 783 -10.10 66.05 32.44
N ALA D 784 -9.55 65.72 31.27
CA ALA D 784 -9.21 64.35 30.91
C ALA D 784 -7.70 64.22 30.86
N ALA D 785 -7.17 63.23 31.59
CA ALA D 785 -5.74 63.04 31.66
C ALA D 785 -5.21 62.36 30.40
N GLN D 786 -4.11 62.87 29.87
CA GLN D 786 -3.47 62.33 28.68
C GLN D 786 -2.00 62.08 28.99
N VAL D 787 -1.51 60.89 28.64
CA VAL D 787 -0.13 60.50 28.84
C VAL D 787 0.48 60.18 27.48
N HIS D 788 1.66 60.74 27.20
CA HIS D 788 2.35 60.56 25.93
C HIS D 788 3.51 59.58 26.12
N VAL D 789 3.59 58.59 25.24
CA VAL D 789 4.61 57.56 25.30
C VAL D 789 5.27 57.46 23.92
N HIS D 790 6.60 57.45 23.89
CA HIS D 790 7.37 57.27 22.68
C HIS D 790 8.03 55.90 22.69
N THR D 791 7.89 55.16 21.61
CA THR D 791 8.50 53.85 21.44
C THR D 791 9.32 53.86 20.16
N ALA D 792 10.57 53.42 20.25
CA ALA D 792 11.48 53.48 19.11
C ALA D 792 12.12 52.11 18.88
N ASP D 793 12.38 51.83 17.60
CA ASP D 793 13.04 50.60 17.19
C ASP D 793 14.16 50.83 16.18
N GLY D 794 14.23 52.02 15.58
CA GLY D 794 15.16 52.29 14.50
C GLY D 794 14.41 52.56 13.22
N ASP D 795 14.27 53.83 12.86
CA ASP D 795 13.49 54.31 11.73
C ASP D 795 12.01 54.02 11.88
N THR D 796 11.58 53.49 13.03
CA THR D 796 10.17 53.20 13.29
C THR D 796 9.81 53.80 14.65
N VAL D 797 8.88 54.74 14.65
CA VAL D 797 8.51 55.49 15.84
C VAL D 797 7.01 55.31 16.08
N ILE D 798 6.65 55.00 17.33
CA ILE D 798 5.26 54.88 17.74
C ILE D 798 5.01 55.90 18.83
N THR D 799 4.06 56.80 18.60
CA THR D 799 3.64 57.78 19.60
C THR D 799 2.25 57.40 20.08
N THR D 800 2.12 57.13 21.37
CA THR D 800 0.88 56.64 21.95
C THR D 800 0.37 57.64 22.97
N THR D 801 -0.91 57.98 22.86
CA THR D 801 -1.62 58.81 23.83
C THR D 801 -2.60 57.93 24.58
N ILE D 802 -2.42 57.86 25.90
CA ILE D 802 -3.31 57.12 26.78
C ILE D 802 -4.20 58.15 27.48
N THR D 803 -5.52 58.01 27.31
CA THR D 803 -6.48 59.01 27.75
C THR D 803 -7.42 58.40 28.76
N LEU D 804 -7.64 59.12 29.86
CA LEU D 804 -8.65 58.80 30.84
C LEU D 804 -9.59 59.99 30.97
N ARG D 805 -10.89 59.74 30.79
CA ARG D 805 -11.91 60.78 30.80
C ARG D 805 -12.77 60.66 32.05
N PRO D 806 -13.07 61.76 32.73
CA PRO D 806 -13.89 61.67 33.94
C PRO D 806 -15.29 61.16 33.64
N GLY D 807 -15.84 60.41 34.58
CA GLY D 807 -17.20 59.93 34.46
C GLY D 807 -17.40 58.78 33.48
N SER D 808 -16.33 58.17 33.00
CA SER D 808 -16.42 57.11 32.00
C SER D 808 -15.70 55.86 32.51
N HIS D 809 -16.17 54.71 32.02
CA HIS D 809 -15.57 53.42 32.36
C HIS D 809 -14.58 52.94 31.31
N THR D 810 -14.23 53.78 30.34
CA THR D 810 -13.39 53.40 29.23
C THR D 810 -12.03 54.08 29.33
N LEU D 811 -10.98 53.34 28.98
CA LEU D 811 -9.63 53.87 28.89
C LEU D 811 -9.22 53.85 27.43
N ASP D 812 -8.81 55.02 26.90
CA ASP D 812 -8.62 55.19 25.47
C ASP D 812 -7.14 55.16 25.10
N PHE D 813 -6.85 54.63 23.92
CA PHE D 813 -5.51 54.60 23.37
C PHE D 813 -5.54 55.09 21.94
N HIS D 814 -4.67 56.04 21.61
CA HIS D 814 -4.46 56.51 20.26
C HIS D 814 -3.00 56.31 19.88
N ALA D 815 -2.74 55.85 18.66
CA ALA D 815 -1.40 55.50 18.25
C ALA D 815 -1.10 56.06 16.87
N ASP D 816 0.06 56.69 16.74
CA ASP D 816 0.59 57.13 15.44
C ASP D 816 1.89 56.39 15.19
N ILE D 817 1.94 55.63 14.10
CA ILE D 817 3.05 54.73 13.82
C ILE D 817 3.70 55.12 12.51
N ASP D 818 5.02 55.24 12.52
CA ASP D 818 5.80 55.50 11.31
C ASP D 818 6.44 54.17 10.90
N TRP D 819 5.69 53.35 10.19
CA TRP D 819 6.14 52.00 9.84
C TRP D 819 7.23 52.07 8.77
N HIS D 820 8.39 51.47 9.08
CA HIS D 820 9.50 51.38 8.14
C HIS D 820 10.18 50.02 8.21
N GLU D 821 9.53 49.02 8.81
CA GLU D 821 10.13 47.71 8.99
C GLU D 821 10.08 46.91 7.69
N ARG D 822 10.57 45.67 7.75
CA ARG D 822 10.58 44.78 6.59
C ARG D 822 10.39 43.36 7.08
N GLU D 823 9.33 42.70 6.59
CA GLU D 823 9.01 41.33 6.97
C GLU D 823 8.86 41.19 8.48
N ARG D 824 8.10 42.10 9.08
CA ARG D 824 7.84 42.10 10.52
C ARG D 824 6.35 42.30 10.77
N PHE D 825 5.88 41.80 11.91
CA PHE D 825 4.49 41.88 12.31
C PHE D 825 4.41 42.61 13.64
N LEU D 826 3.51 43.58 13.74
CA LEU D 826 3.35 44.40 14.94
C LEU D 826 2.05 44.02 15.65
N LYS D 827 2.14 43.83 16.96
CA LYS D 827 0.98 43.51 17.77
C LYS D 827 1.03 44.28 19.07
N VAL D 828 -0.11 44.36 19.75
CA VAL D 828 -0.22 45.02 21.05
C VAL D 828 -0.91 44.05 22.01
N ASP D 829 -0.39 43.97 23.23
CA ASP D 829 -0.87 43.03 24.23
C ASP D 829 -1.85 43.73 25.17
N LEU D 830 -3.00 43.11 25.39
CA LEU D 830 -4.03 43.63 26.28
C LEU D 830 -4.49 42.52 27.22
N PRO D 831 -3.72 42.25 28.28
CA PRO D 831 -4.18 41.28 29.28
C PRO D 831 -5.44 41.74 29.97
N LEU D 832 -6.30 40.78 30.33
CA LEU D 832 -7.60 41.08 30.90
C LEU D 832 -7.84 40.50 32.28
N GLY D 833 -7.14 39.44 32.67
CA GLY D 833 -7.34 38.87 33.99
C GLY D 833 -8.71 38.26 34.21
N ILE D 834 -9.27 37.63 33.19
CA ILE D 834 -10.56 36.95 33.30
C ILE D 834 -10.40 35.56 32.69
N VAL D 835 -10.79 34.54 33.44
CA VAL D 835 -10.70 33.16 32.98
C VAL D 835 -12.00 32.83 32.27
N ALA D 836 -11.94 32.70 30.94
CA ALA D 836 -13.10 32.38 30.12
C ALA D 836 -12.72 31.32 29.10
N ASP D 837 -13.64 30.37 28.88
CA ASP D 837 -13.40 29.32 27.90
C ASP D 837 -13.60 29.82 26.47
N GLN D 838 -14.50 30.78 26.27
CA GLN D 838 -14.79 31.28 24.94
C GLN D 838 -14.86 32.81 24.98
N ALA D 839 -14.62 33.42 23.82
CA ALA D 839 -14.67 34.86 23.65
C ALA D 839 -15.77 35.22 22.67
N THR D 840 -16.47 36.30 22.95
CA THR D 840 -17.57 36.77 22.11
C THR D 840 -17.09 37.92 21.23
N TYR D 841 -17.25 37.76 19.92
CA TYR D 841 -16.89 38.78 18.95
C TYR D 841 -18.14 39.21 18.18
N ASP D 842 -18.04 40.37 17.55
CA ASP D 842 -19.17 40.93 16.81
C ASP D 842 -19.21 40.35 15.41
N CYS D 843 -20.41 40.10 14.92
CA CYS D 843 -20.64 39.63 13.56
C CYS D 843 -21.26 40.76 12.74
N GLN D 844 -21.64 40.46 11.50
CA GLN D 844 -22.27 41.49 10.67
C GLN D 844 -23.62 41.89 11.23
N TYR D 845 -24.42 40.94 11.68
CA TYR D 845 -25.75 41.21 12.22
C TYR D 845 -26.00 40.38 13.47
N GLY D 846 -24.96 40.19 14.29
CA GLY D 846 -25.09 39.39 15.49
C GLY D 846 -23.77 39.21 16.21
N LEU D 847 -23.63 38.08 16.92
CA LEU D 847 -22.44 37.79 17.68
C LEU D 847 -21.98 36.36 17.39
N ILE D 848 -20.69 36.12 17.58
CA ILE D 848 -20.10 34.79 17.40
C ILE D 848 -19.25 34.48 18.62
N ARG D 849 -19.10 33.20 18.92
CA ARG D 849 -18.27 32.73 20.02
C ARG D 849 -17.13 31.89 19.46
N ARG D 850 -15.91 32.21 19.89
CA ARG D 850 -14.74 31.46 19.44
C ARG D 850 -13.96 30.95 20.65
N PRO D 851 -13.39 29.75 20.56
CA PRO D 851 -12.70 29.18 21.72
C PRO D 851 -11.42 29.93 22.05
N ILE D 852 -11.20 30.14 23.33
CA ILE D 852 -9.93 30.69 23.82
C ILE D 852 -8.95 29.57 24.15
N VAL D 853 -9.41 28.55 24.85
CA VAL D 853 -8.62 27.37 25.14
C VAL D 853 -8.74 26.41 23.96
N LYS D 854 -7.61 26.06 23.36
CA LYS D 854 -7.57 25.19 22.19
C LYS D 854 -7.12 23.80 22.63
N ASN D 855 -8.04 22.85 22.61
CA ASN D 855 -7.74 21.48 23.03
C ASN D 855 -7.32 20.59 21.87
N THR D 856 -8.00 20.68 20.74
CA THR D 856 -7.76 19.84 19.59
C THR D 856 -7.02 20.60 18.49
N ALA D 857 -6.58 19.86 17.49
CA ALA D 857 -5.88 20.49 16.36
C ALA D 857 -6.82 21.37 15.55
N SER D 858 -8.11 21.03 15.49
CA SER D 858 -9.07 21.88 14.80
C SER D 858 -9.19 23.25 15.47
N ASP D 859 -9.21 23.26 16.81
CA ASP D 859 -9.30 24.53 17.53
C ASP D 859 -8.02 25.34 17.38
N GLU D 860 -6.88 24.67 17.30
CA GLU D 860 -5.61 25.37 17.17
C GLU D 860 -5.50 26.10 15.83
N ALA D 861 -6.18 25.60 14.80
CA ALA D 861 -6.14 26.24 13.49
C ALA D 861 -6.75 27.64 13.51
N LYS D 862 -7.63 27.93 14.46
CA LYS D 862 -8.23 29.26 14.58
C LYS D 862 -7.43 30.15 15.52
N TYR D 863 -6.14 30.30 15.25
CA TYR D 863 -5.26 31.12 16.08
C TYR D 863 -5.23 32.58 15.66
N GLU D 864 -5.99 32.96 14.64
CA GLU D 864 -6.06 34.35 14.20
C GLU D 864 -7.44 34.57 13.58
N SER D 865 -8.32 35.20 14.34
CA SER D 865 -9.70 35.43 13.93
C SER D 865 -9.90 36.91 13.60
N SER D 866 -11.14 37.28 13.32
CA SER D 866 -11.50 38.64 12.96
C SER D 866 -12.45 39.22 13.99
N THR D 867 -12.33 40.52 14.23
CA THR D 867 -13.21 41.25 15.13
C THR D 867 -13.92 42.35 14.35
N ASN D 868 -15.14 42.64 14.76
CA ASN D 868 -15.96 43.68 14.12
C ASN D 868 -16.25 44.76 15.16
N ARG D 869 -15.31 45.69 15.30
CA ARG D 869 -15.46 46.91 16.09
C ARG D 869 -15.43 46.68 17.60
N PHE D 870 -15.47 45.43 18.04
CA PHE D 870 -15.34 45.14 19.48
C PHE D 870 -15.25 43.64 19.72
N ALA D 871 -14.77 43.30 20.91
CA ALA D 871 -14.77 41.93 21.42
C ALA D 871 -15.07 41.97 22.92
N ILE D 872 -15.72 40.93 23.41
CA ILE D 872 -16.12 40.82 24.82
C ILE D 872 -15.54 39.54 25.39
N ILE D 873 -14.89 39.64 26.55
CA ILE D 873 -14.37 38.48 27.26
C ILE D 873 -14.82 38.61 28.71
N GLY D 874 -15.48 37.58 29.22
CA GLY D 874 -16.00 37.66 30.58
C GLY D 874 -16.39 36.31 31.11
N ASP D 875 -16.37 36.19 32.43
CA ASP D 875 -16.82 35.00 33.15
C ASP D 875 -18.29 35.16 33.50
N ALA D 876 -18.80 34.32 34.41
CA ALA D 876 -20.21 34.34 34.73
C ALA D 876 -20.64 35.67 35.34
N GLY D 877 -19.83 36.22 36.25
CA GLY D 877 -20.20 37.42 36.97
C GLY D 877 -19.57 38.72 36.54
N TYR D 878 -18.71 38.72 35.53
CA TYR D 878 -18.01 39.92 35.12
C TYR D 878 -17.58 39.79 33.68
N ALA D 879 -17.34 40.94 33.03
CA ALA D 879 -16.92 40.95 31.64
C ALA D 879 -16.23 42.27 31.34
N ALA D 880 -15.29 42.21 30.40
CA ALA D 880 -14.58 43.39 29.91
C ALA D 880 -14.52 43.35 28.40
N ALA D 881 -14.52 44.53 27.79
CA ALA D 881 -14.59 44.65 26.34
C ALA D 881 -13.37 45.39 25.80
N VAL D 882 -12.97 45.02 24.59
CA VAL D 882 -11.92 45.72 23.85
C VAL D 882 -12.57 46.28 22.59
N ILE D 883 -12.54 47.60 22.44
CA ILE D 883 -13.13 48.30 21.32
C ILE D 883 -12.00 48.72 20.39
N ASN D 884 -12.18 48.53 19.09
CA ASN D 884 -11.16 48.90 18.11
C ASN D 884 -11.74 49.84 17.07
N GLY D 885 -10.89 50.72 16.54
CA GLY D 885 -11.30 51.67 15.54
C GLY D 885 -11.41 51.09 14.14
N SER D 886 -10.30 50.59 13.61
CA SER D 886 -10.29 50.02 12.27
C SER D 886 -9.42 48.77 12.19
N VAL D 887 -9.31 48.03 13.29
CA VAL D 887 -8.50 46.82 13.35
C VAL D 887 -9.42 45.61 13.23
N TYR D 888 -9.04 44.65 12.40
CA TYR D 888 -9.86 43.46 12.16
C TYR D 888 -9.27 42.19 12.77
N GLY D 889 -8.00 41.89 12.50
CA GLY D 889 -7.39 40.68 13.02
C GLY D 889 -6.99 40.78 14.48
N SER D 890 -7.11 39.67 15.19
CA SER D 890 -6.76 39.60 16.60
C SER D 890 -6.62 38.13 17.00
N ASP D 891 -6.22 37.91 18.24
CA ASP D 891 -6.15 36.56 18.79
C ASP D 891 -6.26 36.60 20.31
N ALA D 892 -6.60 35.46 20.89
CA ALA D 892 -6.76 35.33 22.33
C ALA D 892 -6.18 34.00 22.78
N SER D 893 -5.50 34.02 23.93
CA SER D 893 -4.86 32.85 24.51
C SER D 893 -5.07 32.87 26.01
N PRO D 894 -4.97 31.72 26.66
CA PRO D 894 -5.05 31.70 28.13
C PRO D 894 -3.74 32.12 28.78
N ILE D 895 -3.83 32.46 30.05
CA ILE D 895 -2.67 32.82 30.87
C ILE D 895 -2.82 32.03 32.17
N ALA D 896 -2.12 30.91 32.27
CA ALA D 896 -2.14 30.09 33.48
C ALA D 896 -0.91 30.42 34.30
N GLY D 897 -1.12 31.05 35.45
CA GLY D 897 -0.03 31.45 36.33
C GLY D 897 0.17 30.47 37.48
N ASN D 898 1.05 30.87 38.40
CA ASN D 898 1.35 30.09 39.58
C ASN D 898 1.36 31.00 40.79
N ALA D 899 0.84 30.51 41.91
CA ALA D 899 0.81 31.29 43.13
C ALA D 899 2.17 31.41 43.79
N ALA D 900 3.16 30.62 43.37
CA ALA D 900 4.49 30.69 43.96
C ALA D 900 5.23 31.95 43.53
N GLU D 901 4.77 32.65 42.51
CA GLU D 901 5.42 33.86 42.02
C GLU D 901 4.53 35.09 42.09
N GLY D 902 3.24 34.96 41.79
CA GLY D 902 2.33 36.08 41.86
C GLY D 902 1.35 36.14 40.71
N ARG D 903 1.63 35.41 39.64
CA ARG D 903 0.75 35.39 38.47
C ARG D 903 -0.44 34.49 38.76
N ASP D 904 -1.65 35.07 38.75
CA ASP D 904 -2.84 34.28 39.06
C ASP D 904 -3.37 33.55 37.84
N SER D 905 -3.86 34.29 36.85
CA SER D 905 -4.50 33.75 35.66
C SER D 905 -4.95 34.94 34.81
N GLY D 906 -5.44 34.64 33.61
CA GLY D 906 -6.03 35.67 32.79
C GLY D 906 -6.17 35.23 31.35
N THR D 907 -6.46 36.21 30.50
CA THR D 907 -6.60 36.01 29.06
C THR D 907 -5.77 37.05 28.33
N MET D 908 -4.81 36.59 27.54
CA MET D 908 -3.99 37.46 26.71
C MET D 908 -4.71 37.70 25.40
N PHE D 909 -5.22 38.90 25.20
CA PHE D 909 -5.89 39.31 23.96
C PHE D 909 -5.00 40.29 23.23
N ARG D 910 -4.62 39.95 22.00
CA ARG D 910 -3.72 40.77 21.21
C ARG D 910 -4.38 41.18 19.90
N LEU D 911 -4.05 42.39 19.45
CA LEU D 911 -4.58 42.95 18.21
C LEU D 911 -3.45 43.11 17.20
N SER D 912 -3.73 42.72 15.95
CA SER D 912 -2.76 42.85 14.87
C SER D 912 -2.84 44.24 14.27
N LEU D 913 -1.71 44.93 14.22
CA LEU D 913 -1.67 46.31 13.75
C LEU D 913 -1.08 46.46 12.36
N LEU D 914 0.13 45.97 12.12
CA LEU D 914 0.80 46.21 10.85
C LEU D 914 1.63 45.00 10.45
N SER D 915 1.85 44.87 9.15
CA SER D 915 2.68 43.82 8.58
C SER D 915 3.39 44.38 7.37
N ALA D 916 4.50 43.73 6.99
CA ALA D 916 5.34 44.18 5.87
C ALA D 916 5.64 43.03 4.93
N PRO D 917 4.67 42.65 4.09
CA PRO D 917 4.97 41.67 3.04
C PRO D 917 5.81 42.28 1.93
N THR D 918 6.33 41.42 1.06
CA THR D 918 7.23 41.87 0.00
C THR D 918 6.89 41.38 -1.39
N PHE D 919 6.17 40.26 -1.54
CA PHE D 919 6.00 39.69 -2.89
C PHE D 919 5.13 40.57 -3.78
N PRO D 920 3.85 40.81 -3.46
CA PRO D 920 3.05 41.63 -4.39
C PRO D 920 3.47 43.09 -4.40
N ASP D 921 3.80 43.64 -3.24
CA ASP D 921 4.26 45.02 -3.12
C ASP D 921 5.60 45.03 -2.39
N PRO D 922 6.68 45.47 -3.03
CA PRO D 922 7.98 45.49 -2.32
C PRO D 922 7.99 46.37 -1.09
N ARG D 923 7.23 47.46 -1.08
CA ARG D 923 7.12 48.35 0.07
C ARG D 923 5.65 48.42 0.47
N THR D 924 5.25 47.60 1.44
CA THR D 924 3.87 47.50 1.87
C THR D 924 3.70 48.21 3.21
N ASP D 925 2.74 49.13 3.28
CA ASP D 925 2.39 49.83 4.51
C ASP D 925 3.59 50.55 5.11
N ILE D 926 4.40 51.16 4.26
CA ILE D 926 5.56 51.94 4.70
C ILE D 926 5.15 53.40 4.74
N GLY D 927 5.04 53.95 5.94
CA GLY D 927 4.61 55.32 6.10
C GLY D 927 3.85 55.51 7.40
N SER D 928 3.03 56.56 7.42
CA SER D 928 2.32 56.95 8.63
C SER D 928 0.96 56.27 8.71
N HIS D 929 0.64 55.75 9.90
CA HIS D 929 -0.64 55.11 10.15
C HIS D 929 -1.18 55.58 11.49
N GLU D 930 -2.50 55.58 11.61
CA GLU D 930 -3.19 56.00 12.83
C GLU D 930 -4.12 54.88 13.30
N PHE D 931 -4.13 54.64 14.61
CA PHE D 931 -4.97 53.61 15.20
C PHE D 931 -5.64 54.16 16.46
N ASP D 932 -6.86 53.69 16.72
CA ASP D 932 -7.59 54.05 17.92
C ASP D 932 -8.21 52.80 18.51
N TRP D 933 -8.12 52.65 19.83
CA TRP D 933 -8.80 51.55 20.51
C TRP D 933 -9.08 51.95 21.95
N SER D 934 -9.77 51.08 22.68
CA SER D 934 -10.22 51.41 24.03
C SER D 934 -10.50 50.12 24.78
N VAL D 935 -10.48 50.23 26.11
CA VAL D 935 -10.80 49.13 27.01
C VAL D 935 -11.95 49.55 27.90
N VAL D 936 -13.00 48.73 27.94
CA VAL D 936 -14.18 48.98 28.76
C VAL D 936 -14.17 47.98 29.90
N ALA D 937 -14.21 48.49 31.14
CA ALA D 937 -14.00 47.67 32.31
C ALA D 937 -15.21 46.81 32.64
N ASP D 938 -16.34 47.45 32.96
CA ASP D 938 -17.58 46.74 33.26
C ASP D 938 -18.44 46.83 32.01
N ALA D 939 -18.41 45.78 31.19
CA ALA D 939 -19.01 45.81 29.86
C ALA D 939 -20.05 44.71 29.72
N THR D 940 -21.16 45.06 29.09
CA THR D 940 -22.16 44.11 28.63
C THR D 940 -22.26 44.22 27.11
N VAL D 941 -23.23 43.51 26.54
CA VAL D 941 -23.45 43.61 25.09
C VAL D 941 -23.89 45.03 24.72
N ASP D 942 -24.79 45.61 25.52
CA ASP D 942 -25.26 46.97 25.24
C ASP D 942 -24.12 47.97 25.34
N ARG D 943 -23.28 47.85 26.37
CA ARG D 943 -22.18 48.80 26.54
C ARG D 943 -21.14 48.64 25.44
N ALA D 944 -20.84 47.39 25.04
CA ALA D 944 -19.91 47.17 23.95
C ALA D 944 -20.44 47.75 22.64
N LEU D 945 -21.72 47.54 22.36
CA LEU D 945 -22.32 48.12 21.16
C LEU D 945 -22.28 49.64 21.21
N ASP D 946 -22.55 50.21 22.38
CA ASP D 946 -22.50 51.66 22.55
C ASP D 946 -21.10 52.20 22.26
N ALA D 947 -20.09 51.59 22.86
CA ALA D 947 -18.72 52.04 22.66
C ALA D 947 -18.29 51.88 21.21
N ALA D 948 -18.66 50.77 20.56
CA ALA D 948 -18.30 50.56 19.16
C ALA D 948 -18.98 51.58 18.26
N GLY D 949 -20.26 51.88 18.51
CA GLY D 949 -20.95 52.87 17.70
C GLY D 949 -20.39 54.26 17.87
N VAL D 950 -20.12 54.65 19.12
CA VAL D 950 -19.61 56.00 19.37
C VAL D 950 -18.25 56.20 18.72
N LEU D 951 -17.36 55.21 18.85
CA LEU D 951 -15.99 55.37 18.36
C LEU D 951 -15.95 55.44 16.84
N ASN D 952 -16.80 54.68 16.15
CA ASN D 952 -16.76 54.59 14.70
C ASN D 952 -17.60 55.65 14.00
N ALA D 953 -18.37 56.45 14.74
CA ALA D 953 -19.21 57.46 14.11
C ALA D 953 -18.35 58.61 13.59
N PRO D 954 -18.61 59.11 12.39
CA PRO D 954 -17.85 60.24 11.87
C PRO D 954 -18.14 61.52 12.63
N VAL D 955 -17.18 62.44 12.62
CA VAL D 955 -17.27 63.70 13.33
C VAL D 955 -17.71 64.78 12.35
N LEU D 956 -18.72 65.55 12.74
CA LEU D 956 -19.24 66.63 11.92
C LEU D 956 -19.50 67.84 12.80
N HIS D 957 -19.82 68.97 12.17
CA HIS D 957 -19.88 70.25 12.84
C HIS D 957 -21.19 70.97 12.56
N ASP D 958 -21.63 71.75 13.55
CA ASP D 958 -22.77 72.66 13.41
C ASP D 958 -24.03 71.92 12.97
N VAL D 959 -24.48 71.01 13.82
CA VAL D 959 -25.67 70.18 13.55
C VAL D 959 -26.75 70.54 14.54
N PRO D 960 -28.00 70.70 14.11
CA PRO D 960 -29.09 70.89 15.07
C PRO D 960 -29.43 69.59 15.78
N ASP D 961 -29.95 69.73 17.00
CA ASP D 961 -30.37 68.57 17.80
C ASP D 961 -31.83 68.26 17.44
N ILE D 962 -32.00 67.57 16.32
CA ILE D 962 -33.32 67.28 15.80
C ILE D 962 -33.78 65.91 16.31
N THR D 963 -35.09 65.73 16.34
CA THR D 963 -35.66 64.45 16.75
C THR D 963 -35.42 63.40 15.67
N PRO D 964 -35.00 62.19 16.05
CA PRO D 964 -34.78 61.15 15.05
C PRO D 964 -36.05 60.80 14.29
N LEU D 965 -35.88 60.44 13.02
CA LEU D 965 -37.03 60.11 12.18
C LEU D 965 -37.78 58.91 12.72
N ALA D 966 -37.07 57.87 13.13
CA ALA D 966 -37.68 56.67 13.68
C ALA D 966 -36.88 56.22 14.90
N SER D 967 -37.56 55.55 15.83
CA SER D 967 -36.94 55.04 17.03
C SER D 967 -37.52 53.68 17.36
N ILE D 968 -36.66 52.80 17.87
CA ILE D 968 -37.06 51.46 18.29
C ILE D 968 -36.59 51.26 19.73
N GLU D 969 -37.53 51.12 20.64
CA GLU D 969 -37.24 50.89 22.05
C GLU D 969 -37.73 49.51 22.45
N SER D 970 -36.90 48.77 23.18
CA SER D 970 -37.17 47.39 23.56
C SER D 970 -37.50 47.33 25.04
N VAL D 971 -38.68 46.82 25.37
CA VAL D 971 -39.03 46.57 26.76
C VAL D 971 -38.13 45.48 27.34
N ASN D 972 -37.98 44.37 26.61
CA ASN D 972 -37.05 43.32 26.98
C ASN D 972 -36.28 42.90 25.74
N GLY D 973 -35.01 42.54 25.95
CA GLY D 973 -34.11 42.25 24.86
C GLY D 973 -33.40 43.48 24.35
N THR D 974 -32.50 43.25 23.40
CA THR D 974 -31.71 44.31 22.79
C THR D 974 -32.00 44.35 21.29
N VAL D 975 -32.56 45.45 20.82
CA VAL D 975 -32.85 45.65 19.41
C VAL D 975 -32.09 46.88 18.93
N VAL D 976 -31.33 46.72 17.85
CA VAL D 976 -30.52 47.80 17.29
C VAL D 976 -31.10 48.17 15.94
N LEU D 977 -31.44 49.44 15.77
CA LEU D 977 -31.91 49.95 14.48
C LEU D 977 -30.66 50.27 13.66
N ASP D 978 -30.34 49.39 12.71
CA ASP D 978 -29.05 49.48 12.03
C ASP D 978 -29.02 50.63 11.03
N TRP D 979 -30.08 50.80 10.25
CA TRP D 979 -30.00 51.71 9.11
C TRP D 979 -31.35 52.37 8.84
N MET D 980 -31.30 53.64 8.41
CA MET D 980 -32.44 54.32 7.82
C MET D 980 -32.00 54.92 6.49
N LYS D 981 -32.88 54.83 5.49
CA LYS D 981 -32.58 55.40 4.18
C LYS D 981 -33.89 55.69 3.46
N LEU D 982 -33.77 56.26 2.27
CA LEU D 982 -34.91 56.47 1.39
C LEU D 982 -34.99 55.35 0.37
N ALA D 983 -36.22 55.01 -0.02
CA ALA D 983 -36.41 53.98 -1.03
C ALA D 983 -35.81 54.44 -2.35
N ASP D 984 -35.22 53.49 -3.09
CA ASP D 984 -34.54 53.86 -4.32
C ASP D 984 -35.53 54.01 -5.47
N ASP D 985 -36.57 54.79 -5.24
CA ASP D 985 -37.60 55.08 -6.24
C ASP D 985 -37.95 56.56 -6.12
N GLY D 986 -38.97 56.98 -6.86
CA GLY D 986 -39.50 58.30 -6.69
C GLY D 986 -40.54 58.44 -5.61
N SER D 987 -40.88 57.33 -4.94
CA SER D 987 -41.92 57.37 -3.91
C SER D 987 -41.50 58.19 -2.71
N GLY D 988 -40.24 58.08 -2.30
CA GLY D 988 -39.78 58.78 -1.12
C GLY D 988 -40.08 58.10 0.19
N ASP D 989 -40.43 56.82 0.16
CA ASP D 989 -40.73 56.10 1.39
C ASP D 989 -39.45 55.87 2.20
N LEU D 990 -39.62 55.59 3.48
CA LEU D 990 -38.51 55.42 4.41
C LEU D 990 -38.28 53.94 4.68
N ILE D 991 -37.04 53.48 4.46
CA ILE D 991 -36.66 52.10 4.71
C ILE D 991 -35.86 52.05 6.00
N VAL D 992 -36.28 51.19 6.92
CA VAL D 992 -35.62 51.03 8.22
C VAL D 992 -35.22 49.57 8.38
N ARG D 993 -33.93 49.33 8.60
CA ARG D 993 -33.39 47.99 8.78
C ARG D 993 -32.89 47.86 10.21
N ALA D 994 -33.41 46.86 10.93
CA ALA D 994 -33.05 46.62 12.32
C ALA D 994 -32.76 45.14 12.52
N TYR D 995 -32.17 44.82 13.67
CA TYR D 995 -31.82 43.43 13.98
C TYR D 995 -31.69 43.28 15.49
N GLU D 996 -31.73 42.03 15.93
CA GLU D 996 -31.55 41.68 17.33
C GLU D 996 -30.08 41.32 17.58
N ALA D 997 -29.46 42.00 18.54
CA ALA D 997 -28.02 41.87 18.75
C ALA D 997 -27.66 41.00 19.95
N ALA D 998 -28.48 40.99 20.99
CA ALA D 998 -28.14 40.24 22.21
C ALA D 998 -28.05 38.75 21.92
N GLY D 999 -28.99 38.21 21.15
CA GLY D 999 -29.02 36.79 20.85
C GLY D 999 -30.22 36.03 21.40
N GLY D 1000 -31.17 36.70 22.03
CA GLY D 1000 -32.37 36.03 22.52
C GLY D 1000 -33.64 36.66 22.00
N GLN D 1001 -34.78 36.26 22.56
CA GLN D 1001 -36.05 36.86 22.17
C GLN D 1001 -36.14 38.28 22.69
N ALA D 1002 -36.68 39.17 21.86
CA ALA D 1002 -36.81 40.57 22.22
C ALA D 1002 -38.15 41.11 21.74
N ASP D 1003 -38.66 42.10 22.46
CA ASP D 1003 -39.90 42.78 22.10
C ASP D 1003 -39.66 44.27 22.01
N ALA D 1004 -40.20 44.91 20.98
CA ALA D 1004 -39.96 46.32 20.75
C ALA D 1004 -41.23 46.99 20.23
N MET D 1005 -41.28 48.31 20.36
CA MET D 1005 -42.37 49.11 19.84
C MET D 1005 -41.78 50.30 19.09
N LEU D 1006 -42.31 50.56 17.89
CA LEU D 1006 -41.75 51.52 16.96
C LEU D 1006 -42.35 52.91 17.18
N HIS D 1007 -41.48 53.92 17.15
CA HIS D 1007 -41.87 55.32 17.27
C HIS D 1007 -41.35 56.10 16.07
N VAL D 1008 -42.09 57.14 15.68
CA VAL D 1008 -41.75 57.93 14.50
C VAL D 1008 -41.82 59.41 14.86
N CYS D 1009 -41.20 60.21 13.99
CA CYS D 1009 -41.19 61.65 14.17
C CYS D 1009 -42.60 62.22 14.06
N PRO D 1010 -42.90 63.31 14.78
CA PRO D 1010 -44.23 63.92 14.67
C PRO D 1010 -44.61 64.30 13.25
N ALA D 1011 -43.61 64.60 12.40
CA ALA D 1011 -43.91 64.89 11.00
C ALA D 1011 -44.55 63.70 10.30
N LEU D 1012 -44.12 62.49 10.65
CA LEU D 1012 -44.67 61.26 10.08
C LEU D 1012 -45.94 60.85 10.84
N ALA D 1013 -46.93 61.74 10.82
CA ALA D 1013 -48.20 61.50 11.49
C ALA D 1013 -49.16 60.79 10.53
N GLY D 1014 -49.72 59.68 10.97
CA GLY D 1014 -50.62 58.90 10.15
C GLY D 1014 -49.95 58.02 9.13
N ALA D 1015 -48.62 57.95 9.12
CA ALA D 1015 -47.91 57.12 8.16
C ALA D 1015 -48.15 55.64 8.45
N SER D 1016 -48.08 54.84 7.40
CA SER D 1016 -48.26 53.40 7.50
C SER D 1016 -46.92 52.69 7.37
N VAL D 1017 -46.82 51.52 8.02
CA VAL D 1017 -45.60 50.72 8.01
C VAL D 1017 -45.96 49.30 7.59
N HIS D 1018 -45.12 48.71 6.73
CA HIS D 1018 -45.33 47.33 6.33
C HIS D 1018 -43.98 46.67 6.08
N GLU D 1019 -43.97 45.35 6.14
CA GLU D 1019 -42.73 44.59 6.07
C GLU D 1019 -42.37 44.26 4.63
N THR D 1020 -41.09 44.45 4.29
CA THR D 1020 -40.56 44.07 2.99
C THR D 1020 -39.36 43.17 3.18
N ASN D 1021 -38.66 42.85 2.09
CA ASN D 1021 -37.42 42.09 2.15
C ASN D 1021 -36.24 43.03 2.14
N VAL D 1022 -35.02 42.48 2.07
CA VAL D 1022 -33.83 43.31 2.07
C VAL D 1022 -33.75 44.15 0.80
N LEU D 1023 -34.33 43.67 -0.30
CA LEU D 1023 -34.32 44.39 -1.57
C LEU D 1023 -35.55 45.28 -1.75
N GLU D 1024 -36.39 45.39 -0.71
CA GLU D 1024 -37.62 46.18 -0.76
C GLU D 1024 -38.57 45.69 -1.85
N GLY D 1025 -38.52 44.41 -2.16
CA GLY D 1025 -39.33 43.83 -3.21
C GLY D 1025 -40.74 43.43 -2.82
N ASP D 1026 -41.10 43.58 -1.55
CA ASP D 1026 -42.41 43.28 -0.99
C ASP D 1026 -42.75 41.79 -1.05
N ASP D 1027 -41.85 40.94 -1.55
CA ASP D 1027 -42.08 39.50 -1.61
C ASP D 1027 -41.07 38.80 -0.71
N LEU D 1028 -41.56 37.97 0.21
CA LEU D 1028 -40.71 37.27 1.15
C LEU D 1028 -41.18 35.84 1.29
N ALA D 1029 -40.23 34.95 1.59
CA ALA D 1029 -40.54 33.53 1.71
C ALA D 1029 -41.39 33.25 2.94
N ALA D 1030 -42.27 32.26 2.82
CA ALA D 1030 -43.16 31.91 3.92
C ALA D 1030 -42.41 31.21 5.05
N ASP D 1031 -41.28 30.56 4.75
CA ASP D 1031 -40.54 29.85 5.78
C ASP D 1031 -39.97 30.81 6.82
N LEU D 1032 -39.47 31.95 6.38
CA LEU D 1032 -38.83 32.88 7.30
C LEU D 1032 -39.86 33.57 8.17
N PRO D 1033 -39.57 33.77 9.46
CA PRO D 1033 -40.47 34.56 10.31
C PRO D 1033 -40.48 36.03 9.90
N VAL D 1034 -41.58 36.69 10.22
CA VAL D 1034 -41.79 38.08 9.79
C VAL D 1034 -41.38 39.07 10.86
N ALA D 1035 -41.66 38.78 12.13
CA ALA D 1035 -41.41 39.65 13.27
C ALA D 1035 -42.23 40.92 13.25
N LEU D 1036 -43.19 41.06 12.34
CA LEU D 1036 -44.15 42.17 12.33
C LEU D 1036 -45.52 41.55 12.08
N GLN D 1037 -46.23 41.25 13.17
CA GLN D 1037 -47.52 40.60 13.06
C GLN D 1037 -48.60 41.60 12.65
N ASP D 1038 -49.75 41.06 12.26
CA ASP D 1038 -50.94 41.78 11.79
C ASP D 1038 -50.70 42.51 10.47
N GLY D 1039 -49.58 42.26 9.80
CA GLY D 1039 -49.35 42.88 8.50
C GLY D 1039 -49.21 44.39 8.61
N ARG D 1040 -49.84 45.09 7.66
CA ARG D 1040 -49.76 46.54 7.64
C ARG D 1040 -50.44 47.15 8.86
N GLN D 1041 -49.81 48.16 9.43
CA GLN D 1041 -50.31 48.82 10.63
C GLN D 1041 -50.05 50.32 10.47
N ASN D 1042 -50.19 51.05 11.57
CA ASN D 1042 -49.78 52.44 11.62
C ASN D 1042 -48.32 52.52 12.07
N ALA D 1043 -47.64 53.58 11.65
CA ALA D 1043 -46.22 53.73 11.99
C ALA D 1043 -46.03 53.87 13.50
N GLU D 1044 -46.89 54.64 14.16
CA GLU D 1044 -46.76 54.87 15.59
C GLU D 1044 -47.44 53.74 16.36
N GLY D 1045 -46.71 53.17 17.32
CA GLY D 1045 -47.25 52.13 18.16
C GLY D 1045 -47.18 50.73 17.60
N ALA D 1046 -46.48 50.53 16.48
CA ALA D 1046 -46.34 49.19 15.93
C ALA D 1046 -45.51 48.31 16.86
N THR D 1047 -45.91 47.05 16.98
CA THR D 1047 -45.24 46.11 17.85
C THR D 1047 -44.41 45.13 17.03
N LEU D 1048 -43.20 44.83 17.51
CA LEU D 1048 -42.28 43.94 16.82
C LEU D 1048 -41.77 42.89 17.80
N HIS D 1049 -41.71 41.64 17.34
CA HIS D 1049 -41.20 40.52 18.14
C HIS D 1049 -40.00 39.94 17.41
N PHE D 1050 -38.80 40.29 17.87
CA PHE D 1050 -37.57 39.86 17.22
C PHE D 1050 -37.10 38.55 17.85
N GLY D 1051 -36.77 37.58 17.00
CA GLY D 1051 -36.09 36.39 17.43
C GLY D 1051 -34.60 36.63 17.50
N PRO D 1052 -33.83 35.57 17.74
CA PRO D 1052 -32.36 35.75 17.77
C PRO D 1052 -31.79 36.13 16.41
N PHE D 1053 -31.27 37.36 16.31
CA PHE D 1053 -30.70 37.89 15.06
C PHE D 1053 -31.74 37.86 13.94
N GLN D 1054 -32.84 38.58 14.17
CA GLN D 1054 -33.98 38.50 13.25
C GLN D 1054 -33.71 39.23 11.93
N LEU D 1055 -33.13 40.43 12.00
CA LEU D 1055 -32.84 41.24 10.82
C LEU D 1055 -34.12 41.56 10.04
N ALA D 1056 -34.96 42.37 10.66
CA ALA D 1056 -36.20 42.83 10.05
C ALA D 1056 -35.98 44.09 9.22
N THR D 1057 -36.82 44.26 8.20
CA THR D 1057 -36.79 45.43 7.33
C THR D 1057 -38.21 45.95 7.18
N LEU D 1058 -38.39 47.26 7.36
CA LEU D 1058 -39.71 47.88 7.33
C LEU D 1058 -39.70 49.05 6.35
N ARG D 1059 -40.85 49.28 5.74
CA ARG D 1059 -41.06 50.39 4.83
C ARG D 1059 -42.21 51.25 5.35
N ILE D 1060 -41.95 52.55 5.45
CA ILE D 1060 -42.91 53.52 5.98
C ILE D 1060 -43.30 54.48 4.86
N THR D 1061 -44.60 54.59 4.63
CA THR D 1061 -45.17 55.47 3.61
C THR D 1061 -46.00 56.54 4.29
N ARG D 1062 -45.78 57.80 3.89
CA ARG D 1062 -46.51 58.93 4.46
C ARG D 1062 -47.98 58.89 4.03
#